data_2OWI
#
_entry.id   2OWI
#
_cell.length_a   1.000
_cell.length_b   1.000
_cell.length_c   1.000
_cell.angle_alpha   90.00
_cell.angle_beta   90.00
_cell.angle_gamma   90.00
#
_symmetry.space_group_name_H-M   'P 1'
#
_entity_poly.entity_id   1
_entity_poly.type   'polypeptide(L)'
_entity_poly.pdbx_seq_one_letter_code
;SMVSPEEAVKWGESFDKLLSHRDGLEAFTRFLKTEFSEENIEFWIACEDFKKSKGPQQIHLKAKAIYEKFIQTDAPKEVN
LDFHTKEVITNSITQPTLHSFDAAQSRVYQLMEQDSYTRFLKSDIYLDLMEGRPQRPTNLRRRSRSFTCNE
;
_entity_poly.pdbx_strand_id   A
#
# COMPACT_ATOMS: atom_id res chain seq x y z
N SER A 1 -2.62 7.64 -18.79
CA SER A 1 -1.79 6.89 -19.77
C SER A 1 -2.66 5.94 -20.59
N MET A 2 -2.07 5.34 -21.63
CA MET A 2 -2.81 4.50 -22.57
C MET A 2 -3.37 3.24 -21.90
N VAL A 3 -4.68 3.24 -21.68
CA VAL A 3 -5.37 2.07 -21.14
C VAL A 3 -6.68 1.84 -21.89
N SER A 4 -6.99 0.57 -22.17
CA SER A 4 -8.23 0.20 -22.83
C SER A 4 -9.28 -0.20 -21.80
N PRO A 5 -10.58 0.01 -22.09
CA PRO A 5 -11.69 -0.32 -21.17
C PRO A 5 -11.59 -1.75 -20.65
N GLU A 6 -11.13 -2.67 -21.51
CA GLU A 6 -10.93 -4.06 -21.12
C GLU A 6 -9.91 -4.16 -19.97
N GLU A 7 -8.77 -3.53 -20.17
CA GLU A 7 -7.73 -3.48 -19.14
C GLU A 7 -8.30 -2.89 -17.85
N ALA A 8 -9.14 -1.87 -18.01
CA ALA A 8 -9.76 -1.18 -16.88
C ALA A 8 -10.68 -2.11 -16.08
N VAL A 9 -11.53 -2.88 -16.78
CA VAL A 9 -12.46 -3.79 -16.09
C VAL A 9 -11.67 -4.92 -15.42
N LYS A 10 -10.51 -5.24 -15.98
CA LYS A 10 -9.62 -6.24 -15.39
C LYS A 10 -8.99 -5.69 -14.11
N TRP A 11 -8.76 -4.38 -14.09
CA TRP A 11 -8.29 -3.71 -12.87
C TRP A 11 -9.36 -3.76 -11.79
N GLY A 12 -10.61 -3.96 -12.23
CA GLY A 12 -11.74 -4.02 -11.31
C GLY A 12 -11.92 -5.41 -10.69
N GLU A 13 -11.02 -6.33 -11.03
CA GLU A 13 -11.04 -7.66 -10.44
C GLU A 13 -9.69 -8.01 -9.82
N SER A 14 -8.61 -7.64 -10.51
CA SER A 14 -7.26 -7.92 -10.03
C SER A 14 -6.56 -6.64 -9.56
N PHE A 15 -6.50 -6.44 -8.25
CA PHE A 15 -5.89 -5.25 -7.66
C PHE A 15 -4.41 -5.18 -8.02
N ASP A 16 -3.73 -6.33 -8.01
CA ASP A 16 -2.31 -6.39 -8.37
C ASP A 16 -2.11 -6.01 -9.82
N LYS A 17 -3.09 -6.31 -10.67
CA LYS A 17 -3.01 -5.99 -12.09
C LYS A 17 -3.12 -4.47 -12.28
N LEU A 18 -3.94 -3.85 -11.43
CA LEU A 18 -4.06 -2.40 -11.39
C LEU A 18 -2.72 -1.77 -11.00
N LEU A 19 -2.11 -2.32 -9.95
CA LEU A 19 -0.85 -1.82 -9.42
C LEU A 19 0.30 -2.02 -10.42
N SER A 20 0.41 -3.23 -10.94
CA SER A 20 1.54 -3.61 -11.80
C SER A 20 1.50 -2.86 -13.14
N HIS A 21 0.31 -2.50 -13.60
CA HIS A 21 0.17 -1.77 -14.86
C HIS A 21 0.54 -0.31 -14.62
N ARG A 22 1.57 0.16 -15.33
CA ARG A 22 2.08 1.52 -15.15
C ARG A 22 0.95 2.54 -15.25
N ASP A 23 0.02 2.29 -16.16
CA ASP A 23 -1.13 3.16 -16.38
C ASP A 23 -2.04 3.13 -15.16
N GLY A 24 -2.19 1.95 -14.59
CA GLY A 24 -3.06 1.75 -13.43
C GLY A 24 -2.49 2.38 -12.19
N LEU A 25 -1.22 2.06 -11.92
CA LEU A 25 -0.48 2.64 -10.80
C LEU A 25 -0.56 4.17 -10.86
N GLU A 26 -0.41 4.71 -12.07
CA GLU A 26 -0.50 6.15 -12.29
C GLU A 26 -1.86 6.68 -11.84
N ALA A 27 -2.92 6.10 -12.39
CA ALA A 27 -4.29 6.53 -12.10
C ALA A 27 -4.61 6.39 -10.61
N PHE A 28 -4.16 5.28 -10.02
CA PHE A 28 -4.49 4.97 -8.64
C PHE A 28 -3.78 5.92 -7.68
N THR A 29 -2.50 6.19 -7.94
CA THR A 29 -1.73 7.08 -7.06
C THR A 29 -2.24 8.51 -7.15
N ARG A 30 -2.58 8.98 -8.36
CA ARG A 30 -3.07 10.34 -8.55
C ARG A 30 -4.39 10.52 -7.81
N PHE A 31 -5.26 9.52 -7.90
CA PHE A 31 -6.52 9.52 -7.16
C PHE A 31 -6.25 9.47 -5.66
N LEU A 32 -5.37 8.56 -5.27
CA LEU A 32 -5.06 8.33 -3.87
C LEU A 32 -4.41 9.57 -3.24
N LYS A 33 -3.83 10.42 -4.08
CA LYS A 33 -3.18 11.65 -3.64
C LYS A 33 -4.21 12.66 -3.11
N THR A 34 -5.43 12.61 -3.63
CA THR A 34 -6.47 13.58 -3.24
C THR A 34 -6.85 13.38 -1.77
N GLU A 35 -6.58 12.19 -1.24
CA GLU A 35 -6.87 11.86 0.14
C GLU A 35 -5.59 11.51 0.90
N PHE A 36 -4.44 11.71 0.24
CA PHE A 36 -3.13 11.52 0.86
C PHE A 36 -2.94 10.10 1.40
N SER A 37 -3.75 9.17 0.92
CA SER A 37 -3.69 7.79 1.40
C SER A 37 -2.53 7.04 0.73
N GLU A 38 -1.78 7.74 -0.13
CA GLU A 38 -0.60 7.19 -0.80
C GLU A 38 0.43 6.74 0.25
N GLU A 39 0.33 7.32 1.43
CA GLU A 39 1.19 6.96 2.56
C GLU A 39 1.13 5.45 2.79
N ASN A 40 -0.09 4.92 2.79
CA ASN A 40 -0.35 3.50 3.06
C ASN A 40 0.27 2.61 1.97
N ILE A 41 -0.04 2.91 0.71
CA ILE A 41 0.44 2.09 -0.40
C ILE A 41 1.97 2.09 -0.44
N GLU A 42 2.57 3.27 -0.27
CA GLU A 42 4.02 3.39 -0.30
C GLU A 42 4.64 2.84 0.97
N PHE A 43 3.84 2.74 2.04
CA PHE A 43 4.30 2.13 3.27
C PHE A 43 4.75 0.69 3.02
N TRP A 44 3.83 -0.15 2.55
CA TRP A 44 4.17 -1.56 2.34
C TRP A 44 5.03 -1.74 1.08
N ILE A 45 5.01 -0.75 0.19
CA ILE A 45 5.96 -0.72 -0.92
C ILE A 45 7.38 -0.59 -0.37
N ALA A 46 7.53 0.27 0.64
CA ALA A 46 8.81 0.43 1.33
C ALA A 46 9.18 -0.86 2.07
N CYS A 47 8.16 -1.59 2.52
CA CYS A 47 8.37 -2.87 3.19
C CYS A 47 8.90 -3.90 2.20
N GLU A 48 8.48 -3.80 0.93
CA GLU A 48 9.00 -4.65 -0.12
C GLU A 48 10.45 -4.28 -0.45
N ASP A 49 10.75 -2.99 -0.42
CA ASP A 49 12.12 -2.53 -0.64
C ASP A 49 13.02 -3.02 0.49
N PHE A 50 12.46 -3.04 1.69
CA PHE A 50 13.10 -3.63 2.87
C PHE A 50 13.32 -5.12 2.64
N LYS A 51 12.28 -5.79 2.17
CA LYS A 51 12.31 -7.22 1.86
C LYS A 51 13.33 -7.52 0.76
N LYS A 52 13.65 -6.51 -0.03
CA LYS A 52 14.61 -6.65 -1.14
C LYS A 52 16.05 -6.66 -0.61
N SER A 53 16.23 -6.19 0.62
CA SER A 53 17.56 -6.06 1.21
C SER A 53 18.20 -7.44 1.43
N LYS A 54 19.52 -7.46 1.56
CA LYS A 54 20.27 -8.68 1.79
C LYS A 54 21.39 -8.46 2.81
N GLY A 55 21.30 -7.33 3.52
CA GLY A 55 22.27 -7.03 4.56
C GLY A 55 21.68 -7.27 5.95
N PRO A 56 22.08 -8.36 6.64
CA PRO A 56 21.51 -8.72 7.95
C PRO A 56 21.45 -7.55 8.92
N GLN A 57 22.57 -6.85 9.08
CA GLN A 57 22.63 -5.68 9.96
C GLN A 57 21.75 -4.54 9.42
N GLN A 58 21.69 -4.44 8.09
CA GLN A 58 20.90 -3.40 7.43
C GLN A 58 19.42 -3.64 7.66
N ILE A 59 19.05 -4.91 7.79
CA ILE A 59 17.67 -5.29 8.10
C ILE A 59 17.21 -4.61 9.38
N HIS A 60 18.07 -4.61 10.39
CA HIS A 60 17.76 -4.02 11.68
C HIS A 60 17.68 -2.50 11.56
N LEU A 61 18.63 -1.92 10.82
CA LEU A 61 18.70 -0.47 10.62
C LEU A 61 17.45 0.03 9.87
N LYS A 62 17.08 -0.69 8.82
CA LYS A 62 15.91 -0.35 8.02
C LYS A 62 14.64 -0.53 8.83
N ALA A 63 14.54 -1.66 9.51
CA ALA A 63 13.36 -1.97 10.32
C ALA A 63 13.15 -0.94 11.42
N LYS A 64 14.24 -0.50 12.04
CA LYS A 64 14.18 0.51 13.09
C LYS A 64 13.72 1.85 12.52
N ALA A 65 14.15 2.15 11.30
CA ALA A 65 13.72 3.36 10.61
C ALA A 65 12.21 3.30 10.36
N ILE A 66 11.78 2.21 9.72
CA ILE A 66 10.37 1.99 9.43
C ILE A 66 9.55 1.95 10.72
N TYR A 67 10.16 1.42 11.77
CA TYR A 67 9.53 1.31 13.08
C TYR A 67 9.10 2.68 13.60
N GLU A 68 10.08 3.51 13.92
CA GLU A 68 9.83 4.80 14.57
C GLU A 68 9.11 5.76 13.62
N LYS A 69 9.40 5.66 12.34
CA LYS A 69 8.91 6.62 11.36
C LYS A 69 7.52 6.23 10.83
N PHE A 70 7.22 4.94 10.80
CA PHE A 70 5.96 4.44 10.21
C PHE A 70 5.15 3.60 11.19
N ILE A 71 5.78 2.57 11.76
CA ILE A 71 5.07 1.54 12.53
C ILE A 71 4.43 2.11 13.78
N GLN A 72 5.07 3.10 14.39
CA GLN A 72 4.57 3.69 15.63
C GLN A 72 3.17 4.26 15.46
N THR A 73 2.46 4.35 16.58
CA THR A 73 1.11 4.89 16.59
C THR A 73 1.14 6.40 16.44
N ASP A 74 2.25 7.00 16.91
CA ASP A 74 2.48 8.43 16.76
C ASP A 74 3.17 8.69 15.42
N ALA A 75 4.49 8.52 15.40
CA ALA A 75 5.29 8.62 14.18
C ALA A 75 5.15 9.98 13.47
N PRO A 76 6.12 10.34 12.62
CA PRO A 76 6.00 11.51 11.74
C PRO A 76 5.08 11.22 10.55
N LYS A 77 4.82 9.94 10.31
CA LYS A 77 3.92 9.52 9.23
C LYS A 77 2.58 9.04 9.81
N GLU A 78 2.67 8.12 10.78
CA GLU A 78 1.50 7.48 11.38
C GLU A 78 0.76 6.65 10.35
N VAL A 79 1.08 5.36 10.29
CA VAL A 79 0.47 4.46 9.32
C VAL A 79 -0.84 3.89 9.87
N ASN A 80 -1.82 3.75 8.98
CA ASN A 80 -3.16 3.28 9.34
C ASN A 80 -3.20 1.76 9.53
N LEU A 81 -2.03 1.18 9.82
CA LEU A 81 -1.92 -0.26 10.08
C LEU A 81 -2.68 -0.65 11.35
N ASP A 82 -3.30 -1.83 11.31
CA ASP A 82 -4.08 -2.36 12.43
C ASP A 82 -3.33 -2.28 13.76
N PHE A 83 -4.06 -1.92 14.82
CA PHE A 83 -3.48 -1.72 16.14
C PHE A 83 -2.82 -2.99 16.67
N HIS A 84 -3.57 -4.08 16.67
CA HIS A 84 -3.08 -5.35 17.21
C HIS A 84 -1.82 -5.80 16.46
N THR A 85 -1.82 -5.59 15.15
CA THR A 85 -0.69 -5.98 14.32
C THR A 85 0.55 -5.15 14.66
N LYS A 86 0.40 -3.82 14.68
CA LYS A 86 1.53 -2.93 14.94
C LYS A 86 2.01 -3.09 16.39
N GLU A 87 1.11 -3.53 17.27
CA GLU A 87 1.45 -3.81 18.66
C GLU A 87 2.46 -4.98 18.72
N VAL A 88 2.11 -6.07 18.07
CA VAL A 88 2.99 -7.23 17.98
C VAL A 88 4.31 -6.84 17.33
N ILE A 89 4.24 -5.95 16.33
CA ILE A 89 5.44 -5.49 15.63
C ILE A 89 6.34 -4.67 16.55
N THR A 90 5.74 -3.74 17.32
CA THR A 90 6.52 -2.88 18.22
C THR A 90 7.34 -3.71 19.21
N ASN A 91 6.86 -4.93 19.48
CA ASN A 91 7.59 -5.85 20.34
C ASN A 91 8.58 -6.69 19.53
N SER A 92 8.15 -7.15 18.35
CA SER A 92 8.94 -8.05 17.52
C SER A 92 10.03 -7.29 16.74
N ILE A 93 10.07 -5.97 16.91
CA ILE A 93 11.02 -5.12 16.18
C ILE A 93 12.45 -5.27 16.74
N THR A 94 12.60 -6.03 17.81
CA THR A 94 13.90 -6.26 18.43
C THR A 94 14.82 -7.03 17.48
N GLN A 95 14.31 -8.12 16.89
CA GLN A 95 15.05 -8.89 15.89
C GLN A 95 14.18 -9.15 14.65
N PRO A 96 14.07 -8.17 13.76
CA PRO A 96 13.21 -8.26 12.58
C PRO A 96 13.75 -9.24 11.53
N THR A 97 12.84 -10.00 10.93
CA THR A 97 13.18 -10.88 9.82
C THR A 97 13.08 -10.12 8.49
N LEU A 98 13.50 -10.77 7.40
CA LEU A 98 13.46 -10.16 6.07
C LEU A 98 12.04 -9.73 5.70
N HIS A 99 11.07 -10.52 6.12
CA HIS A 99 9.65 -10.21 5.90
C HIS A 99 8.96 -9.93 7.23
N SER A 100 9.67 -9.24 8.12
CA SER A 100 9.13 -8.91 9.44
C SER A 100 7.81 -8.15 9.33
N PHE A 101 7.73 -7.27 8.34
CA PHE A 101 6.55 -6.43 8.15
C PHE A 101 5.57 -7.06 7.16
N ASP A 102 5.66 -8.37 6.97
CA ASP A 102 4.78 -9.07 6.03
C ASP A 102 3.32 -8.97 6.49
N ALA A 103 3.14 -9.00 7.80
CA ALA A 103 1.82 -8.81 8.40
C ALA A 103 1.31 -7.41 8.09
N ALA A 104 2.17 -6.42 8.31
CA ALA A 104 1.84 -5.02 8.05
C ALA A 104 1.47 -4.82 6.58
N GLN A 105 2.25 -5.46 5.71
CA GLN A 105 2.02 -5.41 4.27
C GLN A 105 0.60 -5.91 3.96
N SER A 106 0.30 -7.10 4.46
CA SER A 106 -1.00 -7.72 4.22
C SER A 106 -2.14 -6.85 4.74
N ARG A 107 -2.01 -6.35 5.97
CA ARG A 107 -3.02 -5.52 6.60
C ARG A 107 -3.33 -4.30 5.74
N VAL A 108 -2.32 -3.43 5.60
CA VAL A 108 -2.50 -2.14 4.92
C VAL A 108 -2.97 -2.34 3.48
N TYR A 109 -2.44 -3.37 2.83
CA TYR A 109 -2.82 -3.69 1.46
C TYR A 109 -4.33 -3.90 1.34
N GLN A 110 -4.87 -4.83 2.13
CA GLN A 110 -6.29 -5.16 2.05
C GLN A 110 -7.14 -4.07 2.71
N LEU A 111 -6.49 -3.17 3.46
CA LEU A 111 -7.17 -2.00 4.02
C LEU A 111 -7.48 -1.00 2.92
N MET A 112 -6.49 -0.74 2.06
CA MET A 112 -6.67 0.18 0.94
C MET A 112 -7.74 -0.35 0.01
N GLU A 113 -7.79 -1.68 -0.11
CA GLU A 113 -8.80 -2.34 -0.92
C GLU A 113 -10.21 -1.95 -0.45
N GLN A 114 -10.57 -2.40 0.74
CA GLN A 114 -11.92 -2.22 1.28
C GLN A 114 -12.26 -0.74 1.48
N ASP A 115 -11.24 0.11 1.57
CA ASP A 115 -11.46 1.54 1.80
C ASP A 115 -11.34 2.34 0.49
N SER A 116 -10.12 2.46 0.00
CA SER A 116 -9.82 3.34 -1.13
C SER A 116 -10.21 2.72 -2.47
N TYR A 117 -10.09 1.40 -2.59
CA TYR A 117 -10.30 0.71 -3.86
C TYR A 117 -11.80 0.64 -4.20
N THR A 118 -12.63 0.56 -3.17
CA THR A 118 -14.07 0.54 -3.36
C THR A 118 -14.56 1.85 -3.98
N ARG A 119 -14.25 2.96 -3.32
CA ARG A 119 -14.62 4.29 -3.83
C ARG A 119 -13.97 4.53 -5.19
N PHE A 120 -12.78 3.96 -5.37
CA PHE A 120 -12.06 4.06 -6.64
C PHE A 120 -12.88 3.43 -7.77
N LEU A 121 -13.52 2.30 -7.48
CA LEU A 121 -14.30 1.58 -8.48
C LEU A 121 -15.59 2.31 -8.83
N LYS A 122 -16.10 3.11 -7.89
CA LYS A 122 -17.33 3.86 -8.12
C LYS A 122 -17.06 5.36 -8.32
N SER A 123 -15.78 5.71 -8.40
CA SER A 123 -15.39 7.10 -8.62
C SER A 123 -15.64 7.50 -10.07
N ASP A 124 -15.80 8.79 -10.32
CA ASP A 124 -15.94 9.31 -11.68
C ASP A 124 -14.71 8.94 -12.50
N ILE A 125 -13.58 8.72 -11.81
CA ILE A 125 -12.34 8.33 -12.47
C ILE A 125 -12.50 6.99 -13.18
N TYR A 126 -12.91 5.97 -12.43
CA TYR A 126 -13.07 4.63 -12.97
C TYR A 126 -14.28 4.56 -13.88
N LEU A 127 -15.35 5.26 -13.50
CA LEU A 127 -16.57 5.32 -14.32
C LEU A 127 -16.27 5.98 -15.66
N ASP A 128 -15.31 6.90 -15.65
CA ASP A 128 -14.84 7.54 -16.89
C ASP A 128 -14.14 6.52 -17.77
N LEU A 129 -13.38 5.63 -17.15
CA LEU A 129 -12.72 4.54 -17.87
C LEU A 129 -13.76 3.58 -18.45
N MET A 130 -14.90 3.49 -17.78
CA MET A 130 -15.99 2.62 -18.22
C MET A 130 -16.79 3.28 -19.35
N GLU A 131 -16.97 4.60 -19.24
CA GLU A 131 -17.76 5.38 -20.21
C GLU A 131 -19.19 4.83 -20.31
N GLY A 132 -19.64 4.20 -19.23
CA GLY A 132 -20.97 3.62 -19.20
C GLY A 132 -22.05 4.68 -19.09
N ARG A 133 -22.47 4.98 -17.87
CA ARG A 133 -23.56 5.93 -17.63
C ARG A 133 -23.49 6.52 -16.22
N PRO A 134 -23.64 7.86 -16.09
CA PRO A 134 -23.77 8.51 -14.80
C PRO A 134 -25.24 8.58 -14.36
N SER A 1 -1.90 7.49 -17.56
CA SER A 1 -2.55 7.64 -18.88
C SER A 1 -3.99 7.13 -18.80
N MET A 2 -4.54 6.73 -19.95
CA MET A 2 -5.90 6.17 -20.01
C MET A 2 -5.87 4.75 -20.55
N VAL A 3 -6.34 3.81 -19.74
CA VAL A 3 -6.41 2.40 -20.13
C VAL A 3 -7.69 2.14 -20.92
N SER A 4 -7.68 1.10 -21.74
CA SER A 4 -8.86 0.67 -22.48
C SER A 4 -9.94 0.16 -21.52
N PRO A 5 -11.21 0.57 -21.72
CA PRO A 5 -12.34 0.15 -20.86
C PRO A 5 -12.36 -1.36 -20.63
N GLU A 6 -11.86 -2.10 -21.62
CA GLU A 6 -11.75 -3.55 -21.57
C GLU A 6 -11.03 -4.00 -20.29
N GLU A 7 -9.78 -3.55 -20.15
CA GLU A 7 -8.98 -3.95 -19.00
C GLU A 7 -9.35 -3.13 -17.76
N ALA A 8 -9.94 -1.96 -17.97
CA ALA A 8 -10.40 -1.12 -16.87
C ALA A 8 -11.39 -1.90 -16.00
N VAL A 9 -12.35 -2.57 -16.65
CA VAL A 9 -13.31 -3.40 -15.93
C VAL A 9 -12.67 -4.72 -15.49
N LYS A 10 -11.67 -5.17 -16.26
CA LYS A 10 -10.92 -6.37 -15.91
C LYS A 10 -10.13 -6.17 -14.62
N TRP A 11 -9.77 -4.92 -14.33
CA TRP A 11 -9.09 -4.59 -13.07
C TRP A 11 -10.02 -4.82 -11.89
N GLY A 12 -11.32 -4.70 -12.14
CA GLY A 12 -12.32 -4.75 -11.09
C GLY A 12 -12.35 -6.06 -10.32
N GLU A 13 -11.69 -7.08 -10.83
CA GLU A 13 -11.69 -8.40 -10.18
C GLU A 13 -10.37 -8.68 -9.45
N SER A 14 -9.33 -7.89 -9.74
CA SER A 14 -8.00 -8.17 -9.22
C SER A 14 -7.22 -6.89 -8.91
N PHE A 15 -7.29 -6.45 -7.65
CA PHE A 15 -6.51 -5.29 -7.18
C PHE A 15 -5.03 -5.51 -7.47
N ASP A 16 -4.61 -6.77 -7.43
CA ASP A 16 -3.24 -7.16 -7.76
C ASP A 16 -2.85 -6.71 -9.16
N LYS A 17 -3.68 -7.01 -10.15
CA LYS A 17 -3.34 -6.70 -11.54
C LYS A 17 -3.39 -5.20 -11.77
N LEU A 18 -4.14 -4.50 -10.92
CA LEU A 18 -4.19 -3.04 -10.96
C LEU A 18 -2.79 -2.47 -10.72
N LEU A 19 -2.16 -2.87 -9.62
CA LEU A 19 -0.79 -2.43 -9.31
C LEU A 19 0.20 -3.04 -10.30
N SER A 20 -0.07 -4.26 -10.73
CA SER A 20 0.79 -4.95 -11.69
C SER A 20 0.79 -4.22 -13.04
N HIS A 21 -0.28 -3.48 -13.30
CA HIS A 21 -0.38 -2.68 -14.52
C HIS A 21 0.22 -1.31 -14.27
N ARG A 22 1.33 -0.99 -14.93
CA ARG A 22 2.02 0.28 -14.70
C ARG A 22 1.06 1.47 -14.70
N ASP A 23 0.15 1.49 -15.67
CA ASP A 23 -0.84 2.57 -15.79
C ASP A 23 -1.83 2.52 -14.62
N GLY A 24 -2.15 1.32 -14.18
CA GLY A 24 -3.10 1.15 -13.09
C GLY A 24 -2.51 1.58 -11.77
N LEU A 25 -1.24 1.20 -11.56
CA LEU A 25 -0.48 1.62 -10.40
C LEU A 25 -0.38 3.14 -10.39
N GLU A 26 -0.15 3.73 -11.56
CA GLU A 26 -0.10 5.18 -11.70
C GLU A 26 -1.43 5.78 -11.28
N ALA A 27 -2.50 5.32 -11.92
CA ALA A 27 -3.85 5.83 -11.66
C ALA A 27 -4.20 5.69 -10.17
N PHE A 28 -3.89 4.55 -9.59
CA PHE A 28 -4.25 4.27 -8.20
C PHE A 28 -3.45 5.15 -7.25
N THR A 29 -2.15 5.30 -7.50
CA THR A 29 -1.32 6.13 -6.62
C THR A 29 -1.73 7.59 -6.72
N ARG A 30 -2.13 8.02 -7.93
CA ARG A 30 -2.63 9.37 -8.14
C ARG A 30 -3.93 9.58 -7.36
N PHE A 31 -4.81 8.59 -7.47
CA PHE A 31 -6.08 8.60 -6.75
C PHE A 31 -5.84 8.58 -5.23
N LEU A 32 -4.90 7.78 -4.81
CA LEU A 32 -4.60 7.61 -3.39
C LEU A 32 -3.85 8.82 -2.84
N LYS A 33 -3.19 9.57 -3.74
CA LYS A 33 -2.54 10.82 -3.37
C LYS A 33 -3.59 11.90 -3.10
N THR A 34 -4.57 12.02 -4.00
CA THR A 34 -5.65 12.98 -3.80
C THR A 34 -6.60 12.49 -2.70
N GLU A 35 -6.53 11.19 -2.42
CA GLU A 35 -7.23 10.59 -1.28
C GLU A 35 -6.51 10.96 0.02
N PHE A 36 -5.20 11.24 -0.12
CA PHE A 36 -4.36 11.67 0.99
C PHE A 36 -4.16 10.51 1.98
N SER A 37 -4.12 9.29 1.45
CA SER A 37 -3.98 8.10 2.26
C SER A 37 -2.97 7.14 1.62
N GLU A 38 -2.00 7.70 0.92
CA GLU A 38 -0.99 6.91 0.21
C GLU A 38 -0.03 6.23 1.18
N GLU A 39 -0.11 6.65 2.45
CA GLU A 39 0.68 6.05 3.54
C GLU A 39 0.66 4.52 3.47
N ASN A 40 -0.50 3.97 3.10
CA ASN A 40 -0.68 2.52 3.02
C ASN A 40 0.13 1.91 1.86
N ILE A 41 -0.01 2.48 0.67
CA ILE A 41 0.63 1.90 -0.51
C ILE A 41 2.15 1.97 -0.39
N GLU A 42 2.65 3.11 0.10
CA GLU A 42 4.08 3.31 0.29
C GLU A 42 4.58 2.43 1.44
N PHE A 43 3.67 2.09 2.36
CA PHE A 43 4.00 1.22 3.49
C PHE A 43 4.55 -0.11 3.01
N TRP A 44 3.73 -0.86 2.25
CA TRP A 44 4.18 -2.18 1.79
C TRP A 44 5.13 -2.07 0.60
N ILE A 45 5.15 -0.92 -0.06
CA ILE A 45 6.19 -0.63 -1.04
C ILE A 45 7.55 -0.57 -0.33
N ALA A 46 7.54 0.00 0.87
CA ALA A 46 8.73 0.11 1.69
C ALA A 46 9.13 -1.25 2.26
N CYS A 47 8.13 -2.08 2.58
CA CYS A 47 8.40 -3.40 3.16
C CYS A 47 8.97 -4.35 2.09
N GLU A 48 8.68 -4.05 0.82
CA GLU A 48 9.33 -4.76 -0.28
C GLU A 48 10.81 -4.39 -0.31
N ASP A 49 11.08 -3.08 -0.33
CA ASP A 49 12.45 -2.57 -0.26
C ASP A 49 13.17 -3.12 0.97
N PHE A 50 12.37 -3.41 2.01
CA PHE A 50 12.89 -3.98 3.25
C PHE A 50 13.37 -5.42 3.04
N LYS A 51 12.52 -6.25 2.43
CA LYS A 51 12.90 -7.64 2.16
C LYS A 51 13.93 -7.70 1.03
N LYS A 52 13.96 -6.63 0.24
CA LYS A 52 14.83 -6.54 -0.94
C LYS A 52 16.28 -6.31 -0.51
N SER A 53 16.47 -5.49 0.52
CA SER A 53 17.81 -5.25 1.05
C SER A 53 18.40 -6.55 1.61
N LYS A 54 19.61 -6.86 1.18
CA LYS A 54 20.27 -8.13 1.53
C LYS A 54 21.31 -7.93 2.62
N GLY A 55 21.48 -6.68 3.04
CA GLY A 55 22.42 -6.37 4.11
C GLY A 55 21.76 -6.45 5.48
N PRO A 56 22.18 -7.40 6.34
CA PRO A 56 21.60 -7.59 7.68
C PRO A 56 21.59 -6.30 8.50
N GLN A 57 22.62 -5.48 8.29
CA GLN A 57 22.72 -4.19 8.98
C GLN A 57 21.59 -3.27 8.53
N GLN A 58 21.43 -3.19 7.21
CA GLN A 58 20.40 -2.36 6.59
C GLN A 58 19.01 -2.81 7.05
N ILE A 59 18.83 -4.12 7.19
CA ILE A 59 17.56 -4.68 7.65
C ILE A 59 17.13 -4.06 8.98
N HIS A 60 18.03 -4.11 9.97
CA HIS A 60 17.70 -3.62 11.31
C HIS A 60 17.42 -2.12 11.31
N LEU A 61 18.28 -1.36 10.64
CA LEU A 61 18.16 0.09 10.62
C LEU A 61 16.92 0.53 9.85
N LYS A 62 16.68 -0.09 8.71
CA LYS A 62 15.54 0.24 7.86
C LYS A 62 14.23 -0.07 8.58
N ALA A 63 14.20 -1.19 9.28
CA ALA A 63 13.03 -1.59 10.05
C ALA A 63 12.71 -0.55 11.11
N LYS A 64 13.76 -0.05 11.76
CA LYS A 64 13.62 0.98 12.77
C LYS A 64 13.11 2.28 12.15
N ALA A 65 13.59 2.58 10.94
CA ALA A 65 13.13 3.75 10.20
C ALA A 65 11.63 3.63 9.89
N ILE A 66 11.24 2.50 9.31
CA ILE A 66 9.83 2.23 9.00
C ILE A 66 8.99 2.26 10.28
N TYR A 67 9.59 1.79 11.37
CA TYR A 67 8.93 1.78 12.67
C TYR A 67 8.56 3.20 13.09
N GLU A 68 9.55 4.06 13.21
CA GLU A 68 9.36 5.42 13.70
C GLU A 68 8.59 6.28 12.70
N LYS A 69 8.55 5.86 11.45
CA LYS A 69 7.96 6.66 10.38
C LYS A 69 6.52 6.24 10.08
N PHE A 70 6.20 4.96 10.32
CA PHE A 70 4.89 4.43 9.95
C PHE A 70 4.22 3.66 11.10
N ILE A 71 4.97 2.79 11.77
CA ILE A 71 4.42 1.90 12.79
C ILE A 71 4.11 2.66 14.08
N GLN A 72 4.94 3.64 14.37
CA GLN A 72 4.87 4.39 15.62
C GLN A 72 3.53 5.11 15.76
N THR A 73 2.95 5.06 16.96
CA THR A 73 1.72 5.80 17.25
C THR A 73 2.00 7.31 17.18
N ASP A 74 3.27 7.67 17.40
CA ASP A 74 3.74 9.02 17.15
C ASP A 74 4.59 9.04 15.88
N ALA A 75 3.91 9.19 14.75
CA ALA A 75 4.57 9.21 13.45
C ALA A 75 3.96 10.32 12.57
N PRO A 76 4.75 10.86 11.62
CA PRO A 76 4.31 11.95 10.73
C PRO A 76 2.92 11.69 10.12
N LYS A 77 2.75 10.49 9.58
CA LYS A 77 1.47 10.10 8.98
C LYS A 77 0.85 8.93 9.74
N GLU A 78 1.70 8.01 10.20
CA GLU A 78 1.26 6.69 10.63
C GLU A 78 0.73 5.91 9.42
N VAL A 79 0.24 4.71 9.65
CA VAL A 79 -0.34 3.90 8.58
C VAL A 79 -1.52 3.09 9.11
N ASN A 80 -2.56 2.98 8.29
CA ASN A 80 -3.73 2.18 8.62
C ASN A 80 -3.36 0.70 8.72
N LEU A 81 -2.80 0.34 9.87
CA LEU A 81 -2.40 -1.04 10.15
C LEU A 81 -3.01 -1.49 11.47
N ASP A 82 -3.39 -2.76 11.54
CA ASP A 82 -3.96 -3.37 12.75
C ASP A 82 -3.08 -3.08 13.97
N PHE A 83 -3.71 -2.64 15.05
CA PHE A 83 -3.01 -2.27 16.27
C PHE A 83 -2.29 -3.47 16.87
N HIS A 84 -2.92 -4.64 16.80
CA HIS A 84 -2.30 -5.86 17.31
C HIS A 84 -1.06 -6.21 16.51
N THR A 85 -1.12 -5.97 15.20
CA THR A 85 0.03 -6.18 14.33
C THR A 85 1.14 -5.18 14.68
N LYS A 86 0.76 -3.93 14.95
CA LYS A 86 1.72 -2.91 15.39
C LYS A 86 2.37 -3.34 16.70
N GLU A 87 1.55 -3.88 17.60
CA GLU A 87 2.01 -4.37 18.90
C GLU A 87 3.10 -5.43 18.73
N VAL A 88 2.87 -6.35 17.78
CA VAL A 88 3.86 -7.36 17.45
C VAL A 88 5.18 -6.71 17.06
N ILE A 89 5.07 -5.68 16.22
CA ILE A 89 6.25 -4.99 15.69
C ILE A 89 6.95 -4.18 16.78
N THR A 90 6.18 -3.55 17.68
CA THR A 90 6.74 -2.71 18.72
C THR A 90 7.57 -3.54 19.71
N ASN A 91 7.24 -4.83 19.82
CA ASN A 91 8.02 -5.76 20.65
C ASN A 91 9.19 -6.33 19.86
N SER A 92 8.93 -6.77 18.64
CA SER A 92 9.93 -7.48 17.83
C SER A 92 10.88 -6.52 17.11
N ILE A 93 10.65 -5.21 17.25
CA ILE A 93 11.50 -4.19 16.61
C ILE A 93 12.97 -4.36 17.01
N THR A 94 13.20 -5.00 18.16
CA THR A 94 14.54 -5.20 18.68
C THR A 94 15.36 -6.10 17.76
N GLN A 95 14.70 -7.06 17.10
CA GLN A 95 15.37 -8.00 16.20
C GLN A 95 14.51 -8.27 14.96
N PRO A 96 14.47 -7.32 14.01
CA PRO A 96 13.69 -7.45 12.78
C PRO A 96 14.36 -8.38 11.77
N THR A 97 13.56 -9.23 11.13
CA THR A 97 14.05 -10.19 10.15
C THR A 97 13.68 -9.74 8.73
N LEU A 98 14.37 -10.33 7.73
CA LEU A 98 14.21 -10.01 6.28
C LEU A 98 12.94 -9.24 5.96
N HIS A 99 11.82 -9.84 6.32
CA HIS A 99 10.52 -9.44 5.80
C HIS A 99 9.45 -9.63 6.88
N SER A 100 9.85 -9.35 8.12
CA SER A 100 9.00 -9.55 9.29
C SER A 100 7.72 -8.70 9.22
N PHE A 101 7.67 -7.76 8.27
CA PHE A 101 6.50 -6.91 8.08
C PHE A 101 5.47 -7.57 7.16
N ASP A 102 5.63 -8.87 6.91
CA ASP A 102 4.74 -9.61 6.02
C ASP A 102 3.30 -9.54 6.53
N ALA A 103 3.12 -9.73 7.83
CA ALA A 103 1.80 -9.64 8.46
C ALA A 103 1.21 -8.25 8.26
N ALA A 104 2.05 -7.24 8.44
CA ALA A 104 1.65 -5.85 8.29
C ALA A 104 1.25 -5.56 6.84
N GLN A 105 2.02 -6.14 5.92
CA GLN A 105 1.78 -5.99 4.49
C GLN A 105 0.39 -6.53 4.13
N SER A 106 0.06 -7.69 4.68
CA SER A 106 -1.24 -8.31 4.47
C SER A 106 -2.36 -7.38 4.95
N ARG A 107 -2.24 -6.91 6.20
CA ARG A 107 -3.23 -6.02 6.80
C ARG A 107 -3.47 -4.79 5.93
N VAL A 108 -2.41 -4.01 5.73
CA VAL A 108 -2.48 -2.73 5.04
C VAL A 108 -3.05 -2.88 3.63
N TYR A 109 -2.54 -3.86 2.89
CA TYR A 109 -2.96 -4.09 1.51
C TYR A 109 -4.46 -4.33 1.43
N GLN A 110 -4.96 -5.27 2.22
CA GLN A 110 -6.37 -5.66 2.19
C GLN A 110 -7.25 -4.56 2.78
N LEU A 111 -6.70 -3.85 3.77
CA LEU A 111 -7.45 -2.84 4.50
C LEU A 111 -7.77 -1.64 3.62
N MET A 112 -6.83 -1.25 2.76
CA MET A 112 -7.06 -0.16 1.82
C MET A 112 -7.82 -0.68 0.60
N GLU A 113 -7.71 -1.98 0.37
CA GLU A 113 -8.39 -2.64 -0.74
C GLU A 113 -9.91 -2.49 -0.58
N GLN A 114 -10.43 -3.01 0.53
CA GLN A 114 -11.87 -3.00 0.79
C GLN A 114 -12.50 -1.62 0.58
N ASP A 115 -11.76 -0.56 0.90
CA ASP A 115 -12.29 0.80 0.83
C ASP A 115 -11.75 1.57 -0.38
N SER A 116 -10.45 1.84 -0.38
CA SER A 116 -9.84 2.69 -1.41
C SER A 116 -9.95 2.07 -2.81
N TYR A 117 -9.85 0.74 -2.90
CA TYR A 117 -9.89 0.04 -4.18
C TYR A 117 -11.31 0.08 -4.78
N THR A 118 -12.31 -0.08 -3.93
CA THR A 118 -13.71 0.02 -4.38
C THR A 118 -14.00 1.46 -4.84
N ARG A 119 -13.55 2.43 -4.03
CA ARG A 119 -13.65 3.83 -4.38
C ARG A 119 -12.97 4.10 -5.71
N PHE A 120 -11.82 3.47 -5.93
CA PHE A 120 -11.11 3.58 -7.19
C PHE A 120 -11.97 3.05 -8.33
N LEU A 121 -12.66 1.94 -8.09
CA LEU A 121 -13.55 1.34 -9.08
C LEU A 121 -14.77 2.21 -9.34
N LYS A 122 -14.96 3.25 -8.53
CA LYS A 122 -16.01 4.23 -8.79
C LYS A 122 -15.49 5.66 -8.74
N SER A 123 -14.17 5.82 -8.90
CA SER A 123 -13.54 7.14 -8.92
C SER A 123 -13.99 7.93 -10.16
N ASP A 124 -13.79 9.24 -10.11
CA ASP A 124 -14.18 10.12 -11.22
C ASP A 124 -13.40 9.78 -12.47
N ILE A 125 -12.10 9.54 -12.31
CA ILE A 125 -11.23 9.17 -13.41
C ILE A 125 -11.66 7.83 -14.01
N TYR A 126 -12.06 6.89 -13.15
CA TYR A 126 -12.50 5.58 -13.59
C TYR A 126 -13.81 5.71 -14.39
N LEU A 127 -14.71 6.57 -13.91
CA LEU A 127 -15.97 6.84 -14.60
C LEU A 127 -15.70 7.42 -15.99
N ASP A 128 -14.67 8.26 -16.08
CA ASP A 128 -14.24 8.82 -17.37
C ASP A 128 -13.76 7.70 -18.28
N LEU A 129 -13.00 6.76 -17.72
CA LEU A 129 -12.53 5.59 -18.47
C LEU A 129 -13.71 4.72 -18.91
N MET A 130 -14.78 4.74 -18.12
CA MET A 130 -16.00 4.00 -18.44
C MET A 130 -16.82 4.74 -19.49
N GLU A 131 -16.68 6.07 -19.51
CA GLU A 131 -17.37 6.97 -20.45
C GLU A 131 -18.87 6.63 -20.62
N GLY A 132 -19.42 5.95 -19.62
CA GLY A 132 -20.85 5.62 -19.65
C GLY A 132 -21.68 6.69 -18.99
N ARG A 133 -21.06 7.45 -18.09
CA ARG A 133 -21.73 8.54 -17.38
C ARG A 133 -20.83 9.78 -17.36
N PRO A 134 -21.34 10.93 -17.86
CA PRO A 134 -20.59 12.19 -17.85
C PRO A 134 -20.43 12.74 -16.43
N SER A 1 1.43 6.39 -21.94
CA SER A 1 0.78 5.51 -20.94
C SER A 1 -0.73 5.73 -20.95
N MET A 2 -1.49 4.65 -21.18
CA MET A 2 -2.95 4.74 -21.20
C MET A 2 -3.57 3.36 -20.96
N VAL A 3 -4.88 3.33 -20.75
CA VAL A 3 -5.60 2.09 -20.50
C VAL A 3 -6.90 2.07 -21.29
N SER A 4 -7.25 0.90 -21.82
CA SER A 4 -8.49 0.70 -22.55
C SER A 4 -9.59 0.29 -21.55
N PRO A 5 -10.87 0.68 -21.81
CA PRO A 5 -11.99 0.33 -20.93
C PRO A 5 -12.00 -1.17 -20.59
N GLU A 6 -11.55 -1.97 -21.54
CA GLU A 6 -11.45 -3.43 -21.34
C GLU A 6 -10.46 -3.74 -20.22
N GLU A 7 -9.25 -3.21 -20.35
CA GLU A 7 -8.22 -3.40 -19.32
C GLU A 7 -8.66 -2.75 -18.01
N ALA A 8 -9.47 -1.69 -18.13
CA ALA A 8 -9.95 -0.96 -16.96
C ALA A 8 -10.93 -1.82 -16.14
N VAL A 9 -11.80 -2.57 -16.82
CA VAL A 9 -12.73 -3.45 -16.09
C VAL A 9 -11.96 -4.64 -15.50
N LYS A 10 -10.79 -4.92 -16.06
CA LYS A 10 -9.89 -5.94 -15.50
C LYS A 10 -9.29 -5.45 -14.17
N TRP A 11 -9.38 -4.16 -13.92
CA TRP A 11 -8.94 -3.61 -12.63
C TRP A 11 -10.03 -3.84 -11.58
N GLY A 12 -11.23 -4.13 -12.06
CA GLY A 12 -12.38 -4.34 -11.17
C GLY A 12 -12.62 -5.80 -10.86
N GLU A 13 -11.64 -6.65 -11.18
CA GLU A 13 -11.70 -8.07 -10.84
C GLU A 13 -10.66 -8.43 -9.77
N SER A 14 -9.56 -7.66 -9.75
CA SER A 14 -8.47 -7.93 -8.82
C SER A 14 -7.70 -6.66 -8.50
N PHE A 15 -7.71 -6.27 -7.22
CA PHE A 15 -6.88 -5.16 -6.73
C PHE A 15 -5.42 -5.46 -7.05
N ASP A 16 -5.07 -6.74 -6.94
CA ASP A 16 -3.73 -7.22 -7.30
C ASP A 16 -3.34 -6.78 -8.72
N LYS A 17 -4.28 -6.92 -9.65
CA LYS A 17 -4.05 -6.53 -11.04
C LYS A 17 -3.97 -5.01 -11.15
N LEU A 18 -4.80 -4.32 -10.35
CA LEU A 18 -4.78 -2.86 -10.30
C LEU A 18 -3.39 -2.37 -9.89
N LEU A 19 -2.81 -3.03 -8.89
CA LEU A 19 -1.49 -2.68 -8.39
C LEU A 19 -0.40 -3.11 -9.37
N SER A 20 -0.64 -4.25 -10.04
CA SER A 20 0.30 -4.79 -11.03
C SER A 20 0.44 -3.83 -12.21
N HIS A 21 -0.62 -3.07 -12.48
CA HIS A 21 -0.59 -2.05 -13.52
C HIS A 21 0.00 -0.77 -12.96
N ARG A 22 1.15 -0.35 -13.48
CA ARG A 22 1.77 0.90 -13.07
C ARG A 22 0.79 2.06 -13.30
N ASP A 23 -0.05 1.89 -14.33
CA ASP A 23 -1.10 2.87 -14.64
C ASP A 23 -2.11 2.91 -13.50
N GLY A 24 -2.51 1.72 -13.06
CA GLY A 24 -3.45 1.59 -11.96
C GLY A 24 -2.90 2.16 -10.68
N LEU A 25 -1.64 1.83 -10.41
CA LEU A 25 -0.91 2.38 -9.27
C LEU A 25 -0.98 3.91 -9.28
N GLU A 26 -0.52 4.49 -10.39
CA GLU A 26 -0.42 5.93 -10.53
C GLU A 26 -1.79 6.60 -10.36
N ALA A 27 -2.83 5.97 -10.90
CA ALA A 27 -4.19 6.50 -10.78
C ALA A 27 -4.71 6.36 -9.36
N PHE A 28 -4.49 5.18 -8.77
CA PHE A 28 -5.03 4.85 -7.45
C PHE A 28 -4.28 5.61 -6.35
N THR A 29 -3.00 5.88 -6.58
CA THR A 29 -2.18 6.55 -5.57
C THR A 29 -2.55 8.02 -5.55
N ARG A 30 -2.80 8.57 -6.74
CA ARG A 30 -3.32 9.90 -6.89
C ARG A 30 -4.68 10.01 -6.19
N PHE A 31 -5.47 8.95 -6.33
CA PHE A 31 -6.81 8.90 -5.75
C PHE A 31 -6.75 9.00 -4.23
N LEU A 32 -5.96 8.12 -3.60
CA LEU A 32 -5.85 8.12 -2.14
C LEU A 32 -5.00 9.30 -1.64
N LYS A 33 -4.26 9.93 -2.56
CA LYS A 33 -3.48 11.13 -2.25
C LYS A 33 -4.42 12.28 -1.89
N THR A 34 -5.42 12.52 -2.75
CA THR A 34 -6.31 13.67 -2.60
C THR A 34 -7.23 13.52 -1.39
N GLU A 35 -7.36 12.30 -0.86
CA GLU A 35 -8.17 12.08 0.34
C GLU A 35 -7.27 12.03 1.58
N PHE A 36 -5.99 12.37 1.39
CA PHE A 36 -5.03 12.48 2.49
C PHE A 36 -4.91 11.19 3.29
N SER A 37 -4.93 10.07 2.58
CA SER A 37 -4.76 8.76 3.19
C SER A 37 -3.60 8.02 2.52
N GLU A 38 -2.59 8.80 2.13
CA GLU A 38 -1.50 8.31 1.28
C GLU A 38 -0.41 7.60 2.06
N GLU A 39 -0.18 8.00 3.31
CA GLU A 39 0.90 7.41 4.12
C GLU A 39 0.71 5.89 4.24
N ASN A 40 -0.52 5.44 4.05
CA ASN A 40 -0.84 4.01 4.12
C ASN A 40 -0.19 3.24 2.97
N ILE A 41 -0.36 3.71 1.74
CA ILE A 41 0.20 3.03 0.57
C ILE A 41 1.73 3.16 0.58
N GLU A 42 2.22 4.34 0.94
CA GLU A 42 3.66 4.55 1.09
C GLU A 42 4.23 3.65 2.18
N PHE A 43 3.40 3.35 3.17
CA PHE A 43 3.79 2.49 4.29
C PHE A 43 4.20 1.11 3.80
N TRP A 44 3.23 0.35 3.27
CA TRP A 44 3.50 -1.05 2.95
C TRP A 44 4.34 -1.21 1.68
N ILE A 45 4.40 -0.17 0.84
CA ILE A 45 5.30 -0.22 -0.31
C ILE A 45 6.75 -0.06 0.17
N ALA A 46 6.92 0.71 1.24
CA ALA A 46 8.23 0.86 1.89
C ALA A 46 8.61 -0.45 2.58
N CYS A 47 7.59 -1.20 2.99
CA CYS A 47 7.79 -2.52 3.57
C CYS A 47 8.30 -3.50 2.51
N GLU A 48 7.71 -3.44 1.33
CA GLU A 48 8.16 -4.25 0.20
C GLU A 48 9.57 -3.85 -0.20
N ASP A 49 9.85 -2.53 -0.12
CA ASP A 49 11.20 -2.01 -0.35
C ASP A 49 12.16 -2.52 0.73
N PHE A 50 11.66 -2.59 1.96
CA PHE A 50 12.43 -3.11 3.07
C PHE A 50 12.93 -4.52 2.78
N LYS A 51 12.09 -5.32 2.15
CA LYS A 51 12.40 -6.73 1.94
C LYS A 51 12.97 -7.00 0.54
N LYS A 52 13.02 -5.98 -0.33
CA LYS A 52 13.64 -6.15 -1.65
C LYS A 52 15.16 -6.18 -1.47
N SER A 53 15.63 -5.50 -0.43
CA SER A 53 17.03 -5.52 -0.06
C SER A 53 17.39 -6.86 0.59
N LYS A 54 18.63 -7.29 0.45
CA LYS A 54 19.08 -8.58 1.00
C LYS A 54 20.34 -8.43 1.84
N GLY A 55 20.78 -7.19 2.03
CA GLY A 55 21.93 -6.92 2.89
C GLY A 55 21.55 -7.04 4.36
N PRO A 56 22.18 -7.95 5.12
CA PRO A 56 21.83 -8.22 6.52
C PRO A 56 21.70 -6.94 7.35
N GLN A 57 22.80 -6.19 7.47
CA GLN A 57 22.81 -4.95 8.25
C GLN A 57 21.82 -3.95 7.67
N GLN A 58 21.69 -3.97 6.35
CA GLN A 58 20.78 -3.06 5.65
C GLN A 58 19.35 -3.30 6.11
N ILE A 59 18.99 -4.57 6.29
CA ILE A 59 17.67 -4.96 6.75
C ILE A 59 17.37 -4.34 8.11
N HIS A 60 18.37 -4.36 8.99
CA HIS A 60 18.20 -3.86 10.36
C HIS A 60 17.92 -2.36 10.37
N LEU A 61 18.75 -1.58 9.67
CA LEU A 61 18.64 -0.13 9.69
C LEU A 61 17.38 0.35 8.95
N LYS A 62 16.96 -0.39 7.93
CA LYS A 62 15.74 -0.06 7.20
C LYS A 62 14.51 -0.36 8.05
N ALA A 63 14.55 -1.50 8.75
CA ALA A 63 13.47 -1.90 9.64
C ALA A 63 13.27 -0.87 10.74
N LYS A 64 14.39 -0.44 11.33
CA LYS A 64 14.35 0.51 12.44
C LYS A 64 13.81 1.86 11.98
N ALA A 65 14.22 2.28 10.79
CA ALA A 65 13.75 3.54 10.21
C ALA A 65 12.23 3.51 10.04
N ILE A 66 11.73 2.44 9.43
CA ILE A 66 10.29 2.26 9.22
C ILE A 66 9.57 2.17 10.57
N TYR A 67 10.21 1.51 11.53
CA TYR A 67 9.65 1.38 12.87
C TYR A 67 9.35 2.76 13.46
N GLU A 68 10.40 3.56 13.57
CA GLU A 68 10.35 4.82 14.29
C GLU A 68 9.45 5.86 13.60
N LYS A 69 9.26 5.73 12.28
CA LYS A 69 8.49 6.73 11.54
C LYS A 69 7.10 6.23 11.14
N PHE A 70 6.92 4.91 11.03
CA PHE A 70 5.69 4.35 10.49
C PHE A 70 5.03 3.34 11.44
N ILE A 71 5.82 2.42 12.00
CA ILE A 71 5.28 1.33 12.81
C ILE A 71 4.75 1.86 14.14
N GLN A 72 5.47 2.82 14.70
CA GLN A 72 5.09 3.43 15.97
C GLN A 72 3.88 4.33 15.77
N THR A 73 2.86 4.15 16.61
CA THR A 73 1.65 4.97 16.56
C THR A 73 2.01 6.43 16.81
N ASP A 74 2.87 6.65 17.80
CA ASP A 74 3.38 7.99 18.10
C ASP A 74 4.43 8.37 17.04
N ALA A 75 3.94 8.78 15.88
CA ALA A 75 4.81 9.10 14.73
C ALA A 75 4.43 10.44 14.13
N PRO A 76 5.37 11.09 13.41
CA PRO A 76 5.14 12.40 12.79
C PRO A 76 4.12 12.33 11.64
N LYS A 77 4.09 11.17 10.97
CA LYS A 77 3.18 10.95 9.85
C LYS A 77 2.02 10.05 10.28
N GLU A 78 2.36 9.04 11.09
CA GLU A 78 1.40 8.04 11.57
C GLU A 78 0.94 7.12 10.43
N VAL A 79 0.52 5.91 10.80
CA VAL A 79 -0.03 4.95 9.86
C VAL A 79 -1.21 4.22 10.49
N ASN A 80 -2.20 3.85 9.69
CA ASN A 80 -3.36 3.13 10.18
C ASN A 80 -3.08 1.62 10.19
N LEU A 81 -2.51 1.14 11.29
CA LEU A 81 -2.14 -0.26 11.42
C LEU A 81 -2.56 -0.81 12.79
N ASP A 82 -2.94 -2.09 12.80
CA ASP A 82 -3.44 -2.77 14.00
C ASP A 82 -2.44 -2.67 15.18
N PHE A 83 -2.97 -2.86 16.39
CA PHE A 83 -2.20 -2.75 17.62
C PHE A 83 -1.29 -3.97 17.79
N HIS A 84 -1.89 -5.16 17.79
CA HIS A 84 -1.13 -6.39 18.03
C HIS A 84 -0.12 -6.64 16.92
N THR A 85 -0.44 -6.19 15.72
CA THR A 85 0.45 -6.36 14.58
C THR A 85 1.79 -5.65 14.84
N LYS A 86 1.73 -4.39 15.23
CA LYS A 86 2.94 -3.62 15.51
C LYS A 86 3.59 -4.11 16.80
N GLU A 87 2.78 -4.70 17.68
CA GLU A 87 3.27 -5.29 18.92
C GLU A 87 4.19 -6.47 18.61
N VAL A 88 3.82 -7.28 17.63
CA VAL A 88 4.67 -8.38 17.17
C VAL A 88 5.95 -7.80 16.58
N ILE A 89 5.81 -6.68 15.86
CA ILE A 89 6.94 -6.02 15.22
C ILE A 89 7.91 -5.46 16.26
N THR A 90 7.39 -4.89 17.35
CA THR A 90 8.24 -4.34 18.40
C THR A 90 9.10 -5.44 19.03
N ASN A 91 8.53 -6.63 19.15
CA ASN A 91 9.27 -7.81 19.62
C ASN A 91 10.24 -8.31 18.55
N SER A 92 9.90 -8.11 17.29
CA SER A 92 10.69 -8.63 16.17
C SER A 92 11.69 -7.60 15.64
N ILE A 93 11.68 -6.39 16.20
CA ILE A 93 12.55 -5.31 15.73
C ILE A 93 14.03 -5.69 15.89
N THR A 94 14.31 -6.55 16.86
CA THR A 94 15.67 -6.98 17.15
C THR A 94 16.13 -8.06 16.16
N GLN A 95 15.18 -8.69 15.48
CA GLN A 95 15.46 -9.75 14.50
C GLN A 95 14.54 -9.62 13.30
N PRO A 96 14.81 -8.63 12.41
CA PRO A 96 14.01 -8.44 11.19
C PRO A 96 14.33 -9.50 10.13
N THR A 97 13.30 -9.93 9.41
CA THR A 97 13.44 -10.94 8.38
C THR A 97 12.79 -10.47 7.08
N LEU A 98 13.03 -11.17 5.98
CA LEU A 98 12.65 -10.72 4.64
C LEU A 98 11.12 -10.61 4.42
N HIS A 99 10.32 -10.84 5.45
CA HIS A 99 8.88 -10.62 5.35
C HIS A 99 8.23 -10.41 6.72
N SER A 100 9.03 -10.04 7.73
CA SER A 100 8.51 -9.85 9.09
C SER A 100 7.35 -8.84 9.12
N PHE A 101 7.45 -7.81 8.29
CA PHE A 101 6.47 -6.72 8.28
C PHE A 101 5.32 -7.01 7.31
N ASP A 102 5.17 -8.27 6.92
CA ASP A 102 4.14 -8.66 5.94
C ASP A 102 2.75 -8.55 6.57
N ALA A 103 2.68 -8.82 7.87
CA ALA A 103 1.43 -8.68 8.62
C ALA A 103 0.96 -7.23 8.57
N ALA A 104 1.90 -6.31 8.75
CA ALA A 104 1.62 -4.88 8.67
C ALA A 104 1.19 -4.51 7.26
N GLN A 105 1.91 -5.07 6.29
CA GLN A 105 1.61 -4.87 4.88
C GLN A 105 0.18 -5.29 4.56
N SER A 106 -0.23 -6.43 5.14
CA SER A 106 -1.56 -6.97 4.92
C SER A 106 -2.63 -6.03 5.48
N ARG A 107 -2.48 -5.65 6.76
CA ARG A 107 -3.49 -4.84 7.45
C ARG A 107 -3.76 -3.53 6.71
N VAL A 108 -2.70 -2.86 6.29
CA VAL A 108 -2.84 -1.55 5.66
C VAL A 108 -3.33 -1.68 4.21
N TYR A 109 -2.84 -2.71 3.51
CA TYR A 109 -3.27 -3.00 2.15
C TYR A 109 -4.78 -3.26 2.10
N GLN A 110 -5.24 -4.19 2.94
CA GLN A 110 -6.65 -4.55 2.98
C GLN A 110 -7.50 -3.37 3.43
N LEU A 111 -6.91 -2.53 4.27
CA LEU A 111 -7.59 -1.40 4.85
C LEU A 111 -7.96 -0.38 3.78
N MET A 112 -7.02 -0.09 2.87
CA MET A 112 -7.29 0.83 1.77
C MET A 112 -8.21 0.16 0.75
N GLU A 113 -8.03 -1.15 0.60
CA GLU A 113 -8.79 -1.95 -0.33
C GLU A 113 -10.30 -1.83 -0.05
N GLN A 114 -10.71 -2.28 1.12
CA GLN A 114 -12.13 -2.33 1.48
C GLN A 114 -12.81 -0.97 1.34
N ASP A 115 -12.03 0.11 1.46
CA ASP A 115 -12.58 1.46 1.41
C ASP A 115 -12.32 2.14 0.06
N SER A 116 -11.07 2.55 -0.16
CA SER A 116 -10.71 3.39 -1.31
C SER A 116 -10.94 2.66 -2.64
N TYR A 117 -10.75 1.33 -2.65
CA TYR A 117 -10.87 0.56 -3.90
C TYR A 117 -12.29 0.63 -4.45
N THR A 118 -13.28 0.55 -3.57
CA THR A 118 -14.68 0.62 -3.99
C THR A 118 -14.96 1.97 -4.64
N ARG A 119 -14.49 3.03 -3.99
CA ARG A 119 -14.62 4.38 -4.52
C ARG A 119 -13.94 4.47 -5.88
N PHE A 120 -12.76 3.85 -5.99
CA PHE A 120 -12.01 3.86 -7.24
C PHE A 120 -12.83 3.24 -8.37
N LEU A 121 -13.64 2.24 -8.03
CA LEU A 121 -14.50 1.58 -9.01
C LEU A 121 -15.66 2.49 -9.45
N LYS A 122 -16.03 3.44 -8.58
CA LYS A 122 -17.09 4.40 -8.90
C LYS A 122 -16.53 5.83 -8.94
N SER A 123 -15.22 5.96 -9.13
CA SER A 123 -14.58 7.27 -9.20
C SER A 123 -14.85 7.95 -10.54
N ASP A 124 -14.85 9.27 -10.55
CA ASP A 124 -15.02 10.04 -11.79
C ASP A 124 -13.88 9.72 -12.74
N ILE A 125 -12.73 9.38 -12.15
CA ILE A 125 -11.57 8.92 -12.91
C ILE A 125 -11.91 7.64 -13.67
N TYR A 126 -12.43 6.65 -12.96
CA TYR A 126 -12.76 5.36 -13.56
C TYR A 126 -13.84 5.53 -14.63
N LEU A 127 -14.80 6.39 -14.35
CA LEU A 127 -15.87 6.69 -15.32
C LEU A 127 -15.28 7.26 -16.60
N ASP A 128 -14.20 8.02 -16.47
CA ASP A 128 -13.49 8.57 -17.61
C ASP A 128 -12.68 7.49 -18.34
N LEU A 129 -12.17 6.54 -17.55
CA LEU A 129 -11.41 5.42 -18.10
C LEU A 129 -12.33 4.46 -18.85
N MET A 130 -13.63 4.56 -18.56
CA MET A 130 -14.63 3.72 -19.23
C MET A 130 -14.89 4.20 -20.66
N GLU A 131 -15.80 5.16 -20.79
CA GLU A 131 -16.21 5.69 -22.10
C GLU A 131 -16.67 4.55 -23.03
N GLY A 132 -17.28 3.53 -22.45
CA GLY A 132 -17.77 2.39 -23.23
C GLY A 132 -19.12 2.68 -23.86
N ARG A 133 -19.21 3.83 -24.54
CA ARG A 133 -20.44 4.28 -25.18
C ARG A 133 -20.69 3.48 -26.48
N PRO A 134 -21.74 2.64 -26.50
CA PRO A 134 -22.12 1.89 -27.70
C PRO A 134 -23.04 2.69 -28.62
N SER A 1 3.03 2.58 -21.75
CA SER A 1 1.90 1.88 -22.38
C SER A 1 0.59 2.62 -22.11
N MET A 2 -0.51 2.03 -22.55
CA MET A 2 -1.85 2.53 -22.27
C MET A 2 -2.84 1.36 -22.25
N VAL A 3 -3.88 1.48 -21.45
CA VAL A 3 -4.83 0.39 -21.28
C VAL A 3 -6.15 0.68 -22.01
N SER A 4 -6.67 -0.35 -22.67
CA SER A 4 -7.95 -0.26 -23.36
C SER A 4 -9.11 -0.32 -22.35
N PRO A 5 -10.26 0.31 -22.67
CA PRO A 5 -11.43 0.37 -21.77
C PRO A 5 -11.86 -1.02 -21.28
N GLU A 6 -11.74 -2.01 -22.15
CA GLU A 6 -12.13 -3.38 -21.80
C GLU A 6 -11.33 -3.90 -20.61
N GLU A 7 -10.00 -3.81 -20.72
CA GLU A 7 -9.12 -4.24 -19.63
C GLU A 7 -9.33 -3.36 -18.40
N ALA A 8 -9.54 -2.07 -18.64
CA ALA A 8 -9.74 -1.10 -17.57
C ALA A 8 -10.95 -1.48 -16.71
N VAL A 9 -12.09 -1.67 -17.34
CA VAL A 9 -13.33 -2.03 -16.63
C VAL A 9 -13.20 -3.42 -16.01
N LYS A 10 -12.35 -4.24 -16.61
CA LYS A 10 -12.18 -5.63 -16.20
C LYS A 10 -11.36 -5.74 -14.92
N TRP A 11 -10.77 -4.62 -14.47
CA TRP A 11 -9.99 -4.60 -13.23
C TRP A 11 -10.90 -4.83 -12.01
N GLY A 12 -12.20 -4.62 -12.22
CA GLY A 12 -13.18 -4.74 -11.14
C GLY A 12 -13.49 -6.18 -10.79
N GLU A 13 -12.47 -6.91 -10.37
CA GLU A 13 -12.62 -8.29 -9.91
C GLU A 13 -11.56 -8.63 -8.87
N SER A 14 -10.35 -8.14 -9.09
CA SER A 14 -9.22 -8.43 -8.21
C SER A 14 -8.33 -7.20 -8.04
N PHE A 15 -8.10 -6.82 -6.79
CA PHE A 15 -7.25 -5.68 -6.45
C PHE A 15 -5.84 -5.91 -7.00
N ASP A 16 -5.37 -7.15 -6.89
CA ASP A 16 -4.04 -7.52 -7.38
C ASP A 16 -3.96 -7.39 -8.90
N LYS A 17 -5.10 -7.57 -9.58
CA LYS A 17 -5.14 -7.40 -11.03
C LYS A 17 -4.90 -5.93 -11.39
N LEU A 18 -5.44 -5.04 -10.56
CA LEU A 18 -5.24 -3.60 -10.71
C LEU A 18 -3.75 -3.27 -10.62
N LEU A 19 -3.09 -3.81 -9.59
CA LEU A 19 -1.65 -3.58 -9.37
C LEU A 19 -0.81 -4.33 -10.40
N SER A 20 -1.37 -5.42 -10.94
CA SER A 20 -0.70 -6.18 -11.99
C SER A 20 -0.46 -5.27 -13.20
N HIS A 21 -1.33 -4.28 -13.35
CA HIS A 21 -1.21 -3.28 -14.41
C HIS A 21 -0.60 -2.01 -13.83
N ARG A 22 0.55 -1.60 -14.35
CA ARG A 22 1.21 -0.39 -13.87
C ARG A 22 0.35 0.84 -14.18
N ASP A 23 -0.45 0.72 -15.25
CA ASP A 23 -1.44 1.74 -15.58
C ASP A 23 -2.51 1.81 -14.49
N GLY A 24 -2.91 0.63 -14.00
CA GLY A 24 -3.90 0.55 -12.93
C GLY A 24 -3.35 1.09 -11.63
N LEU A 25 -2.13 0.68 -11.31
CA LEU A 25 -1.40 1.18 -10.15
C LEU A 25 -1.32 2.69 -10.18
N GLU A 26 -1.05 3.23 -11.37
CA GLU A 26 -0.96 4.68 -11.59
C GLU A 26 -2.27 5.35 -11.18
N ALA A 27 -3.36 4.86 -11.75
CA ALA A 27 -4.68 5.43 -11.50
C ALA A 27 -5.06 5.32 -10.02
N PHE A 28 -4.73 4.19 -9.41
CA PHE A 28 -5.08 3.93 -8.02
C PHE A 28 -4.31 4.85 -7.07
N THR A 29 -3.00 4.94 -7.25
CA THR A 29 -2.16 5.74 -6.37
C THR A 29 -2.58 7.22 -6.44
N ARG A 30 -3.00 7.66 -7.63
CA ARG A 30 -3.49 9.02 -7.82
C ARG A 30 -4.69 9.28 -6.91
N PHE A 31 -5.68 8.39 -6.98
CA PHE A 31 -6.88 8.52 -6.16
C PHE A 31 -6.53 8.37 -4.68
N LEU A 32 -5.66 7.42 -4.38
CA LEU A 32 -5.31 7.13 -2.98
C LEU A 32 -4.58 8.32 -2.36
N LYS A 33 -3.89 9.11 -3.18
CA LYS A 33 -3.21 10.31 -2.71
C LYS A 33 -4.19 11.43 -2.43
N THR A 34 -5.16 11.65 -3.32
CA THR A 34 -6.19 12.67 -3.10
C THR A 34 -7.15 12.23 -1.99
N GLU A 35 -7.14 10.92 -1.70
CA GLU A 35 -7.90 10.36 -0.60
C GLU A 35 -7.03 10.30 0.67
N PHE A 36 -5.90 11.02 0.61
CA PHE A 36 -4.93 11.15 1.72
C PHE A 36 -4.60 9.80 2.38
N SER A 37 -4.80 8.71 1.64
CA SER A 37 -4.51 7.37 2.14
C SER A 37 -3.26 6.80 1.44
N GLU A 38 -2.48 7.71 0.83
CA GLU A 38 -1.27 7.33 0.10
C GLU A 38 -0.32 6.49 0.94
N GLU A 39 -0.48 6.56 2.26
CA GLU A 39 0.30 5.77 3.20
C GLU A 39 0.30 4.29 2.79
N ASN A 40 -0.89 3.76 2.50
CA ASN A 40 -1.05 2.33 2.22
C ASN A 40 -0.17 1.86 1.07
N ILE A 41 -0.41 2.44 -0.11
CA ILE A 41 0.32 2.06 -1.32
C ILE A 41 1.83 2.21 -1.11
N GLU A 42 2.23 3.35 -0.55
CA GLU A 42 3.64 3.66 -0.36
C GLU A 42 4.23 2.92 0.84
N PHE A 43 3.35 2.34 1.66
CA PHE A 43 3.78 1.56 2.82
C PHE A 43 4.42 0.26 2.38
N TRP A 44 3.64 -0.64 1.76
CA TRP A 44 4.19 -1.93 1.37
C TRP A 44 5.11 -1.80 0.17
N ILE A 45 4.99 -0.70 -0.58
CA ILE A 45 6.00 -0.37 -1.59
C ILE A 45 7.35 -0.17 -0.90
N ALA A 46 7.33 0.52 0.24
CA ALA A 46 8.55 0.76 1.02
C ALA A 46 9.03 -0.52 1.71
N CYS A 47 8.08 -1.41 2.01
CA CYS A 47 8.40 -2.68 2.66
C CYS A 47 9.23 -3.57 1.74
N GLU A 48 8.91 -3.53 0.44
CA GLU A 48 9.67 -4.29 -0.54
C GLU A 48 10.99 -3.60 -0.87
N ASP A 49 11.03 -2.28 -0.71
CA ASP A 49 12.30 -1.55 -0.78
C ASP A 49 13.19 -2.00 0.37
N PHE A 50 12.57 -2.21 1.52
CA PHE A 50 13.23 -2.74 2.69
C PHE A 50 13.77 -4.14 2.39
N LYS A 51 12.95 -4.95 1.74
CA LYS A 51 13.29 -6.34 1.42
C LYS A 51 14.56 -6.43 0.57
N LYS A 52 14.71 -5.50 -0.38
CA LYS A 52 15.85 -5.54 -1.30
C LYS A 52 17.09 -4.88 -0.69
N SER A 53 16.98 -4.42 0.55
CA SER A 53 18.10 -3.86 1.29
C SER A 53 18.59 -4.89 2.31
N LYS A 54 18.88 -6.08 1.79
CA LYS A 54 19.12 -7.28 2.59
C LYS A 54 20.32 -7.19 3.53
N GLY A 55 21.08 -6.09 3.45
CA GLY A 55 22.21 -5.91 4.34
C GLY A 55 21.76 -5.88 5.80
N PRO A 56 22.19 -6.86 6.64
CA PRO A 56 21.71 -7.00 8.02
C PRO A 56 21.67 -5.66 8.78
N GLN A 57 22.76 -4.90 8.69
CA GLN A 57 22.83 -3.59 9.34
C GLN A 57 21.76 -2.65 8.75
N GLN A 58 21.76 -2.58 7.42
CA GLN A 58 20.81 -1.73 6.69
C GLN A 58 19.37 -2.08 7.06
N ILE A 59 19.12 -3.37 7.26
CA ILE A 59 17.80 -3.87 7.66
C ILE A 59 17.36 -3.22 8.97
N HIS A 60 18.22 -3.29 9.99
CA HIS A 60 17.88 -2.74 11.31
C HIS A 60 17.69 -1.23 11.23
N LEU A 61 18.50 -0.59 10.39
CA LEU A 61 18.44 0.87 10.22
C LEU A 61 17.10 1.29 9.61
N LYS A 62 16.72 0.64 8.51
CA LYS A 62 15.48 0.98 7.81
C LYS A 62 14.27 0.56 8.63
N ALA A 63 14.38 -0.56 9.33
CA ALA A 63 13.29 -1.06 10.17
C ALA A 63 12.95 -0.06 11.27
N LYS A 64 13.98 0.43 11.95
CA LYS A 64 13.79 1.39 13.04
C LYS A 64 13.31 2.73 12.48
N ALA A 65 13.71 3.03 11.25
CA ALA A 65 13.25 4.23 10.56
C ALA A 65 11.74 4.14 10.30
N ILE A 66 11.34 3.13 9.52
CA ILE A 66 9.94 2.91 9.19
C ILE A 66 9.09 2.80 10.45
N TYR A 67 9.69 2.25 11.51
CA TYR A 67 9.03 2.12 12.80
C TYR A 67 8.52 3.48 13.28
N GLU A 68 9.44 4.39 13.57
CA GLU A 68 9.11 5.69 14.14
C GLU A 68 8.55 6.66 13.09
N LYS A 69 8.68 6.28 11.82
CA LYS A 69 8.23 7.13 10.72
C LYS A 69 6.80 6.78 10.29
N PHE A 70 6.44 5.49 10.41
CA PHE A 70 5.15 5.00 9.91
C PHE A 70 4.44 4.11 10.93
N ILE A 71 5.16 3.13 11.50
CA ILE A 71 4.54 2.11 12.34
C ILE A 71 4.03 2.72 13.64
N GLN A 72 4.66 3.80 14.07
CA GLN A 72 4.27 4.50 15.28
C GLN A 72 2.88 5.11 15.08
N THR A 73 1.95 4.80 15.99
CA THR A 73 0.59 5.33 15.90
C THR A 73 0.61 6.87 15.92
N ASP A 74 1.61 7.42 16.59
CA ASP A 74 1.88 8.86 16.52
C ASP A 74 3.17 9.09 15.73
N ALA A 75 3.02 9.33 14.44
CA ALA A 75 4.13 9.49 13.51
C ALA A 75 3.73 10.40 12.35
N PRO A 76 4.69 10.92 11.56
CA PRO A 76 4.40 11.77 10.40
C PRO A 76 3.30 11.18 9.51
N LYS A 77 3.40 9.88 9.24
CA LYS A 77 2.36 9.16 8.52
C LYS A 77 2.00 7.88 9.29
N GLU A 78 1.03 8.00 10.18
CA GLU A 78 0.60 6.88 11.01
C GLU A 78 -0.11 5.83 10.14
N VAL A 79 0.47 4.63 10.08
CA VAL A 79 -0.11 3.54 9.31
C VAL A 79 -1.39 3.05 9.98
N ASN A 80 -2.39 2.76 9.16
CA ASN A 80 -3.70 2.29 9.63
C ASN A 80 -3.64 0.79 9.95
N LEU A 81 -2.47 0.32 10.38
CA LEU A 81 -2.23 -1.09 10.65
C LEU A 81 -2.89 -1.54 11.95
N ASP A 82 -3.34 -2.79 11.96
CA ASP A 82 -3.97 -3.41 13.13
C ASP A 82 -3.10 -3.30 14.38
N PHE A 83 -3.75 -3.16 15.53
CA PHE A 83 -3.08 -2.96 16.81
C PHE A 83 -2.29 -4.21 17.23
N HIS A 84 -2.84 -5.38 16.97
CA HIS A 84 -2.18 -6.64 17.32
C HIS A 84 -0.96 -6.86 16.44
N THR A 85 -1.06 -6.43 15.19
CA THR A 85 0.03 -6.59 14.24
C THR A 85 1.20 -5.66 14.59
N LYS A 86 0.89 -4.39 14.89
CA LYS A 86 1.92 -3.43 15.26
C LYS A 86 2.57 -3.84 16.58
N GLU A 87 1.79 -4.50 17.44
CA GLU A 87 2.30 -5.03 18.71
C GLU A 87 3.44 -6.02 18.44
N VAL A 88 3.20 -6.93 17.50
CA VAL A 88 4.23 -7.91 17.13
C VAL A 88 5.49 -7.19 16.63
N ILE A 89 5.27 -6.16 15.81
CA ILE A 89 6.37 -5.38 15.24
C ILE A 89 7.19 -4.70 16.35
N THR A 90 6.52 -4.07 17.30
CA THR A 90 7.20 -3.33 18.37
C THR A 90 8.09 -4.27 19.18
N ASN A 91 7.57 -5.45 19.49
CA ASN A 91 8.27 -6.42 20.33
C ASN A 91 9.27 -7.26 19.53
N SER A 92 9.26 -7.12 18.21
CA SER A 92 10.18 -7.88 17.35
C SER A 92 11.02 -6.96 16.46
N ILE A 93 10.91 -5.65 16.66
CA ILE A 93 11.63 -4.68 15.84
C ILE A 93 13.14 -4.78 16.09
N THR A 94 13.50 -5.35 17.25
CA THR A 94 14.88 -5.55 17.64
C THR A 94 15.61 -6.42 16.61
N GLN A 95 14.91 -7.42 16.06
CA GLN A 95 15.48 -8.33 15.08
C GLN A 95 14.45 -8.66 14.00
N PRO A 96 14.34 -7.80 12.98
CA PRO A 96 13.41 -8.00 11.87
C PRO A 96 13.98 -8.95 10.80
N THR A 97 13.09 -9.57 10.03
CA THR A 97 13.47 -10.44 8.94
C THR A 97 13.69 -9.64 7.65
N LEU A 98 13.89 -10.33 6.53
CA LEU A 98 14.16 -9.69 5.23
C LEU A 98 13.11 -8.61 4.94
N HIS A 99 11.87 -8.88 5.32
CA HIS A 99 10.81 -7.89 5.28
C HIS A 99 9.76 -8.21 6.34
N SER A 100 10.11 -7.91 7.59
CA SER A 100 9.26 -8.22 8.75
C SER A 100 7.88 -7.58 8.62
N PHE A 101 7.78 -6.56 7.78
CA PHE A 101 6.53 -5.83 7.57
C PHE A 101 5.59 -6.63 6.67
N ASP A 102 5.98 -7.86 6.35
CA ASP A 102 5.16 -8.77 5.54
C ASP A 102 3.74 -8.91 6.11
N ALA A 103 3.67 -9.19 7.42
CA ALA A 103 2.39 -9.32 8.11
C ALA A 103 1.60 -8.02 8.04
N ALA A 104 2.30 -6.91 8.24
CA ALA A 104 1.70 -5.58 8.19
C ALA A 104 1.13 -5.32 6.80
N GLN A 105 1.89 -5.68 5.78
CA GLN A 105 1.47 -5.55 4.38
C GLN A 105 0.13 -6.23 4.17
N SER A 106 -0.01 -7.44 4.71
CA SER A 106 -1.24 -8.21 4.59
C SER A 106 -2.42 -7.41 5.13
N ARG A 107 -2.26 -6.83 6.32
CA ARG A 107 -3.30 -6.02 6.94
C ARG A 107 -3.61 -4.79 6.08
N VAL A 108 -2.61 -3.92 5.93
CA VAL A 108 -2.77 -2.65 5.23
C VAL A 108 -3.40 -2.84 3.85
N TYR A 109 -2.96 -3.88 3.14
CA TYR A 109 -3.47 -4.20 1.82
C TYR A 109 -5.00 -4.42 1.86
N GLN A 110 -5.43 -5.40 2.65
CA GLN A 110 -6.85 -5.77 2.70
C GLN A 110 -7.69 -4.70 3.38
N LEU A 111 -7.05 -3.85 4.18
CA LEU A 111 -7.76 -2.77 4.87
C LEU A 111 -8.20 -1.70 3.89
N MET A 112 -7.35 -1.36 2.91
CA MET A 112 -7.71 -0.37 1.91
C MET A 112 -8.35 -1.02 0.69
N GLU A 113 -8.26 -2.35 0.60
CA GLU A 113 -8.98 -3.08 -0.42
C GLU A 113 -10.49 -3.01 -0.14
N GLN A 114 -10.89 -3.44 1.04
CA GLN A 114 -12.29 -3.50 1.43
C GLN A 114 -12.98 -2.14 1.34
N ASP A 115 -12.20 -1.06 1.41
CA ASP A 115 -12.75 0.30 1.34
C ASP A 115 -12.34 0.99 0.04
N SER A 116 -11.06 1.30 -0.08
CA SER A 116 -10.55 2.16 -1.14
C SER A 116 -10.63 1.50 -2.53
N TYR A 117 -10.75 0.17 -2.59
CA TYR A 117 -10.87 -0.52 -3.88
C TYR A 117 -12.19 -0.18 -4.55
N THR A 118 -13.30 -0.50 -3.89
CA THR A 118 -14.63 -0.21 -4.40
C THR A 118 -14.85 1.31 -4.47
N ARG A 119 -14.25 1.99 -3.49
CA ARG A 119 -14.22 3.46 -3.47
C ARG A 119 -13.61 3.98 -4.78
N PHE A 120 -12.49 3.37 -5.17
CA PHE A 120 -11.82 3.71 -6.40
C PHE A 120 -12.69 3.34 -7.60
N LEU A 121 -13.33 2.18 -7.53
CA LEU A 121 -14.18 1.71 -8.62
C LEU A 121 -15.31 2.70 -8.93
N LYS A 122 -15.68 3.50 -7.93
CA LYS A 122 -16.73 4.51 -8.08
C LYS A 122 -16.18 5.93 -7.97
N SER A 123 -14.86 6.07 -7.90
CA SER A 123 -14.23 7.39 -7.98
C SER A 123 -14.38 7.94 -9.39
N ASP A 124 -14.64 9.25 -9.51
CA ASP A 124 -14.83 9.89 -10.81
C ASP A 124 -13.65 9.62 -11.74
N ILE A 125 -12.44 9.53 -11.17
CA ILE A 125 -11.24 9.31 -11.98
C ILE A 125 -11.27 7.92 -12.64
N TYR A 126 -11.72 6.91 -11.90
CA TYR A 126 -11.86 5.57 -12.46
C TYR A 126 -13.04 5.54 -13.42
N LEU A 127 -14.15 6.16 -13.01
CA LEU A 127 -15.34 6.25 -13.85
C LEU A 127 -15.02 7.03 -15.14
N ASP A 128 -13.99 7.86 -15.07
CA ASP A 128 -13.48 8.55 -16.25
C ASP A 128 -12.83 7.55 -17.20
N LEU A 129 -12.05 6.63 -16.64
CA LEU A 129 -11.42 5.57 -17.43
C LEU A 129 -12.50 4.70 -18.08
N MET A 130 -13.65 4.59 -17.41
CA MET A 130 -14.77 3.78 -17.90
C MET A 130 -15.53 4.53 -18.99
N GLU A 131 -16.15 5.64 -18.58
CA GLU A 131 -17.13 6.36 -19.40
C GLU A 131 -16.54 7.65 -19.98
N GLY A 132 -15.66 8.30 -19.23
CA GLY A 132 -15.17 9.62 -19.61
C GLY A 132 -15.97 10.70 -18.89
N ARG A 133 -15.51 11.06 -17.70
CA ARG A 133 -16.28 11.91 -16.80
C ARG A 133 -15.37 12.81 -15.96
N PRO A 134 -15.62 14.12 -15.95
CA PRO A 134 -14.89 15.06 -15.08
C PRO A 134 -15.27 14.89 -13.60
N SER A 1 -2.46 7.97 -18.17
CA SER A 1 -2.32 7.41 -19.52
C SER A 1 -3.67 6.84 -19.98
N MET A 2 -3.90 6.83 -21.30
CA MET A 2 -5.18 6.37 -21.83
C MET A 2 -5.27 4.84 -21.84
N VAL A 3 -5.39 4.26 -20.64
CA VAL A 3 -5.59 2.82 -20.50
C VAL A 3 -6.89 2.41 -21.17
N SER A 4 -6.80 1.48 -22.11
CA SER A 4 -7.98 0.99 -22.81
C SER A 4 -8.94 0.31 -21.82
N PRO A 5 -10.27 0.58 -21.94
CA PRO A 5 -11.28 0.03 -21.03
C PRO A 5 -11.15 -1.49 -20.86
N GLU A 6 -10.59 -2.15 -21.87
CA GLU A 6 -10.34 -3.59 -21.81
C GLU A 6 -9.41 -3.90 -20.63
N GLU A 7 -8.23 -3.29 -20.62
CA GLU A 7 -7.29 -3.44 -19.51
C GLU A 7 -7.92 -2.95 -18.20
N ALA A 8 -8.73 -1.90 -18.31
CA ALA A 8 -9.37 -1.29 -17.16
C ALA A 8 -10.33 -2.26 -16.47
N VAL A 9 -11.08 -3.04 -17.25
CA VAL A 9 -11.99 -4.04 -16.67
C VAL A 9 -11.20 -5.19 -16.07
N LYS A 10 -10.00 -5.43 -16.61
CA LYS A 10 -9.10 -6.45 -16.04
C LYS A 10 -8.71 -6.04 -14.63
N TRP A 11 -8.50 -4.74 -14.43
CA TRP A 11 -8.20 -4.18 -13.12
C TRP A 11 -9.36 -4.44 -12.14
N GLY A 12 -10.56 -4.52 -12.70
CA GLY A 12 -11.76 -4.68 -11.89
C GLY A 12 -11.93 -6.08 -11.32
N GLU A 13 -10.92 -6.94 -11.50
CA GLU A 13 -10.96 -8.29 -10.93
C GLU A 13 -9.65 -8.63 -10.23
N SER A 14 -8.81 -7.61 -10.02
CA SER A 14 -7.54 -7.79 -9.30
C SER A 14 -6.89 -6.44 -9.01
N PHE A 15 -7.05 -5.96 -7.78
CA PHE A 15 -6.41 -4.72 -7.33
C PHE A 15 -4.89 -4.79 -7.56
N ASP A 16 -4.37 -6.01 -7.49
CA ASP A 16 -2.94 -6.24 -7.67
C ASP A 16 -2.47 -5.72 -9.03
N LYS A 17 -3.15 -6.12 -10.10
CA LYS A 17 -2.71 -5.76 -11.45
C LYS A 17 -3.01 -4.30 -11.74
N LEU A 18 -4.05 -3.77 -11.10
CA LEU A 18 -4.38 -2.35 -11.17
C LEU A 18 -3.19 -1.52 -10.71
N LEU A 19 -2.68 -1.85 -9.54
CA LEU A 19 -1.60 -1.09 -8.92
C LEU A 19 -0.24 -1.51 -9.49
N SER A 20 -0.19 -2.73 -10.03
CA SER A 20 1.04 -3.25 -10.64
C SER A 20 1.25 -2.63 -12.03
N HIS A 21 0.15 -2.20 -12.65
CA HIS A 21 0.22 -1.55 -13.96
C HIS A 21 0.78 -0.14 -13.76
N ARG A 22 1.90 0.15 -14.42
CA ARG A 22 2.63 1.42 -14.24
C ARG A 22 1.70 2.64 -14.19
N ASP A 23 0.90 2.81 -15.23
CA ASP A 23 -0.01 3.96 -15.31
C ASP A 23 -1.17 3.78 -14.33
N GLY A 24 -1.49 2.53 -14.02
CA GLY A 24 -2.53 2.23 -13.04
C GLY A 24 -2.10 2.65 -11.64
N LEU A 25 -0.81 2.50 -11.38
CA LEU A 25 -0.20 2.95 -10.13
C LEU A 25 -0.43 4.44 -9.97
N GLU A 26 -0.03 5.19 -10.99
CA GLU A 26 -0.16 6.64 -11.00
C GLU A 26 -1.64 7.05 -10.91
N ALA A 27 -2.50 6.25 -11.54
CA ALA A 27 -3.94 6.50 -11.51
C ALA A 27 -4.52 6.32 -10.12
N PHE A 28 -4.25 5.16 -9.51
CA PHE A 28 -4.80 4.84 -8.20
C PHE A 28 -4.24 5.80 -7.14
N THR A 29 -2.96 6.13 -7.25
CA THR A 29 -2.34 7.03 -6.28
C THR A 29 -3.00 8.42 -6.37
N ARG A 30 -3.41 8.82 -7.58
CA ARG A 30 -4.20 10.04 -7.75
C ARG A 30 -5.40 10.01 -6.82
N PHE A 31 -6.13 8.90 -6.88
CA PHE A 31 -7.34 8.72 -6.09
C PHE A 31 -7.01 8.70 -4.59
N LEU A 32 -5.99 7.93 -4.23
CA LEU A 32 -5.63 7.73 -2.83
C LEU A 32 -5.02 9.01 -2.23
N LYS A 33 -4.49 9.87 -3.07
CA LYS A 33 -3.91 11.14 -2.61
C LYS A 33 -4.97 12.22 -2.50
N THR A 34 -5.96 12.20 -3.40
CA THR A 34 -7.02 13.23 -3.40
C THR A 34 -7.96 13.03 -2.21
N GLU A 35 -8.01 11.81 -1.68
CA GLU A 35 -8.78 11.53 -0.47
C GLU A 35 -7.91 11.77 0.77
N PHE A 36 -6.69 12.27 0.53
CA PHE A 36 -5.76 12.67 1.58
C PHE A 36 -5.25 11.47 2.38
N SER A 37 -5.21 10.29 1.74
CA SER A 37 -4.66 9.10 2.39
C SER A 37 -3.17 8.98 2.07
N GLU A 38 -2.86 8.48 0.86
CA GLU A 38 -1.46 8.38 0.36
C GLU A 38 -0.62 7.36 1.14
N GLU A 39 -0.41 7.64 2.42
CA GLU A 39 0.47 6.85 3.30
C GLU A 39 0.34 5.35 3.06
N ASN A 40 -0.88 4.88 2.81
CA ASN A 40 -1.14 3.44 2.64
C ASN A 40 -0.18 2.81 1.62
N ILE A 41 -0.35 3.18 0.35
CA ILE A 41 0.43 2.59 -0.73
C ILE A 41 1.92 2.88 -0.54
N GLU A 42 2.24 4.13 -0.19
CA GLU A 42 3.64 4.53 0.00
C GLU A 42 4.29 3.75 1.15
N PHE A 43 3.48 3.39 2.15
CA PHE A 43 3.98 2.70 3.34
C PHE A 43 4.51 1.31 2.98
N TRP A 44 3.61 0.41 2.56
CA TRP A 44 4.03 -0.98 2.38
C TRP A 44 4.93 -1.15 1.17
N ILE A 45 4.87 -0.24 0.20
CA ILE A 45 5.77 -0.32 -0.94
C ILE A 45 7.20 -0.07 -0.50
N ALA A 46 7.37 0.84 0.48
CA ALA A 46 8.67 1.08 1.09
C ALA A 46 9.10 -0.17 1.87
N CYS A 47 8.12 -0.86 2.43
CA CYS A 47 8.37 -2.11 3.15
C CYS A 47 8.80 -3.21 2.18
N GLU A 48 8.30 -3.13 0.94
CA GLU A 48 8.68 -4.10 -0.08
C GLU A 48 10.11 -3.86 -0.54
N ASP A 49 10.56 -2.61 -0.50
CA ASP A 49 11.97 -2.31 -0.76
C ASP A 49 12.82 -3.01 0.29
N PHE A 50 12.35 -2.96 1.54
CA PHE A 50 12.98 -3.67 2.63
C PHE A 50 12.89 -5.18 2.39
N LYS A 51 11.78 -5.61 1.80
CA LYS A 51 11.56 -7.02 1.46
C LYS A 51 12.66 -7.50 0.51
N LYS A 52 13.19 -6.57 -0.28
CA LYS A 52 14.24 -6.88 -1.26
C LYS A 52 15.63 -6.78 -0.62
N SER A 53 15.71 -6.07 0.51
CA SER A 53 16.98 -5.78 1.13
C SER A 53 17.56 -7.02 1.81
N LYS A 54 18.21 -7.86 1.00
CA LYS A 54 18.85 -9.08 1.50
C LYS A 54 20.15 -8.74 2.23
N GLY A 55 20.10 -8.79 3.55
CA GLY A 55 21.26 -8.53 4.38
C GLY A 55 20.89 -8.49 5.85
N PRO A 56 21.47 -9.36 6.68
CA PRO A 56 21.10 -9.48 8.10
C PRO A 56 21.20 -8.16 8.84
N GLN A 57 22.31 -7.46 8.65
CA GLN A 57 22.53 -6.17 9.30
C GLN A 57 21.55 -5.13 8.74
N GLN A 58 21.24 -5.24 7.45
CA GLN A 58 20.32 -4.32 6.79
C GLN A 58 18.93 -4.46 7.43
N ILE A 59 18.55 -5.69 7.71
CA ILE A 59 17.25 -6.00 8.30
C ILE A 59 17.05 -5.21 9.60
N HIS A 60 18.10 -5.12 10.40
CA HIS A 60 18.02 -4.43 11.69
C HIS A 60 17.83 -2.93 11.49
N LEU A 61 18.75 -2.31 10.76
CA LEU A 61 18.79 -0.86 10.65
C LEU A 61 17.65 -0.29 9.78
N LYS A 62 17.24 -1.02 8.74
CA LYS A 62 16.15 -0.55 7.87
C LYS A 62 14.81 -0.76 8.55
N ALA A 63 14.64 -1.89 9.23
CA ALA A 63 13.40 -2.16 9.97
C ALA A 63 13.23 -1.16 11.10
N LYS A 64 14.34 -0.87 11.79
CA LYS A 64 14.36 0.11 12.87
C LYS A 64 13.95 1.48 12.32
N ALA A 65 14.46 1.81 11.14
CA ALA A 65 14.15 3.07 10.48
C ALA A 65 12.65 3.19 10.19
N ILE A 66 12.09 2.14 9.59
CA ILE A 66 10.65 2.11 9.28
C ILE A 66 9.83 2.11 10.57
N TYR A 67 10.36 1.44 11.59
CA TYR A 67 9.70 1.32 12.89
C TYR A 67 9.44 2.70 13.49
N GLU A 68 10.51 3.43 13.76
CA GLU A 68 10.43 4.71 14.46
C GLU A 68 9.76 5.79 13.60
N LYS A 69 9.90 5.68 12.28
CA LYS A 69 9.45 6.74 11.38
C LYS A 69 8.04 6.48 10.84
N PHE A 70 7.56 5.23 10.94
CA PHE A 70 6.25 4.87 10.38
C PHE A 70 5.40 4.06 11.37
N ILE A 71 5.98 2.98 11.90
CA ILE A 71 5.23 2.03 12.72
C ILE A 71 4.80 2.66 14.04
N GLN A 72 5.71 3.37 14.67
CA GLN A 72 5.48 3.94 16.00
C GLN A 72 4.49 5.10 15.93
N THR A 73 3.67 5.24 16.97
CA THR A 73 2.68 6.32 17.06
C THR A 73 3.33 7.58 17.67
N ASP A 74 4.64 7.70 17.46
CA ASP A 74 5.40 8.89 17.84
C ASP A 74 6.21 9.35 16.63
N ALA A 75 5.75 8.92 15.46
CA ALA A 75 6.49 9.09 14.21
C ALA A 75 6.20 10.45 13.56
N PRO A 76 7.10 10.91 12.67
CA PRO A 76 6.91 12.16 11.92
C PRO A 76 6.08 11.95 10.65
N LYS A 77 5.46 10.77 10.54
CA LYS A 77 4.61 10.45 9.40
C LYS A 77 3.26 9.94 9.88
N GLU A 78 3.29 9.05 10.88
CA GLU A 78 2.09 8.48 11.48
C GLU A 78 1.31 7.63 10.48
N VAL A 79 1.52 6.31 10.53
CA VAL A 79 0.79 5.38 9.66
C VAL A 79 -0.34 4.71 10.44
N ASN A 80 -1.52 4.66 9.83
CA ASN A 80 -2.72 4.12 10.46
C ASN A 80 -2.79 2.60 10.35
N LEU A 81 -1.62 1.96 10.25
CA LEU A 81 -1.52 0.50 10.26
C LEU A 81 -2.16 -0.08 11.52
N ASP A 82 -2.82 -1.23 11.37
CA ASP A 82 -3.56 -1.88 12.45
C ASP A 82 -2.74 -1.94 13.75
N PHE A 83 -3.36 -1.47 14.84
CA PHE A 83 -2.67 -1.36 16.13
C PHE A 83 -2.15 -2.71 16.61
N HIS A 84 -2.99 -3.74 16.50
CA HIS A 84 -2.62 -5.09 16.92
C HIS A 84 -1.43 -5.60 16.10
N THR A 85 -1.32 -5.12 14.86
CA THR A 85 -0.22 -5.52 14.00
C THR A 85 1.09 -4.90 14.47
N LYS A 86 1.07 -3.59 14.71
CA LYS A 86 2.28 -2.90 15.16
C LYS A 86 2.65 -3.36 16.57
N GLU A 87 1.67 -3.89 17.30
CA GLU A 87 1.90 -4.54 18.58
C GLU A 87 2.86 -5.72 18.37
N VAL A 88 2.52 -6.59 17.43
CA VAL A 88 3.38 -7.73 17.08
C VAL A 88 4.75 -7.22 16.61
N ILE A 89 4.74 -6.15 15.82
CA ILE A 89 5.97 -5.56 15.29
C ILE A 89 6.89 -5.10 16.42
N THR A 90 6.33 -4.44 17.43
CA THR A 90 7.14 -3.97 18.57
C THR A 90 7.77 -5.16 19.29
N ASN A 91 7.07 -6.29 19.27
CA ASN A 91 7.55 -7.52 19.90
C ASN A 91 8.57 -8.24 19.01
N SER A 92 8.60 -7.88 17.72
CA SER A 92 9.48 -8.54 16.76
C SER A 92 10.64 -7.64 16.31
N ILE A 93 10.53 -6.35 16.60
CA ILE A 93 11.48 -5.36 16.07
C ILE A 93 12.91 -5.57 16.58
N THR A 94 13.04 -6.25 17.71
CA THR A 94 14.37 -6.55 18.26
C THR A 94 15.21 -7.32 17.23
N GLN A 95 14.60 -8.31 16.59
CA GLN A 95 15.24 -9.11 15.56
C GLN A 95 14.18 -9.57 14.55
N PRO A 96 13.82 -8.69 13.60
CA PRO A 96 12.76 -8.96 12.62
C PRO A 96 13.22 -9.92 11.51
N THR A 97 12.48 -9.93 10.40
CA THR A 97 12.75 -10.84 9.30
C THR A 97 12.27 -10.21 7.98
N LEU A 98 12.70 -10.78 6.85
CA LEU A 98 12.35 -10.25 5.52
C LEU A 98 10.86 -9.96 5.41
N HIS A 99 10.04 -10.99 5.58
CA HIS A 99 8.58 -10.85 5.43
C HIS A 99 7.90 -10.61 6.78
N SER A 100 8.65 -10.08 7.74
CA SER A 100 8.08 -9.74 9.06
C SER A 100 7.07 -8.60 8.90
N PHE A 101 7.41 -7.65 8.05
CA PHE A 101 6.54 -6.50 7.78
C PHE A 101 5.56 -6.82 6.64
N ASP A 102 5.55 -8.06 6.20
CA ASP A 102 4.64 -8.50 5.15
C ASP A 102 3.22 -8.54 5.69
N ALA A 103 3.12 -8.89 6.97
CA ALA A 103 1.84 -8.84 7.68
C ALA A 103 1.33 -7.40 7.71
N ALA A 104 2.25 -6.46 7.98
CA ALA A 104 1.92 -5.03 7.97
C ALA A 104 1.39 -4.62 6.60
N GLN A 105 2.02 -5.15 5.55
CA GLN A 105 1.53 -4.95 4.19
C GLN A 105 0.07 -5.35 4.09
N SER A 106 -0.23 -6.57 4.50
CA SER A 106 -1.59 -7.11 4.42
C SER A 106 -2.60 -6.16 5.06
N ARG A 107 -2.27 -5.63 6.23
CA ARG A 107 -3.19 -4.78 7.00
C ARG A 107 -3.54 -3.51 6.22
N VAL A 108 -2.50 -2.83 5.74
CA VAL A 108 -2.67 -1.57 5.03
C VAL A 108 -3.27 -1.82 3.64
N TYR A 109 -2.76 -2.84 2.98
CA TYR A 109 -3.21 -3.22 1.64
C TYR A 109 -4.71 -3.52 1.65
N GLN A 110 -5.14 -4.40 2.55
CA GLN A 110 -6.54 -4.79 2.64
C GLN A 110 -7.39 -3.59 3.06
N LEU A 111 -6.80 -2.71 3.87
CA LEU A 111 -7.49 -1.52 4.36
C LEU A 111 -7.86 -0.61 3.19
N MET A 112 -6.87 -0.12 2.47
CA MET A 112 -7.13 0.79 1.35
C MET A 112 -7.84 0.05 0.22
N GLU A 113 -7.73 -1.27 0.19
CA GLU A 113 -8.47 -2.07 -0.78
C GLU A 113 -9.97 -1.93 -0.51
N GLN A 114 -10.38 -2.24 0.72
CA GLN A 114 -11.79 -2.21 1.09
C GLN A 114 -12.29 -0.78 1.34
N ASP A 115 -11.37 0.16 1.55
CA ASP A 115 -11.74 1.55 1.87
C ASP A 115 -11.33 2.54 0.79
N SER A 116 -10.77 2.06 -0.32
CA SER A 116 -10.41 2.94 -1.42
C SER A 116 -10.57 2.24 -2.78
N TYR A 117 -10.15 0.98 -2.89
CA TYR A 117 -10.27 0.25 -4.16
C TYR A 117 -11.74 0.01 -4.50
N THR A 118 -12.53 -0.31 -3.49
CA THR A 118 -13.97 -0.45 -3.66
C THR A 118 -14.56 0.85 -4.23
N ARG A 119 -14.28 1.94 -3.53
CA ARG A 119 -14.70 3.27 -3.96
C ARG A 119 -14.13 3.61 -5.34
N PHE A 120 -12.92 3.12 -5.61
CA PHE A 120 -12.27 3.36 -6.90
C PHE A 120 -13.11 2.75 -8.02
N LEU A 121 -13.58 1.53 -7.80
CA LEU A 121 -14.43 0.86 -8.79
C LEU A 121 -15.75 1.63 -8.97
N LYS A 122 -16.12 2.40 -7.94
CA LYS A 122 -17.35 3.19 -7.99
C LYS A 122 -17.07 4.67 -8.29
N SER A 123 -15.80 5.03 -8.48
CA SER A 123 -15.43 6.43 -8.71
C SER A 123 -15.78 6.85 -10.14
N ASP A 124 -16.15 8.11 -10.29
CA ASP A 124 -16.42 8.67 -11.62
C ASP A 124 -15.17 8.53 -12.49
N ILE A 125 -14.02 8.58 -11.84
CA ILE A 125 -12.73 8.37 -12.50
C ILE A 125 -12.69 7.01 -13.20
N TYR A 126 -13.10 5.96 -12.47
CA TYR A 126 -13.10 4.61 -13.01
C TYR A 126 -14.13 4.48 -14.14
N LEU A 127 -15.32 5.04 -13.91
CA LEU A 127 -16.37 5.03 -14.93
C LEU A 127 -15.92 5.78 -16.18
N ASP A 128 -15.13 6.83 -15.98
CA ASP A 128 -14.53 7.58 -17.08
C ASP A 128 -13.57 6.69 -17.86
N LEU A 129 -12.87 5.81 -17.14
CA LEU A 129 -11.96 4.85 -17.76
C LEU A 129 -12.72 3.70 -18.42
N MET A 130 -13.93 3.44 -17.92
CA MET A 130 -14.79 2.40 -18.48
C MET A 130 -15.32 2.83 -19.86
N GLU A 131 -15.76 4.09 -19.94
CA GLU A 131 -16.28 4.67 -21.18
C GLU A 131 -17.48 3.87 -21.70
N GLY A 132 -18.08 3.05 -20.82
CA GLY A 132 -19.15 2.16 -21.23
C GLY A 132 -20.52 2.81 -21.14
N ARG A 133 -20.55 4.11 -20.84
CA ARG A 133 -21.79 4.87 -20.70
C ARG A 133 -22.68 4.30 -19.59
N PRO A 134 -22.53 4.81 -18.35
CA PRO A 134 -23.26 4.31 -17.18
C PRO A 134 -24.78 4.27 -17.40
N SER A 1 -1.55 3.10 -27.14
CA SER A 1 -0.47 3.75 -26.38
C SER A 1 -0.56 3.41 -24.89
N MET A 2 -1.72 3.70 -24.29
CA MET A 2 -1.96 3.37 -22.88
C MET A 2 -2.99 2.26 -22.78
N VAL A 3 -3.47 2.00 -21.55
CA VAL A 3 -4.50 0.99 -21.31
C VAL A 3 -5.79 1.33 -22.05
N SER A 4 -6.46 0.31 -22.56
CA SER A 4 -7.75 0.47 -23.24
C SER A 4 -8.89 0.29 -22.24
N PRO A 5 -10.03 0.98 -22.44
CA PRO A 5 -11.18 0.95 -21.51
C PRO A 5 -11.61 -0.48 -21.14
N GLU A 6 -11.53 -1.39 -22.11
CA GLU A 6 -11.91 -2.78 -21.90
C GLU A 6 -10.95 -3.44 -20.89
N GLU A 7 -9.67 -3.13 -21.03
CA GLU A 7 -8.66 -3.65 -20.12
C GLU A 7 -8.85 -2.99 -18.74
N ALA A 8 -9.34 -1.77 -18.76
CA ALA A 8 -9.60 -1.02 -17.53
C ALA A 8 -10.74 -1.66 -16.73
N VAL A 9 -11.83 -2.03 -17.41
CA VAL A 9 -12.97 -2.67 -16.75
C VAL A 9 -12.58 -4.04 -16.20
N LYS A 10 -11.57 -4.65 -16.83
CA LYS A 10 -11.01 -5.91 -16.35
C LYS A 10 -10.50 -5.78 -14.91
N TRP A 11 -9.96 -4.60 -14.57
CA TRP A 11 -9.42 -4.35 -13.24
C TRP A 11 -10.50 -4.52 -12.17
N GLY A 12 -11.74 -4.20 -12.54
CA GLY A 12 -12.84 -4.15 -11.58
C GLY A 12 -13.21 -5.50 -10.98
N GLU A 13 -12.54 -6.57 -11.41
CA GLU A 13 -12.83 -7.90 -10.85
C GLU A 13 -11.91 -8.20 -9.67
N SER A 14 -10.69 -7.67 -9.70
CA SER A 14 -9.69 -7.98 -8.70
C SER A 14 -8.73 -6.80 -8.50
N PHE A 15 -8.63 -6.32 -7.27
CA PHE A 15 -7.70 -5.24 -6.91
C PHE A 15 -6.26 -5.67 -7.23
N ASP A 16 -6.01 -6.97 -7.10
CA ASP A 16 -4.72 -7.55 -7.45
C ASP A 16 -4.35 -7.21 -8.89
N LYS A 17 -5.33 -7.32 -9.80
CA LYS A 17 -5.13 -7.02 -11.20
C LYS A 17 -4.88 -5.52 -11.39
N LEU A 18 -5.67 -4.71 -10.68
CA LEU A 18 -5.52 -3.26 -10.71
C LEU A 18 -4.08 -2.87 -10.35
N LEU A 19 -3.51 -3.59 -9.40
CA LEU A 19 -2.14 -3.36 -8.95
C LEU A 19 -1.14 -3.90 -9.97
N SER A 20 -1.54 -4.92 -10.72
CA SER A 20 -0.66 -5.57 -11.70
C SER A 20 -0.35 -4.62 -12.87
N HIS A 21 -1.35 -3.83 -13.27
CA HIS A 21 -1.18 -2.89 -14.37
C HIS A 21 -0.62 -1.58 -13.84
N ARG A 22 0.54 -1.19 -14.37
CA ARG A 22 1.20 0.05 -13.95
C ARG A 22 0.28 1.25 -14.17
N ASP A 23 -0.60 1.12 -15.16
CA ASP A 23 -1.64 2.10 -15.43
C ASP A 23 -2.56 2.22 -14.21
N GLY A 24 -3.02 1.06 -13.74
CA GLY A 24 -3.90 1.00 -12.58
C GLY A 24 -3.20 1.52 -11.33
N LEU A 25 -1.96 1.08 -11.14
CA LEU A 25 -1.13 1.52 -10.02
C LEU A 25 -1.15 3.05 -9.89
N GLU A 26 -0.69 3.71 -10.93
CA GLU A 26 -0.56 5.17 -10.94
C GLU A 26 -1.90 5.83 -10.68
N ALA A 27 -2.93 5.42 -11.42
CA ALA A 27 -4.26 5.99 -11.29
C ALA A 27 -4.81 5.78 -9.88
N PHE A 28 -4.47 4.63 -9.29
CA PHE A 28 -4.98 4.26 -7.97
C PHE A 28 -4.29 5.05 -6.87
N THR A 29 -2.97 5.14 -6.96
CA THR A 29 -2.20 5.81 -5.91
C THR A 29 -2.48 7.29 -6.01
N ARG A 30 -2.80 7.73 -7.22
CA ARG A 30 -3.14 9.12 -7.46
C ARG A 30 -4.39 9.50 -6.66
N PHE A 31 -5.46 8.74 -6.85
CA PHE A 31 -6.72 8.98 -6.16
C PHE A 31 -6.53 8.98 -4.65
N LEU A 32 -5.61 8.13 -4.19
CA LEU A 32 -5.34 7.98 -2.77
C LEU A 32 -4.53 9.17 -2.24
N LYS A 33 -3.49 9.57 -2.98
CA LYS A 33 -2.68 10.72 -2.61
C LYS A 33 -3.54 11.98 -2.60
N THR A 34 -4.62 11.95 -3.36
CA THR A 34 -5.57 13.04 -3.43
C THR A 34 -6.21 13.31 -2.05
N GLU A 35 -6.42 12.25 -1.27
CA GLU A 35 -6.96 12.38 0.09
C GLU A 35 -5.83 12.23 1.12
N PHE A 36 -4.60 12.22 0.62
CA PHE A 36 -3.39 12.21 1.46
C PHE A 36 -3.23 10.93 2.27
N SER A 37 -4.08 9.94 2.00
CA SER A 37 -4.04 8.67 2.73
C SER A 37 -3.16 7.67 1.99
N GLU A 38 -2.02 8.16 1.51
CA GLU A 38 -1.12 7.35 0.68
C GLU A 38 -0.16 6.52 1.52
N GLU A 39 -0.29 6.61 2.85
CA GLU A 39 0.63 5.93 3.76
C GLU A 39 0.55 4.41 3.64
N ASN A 40 -0.63 3.89 3.31
CA ASN A 40 -0.85 2.44 3.24
C ASN A 40 -0.10 1.80 2.05
N ILE A 41 -0.39 2.27 0.84
CA ILE A 41 0.21 1.70 -0.36
C ILE A 41 1.72 1.90 -0.35
N GLU A 42 2.15 3.12 -0.02
CA GLU A 42 3.57 3.43 0.07
C GLU A 42 4.25 2.62 1.19
N PHE A 43 3.45 2.20 2.17
CA PHE A 43 3.98 1.40 3.28
C PHE A 43 4.54 0.08 2.79
N TRP A 44 3.68 -0.78 2.22
CA TRP A 44 4.15 -2.12 1.83
C TRP A 44 5.09 -2.04 0.62
N ILE A 45 5.02 -0.94 -0.13
CA ILE A 45 5.99 -0.67 -1.19
C ILE A 45 7.37 -0.42 -0.58
N ALA A 46 7.41 0.49 0.40
CA ALA A 46 8.66 0.81 1.09
C ALA A 46 9.19 -0.42 1.82
N CYS A 47 8.28 -1.30 2.23
CA CYS A 47 8.66 -2.51 2.93
C CYS A 47 9.42 -3.48 2.04
N GLU A 48 9.10 -3.52 0.74
CA GLU A 48 9.83 -4.38 -0.19
C GLU A 48 11.10 -3.67 -0.66
N ASP A 49 11.09 -2.35 -0.64
CA ASP A 49 12.30 -1.56 -0.82
C ASP A 49 13.27 -1.88 0.31
N PHE A 50 12.70 -2.15 1.47
CA PHE A 50 13.43 -2.59 2.66
C PHE A 50 13.93 -4.03 2.48
N LYS A 51 13.01 -4.95 2.22
CA LYS A 51 13.35 -6.38 2.23
C LYS A 51 13.93 -6.86 0.89
N LYS A 52 14.27 -5.92 0.00
CA LYS A 52 15.04 -6.27 -1.20
C LYS A 52 16.54 -6.18 -0.88
N SER A 53 16.86 -5.37 0.13
CA SER A 53 18.24 -5.27 0.62
C SER A 53 18.46 -6.30 1.73
N LYS A 54 19.43 -7.18 1.52
CA LYS A 54 19.65 -8.32 2.41
C LYS A 54 20.79 -8.05 3.40
N GLY A 55 21.30 -6.83 3.40
CA GLY A 55 22.37 -6.46 4.30
C GLY A 55 21.91 -6.45 5.75
N PRO A 56 22.57 -7.23 6.64
CA PRO A 56 22.17 -7.32 8.05
C PRO A 56 22.09 -5.94 8.72
N GLN A 57 23.13 -5.13 8.50
CA GLN A 57 23.16 -3.77 9.05
C GLN A 57 22.03 -2.94 8.45
N GLN A 58 21.83 -3.13 7.16
CA GLN A 58 20.81 -2.41 6.39
C GLN A 58 19.42 -2.67 6.98
N ILE A 59 19.16 -3.93 7.32
CA ILE A 59 17.86 -4.34 7.86
C ILE A 59 17.49 -3.56 9.12
N HIS A 60 18.42 -3.49 10.07
CA HIS A 60 18.14 -2.88 11.37
C HIS A 60 17.82 -1.40 11.24
N LEU A 61 18.73 -0.64 10.61
CA LEU A 61 18.58 0.81 10.51
C LEU A 61 17.34 1.19 9.68
N LYS A 62 16.99 0.36 8.70
CA LYS A 62 15.79 0.59 7.89
C LYS A 62 14.55 0.31 8.71
N ALA A 63 14.49 -0.88 9.30
CA ALA A 63 13.33 -1.29 10.10
C ALA A 63 13.07 -0.31 11.24
N LYS A 64 14.15 0.18 11.84
CA LYS A 64 14.05 1.14 12.94
C LYS A 64 13.43 2.45 12.45
N ALA A 65 13.85 2.89 11.26
CA ALA A 65 13.32 4.11 10.66
C ALA A 65 11.83 3.94 10.34
N ILE A 66 11.50 2.86 9.65
CA ILE A 66 10.11 2.55 9.30
C ILE A 66 9.25 2.45 10.57
N TYR A 67 9.86 1.90 11.61
CA TYR A 67 9.20 1.75 12.90
C TYR A 67 8.70 3.10 13.41
N GLU A 68 9.64 4.01 13.67
CA GLU A 68 9.34 5.31 14.25
C GLU A 68 8.47 6.16 13.35
N LYS A 69 8.68 6.05 12.04
CA LYS A 69 8.06 6.96 11.08
C LYS A 69 6.70 6.45 10.58
N PHE A 70 6.49 5.14 10.62
CA PHE A 70 5.27 4.53 10.05
C PHE A 70 4.55 3.63 11.05
N ILE A 71 5.30 2.74 11.69
CA ILE A 71 4.71 1.72 12.57
C ILE A 71 4.16 2.35 13.85
N GLN A 72 4.88 3.33 14.37
CA GLN A 72 4.53 3.97 15.62
C GLN A 72 3.15 4.63 15.54
N THR A 73 2.38 4.55 16.62
CA THR A 73 1.05 5.13 16.67
C THR A 73 1.14 6.66 16.80
N ASP A 74 2.15 7.13 17.52
CA ASP A 74 2.43 8.56 17.64
C ASP A 74 3.44 9.00 16.59
N ALA A 75 3.47 8.28 15.46
CA ALA A 75 4.33 8.62 14.34
C ALA A 75 3.83 9.89 13.64
N PRO A 76 4.69 10.56 12.84
CA PRO A 76 4.33 11.80 12.14
C PRO A 76 3.10 11.62 11.25
N LYS A 77 2.95 10.43 10.67
CA LYS A 77 1.78 10.11 9.85
C LYS A 77 1.07 8.87 10.39
N GLU A 78 1.86 7.80 10.60
CA GLU A 78 1.32 6.51 11.02
C GLU A 78 0.53 5.85 9.89
N VAL A 79 0.69 4.55 9.74
CA VAL A 79 -0.07 3.78 8.77
C VAL A 79 -1.28 3.15 9.45
N ASN A 80 -2.37 2.98 8.70
CA ASN A 80 -3.62 2.43 9.24
C ASN A 80 -3.52 0.94 9.58
N LEU A 81 -2.28 0.44 9.69
CA LEU A 81 -2.03 -0.94 10.09
C LEU A 81 -2.58 -1.22 11.49
N ASP A 82 -3.09 -2.45 11.67
CA ASP A 82 -3.72 -2.87 12.92
C ASP A 82 -2.79 -2.66 14.12
N PHE A 83 -3.37 -2.27 15.25
CA PHE A 83 -2.62 -2.00 16.47
C PHE A 83 -1.91 -3.26 16.96
N HIS A 84 -2.60 -4.39 16.96
CA HIS A 84 -2.02 -5.64 17.42
C HIS A 84 -0.90 -6.10 16.49
N THR A 85 -1.02 -5.76 15.22
CA THR A 85 0.02 -6.10 14.24
C THR A 85 1.29 -5.29 14.52
N LYS A 86 1.13 -3.98 14.70
CA LYS A 86 2.27 -3.11 15.01
C LYS A 86 2.82 -3.47 16.39
N GLU A 87 1.95 -3.97 17.25
CA GLU A 87 2.33 -4.41 18.59
C GLU A 87 3.38 -5.53 18.51
N VAL A 88 3.10 -6.53 17.69
CA VAL A 88 4.04 -7.62 17.46
C VAL A 88 5.37 -7.04 16.96
N ILE A 89 5.28 -6.05 16.09
CA ILE A 89 6.45 -5.37 15.54
C ILE A 89 7.23 -4.63 16.64
N THR A 90 6.51 -3.96 17.53
CA THR A 90 7.15 -3.19 18.61
C THR A 90 7.96 -4.11 19.53
N ASN A 91 7.57 -5.38 19.59
CA ASN A 91 8.27 -6.36 20.42
C ASN A 91 9.38 -7.05 19.62
N SER A 92 9.24 -7.07 18.29
CA SER A 92 10.19 -7.77 17.42
C SER A 92 11.22 -6.80 16.83
N ILE A 93 11.00 -5.50 17.01
CA ILE A 93 11.85 -4.47 16.39
C ILE A 93 13.31 -4.57 16.86
N THR A 94 13.52 -5.13 18.05
CA THR A 94 14.86 -5.26 18.60
C THR A 94 15.68 -6.29 17.80
N GLN A 95 14.98 -7.20 17.14
CA GLN A 95 15.62 -8.24 16.33
C GLN A 95 14.75 -8.54 15.10
N PRO A 96 14.79 -7.64 14.09
CA PRO A 96 13.98 -7.79 12.88
C PRO A 96 14.62 -8.72 11.86
N THR A 97 13.79 -9.35 11.03
CA THR A 97 14.25 -10.22 9.96
C THR A 97 13.97 -9.57 8.59
N LEU A 98 14.45 -10.21 7.52
CA LEU A 98 14.29 -9.68 6.16
C LEU A 98 12.81 -9.50 5.81
N HIS A 99 12.06 -10.58 5.92
CA HIS A 99 10.67 -10.60 5.45
C HIS A 99 9.69 -10.32 6.60
N SER A 100 10.23 -9.86 7.73
CA SER A 100 9.46 -9.70 8.98
C SER A 100 8.09 -9.06 8.77
N PHE A 101 8.05 -7.97 8.01
CA PHE A 101 6.83 -7.16 7.87
C PHE A 101 5.81 -7.77 6.90
N ASP A 102 6.00 -9.03 6.48
CA ASP A 102 5.08 -9.65 5.52
C ASP A 102 3.66 -9.72 6.06
N ALA A 103 3.52 -10.00 7.35
CA ALA A 103 2.21 -10.01 8.00
C ALA A 103 1.56 -8.63 7.90
N ALA A 104 2.38 -7.59 8.04
CA ALA A 104 1.91 -6.21 7.96
C ALA A 104 1.44 -5.87 6.55
N GLN A 105 2.13 -6.42 5.55
CA GLN A 105 1.78 -6.18 4.15
C GLN A 105 0.34 -6.58 3.90
N SER A 106 0.01 -7.79 4.35
CA SER A 106 -1.32 -8.36 4.18
C SER A 106 -2.38 -7.48 4.84
N ARG A 107 -2.12 -7.09 6.10
CA ARG A 107 -3.07 -6.28 6.87
C ARG A 107 -3.36 -4.96 6.17
N VAL A 108 -2.30 -4.28 5.75
CA VAL A 108 -2.42 -2.98 5.09
C VAL A 108 -3.13 -3.11 3.75
N TYR A 109 -2.78 -4.14 2.99
CA TYR A 109 -3.33 -4.35 1.66
C TYR A 109 -4.84 -4.62 1.72
N GLN A 110 -5.27 -5.46 2.67
CA GLN A 110 -6.68 -5.86 2.76
C GLN A 110 -7.56 -4.69 3.19
N LEU A 111 -7.06 -3.84 4.11
CA LEU A 111 -7.83 -2.69 4.57
C LEU A 111 -7.87 -1.62 3.49
N MET A 112 -6.87 -1.64 2.62
CA MET A 112 -6.82 -0.74 1.46
C MET A 112 -7.95 -1.07 0.50
N GLU A 113 -8.06 -2.35 0.16
CA GLU A 113 -9.06 -2.82 -0.79
C GLU A 113 -10.46 -2.41 -0.35
N GLN A 114 -10.85 -2.82 0.87
CA GLN A 114 -12.21 -2.66 1.36
C GLN A 114 -12.65 -1.18 1.44
N ASP A 115 -11.71 -0.26 1.26
CA ASP A 115 -12.02 1.18 1.30
C ASP A 115 -11.53 1.88 0.03
N SER A 116 -10.22 1.99 -0.12
CA SER A 116 -9.62 2.72 -1.23
C SER A 116 -10.02 2.11 -2.59
N TYR A 117 -10.09 0.77 -2.67
CA TYR A 117 -10.40 0.10 -3.93
C TYR A 117 -11.86 0.31 -4.31
N THR A 118 -12.74 0.23 -3.31
CA THR A 118 -14.17 0.46 -3.53
C THR A 118 -14.41 1.91 -3.95
N ARG A 119 -13.74 2.83 -3.23
CA ARG A 119 -13.78 4.25 -3.59
C ARG A 119 -13.32 4.44 -5.04
N PHE A 120 -12.26 3.75 -5.42
CA PHE A 120 -11.73 3.82 -6.77
C PHE A 120 -12.79 3.38 -7.78
N LEU A 121 -13.53 2.33 -7.45
CA LEU A 121 -14.59 1.83 -8.33
C LEU A 121 -15.78 2.78 -8.34
N LYS A 122 -15.82 3.70 -7.38
CA LYS A 122 -16.90 4.68 -7.29
C LYS A 122 -16.40 6.11 -7.55
N SER A 123 -15.14 6.24 -7.95
CA SER A 123 -14.55 7.55 -8.21
C SER A 123 -14.87 8.03 -9.62
N ASP A 124 -14.98 9.35 -9.79
CA ASP A 124 -15.17 9.95 -11.11
C ASP A 124 -13.99 9.59 -12.00
N ILE A 125 -12.83 9.41 -11.38
CA ILE A 125 -11.60 9.04 -12.07
C ILE A 125 -11.80 7.76 -12.89
N TYR A 126 -12.21 6.68 -12.22
CA TYR A 126 -12.40 5.40 -12.89
C TYR A 126 -13.54 5.48 -13.90
N LEU A 127 -14.60 6.21 -13.53
CA LEU A 127 -15.75 6.40 -14.41
C LEU A 127 -15.35 7.20 -15.65
N ASP A 128 -14.34 8.05 -15.48
CA ASP A 128 -13.82 8.86 -16.58
C ASP A 128 -13.05 7.99 -17.56
N LEU A 129 -12.33 7.01 -17.01
CA LEU A 129 -11.60 6.04 -17.83
C LEU A 129 -12.58 5.19 -18.64
N MET A 130 -13.76 4.98 -18.07
CA MET A 130 -14.84 4.25 -18.76
C MET A 130 -15.38 5.10 -19.90
N GLU A 131 -15.77 6.34 -19.55
CA GLU A 131 -16.34 7.30 -20.51
C GLU A 131 -17.64 6.74 -21.12
N GLY A 132 -18.27 5.81 -20.41
CA GLY A 132 -19.52 5.24 -20.89
C GLY A 132 -20.66 6.23 -20.85
N ARG A 133 -20.50 7.25 -20.02
CA ARG A 133 -21.49 8.31 -19.87
C ARG A 133 -20.93 9.44 -19.01
N PRO A 134 -20.59 10.59 -19.64
CA PRO A 134 -20.05 11.76 -18.92
C PRO A 134 -21.16 12.55 -18.22
N SER A 1 0.11 5.71 -20.82
CA SER A 1 -0.51 4.67 -19.98
C SER A 1 -1.98 4.98 -19.72
N MET A 2 -2.85 4.49 -20.60
CA MET A 2 -4.29 4.66 -20.47
C MET A 2 -5.00 3.36 -20.78
N VAL A 3 -5.80 2.88 -19.83
CA VAL A 3 -6.45 1.58 -19.93
C VAL A 3 -7.66 1.61 -20.86
N SER A 4 -7.97 0.47 -21.46
CA SER A 4 -9.18 0.30 -22.25
C SER A 4 -10.29 -0.32 -21.37
N PRO A 5 -11.57 0.00 -21.66
CA PRO A 5 -12.71 -0.38 -20.81
C PRO A 5 -12.66 -1.84 -20.34
N GLU A 6 -12.37 -2.76 -21.25
CA GLU A 6 -12.37 -4.19 -20.94
C GLU A 6 -11.34 -4.53 -19.86
N GLU A 7 -10.12 -4.03 -20.02
CA GLU A 7 -9.06 -4.26 -19.04
C GLU A 7 -9.44 -3.59 -17.71
N ALA A 8 -10.11 -2.44 -17.80
CA ALA A 8 -10.53 -1.69 -16.62
C ALA A 8 -11.52 -2.50 -15.77
N VAL A 9 -12.41 -3.25 -16.43
CA VAL A 9 -13.39 -4.05 -15.69
C VAL A 9 -12.73 -5.30 -15.10
N LYS A 10 -11.64 -5.74 -15.74
CA LYS A 10 -10.87 -6.89 -15.24
C LYS A 10 -10.35 -6.60 -13.84
N TRP A 11 -10.00 -5.34 -13.60
CA TRP A 11 -9.50 -4.92 -12.29
C TRP A 11 -10.54 -5.13 -11.20
N GLY A 12 -11.80 -5.21 -11.61
CA GLY A 12 -12.90 -5.38 -10.68
C GLY A 12 -12.84 -6.71 -9.94
N GLU A 13 -12.01 -7.64 -10.42
CA GLU A 13 -11.88 -8.94 -9.77
C GLU A 13 -10.98 -8.87 -8.53
N SER A 14 -10.11 -7.85 -8.49
CA SER A 14 -9.18 -7.71 -7.39
C SER A 14 -8.43 -6.38 -7.43
N PHE A 15 -8.40 -5.70 -6.28
CA PHE A 15 -7.64 -4.48 -6.12
C PHE A 15 -6.16 -4.74 -6.38
N ASP A 16 -5.74 -5.98 -6.09
CA ASP A 16 -4.37 -6.42 -6.37
C ASP A 16 -4.02 -6.21 -7.84
N LYS A 17 -4.96 -6.57 -8.72
CA LYS A 17 -4.77 -6.42 -10.15
C LYS A 17 -4.70 -4.95 -10.53
N LEU A 18 -5.56 -4.14 -9.92
CA LEU A 18 -5.54 -2.69 -10.11
C LEU A 18 -4.18 -2.12 -9.71
N LEU A 19 -3.63 -2.63 -8.61
CA LEU A 19 -2.38 -2.15 -8.05
C LEU A 19 -1.18 -2.61 -8.89
N SER A 20 -1.26 -3.82 -9.42
CA SER A 20 -0.16 -4.40 -10.18
C SER A 20 -0.12 -3.86 -11.62
N HIS A 21 -1.27 -3.39 -12.11
CA HIS A 21 -1.33 -2.79 -13.44
C HIS A 21 -0.69 -1.41 -13.38
N ARG A 22 0.42 -1.23 -14.08
CA ARG A 22 1.23 0.00 -13.94
C ARG A 22 0.39 1.25 -14.21
N ASP A 23 -0.43 1.18 -15.25
CA ASP A 23 -1.35 2.27 -15.59
C ASP A 23 -2.46 2.38 -14.56
N GLY A 24 -2.87 1.24 -14.00
CA GLY A 24 -3.89 1.22 -12.96
C GLY A 24 -3.42 1.93 -11.71
N LEU A 25 -2.27 1.50 -11.21
CA LEU A 25 -1.60 2.13 -10.08
C LEU A 25 -1.40 3.62 -10.36
N GLU A 26 -1.04 3.95 -11.60
CA GLU A 26 -0.85 5.35 -12.00
C GLU A 26 -2.16 6.12 -11.85
N ALA A 27 -3.26 5.50 -12.25
CA ALA A 27 -4.59 6.11 -12.12
C ALA A 27 -4.98 6.20 -10.65
N PHE A 28 -4.62 5.18 -9.89
CA PHE A 28 -5.01 5.07 -8.49
C PHE A 28 -4.29 6.11 -7.65
N THR A 29 -2.99 6.31 -7.89
CA THR A 29 -2.23 7.31 -7.14
C THR A 29 -2.75 8.70 -7.47
N ARG A 30 -2.99 8.96 -8.76
CA ARG A 30 -3.52 10.26 -9.19
C ARG A 30 -4.86 10.56 -8.50
N PHE A 31 -5.57 9.51 -8.13
CA PHE A 31 -6.81 9.64 -7.37
C PHE A 31 -6.50 9.78 -5.86
N LEU A 32 -5.54 8.98 -5.39
CA LEU A 32 -5.27 8.86 -3.95
C LEU A 32 -4.50 10.08 -3.42
N LYS A 33 -3.83 10.81 -4.32
CA LYS A 33 -3.04 11.97 -3.94
C LYS A 33 -3.92 13.07 -3.30
N THR A 34 -5.18 13.13 -3.72
CA THR A 34 -6.09 14.18 -3.27
C THR A 34 -6.36 14.05 -1.77
N GLU A 35 -6.35 12.82 -1.25
CA GLU A 35 -6.58 12.58 0.17
C GLU A 35 -5.26 12.32 0.90
N PHE A 36 -4.15 12.52 0.18
CA PHE A 36 -2.81 12.43 0.76
C PHE A 36 -2.52 11.05 1.35
N SER A 37 -3.29 10.05 0.92
CA SER A 37 -3.16 8.70 1.46
C SER A 37 -2.06 7.93 0.69
N GLU A 38 -1.44 8.61 -0.27
CA GLU A 38 -0.38 8.01 -1.08
C GLU A 38 0.78 7.52 -0.21
N GLU A 39 1.01 8.20 0.92
CA GLU A 39 2.09 7.83 1.82
C GLU A 39 1.88 6.41 2.37
N ASN A 40 0.64 5.94 2.37
CA ASN A 40 0.33 4.57 2.75
C ASN A 40 0.88 3.61 1.70
N ILE A 41 0.75 4.01 0.43
CA ILE A 41 1.34 3.27 -0.66
C ILE A 41 2.86 3.27 -0.52
N GLU A 42 3.42 4.47 -0.32
CA GLU A 42 4.85 4.63 -0.12
C GLU A 42 5.33 3.87 1.10
N PHE A 43 4.43 3.68 2.07
CA PHE A 43 4.73 2.90 3.26
C PHE A 43 5.14 1.49 2.88
N TRP A 44 4.23 0.74 2.27
CA TRP A 44 4.55 -0.65 1.91
C TRP A 44 5.49 -0.72 0.71
N ILE A 45 5.64 0.39 0.00
CA ILE A 45 6.70 0.51 -1.00
C ILE A 45 8.06 0.40 -0.31
N ALA A 46 8.21 1.13 0.80
CA ALA A 46 9.42 1.08 1.61
C ALA A 46 9.55 -0.29 2.27
N CYS A 47 8.42 -0.92 2.55
CA CYS A 47 8.39 -2.27 3.10
C CYS A 47 9.01 -3.26 2.11
N GLU A 48 8.62 -3.17 0.84
CA GLU A 48 9.18 -4.04 -0.19
C GLU A 48 10.68 -3.78 -0.34
N ASP A 49 11.07 -2.51 -0.20
CA ASP A 49 12.49 -2.15 -0.18
C ASP A 49 13.21 -2.90 0.92
N PHE A 50 12.61 -2.90 2.11
CA PHE A 50 13.12 -3.62 3.27
C PHE A 50 13.20 -5.12 2.96
N LYS A 51 12.18 -5.61 2.26
CA LYS A 51 12.08 -7.03 1.92
C LYS A 51 13.10 -7.44 0.85
N LYS A 52 13.51 -6.49 0.02
CA LYS A 52 14.46 -6.79 -1.07
C LYS A 52 15.87 -6.27 -0.75
N SER A 53 16.02 -5.61 0.39
CA SER A 53 17.33 -5.12 0.82
C SER A 53 18.15 -6.26 1.42
N LYS A 54 19.42 -6.33 1.04
CA LYS A 54 20.32 -7.36 1.52
C LYS A 54 21.32 -6.77 2.52
N GLY A 55 21.82 -7.63 3.41
CA GLY A 55 22.71 -7.19 4.46
C GLY A 55 21.96 -7.02 5.77
N PRO A 56 22.23 -7.89 6.77
CA PRO A 56 21.53 -7.85 8.06
C PRO A 56 21.55 -6.45 8.68
N GLN A 57 22.69 -5.77 8.54
CA GLN A 57 22.86 -4.41 9.05
C GLN A 57 21.76 -3.50 8.52
N GLN A 58 21.57 -3.56 7.21
CA GLN A 58 20.57 -2.76 6.51
C GLN A 58 19.18 -3.06 7.08
N ILE A 59 18.92 -4.33 7.28
CA ILE A 59 17.62 -4.80 7.79
C ILE A 59 17.33 -4.23 9.18
N HIS A 60 18.32 -4.29 10.06
CA HIS A 60 18.13 -3.88 11.45
C HIS A 60 17.79 -2.39 11.55
N LEU A 61 18.55 -1.56 10.86
CA LEU A 61 18.36 -0.11 10.92
C LEU A 61 17.10 0.33 10.19
N LYS A 62 16.80 -0.31 9.05
CA LYS A 62 15.59 0.00 8.29
C LYS A 62 14.34 -0.36 9.10
N ALA A 63 14.41 -1.47 9.82
CA ALA A 63 13.33 -1.90 10.68
C ALA A 63 12.98 -0.81 11.69
N LYS A 64 14.02 -0.27 12.33
CA LYS A 64 13.84 0.79 13.33
C LYS A 64 13.22 2.04 12.71
N ALA A 65 13.67 2.38 11.50
CA ALA A 65 13.20 3.57 10.79
C ALA A 65 11.69 3.48 10.51
N ILE A 66 11.29 2.41 9.83
CA ILE A 66 9.88 2.20 9.50
C ILE A 66 9.03 2.12 10.76
N TYR A 67 9.61 1.51 11.79
CA TYR A 67 8.95 1.33 13.08
C TYR A 67 8.54 2.68 13.68
N GLU A 68 9.53 3.47 14.07
CA GLU A 68 9.29 4.71 14.80
C GLU A 68 8.47 5.70 13.97
N LYS A 69 8.65 5.66 12.65
CA LYS A 69 8.06 6.65 11.76
C LYS A 69 6.59 6.32 11.42
N PHE A 70 6.25 5.03 11.35
CA PHE A 70 4.90 4.63 10.93
C PHE A 70 4.26 3.59 11.85
N ILE A 71 5.02 2.56 12.21
CA ILE A 71 4.47 1.43 12.97
C ILE A 71 4.12 1.84 14.40
N GLN A 72 4.94 2.71 14.98
CA GLN A 72 4.79 3.14 16.36
C GLN A 72 3.41 3.78 16.58
N THR A 73 2.79 3.46 17.71
CA THR A 73 1.46 3.98 18.05
C THR A 73 1.56 5.41 18.60
N ASP A 74 2.76 5.98 18.49
CA ASP A 74 3.01 7.38 18.81
C ASP A 74 3.83 8.00 17.69
N ALA A 75 3.71 7.40 16.50
CA ALA A 75 4.45 7.84 15.32
C ALA A 75 3.93 9.19 14.81
N PRO A 76 4.78 9.94 14.08
CA PRO A 76 4.40 11.26 13.53
C PRO A 76 3.24 11.18 12.54
N LYS A 77 3.07 10.01 11.94
CA LYS A 77 1.98 9.79 10.98
C LYS A 77 0.98 8.75 11.48
N GLU A 78 1.50 7.56 11.78
CA GLU A 78 0.67 6.40 12.16
C GLU A 78 -0.21 5.96 11.00
N VAL A 79 0.04 4.75 10.51
CA VAL A 79 -0.73 4.19 9.40
C VAL A 79 -1.91 3.37 9.95
N ASN A 80 -2.35 3.71 11.16
CA ASN A 80 -3.48 3.06 11.85
C ASN A 80 -3.44 1.53 11.72
N LEU A 81 -2.23 1.00 11.56
CA LEU A 81 -2.00 -0.44 11.39
C LEU A 81 -2.60 -1.26 12.55
N ASP A 82 -3.08 -2.45 12.20
CA ASP A 82 -3.68 -3.38 13.16
C ASP A 82 -2.81 -3.57 14.40
N PHE A 83 -3.44 -3.62 15.57
CA PHE A 83 -2.74 -3.68 16.84
C PHE A 83 -1.92 -4.97 16.99
N HIS A 84 -2.49 -6.11 16.57
CA HIS A 84 -1.80 -7.38 16.69
C HIS A 84 -0.63 -7.45 15.72
N THR A 85 -0.74 -6.75 14.60
CA THR A 85 0.35 -6.65 13.65
C THR A 85 1.47 -5.81 14.25
N LYS A 86 1.08 -4.72 14.94
CA LYS A 86 2.02 -3.92 15.72
C LYS A 86 2.75 -4.82 16.71
N GLU A 87 1.98 -5.64 17.40
CA GLU A 87 2.49 -6.57 18.41
C GLU A 87 3.64 -7.41 17.85
N VAL A 88 3.37 -8.10 16.74
CA VAL A 88 4.38 -8.95 16.11
C VAL A 88 5.66 -8.16 15.82
N ILE A 89 5.48 -6.95 15.30
CA ILE A 89 6.60 -6.09 14.95
C ILE A 89 7.37 -5.66 16.20
N THR A 90 6.66 -5.32 17.27
CA THR A 90 7.30 -4.88 18.51
C THR A 90 8.09 -6.02 19.14
N ASN A 91 7.76 -7.25 18.76
CA ASN A 91 8.42 -8.44 19.30
C ASN A 91 9.68 -8.77 18.50
N SER A 92 9.68 -8.46 17.21
CA SER A 92 10.78 -8.79 16.32
C SER A 92 11.61 -7.57 15.93
N ILE A 93 11.16 -6.39 16.35
CA ILE A 93 11.78 -5.11 15.96
C ILE A 93 13.28 -5.10 16.26
N THR A 94 13.70 -5.85 17.27
CA THR A 94 15.10 -5.95 17.64
C THR A 94 15.95 -6.39 16.43
N GLN A 95 15.49 -7.45 15.76
CA GLN A 95 16.21 -8.02 14.61
C GLN A 95 15.27 -8.90 13.80
N PRO A 96 14.47 -8.28 12.92
CA PRO A 96 13.43 -8.98 12.16
C PRO A 96 13.96 -9.61 10.87
N THR A 97 13.14 -10.47 10.27
CA THR A 97 13.48 -11.16 9.03
C THR A 97 13.10 -10.29 7.83
N LEU A 98 13.55 -10.70 6.63
CA LEU A 98 13.32 -9.92 5.39
C LEU A 98 11.85 -9.54 5.22
N HIS A 99 10.96 -10.52 5.36
CA HIS A 99 9.53 -10.32 5.13
C HIS A 99 8.77 -10.15 6.45
N SER A 100 9.43 -9.55 7.44
CA SER A 100 8.80 -9.32 8.74
C SER A 100 7.63 -8.34 8.62
N PHE A 101 7.87 -7.21 7.97
CA PHE A 101 6.86 -6.17 7.77
C PHE A 101 5.89 -6.55 6.64
N ASP A 102 6.02 -7.75 6.11
CA ASP A 102 5.15 -8.23 5.02
C ASP A 102 3.69 -8.20 5.46
N ALA A 103 3.47 -8.53 6.74
CA ALA A 103 2.15 -8.43 7.34
C ALA A 103 1.62 -7.00 7.25
N ALA A 104 2.49 -6.05 7.57
CA ALA A 104 2.13 -4.63 7.54
C ALA A 104 1.73 -4.21 6.13
N GLN A 105 2.45 -4.74 5.13
CA GLN A 105 2.14 -4.50 3.73
C GLN A 105 0.71 -4.94 3.44
N SER A 106 0.40 -6.18 3.81
CA SER A 106 -0.91 -6.77 3.57
C SER A 106 -2.00 -5.98 4.30
N ARG A 107 -1.68 -5.52 5.51
CA ARG A 107 -2.64 -4.76 6.32
C ARG A 107 -2.98 -3.42 5.68
N VAL A 108 -1.97 -2.61 5.42
CA VAL A 108 -2.19 -1.29 4.84
C VAL A 108 -2.88 -1.39 3.49
N TYR A 109 -2.46 -2.37 2.70
CA TYR A 109 -3.07 -2.63 1.39
C TYR A 109 -4.57 -2.86 1.51
N GLN A 110 -4.97 -3.74 2.43
CA GLN A 110 -6.38 -4.09 2.58
C GLN A 110 -7.17 -2.94 3.22
N LEU A 111 -6.44 -2.01 3.86
CA LEU A 111 -7.07 -0.84 4.48
C LEU A 111 -7.66 0.09 3.43
N MET A 112 -6.81 0.58 2.51
CA MET A 112 -7.30 1.50 1.47
C MET A 112 -8.08 0.74 0.41
N GLU A 113 -7.93 -0.59 0.39
CA GLU A 113 -8.74 -1.43 -0.48
C GLU A 113 -10.22 -1.26 -0.14
N GLN A 114 -10.58 -1.61 1.09
CA GLN A 114 -11.98 -1.64 1.52
C GLN A 114 -12.59 -0.25 1.63
N ASP A 115 -11.84 0.78 1.22
CA ASP A 115 -12.36 2.15 1.21
C ASP A 115 -12.13 2.82 -0.14
N SER A 116 -10.86 3.05 -0.46
CA SER A 116 -10.48 3.82 -1.64
C SER A 116 -10.73 3.05 -2.94
N TYR A 117 -10.68 1.72 -2.89
CA TYR A 117 -10.90 0.90 -4.09
C TYR A 117 -12.32 1.06 -4.61
N THR A 118 -13.30 0.98 -3.71
CA THR A 118 -14.70 1.13 -4.09
C THR A 118 -14.96 2.55 -4.61
N ARG A 119 -14.39 3.53 -3.92
CA ARG A 119 -14.47 4.93 -4.36
C ARG A 119 -13.88 5.07 -5.76
N PHE A 120 -12.75 4.40 -5.99
CA PHE A 120 -12.09 4.43 -7.29
C PHE A 120 -13.00 3.85 -8.36
N LEU A 121 -13.67 2.74 -8.05
CA LEU A 121 -14.54 2.07 -9.00
C LEU A 121 -15.68 2.99 -9.48
N LYS A 122 -16.14 3.88 -8.61
CA LYS A 122 -17.23 4.79 -8.96
C LYS A 122 -16.74 6.25 -9.07
N SER A 123 -15.43 6.45 -9.08
CA SER A 123 -14.87 7.78 -9.23
C SER A 123 -14.99 8.26 -10.67
N ASP A 124 -14.97 9.59 -10.86
CA ASP A 124 -14.98 10.19 -12.20
C ASP A 124 -13.82 9.65 -13.02
N ILE A 125 -12.73 9.31 -12.33
CA ILE A 125 -11.52 8.80 -12.97
C ILE A 125 -11.82 7.47 -13.67
N TYR A 126 -12.46 6.55 -12.94
CA TYR A 126 -12.74 5.23 -13.49
C TYR A 126 -13.74 5.32 -14.63
N LEU A 127 -14.69 6.26 -14.53
CA LEU A 127 -15.65 6.49 -15.61
C LEU A 127 -14.93 7.04 -16.84
N ASP A 128 -13.90 7.83 -16.60
CA ASP A 128 -13.06 8.36 -17.68
C ASP A 128 -12.26 7.23 -18.31
N LEU A 129 -11.88 6.26 -17.47
CA LEU A 129 -11.17 5.06 -17.94
C LEU A 129 -12.13 4.12 -18.67
N MET A 130 -13.39 4.12 -18.23
CA MET A 130 -14.43 3.32 -18.89
C MET A 130 -14.54 3.72 -20.36
N GLU A 131 -14.75 5.02 -20.59
CA GLU A 131 -14.80 5.59 -21.94
C GLU A 131 -16.05 5.13 -22.69
N GLY A 132 -16.12 3.83 -22.96
CA GLY A 132 -17.17 3.28 -23.81
C GLY A 132 -18.52 3.25 -23.12
N ARG A 133 -18.55 2.83 -21.87
CA ARG A 133 -19.81 2.70 -21.13
C ARG A 133 -19.89 3.69 -19.96
N PRO A 134 -20.57 4.84 -20.17
CA PRO A 134 -20.86 5.78 -19.10
C PRO A 134 -22.18 5.44 -18.40
N SER A 1 -2.47 2.84 -23.74
CA SER A 1 -3.36 3.99 -23.47
C SER A 1 -4.82 3.59 -23.70
N MET A 2 -5.73 4.35 -23.10
CA MET A 2 -7.17 4.12 -23.24
C MET A 2 -7.55 2.71 -22.78
N VAL A 3 -7.76 2.56 -21.48
CA VAL A 3 -8.18 1.30 -20.89
C VAL A 3 -9.60 0.95 -21.36
N SER A 4 -9.79 -0.28 -21.80
CA SER A 4 -11.10 -0.76 -22.24
C SER A 4 -12.11 -0.71 -21.09
N PRO A 5 -13.37 -0.34 -21.35
CA PRO A 5 -14.41 -0.25 -20.31
C PRO A 5 -14.56 -1.57 -19.55
N GLU A 6 -14.38 -2.68 -20.25
CA GLU A 6 -14.45 -4.01 -19.65
C GLU A 6 -13.29 -4.18 -18.66
N GLU A 7 -12.09 -3.85 -19.13
CA GLU A 7 -10.90 -3.88 -18.28
C GLU A 7 -11.10 -3.01 -17.04
N ALA A 8 -11.66 -1.82 -17.25
CA ALA A 8 -11.90 -0.87 -16.17
C ALA A 8 -12.80 -1.46 -15.09
N VAL A 9 -14.00 -1.90 -15.50
CA VAL A 9 -14.97 -2.48 -14.56
C VAL A 9 -14.42 -3.77 -13.96
N LYS A 10 -13.52 -4.43 -14.69
CA LYS A 10 -12.91 -5.67 -14.23
C LYS A 10 -11.98 -5.40 -13.05
N TRP A 11 -11.37 -4.22 -13.02
CA TRP A 11 -10.55 -3.80 -11.88
C TRP A 11 -11.41 -3.75 -10.61
N GLY A 12 -12.69 -3.43 -10.80
CA GLY A 12 -13.60 -3.23 -9.67
C GLY A 12 -13.75 -4.45 -8.80
N GLU A 13 -13.33 -5.61 -9.31
CA GLU A 13 -13.43 -6.87 -8.57
C GLU A 13 -12.05 -7.46 -8.31
N SER A 14 -11.00 -6.73 -8.71
CA SER A 14 -9.62 -7.19 -8.56
C SER A 14 -8.65 -6.02 -8.43
N PHE A 15 -8.29 -5.69 -7.19
CA PHE A 15 -7.33 -4.61 -6.91
C PHE A 15 -5.96 -4.99 -7.47
N ASP A 16 -5.65 -6.27 -7.38
CA ASP A 16 -4.40 -6.82 -7.92
C ASP A 16 -4.31 -6.55 -9.42
N LYS A 17 -5.46 -6.55 -10.08
CA LYS A 17 -5.53 -6.32 -11.52
C LYS A 17 -5.25 -4.85 -11.82
N LEU A 18 -5.80 -3.99 -10.97
CA LEU A 18 -5.54 -2.54 -11.04
C LEU A 18 -4.04 -2.28 -10.98
N LEU A 19 -3.41 -2.89 -9.98
CA LEU A 19 -1.99 -2.66 -9.70
C LEU A 19 -1.10 -3.29 -10.77
N SER A 20 -1.55 -4.40 -11.35
CA SER A 20 -0.78 -5.10 -12.39
C SER A 20 -0.97 -4.43 -13.75
N HIS A 21 -2.10 -3.77 -13.94
CA HIS A 21 -2.38 -3.08 -15.20
C HIS A 21 -1.75 -1.69 -15.17
N ARG A 22 -0.82 -1.45 -16.08
CA ARG A 22 -0.07 -0.19 -16.15
C ARG A 22 -0.99 1.03 -15.93
N ASP A 23 -2.04 1.12 -16.73
CA ASP A 23 -3.00 2.22 -16.64
C ASP A 23 -3.60 2.32 -15.25
N GLY A 24 -3.83 1.16 -14.63
CA GLY A 24 -4.43 1.12 -13.30
C GLY A 24 -3.48 1.60 -12.24
N LEU A 25 -2.29 1.02 -12.25
CA LEU A 25 -1.21 1.40 -11.34
C LEU A 25 -0.95 2.91 -11.43
N GLU A 26 -0.82 3.40 -12.67
CA GLU A 26 -0.56 4.82 -12.92
C GLU A 26 -1.69 5.68 -12.36
N ALA A 27 -2.92 5.33 -12.73
CA ALA A 27 -4.10 6.10 -12.32
C ALA A 27 -4.23 6.13 -10.80
N PHE A 28 -3.99 4.99 -10.17
CA PHE A 28 -4.19 4.86 -8.73
C PHE A 28 -3.08 5.56 -7.96
N THR A 29 -1.83 5.40 -8.41
CA THR A 29 -0.69 5.97 -7.71
C THR A 29 -0.77 7.50 -7.72
N ARG A 30 -1.12 8.09 -8.87
CA ARG A 30 -1.23 9.54 -8.98
C ARG A 30 -2.40 10.04 -8.15
N PHE A 31 -3.45 9.21 -8.07
CA PHE A 31 -4.64 9.53 -7.29
C PHE A 31 -4.30 9.58 -5.80
N LEU A 32 -3.61 8.56 -5.32
CA LEU A 32 -3.31 8.46 -3.89
C LEU A 32 -2.31 9.53 -3.46
N LYS A 33 -1.50 9.99 -4.42
CA LYS A 33 -0.48 11.01 -4.15
C LYS A 33 -1.07 12.43 -4.24
N THR A 34 -2.35 12.54 -4.57
CA THR A 34 -3.01 13.84 -4.67
C THR A 34 -3.15 14.48 -3.29
N GLU A 35 -3.35 13.64 -2.27
CA GLU A 35 -3.48 14.12 -0.89
C GLU A 35 -2.36 13.51 -0.03
N PHE A 36 -1.33 13.00 -0.70
CA PHE A 36 -0.16 12.45 -0.02
C PHE A 36 -0.51 11.28 0.89
N SER A 37 -1.58 10.56 0.55
CA SER A 37 -1.93 9.34 1.29
C SER A 37 -1.09 8.18 0.77
N GLU A 38 -0.16 8.52 -0.14
CA GLU A 38 0.75 7.57 -0.77
C GLU A 38 1.56 6.81 0.27
N GLU A 39 1.64 7.36 1.48
CA GLU A 39 2.37 6.73 2.58
C GLU A 39 2.05 5.24 2.68
N ASN A 40 0.82 4.87 2.33
CA ASN A 40 0.37 3.48 2.40
C ASN A 40 0.99 2.63 1.30
N ILE A 41 0.96 3.12 0.06
CA ILE A 41 1.47 2.37 -1.08
C ILE A 41 3.00 2.29 -1.00
N GLU A 42 3.64 3.42 -0.72
CA GLU A 42 5.09 3.45 -0.51
C GLU A 42 5.47 2.62 0.72
N PHE A 43 4.51 2.42 1.64
CA PHE A 43 4.75 1.60 2.82
C PHE A 43 5.07 0.16 2.43
N TRP A 44 4.14 -0.52 1.76
CA TRP A 44 4.38 -1.91 1.41
C TRP A 44 5.42 -2.04 0.29
N ILE A 45 5.78 -0.91 -0.32
CA ILE A 45 6.95 -0.85 -1.20
C ILE A 45 8.21 -0.73 -0.35
N ALA A 46 8.09 -0.05 0.79
CA ALA A 46 9.20 0.13 1.72
C ALA A 46 9.59 -1.19 2.35
N CYS A 47 8.66 -2.14 2.33
CA CYS A 47 8.94 -3.52 2.76
C CYS A 47 9.89 -4.19 1.76
N GLU A 48 9.75 -3.80 0.49
CA GLU A 48 10.58 -4.35 -0.57
C GLU A 48 11.98 -3.74 -0.52
N ASP A 49 12.07 -2.41 -0.43
CA ASP A 49 13.38 -1.76 -0.31
C ASP A 49 14.01 -2.04 1.06
N PHE A 50 13.19 -2.59 1.97
CA PHE A 50 13.68 -3.02 3.27
C PHE A 50 14.53 -4.29 3.13
N LYS A 51 14.00 -5.29 2.42
CA LYS A 51 14.78 -6.52 2.16
C LYS A 51 16.04 -6.18 1.36
N LYS A 52 15.97 -5.09 0.59
CA LYS A 52 17.13 -4.61 -0.15
C LYS A 52 18.21 -4.09 0.81
N SER A 53 17.77 -3.57 1.96
CA SER A 53 18.68 -3.06 2.99
C SER A 53 19.17 -4.23 3.85
N LYS A 54 19.68 -5.26 3.19
CA LYS A 54 20.02 -6.55 3.82
C LYS A 54 21.25 -6.49 4.75
N GLY A 55 21.65 -5.29 5.15
CA GLY A 55 22.74 -5.17 6.11
C GLY A 55 22.35 -5.74 7.46
N PRO A 56 23.20 -6.60 8.06
CA PRO A 56 22.87 -7.32 9.31
C PRO A 56 22.34 -6.39 10.42
N GLN A 57 23.01 -5.25 10.58
CA GLN A 57 22.61 -4.27 11.59
C GLN A 57 21.69 -3.23 10.95
N GLN A 58 21.94 -2.94 9.67
CA GLN A 58 21.15 -1.98 8.91
C GLN A 58 19.66 -2.33 8.96
N ILE A 59 19.36 -3.62 8.97
CA ILE A 59 17.99 -4.11 9.09
C ILE A 59 17.31 -3.48 10.32
N HIS A 60 18.04 -3.41 11.42
CA HIS A 60 17.52 -2.89 12.68
C HIS A 60 17.18 -1.40 12.54
N LEU A 61 18.09 -0.65 11.94
CA LEU A 61 17.91 0.79 11.77
C LEU A 61 16.78 1.09 10.79
N LYS A 62 16.75 0.35 9.68
CA LYS A 62 15.77 0.57 8.62
C LYS A 62 14.38 0.22 9.14
N ALA A 63 14.30 -0.87 9.91
CA ALA A 63 13.05 -1.28 10.54
C ALA A 63 12.62 -0.27 11.59
N LYS A 64 13.59 0.22 12.37
CA LYS A 64 13.34 1.24 13.38
C LYS A 64 12.63 2.45 12.78
N ALA A 65 13.13 2.91 11.64
CA ALA A 65 12.55 4.06 10.94
C ALA A 65 11.09 3.79 10.61
N ILE A 66 10.83 2.72 9.85
CA ILE A 66 9.47 2.35 9.47
C ILE A 66 8.60 2.13 10.72
N TYR A 67 9.23 1.60 11.75
CA TYR A 67 8.54 1.27 12.99
C TYR A 67 7.96 2.52 13.65
N GLU A 68 8.82 3.41 14.14
CA GLU A 68 8.37 4.56 14.92
C GLU A 68 7.78 5.67 14.04
N LYS A 69 7.80 5.45 12.73
CA LYS A 69 7.22 6.42 11.80
C LYS A 69 5.82 5.96 11.31
N PHE A 70 5.59 4.64 11.29
CA PHE A 70 4.33 4.11 10.76
C PHE A 70 3.71 3.04 11.67
N ILE A 71 4.53 2.13 12.19
CA ILE A 71 4.03 0.98 12.96
C ILE A 71 3.65 1.40 14.39
N GLN A 72 4.41 2.32 14.96
CA GLN A 72 4.25 2.74 16.34
C GLN A 72 2.85 3.30 16.57
N THR A 73 2.20 2.87 17.64
CA THR A 73 0.89 3.37 18.00
C THR A 73 0.96 4.88 18.27
N ASP A 74 0.14 5.62 17.54
CA ASP A 74 0.08 7.09 17.65
C ASP A 74 1.33 7.73 17.05
N ALA A 75 1.91 7.06 16.05
CA ALA A 75 3.01 7.63 15.26
C ALA A 75 2.50 8.88 14.51
N PRO A 76 3.42 9.72 13.97
CA PRO A 76 3.03 10.92 13.21
C PRO A 76 1.92 10.62 12.20
N LYS A 77 2.20 9.68 11.30
CA LYS A 77 1.19 9.16 10.39
C LYS A 77 1.18 7.64 10.47
N GLU A 78 0.68 7.10 11.58
CA GLU A 78 0.66 5.66 11.79
C GLU A 78 -0.30 5.00 10.81
N VAL A 79 0.04 3.79 10.39
CA VAL A 79 -0.82 3.03 9.51
C VAL A 79 -1.85 2.27 10.34
N ASN A 80 -3.05 2.09 9.77
CA ASN A 80 -4.11 1.34 10.44
C ASN A 80 -3.85 -0.16 10.32
N LEU A 81 -2.64 -0.56 10.70
CA LEU A 81 -2.21 -1.94 10.68
C LEU A 81 -2.87 -2.71 11.82
N ASP A 82 -3.15 -3.99 11.58
CA ASP A 82 -3.75 -4.87 12.58
C ASP A 82 -3.00 -4.80 13.91
N PHE A 83 -3.77 -4.82 15.00
CA PHE A 83 -3.23 -4.67 16.34
C PHE A 83 -2.32 -5.86 16.70
N HIS A 84 -2.72 -7.05 16.25
CA HIS A 84 -1.94 -8.26 16.52
C HIS A 84 -0.62 -8.23 15.76
N THR A 85 -0.66 -7.70 14.54
CA THR A 85 0.54 -7.55 13.74
C THR A 85 1.49 -6.53 14.39
N LYS A 86 0.93 -5.41 14.85
CA LYS A 86 1.70 -4.42 15.58
C LYS A 86 2.27 -5.03 16.86
N GLU A 87 1.47 -5.88 17.49
CA GLU A 87 1.88 -6.60 18.70
C GLU A 87 3.15 -7.41 18.43
N VAL A 88 3.14 -8.19 17.35
CA VAL A 88 4.30 -9.00 16.97
C VAL A 88 5.50 -8.11 16.66
N ILE A 89 5.28 -7.12 15.80
CA ILE A 89 6.36 -6.23 15.35
C ILE A 89 7.03 -5.53 16.54
N THR A 90 6.22 -4.94 17.42
CA THR A 90 6.75 -4.21 18.57
C THR A 90 7.63 -5.11 19.44
N ASN A 91 7.21 -6.36 19.60
CA ASN A 91 7.91 -7.32 20.46
C ASN A 91 9.04 -8.03 19.72
N SER A 92 9.17 -7.78 18.40
CA SER A 92 10.21 -8.41 17.61
C SER A 92 11.08 -7.38 16.88
N ILE A 93 10.79 -6.11 17.07
CA ILE A 93 11.47 -5.03 16.33
C ILE A 93 12.94 -4.93 16.69
N THR A 94 13.29 -5.43 17.88
CA THR A 94 14.67 -5.42 18.35
C THR A 94 15.57 -6.27 17.43
N GLN A 95 14.97 -7.24 16.75
CA GLN A 95 15.70 -8.11 15.84
C GLN A 95 14.77 -8.63 14.73
N PRO A 96 14.48 -7.77 13.73
CA PRO A 96 13.63 -8.14 12.60
C PRO A 96 14.42 -8.76 11.45
N THR A 97 13.73 -9.49 10.59
CA THR A 97 14.34 -10.08 9.40
C THR A 97 14.12 -9.20 8.17
N LEU A 98 14.76 -9.55 7.06
CA LEU A 98 14.76 -8.75 5.83
C LEU A 98 13.34 -8.39 5.36
N HIS A 99 12.37 -9.26 5.63
CA HIS A 99 11.01 -9.03 5.14
C HIS A 99 10.01 -9.26 6.27
N SER A 100 10.43 -8.96 7.49
CA SER A 100 9.60 -9.17 8.69
C SER A 100 8.24 -8.48 8.57
N PHE A 101 8.17 -7.42 7.77
CA PHE A 101 6.94 -6.66 7.59
C PHE A 101 6.03 -7.30 6.53
N ASP A 102 6.28 -8.57 6.23
CA ASP A 102 5.48 -9.31 5.24
C ASP A 102 4.00 -9.31 5.62
N ALA A 103 3.71 -9.66 6.87
CA ALA A 103 2.34 -9.69 7.38
C ALA A 103 1.71 -8.30 7.27
N ALA A 104 2.45 -7.30 7.74
CA ALA A 104 1.99 -5.91 7.69
C ALA A 104 1.74 -5.48 6.26
N GLN A 105 2.59 -5.96 5.36
CA GLN A 105 2.54 -5.64 3.95
C GLN A 105 1.16 -6.03 3.38
N SER A 106 0.70 -7.21 3.77
CA SER A 106 -0.59 -7.72 3.31
C SER A 106 -1.74 -6.91 3.93
N ARG A 107 -1.60 -6.60 5.22
CA ARG A 107 -2.63 -5.87 5.96
C ARG A 107 -2.90 -4.49 5.34
N VAL A 108 -1.83 -3.79 4.97
CA VAL A 108 -1.95 -2.45 4.41
C VAL A 108 -2.57 -2.49 3.02
N TYR A 109 -2.12 -3.44 2.21
CA TYR A 109 -2.63 -3.61 0.85
C TYR A 109 -4.15 -3.82 0.85
N GLN A 110 -4.64 -4.69 1.73
CA GLN A 110 -6.07 -5.03 1.75
C GLN A 110 -6.93 -3.86 2.24
N LEU A 111 -6.42 -3.10 3.21
CA LEU A 111 -7.16 -1.95 3.73
C LEU A 111 -7.14 -0.80 2.72
N MET A 112 -6.08 -0.75 1.92
CA MET A 112 -5.98 0.23 0.84
C MET A 112 -7.11 0.01 -0.15
N GLU A 113 -7.41 -1.26 -0.42
CA GLU A 113 -8.50 -1.63 -1.31
C GLU A 113 -9.83 -1.07 -0.77
N GLN A 114 -10.21 -1.51 0.43
CA GLN A 114 -11.52 -1.18 1.00
C GLN A 114 -11.69 0.32 1.26
N ASP A 115 -10.57 1.06 1.32
CA ASP A 115 -10.63 2.51 1.57
C ASP A 115 -10.24 3.31 0.34
N SER A 116 -8.98 3.21 -0.06
CA SER A 116 -8.44 4.04 -1.12
C SER A 116 -8.98 3.62 -2.49
N TYR A 117 -9.26 2.33 -2.68
CA TYR A 117 -9.72 1.86 -3.98
C TYR A 117 -11.21 2.11 -4.15
N THR A 118 -11.98 1.97 -3.07
CA THR A 118 -13.41 2.23 -3.13
C THR A 118 -13.69 3.68 -3.54
N ARG A 119 -12.98 4.61 -2.90
CA ARG A 119 -13.09 6.02 -3.25
C ARG A 119 -12.63 6.22 -4.71
N PHE A 120 -11.62 5.44 -5.12
CA PHE A 120 -11.12 5.49 -6.50
C PHE A 120 -12.19 4.98 -7.47
N LEU A 121 -12.98 4.02 -7.03
CA LEU A 121 -14.09 3.49 -7.84
C LEU A 121 -15.13 4.58 -8.07
N LYS A 122 -15.24 5.50 -7.11
CA LYS A 122 -16.18 6.61 -7.20
C LYS A 122 -15.53 7.85 -7.82
N SER A 123 -14.20 7.82 -7.98
CA SER A 123 -13.47 8.98 -8.49
C SER A 123 -13.95 9.39 -9.88
N ASP A 124 -13.90 10.70 -10.14
CA ASP A 124 -14.31 11.26 -11.43
C ASP A 124 -13.47 10.69 -12.57
N ILE A 125 -12.18 10.49 -12.30
CA ILE A 125 -11.25 10.02 -13.32
C ILE A 125 -11.62 8.59 -13.78
N TYR A 126 -11.88 7.72 -12.81
CA TYR A 126 -12.20 6.31 -13.10
C TYR A 126 -13.54 6.20 -13.83
N LEU A 127 -14.57 6.88 -13.31
CA LEU A 127 -15.89 6.84 -13.91
C LEU A 127 -15.88 7.44 -15.31
N ASP A 128 -14.97 8.38 -15.54
CA ASP A 128 -14.80 9.00 -16.86
C ASP A 128 -14.25 7.98 -17.86
N LEU A 129 -13.32 7.15 -17.39
CA LEU A 129 -12.68 6.15 -18.24
C LEU A 129 -13.71 5.15 -18.78
N MET A 130 -14.57 4.65 -17.90
CA MET A 130 -15.57 3.67 -18.29
C MET A 130 -16.74 4.34 -19.03
N GLU A 131 -17.14 5.52 -18.53
CA GLU A 131 -18.29 6.26 -19.05
C GLU A 131 -19.58 5.45 -18.88
N GLY A 132 -19.71 4.41 -19.69
CA GLY A 132 -20.89 3.56 -19.67
C GLY A 132 -20.91 2.63 -20.86
N ARG A 133 -20.76 3.21 -22.05
CA ARG A 133 -20.70 2.46 -23.31
C ARG A 133 -20.33 3.37 -24.49
N PRO A 134 -19.05 3.35 -24.90
CA PRO A 134 -18.57 4.13 -26.05
C PRO A 134 -18.91 3.48 -27.40
N SER A 1 -0.79 7.29 -17.66
CA SER A 1 -1.42 5.95 -17.54
C SER A 1 -1.89 5.46 -18.90
N MET A 2 -1.32 4.36 -19.37
CA MET A 2 -1.72 3.72 -20.61
C MET A 2 -2.54 2.47 -20.30
N VAL A 3 -3.81 2.46 -20.72
CA VAL A 3 -4.72 1.36 -20.42
C VAL A 3 -5.97 1.41 -21.30
N SER A 4 -6.54 0.23 -21.53
CA SER A 4 -7.79 0.10 -22.28
C SER A 4 -8.97 -0.09 -21.30
N PRO A 5 -10.16 0.41 -21.65
CA PRO A 5 -11.36 0.33 -20.79
C PRO A 5 -11.60 -1.07 -20.21
N GLU A 6 -11.48 -2.08 -21.07
CA GLU A 6 -11.75 -3.47 -20.67
C GLU A 6 -10.66 -3.99 -19.72
N GLU A 7 -9.47 -3.40 -19.79
CA GLU A 7 -8.41 -3.73 -18.83
C GLU A 7 -8.74 -3.09 -17.49
N ALA A 8 -9.38 -1.92 -17.53
CA ALA A 8 -9.76 -1.19 -16.33
C ALA A 8 -10.84 -1.97 -15.55
N VAL A 9 -11.83 -2.52 -16.27
CA VAL A 9 -12.85 -3.35 -15.62
C VAL A 9 -12.23 -4.66 -15.11
N LYS A 10 -11.13 -5.06 -15.76
CA LYS A 10 -10.35 -6.22 -15.31
C LYS A 10 -9.65 -5.89 -13.99
N TRP A 11 -9.35 -4.61 -13.77
CA TRP A 11 -8.83 -4.16 -12.49
C TRP A 11 -9.95 -4.18 -11.46
N GLY A 12 -11.15 -3.86 -11.93
CA GLY A 12 -12.31 -3.76 -11.06
C GLY A 12 -12.77 -5.11 -10.51
N GLU A 13 -12.10 -6.19 -10.92
CA GLU A 13 -12.41 -7.52 -10.40
C GLU A 13 -11.23 -8.08 -9.62
N SER A 14 -10.18 -7.25 -9.45
CA SER A 14 -9.00 -7.66 -8.72
C SER A 14 -8.17 -6.44 -8.29
N PHE A 15 -8.43 -5.96 -7.07
CA PHE A 15 -7.69 -4.83 -6.49
C PHE A 15 -6.19 -5.15 -6.44
N ASP A 16 -5.90 -6.40 -6.11
CA ASP A 16 -4.53 -6.93 -6.15
C ASP A 16 -3.86 -6.58 -7.47
N LYS A 17 -4.62 -6.72 -8.55
CA LYS A 17 -4.10 -6.45 -9.90
C LYS A 17 -4.00 -4.95 -10.15
N LEU A 18 -4.85 -4.16 -9.49
CA LEU A 18 -4.83 -2.71 -9.64
C LEU A 18 -3.46 -2.16 -9.26
N LEU A 19 -2.91 -2.67 -8.16
CA LEU A 19 -1.56 -2.27 -7.72
C LEU A 19 -0.50 -2.94 -8.59
N SER A 20 -0.82 -4.15 -9.06
CA SER A 20 0.08 -4.89 -9.95
C SER A 20 0.32 -4.11 -11.25
N HIS A 21 -0.72 -3.42 -11.72
CA HIS A 21 -0.61 -2.60 -12.92
C HIS A 21 0.03 -1.26 -12.55
N ARG A 22 1.21 -0.99 -13.09
CA ARG A 22 1.91 0.28 -12.90
C ARG A 22 0.97 1.46 -13.17
N ASP A 23 0.23 1.36 -14.27
CA ASP A 23 -0.68 2.41 -14.69
C ASP A 23 -1.90 2.46 -13.78
N GLY A 24 -2.25 1.32 -13.20
CA GLY A 24 -3.36 1.26 -12.26
C GLY A 24 -3.00 1.93 -10.96
N LEU A 25 -1.80 1.63 -10.49
CA LEU A 25 -1.26 2.23 -9.27
C LEU A 25 -1.12 3.75 -9.44
N GLU A 26 -0.64 4.17 -10.62
CA GLU A 26 -0.51 5.60 -10.91
C GLU A 26 -1.87 6.29 -10.79
N ALA A 27 -2.89 5.70 -11.42
CA ALA A 27 -4.23 6.25 -11.37
C ALA A 27 -4.77 6.27 -9.94
N PHE A 28 -4.49 5.18 -9.21
CA PHE A 28 -4.99 5.01 -7.84
C PHE A 28 -4.39 6.07 -6.91
N THR A 29 -3.08 6.30 -7.01
CA THR A 29 -2.42 7.27 -6.16
C THR A 29 -2.91 8.69 -6.48
N ARG A 30 -3.06 8.99 -7.78
CA ARG A 30 -3.55 10.31 -8.21
C ARG A 30 -4.87 10.64 -7.53
N PHE A 31 -5.69 9.60 -7.35
CA PHE A 31 -6.96 9.73 -6.64
C PHE A 31 -6.71 9.94 -5.15
N LEU A 32 -5.93 9.05 -4.54
CA LEU A 32 -5.73 9.05 -3.09
C LEU A 32 -5.01 10.32 -2.61
N LYS A 33 -4.27 10.97 -3.50
CA LYS A 33 -3.54 12.20 -3.17
C LYS A 33 -4.50 13.34 -2.84
N THR A 34 -5.79 13.16 -3.16
CA THR A 34 -6.80 14.17 -2.88
C THR A 34 -6.94 14.40 -1.37
N GLU A 35 -6.76 13.32 -0.61
CA GLU A 35 -6.94 13.36 0.84
C GLU A 35 -5.62 13.08 1.57
N PHE A 36 -4.54 13.01 0.80
CA PHE A 36 -3.19 12.89 1.35
C PHE A 36 -3.01 11.62 2.20
N SER A 37 -3.93 10.66 2.04
CA SER A 37 -3.87 9.41 2.81
C SER A 37 -2.98 8.40 2.09
N GLU A 38 -2.03 8.93 1.31
CA GLU A 38 -1.13 8.11 0.51
C GLU A 38 -0.12 7.37 1.38
N GLU A 39 -0.02 7.78 2.65
CA GLU A 39 0.94 7.16 3.58
C GLU A 39 0.75 5.65 3.66
N ASN A 40 -0.47 5.18 3.40
CA ASN A 40 -0.75 3.73 3.32
C ASN A 40 0.08 3.11 2.19
N ILE A 41 0.00 3.73 1.02
CA ILE A 41 0.73 3.28 -0.15
C ILE A 41 2.23 3.39 0.10
N GLU A 42 2.65 4.57 0.57
CA GLU A 42 4.05 4.81 0.90
C GLU A 42 4.54 3.82 1.95
N PHE A 43 3.64 3.38 2.81
CA PHE A 43 3.98 2.41 3.86
C PHE A 43 4.54 1.14 3.25
N TRP A 44 3.71 0.43 2.47
CA TRP A 44 4.19 -0.83 1.88
C TRP A 44 5.08 -0.59 0.64
N ILE A 45 5.19 0.66 0.21
CA ILE A 45 6.22 1.04 -0.75
C ILE A 45 7.59 0.96 -0.06
N ALA A 46 7.66 1.51 1.14
CA ALA A 46 8.89 1.46 1.94
C ALA A 46 9.22 0.02 2.32
N CYS A 47 8.18 -0.80 2.48
CA CYS A 47 8.35 -2.21 2.80
C CYS A 47 9.05 -2.94 1.64
N GLU A 48 8.81 -2.47 0.42
CA GLU A 48 9.46 -3.06 -0.74
C GLU A 48 10.92 -2.60 -0.84
N ASP A 49 11.15 -1.32 -0.55
CA ASP A 49 12.52 -0.79 -0.46
C ASP A 49 13.28 -1.51 0.65
N PHE A 50 12.53 -1.90 1.68
CA PHE A 50 13.07 -2.63 2.81
C PHE A 50 13.58 -4.01 2.40
N LYS A 51 12.74 -4.79 1.73
CA LYS A 51 13.14 -6.12 1.28
C LYS A 51 14.20 -6.02 0.17
N LYS A 52 14.23 -4.85 -0.47
CA LYS A 52 15.24 -4.52 -1.45
C LYS A 52 16.60 -4.32 -0.76
N SER A 53 16.55 -4.07 0.55
CA SER A 53 17.77 -3.89 1.35
C SER A 53 18.34 -5.24 1.79
N LYS A 54 18.37 -6.19 0.85
CA LYS A 54 18.83 -7.55 1.12
C LYS A 54 20.21 -7.58 1.78
N GLY A 55 20.20 -7.75 3.10
CA GLY A 55 21.44 -7.86 3.86
C GLY A 55 21.13 -8.04 5.33
N PRO A 56 21.72 -9.05 6.00
CA PRO A 56 21.37 -9.41 7.39
C PRO A 56 21.29 -8.19 8.32
N GLN A 57 22.39 -7.44 8.42
CA GLN A 57 22.46 -6.27 9.29
C GLN A 57 21.61 -5.14 8.73
N GLN A 58 21.64 -5.00 7.41
CA GLN A 58 20.91 -3.95 6.70
C GLN A 58 19.41 -4.02 7.03
N ILE A 59 18.89 -5.24 7.04
CA ILE A 59 17.47 -5.48 7.30
C ILE A 59 17.05 -4.92 8.67
N HIS A 60 17.85 -5.21 9.69
CA HIS A 60 17.50 -4.83 11.07
C HIS A 60 17.46 -3.32 11.23
N LEU A 61 18.47 -2.63 10.72
CA LEU A 61 18.56 -1.19 10.88
C LEU A 61 17.51 -0.47 10.03
N LYS A 62 17.19 -1.03 8.85
CA LYS A 62 16.13 -0.49 8.00
C LYS A 62 14.76 -0.66 8.67
N ALA A 63 14.56 -1.84 9.24
CA ALA A 63 13.32 -2.13 9.97
C ALA A 63 13.16 -1.18 11.15
N LYS A 64 14.27 -0.90 11.82
CA LYS A 64 14.29 0.00 12.97
C LYS A 64 13.92 1.42 12.53
N ALA A 65 14.40 1.81 11.35
CA ALA A 65 14.09 3.13 10.79
C ALA A 65 12.59 3.22 10.47
N ILE A 66 12.09 2.21 9.76
CA ILE A 66 10.67 2.13 9.43
C ILE A 66 9.84 2.03 10.70
N TYR A 67 10.42 1.44 11.73
CA TYR A 67 9.77 1.30 13.03
C TYR A 67 9.42 2.68 13.60
N GLU A 68 10.44 3.52 13.75
CA GLU A 68 10.28 4.80 14.43
C GLU A 68 9.47 5.80 13.60
N LYS A 69 9.48 5.64 12.27
CA LYS A 69 8.82 6.60 11.39
C LYS A 69 7.44 6.11 10.91
N PHE A 70 7.24 4.80 10.83
CA PHE A 70 5.98 4.25 10.31
C PHE A 70 5.27 3.37 11.34
N ILE A 71 6.02 2.50 12.01
CA ILE A 71 5.42 1.51 12.92
C ILE A 71 5.02 2.17 14.24
N GLN A 72 5.66 3.29 14.55
CA GLN A 72 5.33 4.08 15.73
C GLN A 72 3.83 4.35 15.82
N THR A 73 3.31 4.43 17.04
CA THR A 73 1.89 4.67 17.27
C THR A 73 1.43 5.97 16.61
N ASP A 74 2.25 7.01 16.73
CA ASP A 74 1.93 8.32 16.16
C ASP A 74 2.31 8.35 14.68
N ALA A 75 3.63 8.41 14.43
CA ALA A 75 4.18 8.49 13.07
C ALA A 75 3.87 9.86 12.44
N PRO A 76 4.86 10.51 11.79
CA PRO A 76 4.69 11.83 11.19
C PRO A 76 3.59 11.83 10.12
N LYS A 77 3.49 10.73 9.39
CA LYS A 77 2.47 10.58 8.35
C LYS A 77 1.18 10.02 8.93
N GLU A 78 1.29 9.47 10.15
CA GLU A 78 0.16 8.83 10.84
C GLU A 78 -0.42 7.69 10.02
N VAL A 79 0.22 6.51 10.14
CA VAL A 79 -0.17 5.34 9.37
C VAL A 79 -1.37 4.64 10.01
N ASN A 80 -2.28 4.17 9.17
CA ASN A 80 -3.56 3.62 9.63
C ASN A 80 -3.46 2.12 9.92
N LEU A 81 -2.24 1.59 9.97
CA LEU A 81 -2.01 0.15 10.15
C LEU A 81 -2.61 -0.38 11.47
N ASP A 82 -3.09 -1.63 11.41
CA ASP A 82 -3.74 -2.30 12.54
C ASP A 82 -2.86 -2.34 13.79
N PHE A 83 -3.51 -2.23 14.95
CA PHE A 83 -2.81 -2.17 16.24
C PHE A 83 -2.11 -3.48 16.57
N HIS A 84 -2.77 -4.60 16.32
CA HIS A 84 -2.21 -5.92 16.65
C HIS A 84 -1.02 -6.23 15.73
N THR A 85 -1.07 -5.68 14.52
CA THR A 85 0.03 -5.85 13.58
C THR A 85 1.26 -5.11 14.10
N LYS A 86 1.05 -3.86 14.55
CA LYS A 86 2.12 -3.07 15.17
C LYS A 86 2.69 -3.85 16.35
N GLU A 87 1.81 -4.51 17.09
CA GLU A 87 2.18 -5.34 18.23
C GLU A 87 3.16 -6.44 17.80
N VAL A 88 2.76 -7.21 16.79
CA VAL A 88 3.60 -8.29 16.26
C VAL A 88 4.97 -7.74 15.87
N ILE A 89 4.98 -6.59 15.21
CA ILE A 89 6.21 -5.96 14.75
C ILE A 89 7.07 -5.53 15.94
N THR A 90 6.46 -4.95 16.97
CA THR A 90 7.20 -4.50 18.15
C THR A 90 7.84 -5.69 18.88
N ASN A 91 7.35 -6.89 18.61
CA ASN A 91 7.96 -8.11 19.15
C ASN A 91 9.05 -8.63 18.22
N SER A 92 8.78 -8.58 16.91
CA SER A 92 9.68 -9.15 15.92
C SER A 92 10.74 -8.12 15.47
N ILE A 93 10.69 -6.93 16.04
CA ILE A 93 11.64 -5.87 15.69
C ILE A 93 13.08 -6.32 15.90
N THR A 94 13.28 -7.22 16.86
CA THR A 94 14.61 -7.76 17.16
C THR A 94 15.12 -8.61 16.00
N GLN A 95 14.21 -9.33 15.34
CA GLN A 95 14.56 -10.22 14.23
C GLN A 95 13.55 -10.10 13.09
N PRO A 96 13.71 -9.07 12.25
CA PRO A 96 12.89 -8.91 11.04
C PRO A 96 13.48 -9.68 9.86
N THR A 97 12.63 -10.40 9.14
CA THR A 97 13.03 -11.12 7.95
C THR A 97 13.04 -10.19 6.73
N LEU A 98 13.47 -10.73 5.58
CA LEU A 98 13.63 -9.94 4.36
C LEU A 98 12.35 -9.16 4.03
N HIS A 99 11.22 -9.84 4.11
CA HIS A 99 9.93 -9.24 3.76
C HIS A 99 9.03 -9.19 5.00
N SER A 100 9.67 -9.02 6.16
CA SER A 100 8.98 -9.10 7.46
C SER A 100 7.67 -8.31 7.49
N PHE A 101 7.65 -7.13 6.87
CA PHE A 101 6.47 -6.26 6.88
C PHE A 101 5.37 -6.76 5.92
N ASP A 102 5.48 -8.03 5.51
CA ASP A 102 4.49 -8.64 4.61
C ASP A 102 3.10 -8.61 5.24
N ALA A 103 3.03 -9.00 6.51
CA ALA A 103 1.77 -8.99 7.25
C ALA A 103 1.19 -7.59 7.29
N ALA A 104 2.06 -6.61 7.53
CA ALA A 104 1.66 -5.21 7.58
C ALA A 104 1.16 -4.73 6.23
N GLN A 105 1.80 -5.23 5.16
CA GLN A 105 1.40 -4.92 3.79
C GLN A 105 -0.05 -5.32 3.58
N SER A 106 -0.36 -6.57 3.94
CA SER A 106 -1.71 -7.10 3.80
C SER A 106 -2.70 -6.24 4.59
N ARG A 107 -2.35 -5.94 5.84
CA ARG A 107 -3.20 -5.13 6.71
C ARG A 107 -3.58 -3.80 6.06
N VAL A 108 -2.56 -3.06 5.64
CA VAL A 108 -2.78 -1.77 5.00
C VAL A 108 -3.61 -1.93 3.72
N TYR A 109 -3.32 -2.98 2.98
CA TYR A 109 -4.04 -3.30 1.75
C TYR A 109 -5.55 -3.45 2.01
N GLN A 110 -5.90 -4.11 3.12
CA GLN A 110 -7.31 -4.29 3.49
C GLN A 110 -7.95 -2.94 3.76
N LEU A 111 -7.18 -2.08 4.41
CA LEU A 111 -7.65 -0.79 4.89
C LEU A 111 -8.17 0.08 3.75
N MET A 112 -7.40 0.21 2.67
CA MET A 112 -7.83 1.04 1.55
C MET A 112 -8.60 0.22 0.52
N GLU A 113 -8.66 -1.09 0.71
CA GLU A 113 -9.48 -1.94 -0.16
C GLU A 113 -10.96 -1.67 0.09
N GLN A 114 -11.42 -2.02 1.29
CA GLN A 114 -12.83 -1.86 1.67
C GLN A 114 -13.32 -0.44 1.41
N ASP A 115 -12.42 0.53 1.53
CA ASP A 115 -12.78 1.94 1.38
C ASP A 115 -12.42 2.46 -0.01
N SER A 116 -11.12 2.62 -0.27
CA SER A 116 -10.65 3.32 -1.45
C SER A 116 -10.88 2.53 -2.74
N TYR A 117 -10.84 1.19 -2.66
CA TYR A 117 -11.01 0.36 -3.85
C TYR A 117 -12.42 0.53 -4.43
N THR A 118 -13.43 0.26 -3.61
CA THR A 118 -14.82 0.41 -4.03
C THR A 118 -15.10 1.85 -4.44
N ARG A 119 -14.66 2.78 -3.60
CA ARG A 119 -14.81 4.21 -3.87
C ARG A 119 -14.11 4.60 -5.17
N PHE A 120 -13.01 3.91 -5.48
CA PHE A 120 -12.28 4.16 -6.71
C PHE A 120 -13.08 3.66 -7.91
N LEU A 121 -13.73 2.51 -7.74
CA LEU A 121 -14.58 1.94 -8.79
C LEU A 121 -15.73 2.89 -9.10
N LYS A 122 -16.07 3.75 -8.14
CA LYS A 122 -17.13 4.74 -8.32
C LYS A 122 -16.55 6.14 -8.62
N SER A 123 -15.24 6.31 -8.43
CA SER A 123 -14.61 7.63 -8.58
C SER A 123 -14.68 8.09 -10.03
N ASP A 124 -14.86 9.40 -10.21
CA ASP A 124 -14.88 10.00 -11.54
C ASP A 124 -13.59 9.68 -12.28
N ILE A 125 -12.50 9.55 -11.53
CA ILE A 125 -11.20 9.16 -12.08
C ILE A 125 -11.33 7.87 -12.90
N TYR A 126 -11.91 6.86 -12.26
CA TYR A 126 -12.08 5.55 -12.89
C TYR A 126 -12.97 5.65 -14.12
N LEU A 127 -14.11 6.32 -13.97
CA LEU A 127 -15.05 6.48 -15.08
C LEU A 127 -14.47 7.38 -16.17
N ASP A 128 -13.48 8.18 -15.82
CA ASP A 128 -12.78 9.05 -16.77
C ASP A 128 -11.82 8.23 -17.62
N LEU A 129 -11.35 7.12 -17.06
CA LEU A 129 -10.48 6.18 -17.77
C LEU A 129 -11.38 5.29 -18.61
N MET A 130 -12.54 5.03 -18.03
CA MET A 130 -13.56 4.22 -18.64
C MET A 130 -14.41 5.06 -19.59
N GLU A 131 -15.54 4.51 -19.97
CA GLU A 131 -16.47 5.12 -20.90
C GLU A 131 -17.84 4.46 -20.79
N GLY A 132 -17.84 3.15 -20.50
CA GLY A 132 -19.08 2.44 -20.27
C GLY A 132 -19.23 1.23 -21.17
N ARG A 133 -18.25 0.33 -21.14
CA ARG A 133 -18.33 -0.92 -21.89
C ARG A 133 -18.04 -2.13 -20.99
N PRO A 134 -19.06 -2.61 -20.26
CA PRO A 134 -18.96 -3.80 -19.44
C PRO A 134 -19.44 -5.04 -20.18
N SER A 1 -1.60 8.17 -17.96
CA SER A 1 -2.16 6.80 -17.94
C SER A 1 -2.55 6.35 -19.35
N MET A 2 -2.47 5.05 -19.59
CA MET A 2 -2.79 4.48 -20.90
C MET A 2 -3.64 3.22 -20.72
N VAL A 3 -4.27 3.13 -19.54
CA VAL A 3 -5.17 2.03 -19.22
C VAL A 3 -6.39 2.02 -20.16
N SER A 4 -6.54 0.91 -20.88
CA SER A 4 -7.69 0.69 -21.75
C SER A 4 -8.89 0.22 -20.90
N PRO A 5 -10.14 0.45 -21.36
CA PRO A 5 -11.34 -0.04 -20.67
C PRO A 5 -11.23 -1.52 -20.29
N GLU A 6 -10.59 -2.30 -21.16
CA GLU A 6 -10.39 -3.73 -20.90
C GLU A 6 -9.37 -3.93 -19.78
N GLU A 7 -8.40 -3.03 -19.70
CA GLU A 7 -7.41 -3.05 -18.64
C GLU A 7 -8.06 -2.65 -17.31
N ALA A 8 -9.05 -1.76 -17.41
CA ALA A 8 -9.79 -1.30 -16.24
C ALA A 8 -10.57 -2.45 -15.60
N VAL A 9 -11.26 -3.24 -16.42
CA VAL A 9 -12.02 -4.38 -15.91
C VAL A 9 -11.07 -5.45 -15.35
N LYS A 10 -9.84 -5.47 -15.87
CA LYS A 10 -8.78 -6.32 -15.30
C LYS A 10 -8.48 -5.90 -13.87
N TRP A 11 -8.37 -4.60 -13.65
CA TRP A 11 -8.16 -4.05 -12.31
C TRP A 11 -9.36 -4.34 -11.42
N GLY A 12 -10.53 -4.48 -12.07
CA GLY A 12 -11.75 -4.80 -11.37
C GLY A 12 -11.84 -6.26 -10.98
N GLU A 13 -10.98 -7.09 -11.57
CA GLU A 13 -10.94 -8.52 -11.25
C GLU A 13 -10.41 -8.73 -9.84
N SER A 14 -9.26 -8.13 -9.58
CA SER A 14 -8.57 -8.32 -8.32
C SER A 14 -7.73 -7.09 -7.97
N PHE A 15 -7.83 -6.66 -6.72
CA PHE A 15 -7.12 -5.47 -6.23
C PHE A 15 -5.61 -5.65 -6.37
N ASP A 16 -5.13 -6.89 -6.18
CA ASP A 16 -3.71 -7.18 -6.30
C ASP A 16 -3.23 -6.95 -7.73
N LYS A 17 -4.09 -7.22 -8.71
CA LYS A 17 -3.77 -6.99 -10.11
C LYS A 17 -3.59 -5.49 -10.35
N LEU A 18 -4.44 -4.70 -9.70
CA LEU A 18 -4.32 -3.25 -9.74
C LEU A 18 -2.94 -2.82 -9.23
N LEU A 19 -2.55 -3.39 -8.09
CA LEU A 19 -1.24 -3.14 -7.48
C LEU A 19 -0.11 -3.59 -8.41
N SER A 20 -0.32 -4.70 -9.09
CA SER A 20 0.71 -5.28 -9.96
C SER A 20 0.87 -4.46 -11.24
N HIS A 21 -0.06 -3.54 -11.49
CA HIS A 21 0.00 -2.69 -12.67
C HIS A 21 0.60 -1.34 -12.30
N ARG A 22 1.78 -1.03 -12.84
CA ARG A 22 2.45 0.26 -12.59
C ARG A 22 1.49 1.42 -12.85
N ASP A 23 0.81 1.38 -13.99
CA ASP A 23 -0.13 2.43 -14.37
C ASP A 23 -1.37 2.39 -13.47
N GLY A 24 -1.58 1.24 -12.82
CA GLY A 24 -2.69 1.07 -11.91
C GLY A 24 -2.40 1.68 -10.55
N LEU A 25 -1.20 1.42 -10.04
CA LEU A 25 -0.70 2.04 -8.83
C LEU A 25 -0.87 3.55 -8.90
N GLU A 26 -0.38 4.11 -10.00
CA GLU A 26 -0.44 5.54 -10.25
C GLU A 26 -1.88 6.04 -10.25
N ALA A 27 -2.73 5.40 -11.04
CA ALA A 27 -4.14 5.78 -11.14
C ALA A 27 -4.83 5.69 -9.78
N PHE A 28 -4.48 4.65 -9.02
CA PHE A 28 -5.06 4.42 -7.70
C PHE A 28 -4.66 5.51 -6.72
N THR A 29 -3.35 5.81 -6.65
CA THR A 29 -2.84 6.78 -5.71
C THR A 29 -3.36 8.19 -6.06
N ARG A 30 -3.47 8.47 -7.37
CA ARG A 30 -4.01 9.75 -7.83
C ARG A 30 -5.42 9.97 -7.28
N PHE A 31 -6.22 8.90 -7.30
CA PHE A 31 -7.57 8.94 -6.74
C PHE A 31 -7.51 8.99 -5.21
N LEU A 32 -6.65 8.16 -4.65
CA LEU A 32 -6.56 8.00 -3.20
C LEU A 32 -6.16 9.32 -2.53
N LYS A 33 -5.41 10.16 -3.26
CA LYS A 33 -4.96 11.43 -2.74
C LYS A 33 -6.06 12.49 -2.81
N THR A 34 -7.20 12.15 -3.39
CA THR A 34 -8.35 13.07 -3.44
C THR A 34 -9.14 12.94 -2.14
N GLU A 35 -8.93 11.84 -1.42
CA GLU A 35 -9.59 11.60 -0.13
C GLU A 35 -8.57 11.62 1.01
N PHE A 36 -7.30 11.84 0.65
CA PHE A 36 -6.21 12.00 1.63
C PHE A 36 -5.91 10.68 2.37
N SER A 37 -6.38 9.57 1.83
CA SER A 37 -6.09 8.25 2.40
C SER A 37 -4.74 7.72 1.89
N GLU A 38 -4.01 8.60 1.20
CA GLU A 38 -2.72 8.27 0.58
C GLU A 38 -1.71 7.72 1.60
N GLU A 39 -1.96 7.99 2.87
CA GLU A 39 -1.10 7.54 3.96
C GLU A 39 -0.78 6.04 3.84
N ASN A 40 -1.78 5.27 3.43
CA ASN A 40 -1.69 3.80 3.42
C ASN A 40 -0.93 3.28 2.20
N ILE A 41 -1.15 3.89 1.04
CA ILE A 41 -0.49 3.46 -0.19
C ILE A 41 1.01 3.70 -0.09
N GLU A 42 1.38 4.87 0.43
CA GLU A 42 2.79 5.21 0.66
C GLU A 42 3.38 4.30 1.75
N PHE A 43 2.55 3.91 2.71
CA PHE A 43 2.98 3.04 3.81
C PHE A 43 3.63 1.75 3.29
N TRP A 44 2.83 0.87 2.70
CA TRP A 44 3.34 -0.46 2.36
C TRP A 44 4.11 -0.46 1.04
N ILE A 45 3.97 0.57 0.22
CA ILE A 45 4.82 0.67 -0.99
C ILE A 45 6.27 0.89 -0.56
N ALA A 46 6.44 1.65 0.52
CA ALA A 46 7.75 1.84 1.14
C ALA A 46 8.24 0.52 1.71
N CYS A 47 7.30 -0.25 2.26
CA CYS A 47 7.60 -1.58 2.79
C CYS A 47 8.02 -2.54 1.67
N GLU A 48 7.57 -2.26 0.44
CA GLU A 48 7.99 -3.07 -0.71
C GLU A 48 9.35 -2.60 -1.23
N ASP A 49 9.70 -1.33 -0.94
CA ASP A 49 11.06 -0.86 -1.16
C ASP A 49 11.99 -1.57 -0.19
N PHE A 50 11.52 -1.68 1.05
CA PHE A 50 12.17 -2.50 2.07
C PHE A 50 12.29 -3.95 1.59
N LYS A 51 11.30 -4.38 0.80
CA LYS A 51 11.24 -5.75 0.31
C LYS A 51 12.29 -6.01 -0.77
N LYS A 52 12.48 -5.04 -1.67
CA LYS A 52 13.47 -5.17 -2.75
C LYS A 52 14.89 -5.01 -2.22
N SER A 53 15.04 -4.27 -1.12
CA SER A 53 16.34 -4.13 -0.47
C SER A 53 16.65 -5.39 0.34
N LYS A 54 16.85 -6.51 -0.37
CA LYS A 54 16.96 -7.83 0.24
C LYS A 54 18.33 -8.08 0.89
N GLY A 55 19.08 -7.02 1.15
CA GLY A 55 20.36 -7.16 1.84
C GLY A 55 20.14 -7.57 3.29
N PRO A 56 20.88 -8.56 3.80
CA PRO A 56 20.64 -9.09 5.16
C PRO A 56 20.68 -8.00 6.24
N GLN A 57 21.63 -7.09 6.13
CA GLN A 57 21.76 -5.98 7.07
C GLN A 57 20.90 -4.79 6.60
N GLN A 58 20.74 -4.71 5.29
CA GLN A 58 19.93 -3.66 4.66
C GLN A 58 18.51 -3.69 5.24
N ILE A 59 18.00 -4.91 5.39
CA ILE A 59 16.66 -5.14 5.96
C ILE A 59 16.53 -4.48 7.33
N HIS A 60 17.58 -4.54 8.14
CA HIS A 60 17.54 -4.03 9.50
C HIS A 60 17.36 -2.51 9.52
N LEU A 61 18.22 -1.81 8.77
CA LEU A 61 18.19 -0.34 8.75
C LEU A 61 16.95 0.17 8.03
N LYS A 62 16.49 -0.60 7.03
CA LYS A 62 15.24 -0.29 6.33
C LYS A 62 14.05 -0.46 7.27
N ALA A 63 14.08 -1.54 8.04
CA ALA A 63 13.02 -1.85 8.99
C ALA A 63 12.87 -0.74 10.03
N LYS A 64 14.02 -0.33 10.59
CA LYS A 64 14.03 0.73 11.60
C LYS A 64 13.53 2.04 11.01
N ALA A 65 13.85 2.28 9.74
CA ALA A 65 13.39 3.49 9.04
C ALA A 65 11.87 3.53 9.01
N ILE A 66 11.26 2.45 8.52
CA ILE A 66 9.81 2.33 8.47
C ILE A 66 9.22 2.37 9.88
N TYR A 67 9.92 1.74 10.81
CA TYR A 67 9.48 1.68 12.21
C TYR A 67 9.28 3.08 12.77
N GLU A 68 10.34 3.89 12.72
CA GLU A 68 10.32 5.22 13.32
C GLU A 68 9.42 6.17 12.53
N LYS A 69 9.31 5.95 11.22
CA LYS A 69 8.59 6.86 10.34
C LYS A 69 7.11 6.48 10.20
N PHE A 70 6.77 5.23 10.54
CA PHE A 70 5.40 4.75 10.38
C PHE A 70 4.91 3.95 11.58
N ILE A 71 5.67 2.94 11.99
CA ILE A 71 5.19 1.93 12.95
C ILE A 71 5.11 2.48 14.37
N GLN A 72 5.87 3.52 14.69
CA GLN A 72 5.86 4.11 16.03
C GLN A 72 4.44 4.49 16.44
N THR A 73 4.13 4.23 17.71
CA THR A 73 2.85 4.60 18.29
C THR A 73 2.78 6.12 18.48
N ASP A 74 2.70 6.81 17.35
CA ASP A 74 2.65 8.27 17.26
C ASP A 74 2.80 8.65 15.79
N ALA A 75 4.03 8.56 15.29
CA ALA A 75 4.36 8.66 13.86
C ALA A 75 3.94 10.01 13.24
N PRO A 76 4.67 10.47 12.22
CA PRO A 76 4.30 11.66 11.45
C PRO A 76 3.03 11.43 10.63
N LYS A 77 2.73 10.16 10.39
CA LYS A 77 1.55 9.77 9.60
C LYS A 77 0.44 9.23 10.51
N GLU A 78 0.82 8.82 11.73
CA GLU A 78 -0.11 8.19 12.68
C GLU A 78 -0.84 7.02 12.01
N VAL A 79 -0.14 5.90 11.89
CA VAL A 79 -0.67 4.73 11.19
C VAL A 79 -1.53 3.87 12.13
N ASN A 80 -2.81 3.75 11.79
CA ASN A 80 -3.75 2.96 12.58
C ASN A 80 -3.60 1.47 12.25
N LEU A 81 -2.56 0.87 12.80
CA LEU A 81 -2.28 -0.56 12.65
C LEU A 81 -2.50 -1.27 13.99
N ASP A 82 -2.95 -2.53 13.93
CA ASP A 82 -3.24 -3.33 15.12
C ASP A 82 -2.08 -3.28 16.12
N PHE A 83 -2.41 -2.96 17.37
CA PHE A 83 -1.41 -2.87 18.44
C PHE A 83 -0.56 -4.14 18.53
N HIS A 84 -1.20 -5.29 18.40
CA HIS A 84 -0.49 -6.57 18.51
C HIS A 84 0.44 -6.76 17.31
N THR A 85 -0.02 -6.37 16.13
CA THR A 85 0.77 -6.53 14.92
C THR A 85 2.05 -5.68 14.99
N LYS A 86 1.89 -4.42 15.41
CA LYS A 86 3.03 -3.52 15.54
C LYS A 86 3.90 -3.92 16.73
N GLU A 87 3.29 -4.65 17.67
CA GLU A 87 4.02 -5.20 18.82
C GLU A 87 4.96 -6.30 18.36
N VAL A 88 4.45 -7.22 17.54
CA VAL A 88 5.28 -8.27 16.96
C VAL A 88 6.47 -7.65 16.23
N ILE A 89 6.22 -6.50 15.59
CA ILE A 89 7.27 -5.75 14.93
C ILE A 89 8.31 -5.27 15.94
N THR A 90 7.87 -4.70 17.07
CA THR A 90 8.78 -4.19 18.09
C THR A 90 9.61 -5.32 18.70
N ASN A 91 9.10 -6.55 18.59
CA ASN A 91 9.80 -7.72 19.10
C ASN A 91 10.78 -8.25 18.06
N SER A 92 10.44 -8.07 16.78
CA SER A 92 11.24 -8.58 15.69
C SER A 92 12.16 -7.49 15.10
N ILE A 93 12.05 -6.28 15.64
CA ILE A 93 12.82 -5.13 15.13
C ILE A 93 14.32 -5.33 15.37
N THR A 94 14.68 -6.28 16.23
CA THR A 94 16.06 -6.59 16.53
C THR A 94 16.60 -7.66 15.56
N GLN A 95 15.71 -8.22 14.74
CA GLN A 95 16.07 -9.26 13.78
C GLN A 95 15.01 -9.37 12.68
N PRO A 96 14.74 -8.25 11.97
CA PRO A 96 13.66 -8.19 10.97
C PRO A 96 13.89 -9.15 9.80
N THR A 97 12.85 -9.87 9.43
CA THR A 97 12.88 -10.77 8.28
C THR A 97 12.44 -10.05 7.01
N LEU A 98 12.64 -10.69 5.86
CA LEU A 98 12.32 -10.09 4.56
C LEU A 98 10.86 -9.65 4.50
N HIS A 99 9.95 -10.53 4.94
CA HIS A 99 8.52 -10.22 4.97
C HIS A 99 8.04 -10.05 6.39
N SER A 100 8.88 -9.44 7.23
CA SER A 100 8.53 -9.18 8.63
C SER A 100 7.29 -8.29 8.70
N PHE A 101 7.31 -7.20 7.95
CA PHE A 101 6.21 -6.23 7.94
C PHE A 101 5.04 -6.70 7.08
N ASP A 102 5.20 -7.87 6.45
CA ASP A 102 4.18 -8.40 5.52
C ASP A 102 2.81 -8.43 6.21
N ALA A 103 2.81 -8.87 7.46
CA ALA A 103 1.59 -8.90 8.27
C ALA A 103 0.97 -7.51 8.35
N ALA A 104 1.80 -6.53 8.73
CA ALA A 104 1.36 -5.14 8.87
C ALA A 104 0.81 -4.60 7.55
N GLN A 105 1.49 -4.95 6.47
CA GLN A 105 1.07 -4.54 5.13
C GLN A 105 -0.32 -5.08 4.83
N SER A 106 -0.55 -6.34 5.18
CA SER A 106 -1.83 -6.99 4.96
C SER A 106 -2.94 -6.28 5.73
N ARG A 107 -2.62 -5.83 6.95
CA ARG A 107 -3.58 -5.13 7.81
C ARG A 107 -3.98 -3.81 7.17
N VAL A 108 -3.00 -2.93 6.95
CA VAL A 108 -3.23 -1.63 6.32
C VAL A 108 -3.96 -1.79 4.98
N TYR A 109 -3.54 -2.81 4.24
CA TYR A 109 -4.11 -3.11 2.93
C TYR A 109 -5.61 -3.42 3.03
N GLN A 110 -5.97 -4.35 3.92
CA GLN A 110 -7.36 -4.79 4.03
C GLN A 110 -8.27 -3.62 4.42
N LEU A 111 -7.70 -2.66 5.15
CA LEU A 111 -8.43 -1.44 5.51
C LEU A 111 -8.84 -0.69 4.25
N MET A 112 -7.87 -0.14 3.53
CA MET A 112 -8.16 0.68 2.36
C MET A 112 -8.75 -0.14 1.22
N GLU A 113 -8.67 -1.46 1.33
CA GLU A 113 -9.34 -2.33 0.39
C GLU A 113 -10.85 -2.14 0.49
N GLN A 114 -11.41 -2.48 1.64
CA GLN A 114 -12.85 -2.43 1.85
C GLN A 114 -13.37 -0.99 1.85
N ASP A 115 -12.48 -0.03 2.10
CA ASP A 115 -12.86 1.38 2.15
C ASP A 115 -12.62 2.07 0.81
N SER A 116 -11.36 2.13 0.39
CA SER A 116 -10.96 2.93 -0.76
C SER A 116 -11.11 2.16 -2.09
N TYR A 117 -10.83 0.87 -2.10
CA TYR A 117 -10.86 0.10 -3.36
C TYR A 117 -12.28 0.04 -3.92
N THR A 118 -13.27 -0.07 -3.03
CA THR A 118 -14.67 -0.02 -3.41
C THR A 118 -14.97 1.31 -4.11
N ARG A 119 -14.49 2.39 -3.50
CA ARG A 119 -14.63 3.73 -4.06
C ARG A 119 -13.93 3.82 -5.41
N PHE A 120 -12.78 3.17 -5.53
CA PHE A 120 -12.03 3.14 -6.78
C PHE A 120 -12.85 2.51 -7.89
N LEU A 121 -13.55 1.43 -7.56
CA LEU A 121 -14.37 0.70 -8.54
C LEU A 121 -15.59 1.53 -8.96
N LYS A 122 -15.99 2.49 -8.12
CA LYS A 122 -17.12 3.35 -8.43
C LYS A 122 -16.69 4.82 -8.58
N SER A 123 -15.38 5.05 -8.72
CA SER A 123 -14.85 6.39 -8.85
C SER A 123 -15.12 6.97 -10.24
N ASP A 124 -15.35 8.27 -10.30
CA ASP A 124 -15.56 8.98 -11.56
C ASP A 124 -14.38 8.76 -12.51
N ILE A 125 -13.19 8.70 -11.93
CA ILE A 125 -11.96 8.50 -12.72
C ILE A 125 -11.95 7.11 -13.35
N TYR A 126 -12.38 6.10 -12.58
CA TYR A 126 -12.47 4.74 -13.11
C TYR A 126 -13.49 4.69 -14.24
N LEU A 127 -14.62 5.36 -14.03
CA LEU A 127 -15.66 5.48 -15.06
C LEU A 127 -15.12 6.24 -16.27
N ASP A 128 -14.19 7.15 -16.01
CA ASP A 128 -13.54 7.92 -17.07
C ASP A 128 -12.61 7.02 -17.87
N LEU A 129 -12.07 6.00 -17.22
CA LEU A 129 -11.22 5.01 -17.89
C LEU A 129 -12.08 4.06 -18.72
N MET A 130 -13.35 3.92 -18.32
CA MET A 130 -14.29 3.03 -19.00
C MET A 130 -14.67 3.57 -20.38
N GLU A 131 -15.39 4.70 -20.41
CA GLU A 131 -15.90 5.26 -21.66
C GLU A 131 -14.98 6.35 -22.21
N GLY A 132 -14.01 6.76 -21.40
CA GLY A 132 -13.02 7.72 -21.86
C GLY A 132 -11.97 7.03 -22.71
N ARG A 133 -12.44 6.46 -23.82
CA ARG A 133 -11.63 5.64 -24.72
C ARG A 133 -10.37 6.39 -25.15
N PRO A 134 -9.18 5.94 -24.69
CA PRO A 134 -7.91 6.60 -24.97
C PRO A 134 -7.39 6.28 -26.38
N SER A 1 -0.26 5.54 -22.13
CA SER A 1 -1.11 6.38 -21.26
C SER A 1 -2.57 5.97 -21.40
N MET A 2 -3.36 6.22 -20.34
CA MET A 2 -4.80 5.92 -20.33
C MET A 2 -5.02 4.41 -20.38
N VAL A 3 -6.28 3.99 -20.47
CA VAL A 3 -6.62 2.58 -20.41
C VAL A 3 -7.93 2.29 -21.16
N SER A 4 -8.02 1.08 -21.72
CA SER A 4 -9.22 0.63 -22.42
C SER A 4 -10.20 -0.01 -21.42
N PRO A 5 -11.53 0.11 -21.66
CA PRO A 5 -12.56 -0.49 -20.80
C PRO A 5 -12.23 -1.95 -20.42
N GLU A 6 -11.59 -2.67 -21.34
CA GLU A 6 -11.17 -4.04 -21.09
C GLU A 6 -10.31 -4.13 -19.82
N GLU A 7 -9.15 -3.49 -19.86
CA GLU A 7 -8.22 -3.51 -18.73
C GLU A 7 -8.85 -2.81 -17.51
N ALA A 8 -9.66 -1.79 -17.79
CA ALA A 8 -10.32 -1.02 -16.74
C ALA A 8 -11.20 -1.90 -15.86
N VAL A 9 -12.04 -2.73 -16.49
CA VAL A 9 -12.92 -3.62 -15.72
C VAL A 9 -12.11 -4.70 -15.02
N LYS A 10 -10.96 -5.07 -15.60
CA LYS A 10 -10.06 -6.03 -14.96
C LYS A 10 -9.44 -5.43 -13.70
N TRP A 11 -9.26 -4.11 -13.69
CA TRP A 11 -8.85 -3.41 -12.47
C TRP A 11 -9.94 -3.56 -11.42
N GLY A 12 -11.19 -3.63 -11.88
CA GLY A 12 -12.34 -3.71 -10.99
C GLY A 12 -12.58 -5.11 -10.47
N GLU A 13 -11.72 -6.05 -10.86
CA GLU A 13 -11.80 -7.43 -10.37
C GLU A 13 -10.42 -7.90 -9.89
N SER A 14 -9.44 -7.01 -9.96
CA SER A 14 -8.07 -7.33 -9.55
C SER A 14 -7.34 -6.06 -9.09
N PHE A 15 -7.28 -5.86 -7.77
CA PHE A 15 -6.57 -4.71 -7.20
C PHE A 15 -5.10 -4.74 -7.62
N ASP A 16 -4.56 -5.96 -7.69
CA ASP A 16 -3.18 -6.18 -8.14
C ASP A 16 -2.98 -5.60 -9.53
N LYS A 17 -4.00 -5.75 -10.36
CA LYS A 17 -3.94 -5.38 -11.76
C LYS A 17 -4.02 -3.86 -11.91
N LEU A 18 -4.72 -3.24 -10.98
CA LEU A 18 -4.78 -1.78 -10.89
C LEU A 18 -3.37 -1.22 -10.68
N LEU A 19 -2.63 -1.82 -9.75
CA LEU A 19 -1.27 -1.42 -9.45
C LEU A 19 -0.29 -1.95 -10.50
N SER A 20 -0.69 -3.04 -11.16
CA SER A 20 0.12 -3.66 -12.21
C SER A 20 0.31 -2.69 -13.38
N HIS A 21 -0.68 -1.83 -13.57
CA HIS A 21 -0.61 -0.79 -14.59
C HIS A 21 -0.11 0.52 -13.98
N ARG A 22 0.89 1.12 -14.61
CA ARG A 22 1.42 2.41 -14.17
C ARG A 22 0.29 3.44 -14.18
N ASP A 23 -0.63 3.27 -15.14
CA ASP A 23 -1.81 4.13 -15.26
C ASP A 23 -2.68 4.00 -14.02
N GLY A 24 -3.00 2.75 -13.67
CA GLY A 24 -3.84 2.49 -12.51
C GLY A 24 -3.17 2.94 -11.22
N LEU A 25 -1.86 2.74 -11.16
CA LEU A 25 -1.05 3.19 -10.03
C LEU A 25 -1.26 4.68 -9.79
N GLU A 26 -0.98 5.48 -10.82
CA GLU A 26 -1.05 6.93 -10.72
C GLU A 26 -2.49 7.37 -10.49
N ALA A 27 -3.44 6.74 -11.18
CA ALA A 27 -4.85 7.05 -11.03
C ALA A 27 -5.31 6.81 -9.59
N PHE A 28 -4.92 5.66 -9.05
CA PHE A 28 -5.33 5.27 -7.71
C PHE A 28 -4.65 6.14 -6.66
N THR A 29 -3.36 6.42 -6.84
CA THR A 29 -2.62 7.21 -5.86
C THR A 29 -3.10 8.67 -5.87
N ARG A 30 -3.30 9.25 -7.05
CA ARG A 30 -3.77 10.63 -7.14
C ARG A 30 -5.16 10.75 -6.51
N PHE A 31 -5.90 9.65 -6.55
CA PHE A 31 -7.19 9.56 -5.88
C PHE A 31 -6.99 9.39 -4.37
N LEU A 32 -6.06 8.50 -4.02
CA LEU A 32 -5.79 8.15 -2.62
C LEU A 32 -5.13 9.33 -1.89
N LYS A 33 -4.61 10.28 -2.66
CA LYS A 33 -3.97 11.46 -2.09
C LYS A 33 -5.00 12.52 -1.69
N THR A 34 -6.22 12.42 -2.21
CA THR A 34 -7.26 13.38 -1.86
C THR A 34 -7.73 13.12 -0.42
N GLU A 35 -7.62 11.86 0.00
CA GLU A 35 -7.95 11.46 1.36
C GLU A 35 -6.68 11.28 2.19
N PHE A 36 -5.53 11.49 1.53
CA PHE A 36 -4.21 11.36 2.16
C PHE A 36 -4.05 10.00 2.85
N SER A 37 -4.02 8.95 2.04
CA SER A 37 -3.81 7.60 2.54
C SER A 37 -2.74 6.88 1.71
N GLU A 38 -2.02 7.66 0.90
CA GLU A 38 -0.95 7.12 0.05
C GLU A 38 0.19 6.55 0.90
N GLU A 39 0.20 6.95 2.17
CA GLU A 39 1.10 6.40 3.19
C GLU A 39 1.15 4.87 3.08
N ASN A 40 -0.01 4.27 2.88
CA ASN A 40 -0.16 2.82 2.84
C ASN A 40 0.60 2.22 1.66
N ILE A 41 0.45 2.82 0.49
CA ILE A 41 1.12 2.34 -0.71
C ILE A 41 2.64 2.39 -0.51
N GLU A 42 3.13 3.56 -0.10
CA GLU A 42 4.58 3.72 0.15
C GLU A 42 5.04 2.84 1.31
N PHE A 43 4.10 2.48 2.20
CA PHE A 43 4.42 1.64 3.35
C PHE A 43 4.99 0.31 2.91
N TRP A 44 4.23 -0.46 2.14
CA TRP A 44 4.72 -1.78 1.71
C TRP A 44 5.74 -1.65 0.58
N ILE A 45 5.79 -0.50 -0.08
CA ILE A 45 6.86 -0.21 -1.04
C ILE A 45 8.20 -0.23 -0.31
N ALA A 46 8.26 0.45 0.83
CA ALA A 46 9.46 0.51 1.66
C ALA A 46 9.80 -0.87 2.21
N CYS A 47 8.76 -1.65 2.51
CA CYS A 47 8.94 -3.00 3.03
C CYS A 47 9.69 -3.87 2.01
N GLU A 48 9.33 -3.73 0.73
CA GLU A 48 9.98 -4.49 -0.33
C GLU A 48 11.40 -3.96 -0.54
N ASP A 49 11.60 -2.67 -0.30
CA ASP A 49 12.94 -2.09 -0.36
C ASP A 49 13.81 -2.65 0.75
N PHE A 50 13.15 -2.97 1.86
CA PHE A 50 13.81 -3.59 3.00
C PHE A 50 14.18 -5.03 2.67
N LYS A 51 13.33 -5.70 1.88
CA LYS A 51 13.61 -7.05 1.41
C LYS A 51 14.92 -7.10 0.62
N LYS A 52 15.18 -6.02 -0.13
CA LYS A 52 16.45 -5.89 -0.87
C LYS A 52 17.64 -5.96 0.08
N SER A 53 17.58 -5.21 1.18
CA SER A 53 18.67 -5.15 2.14
C SER A 53 18.70 -6.44 2.99
N LYS A 54 19.26 -7.49 2.40
CA LYS A 54 19.31 -8.81 3.02
C LYS A 54 20.49 -8.97 3.99
N GLY A 55 21.16 -7.86 4.30
CA GLY A 55 22.25 -7.90 5.25
C GLY A 55 21.78 -8.18 6.66
N PRO A 56 22.33 -9.20 7.35
CA PRO A 56 21.83 -9.63 8.67
C PRO A 56 21.75 -8.48 9.68
N GLN A 57 22.81 -7.68 9.77
CA GLN A 57 22.83 -6.54 10.68
C GLN A 57 21.97 -5.41 10.10
N GLN A 58 22.11 -5.24 8.79
CA GLN A 58 21.36 -4.23 8.05
C GLN A 58 19.86 -4.33 8.35
N ILE A 59 19.38 -5.56 8.46
CA ILE A 59 17.97 -5.85 8.77
C ILE A 59 17.48 -5.06 9.98
N HIS A 60 18.26 -5.10 11.06
CA HIS A 60 17.85 -4.51 12.33
C HIS A 60 17.78 -3.00 12.24
N LEU A 61 18.88 -2.37 11.82
CA LEU A 61 18.97 -0.92 11.75
C LEU A 61 18.06 -0.35 10.65
N LYS A 62 17.79 -1.18 9.63
CA LYS A 62 16.85 -0.79 8.57
C LYS A 62 15.44 -0.77 9.16
N ALA A 63 15.12 -1.82 9.91
CA ALA A 63 13.83 -1.93 10.58
C ALA A 63 13.64 -0.77 11.56
N LYS A 64 14.75 -0.31 12.15
CA LYS A 64 14.73 0.86 13.04
C LYS A 64 14.22 2.08 12.28
N ALA A 65 14.74 2.28 11.07
CA ALA A 65 14.33 3.41 10.22
C ALA A 65 12.84 3.30 9.89
N ILE A 66 12.41 2.09 9.55
CA ILE A 66 11.00 1.83 9.24
C ILE A 66 10.15 1.95 10.51
N TYR A 67 10.76 1.66 11.65
CA TYR A 67 10.09 1.73 12.94
C TYR A 67 9.63 3.15 13.22
N GLU A 68 10.59 4.06 13.35
CA GLU A 68 10.32 5.46 13.70
C GLU A 68 9.42 6.14 12.67
N LYS A 69 9.63 5.81 11.39
CA LYS A 69 8.95 6.49 10.30
C LYS A 69 7.55 5.92 10.05
N PHE A 70 7.40 4.59 10.16
CA PHE A 70 6.17 3.92 9.76
C PHE A 70 5.51 3.15 10.91
N ILE A 71 6.28 2.33 11.61
CA ILE A 71 5.72 1.39 12.58
C ILE A 71 5.20 2.10 13.82
N GLN A 72 5.84 3.22 14.17
CA GLN A 72 5.44 4.01 15.32
C GLN A 72 3.99 4.47 15.19
N THR A 73 3.30 4.56 16.31
CA THR A 73 2.00 5.19 16.36
C THR A 73 2.19 6.70 16.35
N ASP A 74 3.13 7.14 17.19
CA ASP A 74 3.57 8.53 17.21
C ASP A 74 4.66 8.74 16.16
N ALA A 75 4.30 8.51 14.91
CA ALA A 75 5.23 8.65 13.79
C ALA A 75 5.05 10.00 13.11
N PRO A 76 6.05 10.46 12.32
CA PRO A 76 5.99 11.74 11.61
C PRO A 76 4.69 11.91 10.83
N LYS A 77 4.38 10.94 9.98
CA LYS A 77 3.18 10.97 9.14
C LYS A 77 2.17 9.95 9.65
N GLU A 78 2.67 8.93 10.35
CA GLU A 78 1.84 7.85 10.90
C GLU A 78 1.29 6.94 9.80
N VAL A 79 0.96 5.71 10.18
CA VAL A 79 0.36 4.76 9.26
C VAL A 79 -0.88 4.13 9.90
N ASN A 80 -1.98 4.07 9.14
CA ASN A 80 -3.26 3.58 9.65
C ASN A 80 -3.31 2.05 9.67
N LEU A 81 -2.14 1.42 9.67
CA LEU A 81 -2.02 -0.03 9.77
C LEU A 81 -2.57 -0.55 11.11
N ASP A 82 -3.13 -1.75 11.08
CA ASP A 82 -3.69 -2.40 12.26
C ASP A 82 -2.73 -2.32 13.46
N PHE A 83 -3.26 -1.81 14.57
CA PHE A 83 -2.48 -1.63 15.79
C PHE A 83 -1.86 -2.94 16.25
N HIS A 84 -2.62 -4.03 16.14
CA HIS A 84 -2.13 -5.33 16.60
C HIS A 84 -0.95 -5.80 15.75
N THR A 85 -0.93 -5.39 14.48
CA THR A 85 0.21 -5.69 13.61
C THR A 85 1.42 -4.87 14.04
N LYS A 86 1.20 -3.58 14.27
CA LYS A 86 2.24 -2.68 14.79
C LYS A 86 2.79 -3.23 16.10
N GLU A 87 1.87 -3.73 16.92
CA GLU A 87 2.18 -4.31 18.23
C GLU A 87 3.26 -5.39 18.11
N VAL A 88 2.96 -6.43 17.32
CA VAL A 88 3.87 -7.55 17.15
C VAL A 88 5.24 -7.08 16.65
N ILE A 89 5.21 -6.13 15.73
CA ILE A 89 6.44 -5.61 15.12
C ILE A 89 7.28 -4.85 16.14
N THR A 90 6.64 -3.96 16.90
CA THR A 90 7.35 -3.12 17.87
C THR A 90 8.07 -3.98 18.92
N ASN A 91 7.49 -5.13 19.22
CA ASN A 91 8.06 -6.04 20.22
C ASN A 91 9.11 -6.95 19.58
N SER A 92 9.00 -7.15 18.27
CA SER A 92 9.94 -8.01 17.53
C SER A 92 11.03 -7.17 16.87
N ILE A 93 10.99 -5.86 17.09
CA ILE A 93 11.93 -4.92 16.46
C ILE A 93 13.39 -5.33 16.71
N THR A 94 13.63 -5.98 17.85
CA THR A 94 14.98 -6.43 18.21
C THR A 94 15.51 -7.43 17.19
N GLN A 95 14.63 -8.31 16.70
CA GLN A 95 15.00 -9.34 15.73
C GLN A 95 13.88 -9.53 14.70
N PRO A 96 13.81 -8.65 13.69
CA PRO A 96 12.84 -8.76 12.61
C PRO A 96 13.35 -9.66 11.48
N THR A 97 12.45 -10.43 10.88
CA THR A 97 12.80 -11.29 9.76
C THR A 97 12.88 -10.49 8.45
N LEU A 98 13.36 -11.15 7.39
CA LEU A 98 13.61 -10.50 6.10
C LEU A 98 12.35 -9.86 5.53
N HIS A 99 11.19 -10.43 5.86
CA HIS A 99 9.91 -9.89 5.43
C HIS A 99 8.97 -9.84 6.63
N SER A 100 9.50 -9.40 7.76
CA SER A 100 8.75 -9.32 9.01
C SER A 100 7.43 -8.53 8.84
N PHE A 101 7.46 -7.54 7.96
CA PHE A 101 6.30 -6.67 7.74
C PHE A 101 5.31 -7.30 6.77
N ASP A 102 5.52 -8.57 6.44
CA ASP A 102 4.68 -9.28 5.45
C ASP A 102 3.21 -9.26 5.87
N ALA A 103 2.97 -9.52 7.15
CA ALA A 103 1.62 -9.50 7.69
C ALA A 103 1.00 -8.11 7.55
N ALA A 104 1.85 -7.09 7.63
CA ALA A 104 1.42 -5.70 7.51
C ALA A 104 0.91 -5.43 6.10
N GLN A 105 1.55 -6.03 5.10
CA GLN A 105 1.10 -5.90 3.71
C GLN A 105 -0.37 -6.32 3.59
N SER A 106 -0.72 -7.41 4.28
CA SER A 106 -2.08 -7.92 4.26
C SER A 106 -3.07 -6.89 4.82
N ARG A 107 -2.78 -6.41 6.03
CA ARG A 107 -3.63 -5.43 6.70
C ARG A 107 -3.79 -4.16 5.86
N VAL A 108 -2.67 -3.64 5.36
CA VAL A 108 -2.65 -2.40 4.60
C VAL A 108 -3.42 -2.53 3.28
N TYR A 109 -3.07 -3.54 2.50
CA TYR A 109 -3.67 -3.75 1.18
C TYR A 109 -5.19 -3.85 1.26
N GLN A 110 -5.69 -4.74 2.11
CA GLN A 110 -7.13 -5.00 2.19
C GLN A 110 -7.87 -3.78 2.74
N LEU A 111 -7.19 -3.03 3.61
CA LEU A 111 -7.75 -1.84 4.23
C LEU A 111 -8.05 -0.77 3.18
N MET A 112 -7.06 -0.51 2.32
CA MET A 112 -7.21 0.46 1.24
C MET A 112 -8.33 0.02 0.29
N GLU A 113 -8.36 -1.29 0.03
CA GLU A 113 -9.30 -1.86 -0.92
C GLU A 113 -10.75 -1.56 -0.52
N GLN A 114 -11.16 -2.07 0.64
CA GLN A 114 -12.56 -2.06 1.04
C GLN A 114 -13.20 -0.66 0.99
N ASP A 115 -12.41 0.38 1.24
CA ASP A 115 -12.94 1.74 1.30
C ASP A 115 -12.58 2.56 0.05
N SER A 116 -11.29 2.79 -0.16
CA SER A 116 -10.83 3.67 -1.23
C SER A 116 -11.07 3.03 -2.60
N TYR A 117 -10.78 1.72 -2.72
CA TYR A 117 -10.87 1.03 -4.01
C TYR A 117 -12.31 0.93 -4.48
N THR A 118 -13.25 0.75 -3.54
CA THR A 118 -14.67 0.67 -3.91
C THR A 118 -15.15 2.02 -4.47
N ARG A 119 -14.85 3.10 -3.76
CA ARG A 119 -15.20 4.43 -4.26
C ARG A 119 -14.45 4.69 -5.56
N PHE A 120 -13.23 4.17 -5.66
CA PHE A 120 -12.45 4.31 -6.88
C PHE A 120 -13.16 3.65 -8.05
N LEU A 121 -13.88 2.56 -7.77
CA LEU A 121 -14.66 1.87 -8.80
C LEU A 121 -15.85 2.72 -9.23
N LYS A 122 -16.30 3.62 -8.36
CA LYS A 122 -17.40 4.53 -8.70
C LYS A 122 -16.92 5.98 -8.77
N SER A 123 -15.62 6.19 -8.84
CA SER A 123 -15.04 7.52 -8.91
C SER A 123 -15.28 8.13 -10.27
N ASP A 124 -15.24 9.46 -10.35
CA ASP A 124 -15.34 10.18 -11.62
C ASP A 124 -14.27 9.67 -12.59
N ILE A 125 -13.15 9.21 -12.03
CA ILE A 125 -12.07 8.63 -12.82
C ILE A 125 -12.55 7.39 -13.57
N TYR A 126 -13.07 6.42 -12.81
CA TYR A 126 -13.47 5.14 -13.36
C TYR A 126 -14.71 5.29 -14.24
N LEU A 127 -15.64 6.15 -13.80
CA LEU A 127 -16.85 6.43 -14.57
C LEU A 127 -16.47 7.05 -15.91
N ASP A 128 -15.37 7.80 -15.92
CA ASP A 128 -14.85 8.41 -17.14
C ASP A 128 -14.35 7.33 -18.10
N LEU A 129 -13.77 6.28 -17.53
CA LEU A 129 -13.27 5.14 -18.30
C LEU A 129 -14.44 4.27 -18.79
N MET A 130 -15.52 4.27 -18.02
CA MET A 130 -16.70 3.45 -18.31
C MET A 130 -17.64 4.17 -19.27
N GLU A 131 -17.18 5.28 -19.84
CA GLU A 131 -18.00 6.10 -20.72
C GLU A 131 -18.57 5.28 -21.89
N GLY A 132 -19.82 4.86 -21.72
CA GLY A 132 -20.56 4.24 -22.79
C GLY A 132 -20.29 2.75 -22.94
N ARG A 133 -19.04 2.41 -23.21
CA ARG A 133 -18.68 1.03 -23.56
C ARG A 133 -18.18 0.26 -22.33
N PRO A 134 -18.78 -0.91 -22.05
CA PRO A 134 -18.35 -1.81 -20.98
C PRO A 134 -17.33 -2.83 -21.47
N SER A 1 1.48 1.57 -21.85
CA SER A 1 0.48 1.53 -20.76
C SER A 1 -0.79 2.28 -21.18
N MET A 2 -1.77 1.53 -21.70
CA MET A 2 -3.06 2.09 -22.07
C MET A 2 -4.18 1.16 -21.61
N VAL A 3 -4.76 1.48 -20.47
CA VAL A 3 -5.84 0.67 -19.89
C VAL A 3 -7.09 0.73 -20.77
N SER A 4 -7.73 -0.42 -20.95
CA SER A 4 -8.94 -0.54 -21.73
C SER A 4 -10.08 -1.07 -20.83
N PRO A 5 -11.35 -0.91 -21.24
CA PRO A 5 -12.51 -1.38 -20.46
C PRO A 5 -12.31 -2.77 -19.83
N GLU A 6 -11.85 -3.71 -20.63
CA GLU A 6 -11.61 -5.08 -20.14
C GLU A 6 -10.52 -5.08 -19.06
N GLU A 7 -9.47 -4.29 -19.26
CA GLU A 7 -8.40 -4.17 -18.28
C GLU A 7 -8.95 -3.58 -16.98
N ALA A 8 -9.88 -2.65 -17.12
CA ALA A 8 -10.50 -1.97 -15.99
C ALA A 8 -11.32 -2.94 -15.14
N VAL A 9 -12.07 -3.83 -15.81
CA VAL A 9 -12.90 -4.81 -15.08
C VAL A 9 -12.01 -5.84 -14.39
N LYS A 10 -10.80 -6.04 -14.91
CA LYS A 10 -9.83 -6.93 -14.27
C LYS A 10 -9.44 -6.36 -12.91
N TRP A 11 -9.43 -5.04 -12.81
CA TRP A 11 -9.15 -4.36 -11.55
C TRP A 11 -10.41 -4.37 -10.68
N GLY A 12 -11.57 -4.31 -11.33
CA GLY A 12 -12.84 -4.30 -10.63
C GLY A 12 -13.20 -5.67 -10.05
N GLU A 13 -12.33 -6.65 -10.25
CA GLU A 13 -12.53 -7.98 -9.67
C GLU A 13 -11.42 -8.30 -8.66
N SER A 14 -10.43 -7.42 -8.54
CA SER A 14 -9.31 -7.65 -7.65
C SER A 14 -8.52 -6.37 -7.41
N PHE A 15 -8.59 -5.85 -6.17
CA PHE A 15 -7.80 -4.70 -5.78
C PHE A 15 -6.31 -5.07 -5.85
N ASP A 16 -6.03 -6.34 -5.56
CA ASP A 16 -4.70 -6.90 -5.68
C ASP A 16 -4.18 -6.77 -7.12
N LYS A 17 -5.08 -6.97 -8.08
CA LYS A 17 -4.74 -6.88 -9.50
C LYS A 17 -4.62 -5.42 -9.93
N LEU A 18 -5.44 -4.57 -9.31
CA LEU A 18 -5.39 -3.12 -9.55
C LEU A 18 -3.98 -2.58 -9.27
N LEU A 19 -3.44 -3.01 -8.13
CA LEU A 19 -2.09 -2.59 -7.71
C LEU A 19 -1.02 -3.35 -8.50
N SER A 20 -1.39 -4.51 -9.03
CA SER A 20 -0.47 -5.34 -9.81
C SER A 20 -0.18 -4.70 -11.16
N HIS A 21 -1.11 -3.88 -11.65
CA HIS A 21 -0.96 -3.22 -12.95
C HIS A 21 -0.47 -1.79 -12.71
N ARG A 22 0.68 -1.43 -13.32
CA ARG A 22 1.25 -0.09 -13.16
C ARG A 22 0.22 1.00 -13.46
N ASP A 23 -0.58 0.75 -14.49
CA ASP A 23 -1.66 1.66 -14.88
C ASP A 23 -2.59 1.92 -13.69
N GLY A 24 -2.97 0.84 -13.01
CA GLY A 24 -3.86 0.94 -11.87
C GLY A 24 -3.17 1.56 -10.67
N LEU A 25 -1.91 1.18 -10.46
CA LEU A 25 -1.11 1.71 -9.37
C LEU A 25 -1.00 3.24 -9.49
N GLU A 26 -0.68 3.71 -10.70
CA GLU A 26 -0.58 5.14 -10.97
C GLU A 26 -1.89 5.84 -10.64
N ALA A 27 -2.96 5.38 -11.27
CA ALA A 27 -4.28 5.98 -11.10
C ALA A 27 -4.71 5.96 -9.64
N PHE A 28 -4.45 4.85 -8.95
CA PHE A 28 -4.89 4.68 -7.58
C PHE A 28 -4.07 5.51 -6.60
N THR A 29 -2.76 5.58 -6.80
CA THR A 29 -1.90 6.28 -5.85
C THR A 29 -2.14 7.77 -6.03
N ARG A 30 -2.26 8.17 -7.29
CA ARG A 30 -2.64 9.52 -7.65
C ARG A 30 -3.96 9.90 -7.00
N PHE A 31 -4.90 8.95 -7.02
CA PHE A 31 -6.22 9.15 -6.42
C PHE A 31 -6.12 9.26 -4.90
N LEU A 32 -5.11 8.62 -4.32
CA LEU A 32 -4.92 8.62 -2.87
C LEU A 32 -4.11 9.84 -2.43
N LYS A 33 -3.25 10.33 -3.34
CA LYS A 33 -2.41 11.49 -3.05
C LYS A 33 -3.24 12.77 -3.03
N THR A 34 -4.44 12.72 -3.61
CA THR A 34 -5.34 13.87 -3.64
C THR A 34 -5.73 14.27 -2.22
N GLU A 35 -5.72 13.31 -1.30
CA GLU A 35 -6.05 13.57 0.10
C GLU A 35 -4.82 13.43 1.00
N PHE A 36 -3.66 13.23 0.36
CA PHE A 36 -2.37 13.14 1.06
C PHE A 36 -2.30 11.95 2.01
N SER A 37 -3.11 10.92 1.75
CA SER A 37 -3.09 9.69 2.56
C SER A 37 -2.23 8.63 1.88
N GLU A 38 -1.36 9.09 0.98
CA GLU A 38 -0.54 8.21 0.14
C GLU A 38 0.40 7.34 0.96
N GLU A 39 0.76 7.80 2.16
CA GLU A 39 1.71 7.11 3.03
C GLU A 39 1.35 5.64 3.22
N ASN A 40 0.08 5.29 3.02
CA ASN A 40 -0.38 3.90 3.19
C ASN A 40 0.15 3.02 2.05
N ILE A 41 -0.23 3.35 0.82
CA ILE A 41 0.23 2.57 -0.33
C ILE A 41 1.75 2.67 -0.44
N GLU A 42 2.26 3.87 -0.21
CA GLU A 42 3.71 4.11 -0.20
C GLU A 42 4.39 3.34 0.95
N PHE A 43 3.64 3.08 2.02
CA PHE A 43 4.15 2.31 3.16
C PHE A 43 4.61 0.93 2.72
N TRP A 44 3.70 0.15 2.14
CA TRP A 44 4.07 -1.20 1.74
C TRP A 44 4.95 -1.21 0.49
N ILE A 45 5.00 -0.09 -0.22
CA ILE A 45 6.00 0.08 -1.29
C ILE A 45 7.39 0.24 -0.66
N ALA A 46 7.44 0.94 0.46
CA ALA A 46 8.68 1.09 1.22
C ALA A 46 9.14 -0.27 1.76
N CYS A 47 8.18 -1.17 1.96
CA CYS A 47 8.48 -2.54 2.35
C CYS A 47 9.30 -3.24 1.28
N GLU A 48 9.11 -2.82 0.02
CA GLU A 48 9.94 -3.33 -1.07
C GLU A 48 11.34 -2.75 -0.97
N ASP A 49 11.43 -1.47 -0.65
CA ASP A 49 12.72 -0.82 -0.39
C ASP A 49 13.43 -1.48 0.79
N PHE A 50 12.63 -2.06 1.68
CA PHE A 50 13.14 -2.78 2.83
C PHE A 50 13.74 -4.13 2.42
N LYS A 51 13.01 -4.87 1.58
CA LYS A 51 13.41 -6.22 1.19
C LYS A 51 14.65 -6.20 0.28
N LYS A 52 14.88 -5.07 -0.40
CA LYS A 52 15.98 -4.94 -1.34
C LYS A 52 17.26 -4.42 -0.67
N SER A 53 17.25 -4.31 0.67
CA SER A 53 18.41 -3.85 1.41
C SER A 53 19.64 -4.69 1.06
N LYS A 54 20.66 -4.05 0.51
CA LYS A 54 21.86 -4.74 0.04
C LYS A 54 22.66 -5.34 1.19
N GLY A 55 22.42 -4.86 2.41
CA GLY A 55 23.16 -5.33 3.57
C GLY A 55 22.26 -5.83 4.68
N PRO A 56 22.70 -6.83 5.47
CA PRO A 56 21.91 -7.41 6.56
C PRO A 56 21.70 -6.41 7.70
N GLN A 57 22.69 -5.55 7.92
CA GLN A 57 22.59 -4.53 8.95
C GLN A 57 21.61 -3.46 8.52
N GLN A 58 21.58 -3.19 7.22
CA GLN A 58 20.66 -2.21 6.63
C GLN A 58 19.22 -2.59 6.94
N ILE A 59 18.97 -3.89 7.01
CA ILE A 59 17.65 -4.41 7.39
C ILE A 59 17.21 -3.84 8.73
N HIS A 60 18.14 -3.83 9.70
CA HIS A 60 17.84 -3.32 11.05
C HIS A 60 17.57 -1.82 10.99
N LEU A 61 18.37 -1.12 10.19
CA LEU A 61 18.26 0.33 10.06
C LEU A 61 16.91 0.73 9.45
N LYS A 62 16.55 0.08 8.34
CA LYS A 62 15.30 0.38 7.65
C LYS A 62 14.10 0.00 8.50
N ALA A 63 14.18 -1.17 9.15
CA ALA A 63 13.10 -1.64 10.01
C ALA A 63 12.82 -0.64 11.13
N LYS A 64 13.89 -0.18 11.77
CA LYS A 64 13.77 0.79 12.86
C LYS A 64 13.18 2.10 12.34
N ALA A 65 13.57 2.47 11.11
CA ALA A 65 13.07 3.69 10.48
C ALA A 65 11.57 3.62 10.29
N ILE A 66 11.11 2.53 9.67
CA ILE A 66 9.69 2.30 9.44
C ILE A 66 8.95 2.20 10.78
N TYR A 67 9.62 1.60 11.76
CA TYR A 67 9.06 1.45 13.09
C TYR A 67 8.70 2.82 13.68
N GLU A 68 9.73 3.63 13.88
CA GLU A 68 9.60 4.93 14.55
C GLU A 68 8.56 5.82 13.87
N LYS A 69 8.53 5.79 12.54
CA LYS A 69 7.77 6.75 11.77
C LYS A 69 6.38 6.24 11.38
N PHE A 70 6.17 4.92 11.45
CA PHE A 70 4.91 4.32 10.97
C PHE A 70 4.34 3.29 11.95
N ILE A 71 5.15 2.31 12.34
CA ILE A 71 4.65 1.16 13.10
C ILE A 71 4.19 1.58 14.49
N GLN A 72 4.97 2.44 15.12
CA GLN A 72 4.68 2.90 16.48
C GLN A 72 3.23 3.39 16.59
N THR A 73 2.53 2.93 17.62
CA THR A 73 1.10 3.21 17.79
C THR A 73 0.82 4.72 17.77
N ASP A 74 1.78 5.51 18.25
CA ASP A 74 1.62 6.97 18.32
C ASP A 74 2.62 7.66 17.39
N ALA A 75 2.93 7.00 16.27
CA ALA A 75 3.86 7.55 15.28
C ALA A 75 3.34 8.87 14.71
N PRO A 76 4.24 9.71 14.13
CA PRO A 76 3.89 11.05 13.62
C PRO A 76 2.59 11.08 12.82
N LYS A 77 2.48 10.24 11.80
CA LYS A 77 1.25 10.11 11.02
C LYS A 77 0.56 8.79 11.36
N GLU A 78 1.34 7.85 11.91
CA GLU A 78 0.91 6.51 12.32
C GLU A 78 0.20 5.74 11.19
N VAL A 79 0.11 4.42 11.38
CA VAL A 79 -0.62 3.55 10.48
C VAL A 79 -1.62 2.73 11.29
N ASN A 80 -2.83 2.57 10.77
CA ASN A 80 -3.91 1.88 11.47
C ASN A 80 -3.72 0.36 11.47
N LEU A 81 -2.47 -0.07 11.25
CA LEU A 81 -2.09 -1.47 11.32
C LEU A 81 -2.59 -2.10 12.62
N ASP A 82 -3.19 -3.30 12.52
CA ASP A 82 -3.76 -3.99 13.68
C ASP A 82 -2.80 -4.00 14.87
N PHE A 83 -3.36 -3.83 16.07
CA PHE A 83 -2.57 -3.76 17.30
C PHE A 83 -1.77 -5.04 17.48
N HIS A 84 -2.42 -6.18 17.33
CA HIS A 84 -1.75 -7.48 17.50
C HIS A 84 -0.59 -7.63 16.51
N THR A 85 -0.80 -7.13 15.30
CA THR A 85 0.22 -7.24 14.25
C THR A 85 1.45 -6.40 14.60
N LYS A 86 1.24 -5.14 14.96
CA LYS A 86 2.36 -4.26 15.32
C LYS A 86 2.91 -4.65 16.68
N GLU A 87 2.10 -5.34 17.48
CA GLU A 87 2.54 -5.90 18.76
C GLU A 87 3.73 -6.82 18.52
N VAL A 88 3.51 -7.81 17.65
CA VAL A 88 4.57 -8.73 17.26
C VAL A 88 5.79 -7.95 16.78
N ILE A 89 5.55 -6.99 15.89
CA ILE A 89 6.62 -6.19 15.30
C ILE A 89 7.43 -5.43 16.37
N THR A 90 6.73 -4.84 17.34
CA THR A 90 7.41 -4.05 18.38
C THR A 90 8.38 -4.93 19.18
N ASN A 91 8.06 -6.22 19.28
CA ASN A 91 8.92 -7.16 20.02
C ASN A 91 9.99 -7.77 19.12
N SER A 92 9.63 -8.06 17.87
CA SER A 92 10.56 -8.75 16.95
C SER A 92 11.24 -7.78 15.98
N ILE A 93 11.11 -6.48 16.24
CA ILE A 93 11.68 -5.44 15.38
C ILE A 93 13.20 -5.60 15.24
N THR A 94 13.81 -6.24 16.24
CA THR A 94 15.26 -6.44 16.26
C THR A 94 15.68 -7.58 15.31
N GLN A 95 14.70 -8.39 14.88
CA GLN A 95 14.98 -9.54 14.00
C GLN A 95 13.95 -9.61 12.86
N PRO A 96 13.85 -8.55 12.03
CA PRO A 96 12.86 -8.47 10.96
C PRO A 96 13.30 -9.22 9.70
N THR A 97 12.48 -10.17 9.28
CA THR A 97 12.74 -10.95 8.07
C THR A 97 12.52 -10.08 6.83
N LEU A 98 13.07 -10.51 5.68
CA LEU A 98 12.98 -9.73 4.43
C LEU A 98 11.54 -9.32 4.11
N HIS A 99 10.60 -10.22 4.38
CA HIS A 99 9.17 -9.94 4.16
C HIS A 99 8.42 -9.88 5.50
N SER A 100 9.05 -9.29 6.50
CA SER A 100 8.43 -9.11 7.80
C SER A 100 7.19 -8.20 7.69
N PHE A 101 7.40 -7.02 7.08
CA PHE A 101 6.33 -6.05 6.90
C PHE A 101 5.36 -6.48 5.79
N ASP A 102 5.65 -7.64 5.17
CA ASP A 102 4.78 -8.17 4.11
C ASP A 102 3.39 -8.45 4.68
N ALA A 103 3.34 -8.84 5.93
CA ALA A 103 2.07 -9.05 6.63
C ALA A 103 1.33 -7.71 6.74
N ALA A 104 2.09 -6.67 7.06
CA ALA A 104 1.53 -5.32 7.16
C ALA A 104 1.08 -4.82 5.79
N GLN A 105 1.75 -5.31 4.75
CA GLN A 105 1.39 -4.99 3.37
C GLN A 105 -0.07 -5.36 3.11
N SER A 106 -0.43 -6.60 3.43
CA SER A 106 -1.80 -7.08 3.24
C SER A 106 -2.78 -6.27 4.09
N ARG A 107 -2.34 -5.92 5.30
CA ARG A 107 -3.17 -5.13 6.23
C ARG A 107 -3.49 -3.76 5.63
N VAL A 108 -2.45 -3.03 5.24
CA VAL A 108 -2.62 -1.69 4.67
C VAL A 108 -3.38 -1.77 3.35
N TYR A 109 -3.11 -2.83 2.59
CA TYR A 109 -3.78 -3.10 1.33
C TYR A 109 -5.30 -3.16 1.55
N GLN A 110 -5.74 -3.95 2.53
CA GLN A 110 -7.17 -4.11 2.81
C GLN A 110 -7.73 -2.86 3.49
N LEU A 111 -6.86 -2.17 4.23
CA LEU A 111 -7.22 -0.95 4.95
C LEU A 111 -7.65 0.15 3.97
N MET A 112 -6.88 0.28 2.88
CA MET A 112 -7.21 1.25 1.84
C MET A 112 -8.37 0.74 1.00
N GLU A 113 -8.39 -0.57 0.80
CA GLU A 113 -9.42 -1.22 -0.03
C GLU A 113 -10.82 -0.81 0.41
N GLN A 114 -11.11 -0.98 1.70
CA GLN A 114 -12.46 -0.77 2.24
C GLN A 114 -13.03 0.61 1.92
N ASP A 115 -12.17 1.54 1.51
CA ASP A 115 -12.61 2.89 1.15
C ASP A 115 -12.14 3.25 -0.25
N SER A 116 -10.83 3.41 -0.39
CA SER A 116 -10.23 3.94 -1.61
C SER A 116 -10.55 3.07 -2.84
N TYR A 117 -10.74 1.77 -2.64
CA TYR A 117 -11.01 0.86 -3.76
C TYR A 117 -12.34 1.18 -4.42
N THR A 118 -13.42 1.11 -3.65
CA THR A 118 -14.75 1.42 -4.16
C THR A 118 -14.83 2.85 -4.67
N ARG A 119 -14.17 3.77 -3.96
CA ARG A 119 -14.07 5.17 -4.39
C ARG A 119 -13.43 5.25 -5.78
N PHE A 120 -12.38 4.46 -5.98
CA PHE A 120 -11.70 4.39 -7.26
C PHE A 120 -12.63 3.85 -8.34
N LEU A 121 -13.44 2.86 -7.98
CA LEU A 121 -14.37 2.23 -8.92
C LEU A 121 -15.46 3.22 -9.35
N LYS A 122 -15.69 4.26 -8.54
CA LYS A 122 -16.69 5.26 -8.85
C LYS A 122 -16.05 6.60 -9.24
N SER A 123 -14.72 6.65 -9.23
CA SER A 123 -14.01 7.88 -9.60
C SER A 123 -14.22 8.20 -11.07
N ASP A 124 -14.14 9.49 -11.42
CA ASP A 124 -14.23 9.92 -12.81
C ASP A 124 -13.20 9.18 -13.65
N ILE A 125 -12.07 8.86 -13.02
CA ILE A 125 -10.99 8.13 -13.65
C ILE A 125 -11.50 6.81 -14.22
N TYR A 126 -12.05 5.96 -13.34
CA TYR A 126 -12.47 4.62 -13.73
C TYR A 126 -13.52 4.67 -14.84
N LEU A 127 -14.49 5.57 -14.70
CA LEU A 127 -15.54 5.73 -15.70
C LEU A 127 -14.97 6.25 -17.03
N ASP A 128 -13.92 7.05 -16.94
CA ASP A 128 -13.25 7.57 -18.13
C ASP A 128 -12.50 6.45 -18.84
N LEU A 129 -11.94 5.52 -18.05
CA LEU A 129 -11.21 4.37 -18.59
C LEU A 129 -12.14 3.55 -19.47
N MET A 130 -13.39 3.39 -19.02
CA MET A 130 -14.41 2.69 -19.80
C MET A 130 -14.71 3.47 -21.08
N GLU A 131 -15.23 4.69 -20.91
CA GLU A 131 -15.47 5.60 -22.03
C GLU A 131 -15.98 6.94 -21.51
N GLY A 132 -16.86 6.89 -20.51
CA GLY A 132 -17.45 8.10 -19.96
C GLY A 132 -18.16 8.91 -21.02
N ARG A 133 -18.71 8.23 -22.01
CA ARG A 133 -19.39 8.89 -23.13
C ARG A 133 -20.45 7.97 -23.75
N PRO A 134 -21.66 7.96 -23.19
CA PRO A 134 -22.82 7.33 -23.81
C PRO A 134 -23.54 8.32 -24.74
N SER A 1 -2.37 6.78 -19.21
CA SER A 1 -3.57 6.13 -19.78
C SER A 1 -3.15 5.04 -20.77
N MET A 2 -3.10 3.81 -20.29
CA MET A 2 -2.78 2.65 -21.13
C MET A 2 -3.87 1.59 -20.94
N VAL A 3 -5.00 2.04 -20.40
CA VAL A 3 -6.09 1.15 -20.03
C VAL A 3 -7.27 1.26 -21.01
N SER A 4 -7.74 0.10 -21.45
CA SER A 4 -8.96 -0.01 -22.23
C SER A 4 -10.09 -0.47 -21.28
N PRO A 5 -11.37 -0.20 -21.60
CA PRO A 5 -12.51 -0.67 -20.78
C PRO A 5 -12.33 -2.12 -20.31
N GLU A 6 -11.78 -2.96 -21.18
CA GLU A 6 -11.49 -4.36 -20.85
C GLU A 6 -10.39 -4.43 -19.79
N GLU A 7 -9.36 -3.61 -19.98
CA GLU A 7 -8.24 -3.54 -19.06
C GLU A 7 -8.71 -2.95 -17.72
N ALA A 8 -9.80 -2.20 -17.76
CA ALA A 8 -10.38 -1.60 -16.57
C ALA A 8 -11.08 -2.65 -15.71
N VAL A 9 -11.90 -3.49 -16.35
CA VAL A 9 -12.62 -4.55 -15.63
C VAL A 9 -11.64 -5.54 -15.02
N LYS A 10 -10.45 -5.62 -15.60
CA LYS A 10 -9.35 -6.41 -15.03
C LYS A 10 -9.13 -6.01 -13.56
N TRP A 11 -9.08 -4.71 -13.32
CA TRP A 11 -8.80 -4.18 -12.00
C TRP A 11 -9.91 -4.55 -11.02
N GLY A 12 -11.12 -4.74 -11.55
CA GLY A 12 -12.26 -5.11 -10.73
C GLY A 12 -12.21 -6.56 -10.29
N GLU A 13 -11.29 -7.32 -10.89
CA GLU A 13 -11.12 -8.74 -10.56
C GLU A 13 -10.29 -8.90 -9.30
N SER A 14 -9.46 -7.88 -9.02
CA SER A 14 -8.60 -7.89 -7.84
C SER A 14 -7.90 -6.55 -7.68
N PHE A 15 -7.96 -6.03 -6.45
CA PHE A 15 -7.25 -4.81 -6.09
C PHE A 15 -5.75 -5.01 -6.27
N ASP A 16 -5.32 -6.27 -6.18
CA ASP A 16 -3.92 -6.63 -6.40
C ASP A 16 -3.57 -6.45 -7.88
N LYS A 17 -4.53 -6.72 -8.75
CA LYS A 17 -4.33 -6.58 -10.19
C LYS A 17 -4.24 -5.10 -10.55
N LEU A 18 -5.04 -4.30 -9.86
CA LEU A 18 -5.00 -2.84 -10.02
C LEU A 18 -3.61 -2.32 -9.69
N LEU A 19 -3.05 -2.81 -8.59
CA LEU A 19 -1.75 -2.37 -8.09
C LEU A 19 -0.60 -2.95 -8.93
N SER A 20 -0.80 -4.14 -9.49
CA SER A 20 0.22 -4.77 -10.32
C SER A 20 0.22 -4.16 -11.72
N HIS A 21 -0.94 -3.64 -12.13
CA HIS A 21 -1.06 -2.96 -13.41
C HIS A 21 -0.38 -1.60 -13.29
N ARG A 22 0.76 -1.43 -13.98
CA ARG A 22 1.57 -0.20 -13.86
C ARG A 22 0.69 1.05 -13.99
N ASP A 23 -0.07 1.09 -15.10
CA ASP A 23 -0.97 2.22 -15.37
C ASP A 23 -2.14 2.25 -14.38
N GLY A 24 -2.40 1.10 -13.76
CA GLY A 24 -3.49 0.98 -12.80
C GLY A 24 -3.13 1.57 -11.45
N LEU A 25 -2.00 1.10 -10.92
CA LEU A 25 -1.43 1.62 -9.68
C LEU A 25 -1.28 3.14 -9.75
N GLU A 26 -0.91 3.65 -10.93
CA GLU A 26 -0.81 5.09 -11.13
C GLU A 26 -2.18 5.74 -10.96
N ALA A 27 -3.18 5.23 -11.67
CA ALA A 27 -4.53 5.76 -11.60
C ALA A 27 -5.05 5.75 -10.15
N PHE A 28 -4.81 4.64 -9.47
CA PHE A 28 -5.25 4.48 -8.09
C PHE A 28 -4.54 5.48 -7.18
N THR A 29 -3.23 5.64 -7.36
CA THR A 29 -2.47 6.54 -6.50
C THR A 29 -2.89 7.99 -6.75
N ARG A 30 -3.37 8.28 -7.98
CA ARG A 30 -3.94 9.60 -8.28
C ARG A 30 -5.05 9.90 -7.28
N PHE A 31 -5.98 8.95 -7.18
CA PHE A 31 -7.13 9.09 -6.29
C PHE A 31 -6.70 9.04 -4.82
N LEU A 32 -5.83 8.08 -4.50
CA LEU A 32 -5.40 7.86 -3.12
C LEU A 32 -4.64 9.07 -2.56
N LYS A 33 -3.97 9.80 -3.45
CA LYS A 33 -3.21 10.99 -3.06
C LYS A 33 -4.13 12.21 -2.91
N THR A 34 -5.38 12.08 -3.34
CA THR A 34 -6.34 13.18 -3.21
C THR A 34 -6.97 13.15 -1.81
N GLU A 35 -7.04 11.95 -1.22
CA GLU A 35 -7.58 11.77 0.13
C GLU A 35 -6.44 11.68 1.15
N PHE A 36 -5.22 11.88 0.67
CA PHE A 36 -4.02 11.92 1.53
C PHE A 36 -3.75 10.56 2.19
N SER A 37 -4.35 9.50 1.66
CA SER A 37 -4.17 8.16 2.21
C SER A 37 -3.09 7.39 1.43
N GLU A 38 -2.31 8.13 0.64
CA GLU A 38 -1.24 7.57 -0.17
C GLU A 38 -0.24 6.77 0.68
N GLU A 39 -0.19 7.11 1.97
CA GLU A 39 0.65 6.41 2.94
C GLU A 39 0.52 4.89 2.80
N ASN A 40 -0.70 4.41 2.64
CA ASN A 40 -0.98 2.97 2.59
C ASN A 40 -0.20 2.27 1.48
N ILE A 41 -0.42 2.71 0.24
CA ILE A 41 0.19 2.07 -0.91
C ILE A 41 1.71 2.18 -0.83
N GLU A 42 2.19 3.34 -0.42
CA GLU A 42 3.63 3.59 -0.31
C GLU A 42 4.20 2.98 0.98
N PHE A 43 3.31 2.53 1.85
CA PHE A 43 3.71 1.83 3.08
C PHE A 43 4.32 0.48 2.72
N TRP A 44 3.55 -0.37 2.04
CA TRP A 44 4.05 -1.69 1.68
C TRP A 44 5.03 -1.62 0.51
N ILE A 45 4.99 -0.53 -0.25
CA ILE A 45 6.02 -0.27 -1.25
C ILE A 45 7.37 -0.11 -0.56
N ALA A 46 7.37 0.57 0.59
CA ALA A 46 8.57 0.71 1.40
C ALA A 46 9.01 -0.64 1.93
N CYS A 47 8.03 -1.50 2.25
CA CYS A 47 8.31 -2.85 2.71
C CYS A 47 8.99 -3.66 1.61
N GLU A 48 8.64 -3.37 0.36
CA GLU A 48 9.31 -3.97 -0.79
C GLU A 48 10.75 -3.46 -0.86
N ASP A 49 10.91 -2.14 -0.83
CA ASP A 49 12.23 -1.53 -0.85
C ASP A 49 13.10 -2.10 0.27
N PHE A 50 12.43 -2.57 1.32
CA PHE A 50 13.11 -3.20 2.45
C PHE A 50 13.59 -4.60 2.10
N LYS A 51 12.77 -5.38 1.35
CA LYS A 51 13.15 -6.75 1.00
C LYS A 51 14.37 -6.76 0.06
N LYS A 52 14.63 -5.61 -0.57
CA LYS A 52 15.79 -5.48 -1.46
C LYS A 52 17.10 -5.44 -0.68
N SER A 53 17.06 -4.96 0.57
CA SER A 53 18.28 -4.83 1.36
C SER A 53 18.96 -6.19 1.52
N LYS A 54 20.23 -6.26 1.11
CA LYS A 54 20.99 -7.51 1.18
C LYS A 54 21.98 -7.49 2.34
N GLY A 55 22.19 -6.30 2.90
CA GLY A 55 23.12 -6.14 4.00
C GLY A 55 22.48 -6.48 5.34
N PRO A 56 23.00 -7.49 6.07
CA PRO A 56 22.48 -7.88 7.37
C PRO A 56 22.38 -6.69 8.34
N GLN A 57 23.33 -5.78 8.20
CA GLN A 57 23.35 -4.58 9.02
C GLN A 57 22.22 -3.64 8.60
N GLN A 58 22.00 -3.56 7.30
CA GLN A 58 20.98 -2.70 6.72
C GLN A 58 19.60 -3.09 7.21
N ILE A 59 19.37 -4.41 7.29
CA ILE A 59 18.08 -4.95 7.73
C ILE A 59 17.63 -4.29 9.04
N HIS A 60 18.51 -4.27 10.03
CA HIS A 60 18.19 -3.76 11.35
C HIS A 60 17.88 -2.26 11.31
N LEU A 61 18.80 -1.48 10.78
CA LEU A 61 18.68 -0.02 10.82
C LEU A 61 17.58 0.49 9.89
N LYS A 62 17.34 -0.23 8.79
CA LYS A 62 16.32 0.16 7.83
C LYS A 62 14.93 -0.13 8.40
N ALA A 63 14.80 -1.31 9.02
CA ALA A 63 13.55 -1.68 9.69
C ALA A 63 13.28 -0.73 10.84
N LYS A 64 14.35 -0.31 11.51
CA LYS A 64 14.25 0.62 12.65
C LYS A 64 13.68 1.97 12.17
N ALA A 65 14.08 2.36 10.95
CA ALA A 65 13.58 3.59 10.35
C ALA A 65 12.08 3.47 10.05
N ILE A 66 11.72 2.44 9.27
CA ILE A 66 10.32 2.17 8.93
C ILE A 66 9.48 2.03 10.19
N TYR A 67 10.09 1.45 11.22
CA TYR A 67 9.46 1.28 12.52
C TYR A 67 8.98 2.62 13.07
N GLU A 68 9.90 3.56 13.20
CA GLU A 68 9.61 4.84 13.82
C GLU A 68 8.85 5.77 12.87
N LYS A 69 8.91 5.46 11.58
CA LYS A 69 8.25 6.27 10.57
C LYS A 69 6.77 5.90 10.46
N PHE A 70 6.46 4.61 10.60
CA PHE A 70 5.09 4.12 10.40
C PHE A 70 4.59 3.33 11.61
N ILE A 71 5.38 2.34 12.05
CA ILE A 71 4.93 1.39 13.08
C ILE A 71 4.87 2.07 14.46
N GLN A 72 5.50 3.23 14.57
CA GLN A 72 5.51 3.99 15.81
C GLN A 72 4.07 4.32 16.22
N THR A 73 3.76 4.10 17.49
CA THR A 73 2.39 4.18 18.00
C THR A 73 1.73 5.53 17.70
N ASP A 74 2.49 6.61 17.78
CA ASP A 74 1.98 7.95 17.49
C ASP A 74 2.02 8.22 15.99
N ALA A 75 3.24 8.30 15.45
CA ALA A 75 3.46 8.54 14.01
C ALA A 75 2.92 9.91 13.57
N PRO A 76 3.45 10.47 12.46
CA PRO A 76 3.02 11.80 11.97
C PRO A 76 1.64 11.77 11.33
N LYS A 77 1.08 10.57 11.18
CA LYS A 77 -0.23 10.39 10.54
C LYS A 77 -0.99 9.24 11.20
N GLU A 78 -0.43 8.72 12.30
CA GLU A 78 -0.96 7.53 13.00
C GLU A 78 -1.48 6.47 12.03
N VAL A 79 -0.57 5.61 11.57
CA VAL A 79 -0.91 4.55 10.62
C VAL A 79 -2.03 3.67 11.20
N ASN A 80 -3.03 3.40 10.38
CA ASN A 80 -4.24 2.69 10.83
C ASN A 80 -4.00 1.19 11.00
N LEU A 81 -2.73 0.79 11.03
CA LEU A 81 -2.37 -0.60 11.28
C LEU A 81 -2.84 -1.02 12.67
N ASP A 82 -3.45 -2.20 12.76
CA ASP A 82 -4.02 -2.69 14.02
C ASP A 82 -2.96 -2.88 15.09
N PHE A 83 -3.41 -3.07 16.33
CA PHE A 83 -2.52 -3.20 17.48
C PHE A 83 -1.74 -4.51 17.43
N HIS A 84 -2.43 -5.59 17.09
CA HIS A 84 -1.82 -6.92 17.11
C HIS A 84 -0.61 -7.00 16.19
N THR A 85 -0.79 -6.59 14.94
CA THR A 85 0.26 -6.69 13.94
C THR A 85 1.47 -5.83 14.31
N LYS A 86 1.23 -4.60 14.77
CA LYS A 86 2.34 -3.71 15.15
C LYS A 86 3.05 -4.28 16.39
N GLU A 87 2.28 -4.93 17.26
CA GLU A 87 2.83 -5.57 18.45
C GLU A 87 3.83 -6.65 18.06
N VAL A 88 3.43 -7.47 17.09
CA VAL A 88 4.31 -8.52 16.55
C VAL A 88 5.63 -7.89 16.09
N ILE A 89 5.52 -6.76 15.41
CA ILE A 89 6.69 -6.06 14.91
C ILE A 89 7.56 -5.54 16.04
N THR A 90 6.93 -4.97 17.07
CA THR A 90 7.65 -4.37 18.19
C THR A 90 8.47 -5.42 18.96
N ASN A 91 8.03 -6.68 18.90
CA ASN A 91 8.77 -7.77 19.56
C ASN A 91 9.81 -8.39 18.63
N SER A 92 9.60 -8.24 17.32
CA SER A 92 10.50 -8.83 16.32
C SER A 92 11.49 -7.80 15.77
N ILE A 93 11.32 -6.53 16.17
CA ILE A 93 12.13 -5.44 15.64
C ILE A 93 13.62 -5.63 15.99
N THR A 94 13.88 -6.39 17.06
CA THR A 94 15.26 -6.63 17.48
C THR A 94 16.08 -7.30 16.37
N GLN A 95 15.53 -8.35 15.78
CA GLN A 95 16.17 -9.06 14.68
C GLN A 95 15.13 -9.43 13.63
N PRO A 96 14.77 -8.48 12.75
CA PRO A 96 13.72 -8.67 11.74
C PRO A 96 14.24 -9.38 10.48
N THR A 97 13.30 -9.91 9.70
CA THR A 97 13.62 -10.51 8.40
C THR A 97 13.54 -9.46 7.30
N LEU A 98 13.91 -9.85 6.07
CA LEU A 98 13.90 -8.92 4.93
C LEU A 98 12.49 -8.45 4.60
N HIS A 99 11.49 -9.08 5.20
CA HIS A 99 10.10 -8.73 4.94
C HIS A 99 9.28 -8.86 6.22
N SER A 100 9.90 -8.49 7.34
CA SER A 100 9.28 -8.62 8.66
C SER A 100 7.94 -7.86 8.74
N PHE A 101 7.76 -6.87 7.87
CA PHE A 101 6.54 -6.07 7.84
C PHE A 101 5.49 -6.71 6.93
N ASP A 102 5.72 -7.98 6.58
CA ASP A 102 4.89 -8.68 5.59
C ASP A 102 3.42 -8.64 5.97
N ALA A 103 3.10 -9.05 7.19
CA ALA A 103 1.73 -9.04 7.69
C ALA A 103 1.15 -7.62 7.68
N ALA A 104 2.01 -6.65 8.00
CA ALA A 104 1.60 -5.25 8.09
C ALA A 104 1.11 -4.74 6.72
N GLN A 105 1.78 -5.20 5.66
CA GLN A 105 1.39 -4.84 4.29
C GLN A 105 -0.07 -5.19 4.08
N SER A 106 -0.38 -6.46 4.28
CA SER A 106 -1.72 -6.99 4.06
C SER A 106 -2.76 -6.21 4.86
N ARG A 107 -2.45 -5.96 6.13
CA ARG A 107 -3.37 -5.23 7.01
C ARG A 107 -3.77 -3.88 6.40
N VAL A 108 -2.77 -3.07 6.11
CA VAL A 108 -3.00 -1.73 5.56
C VAL A 108 -3.66 -1.82 4.18
N TYR A 109 -3.31 -2.88 3.45
CA TYR A 109 -3.87 -3.17 2.13
C TYR A 109 -5.40 -3.35 2.22
N GLN A 110 -5.85 -4.11 3.22
CA GLN A 110 -7.29 -4.32 3.44
C GLN A 110 -7.97 -2.98 3.72
N LEU A 111 -7.28 -2.16 4.51
CA LEU A 111 -7.82 -0.92 5.01
C LEU A 111 -8.27 0.03 3.91
N MET A 112 -7.38 0.34 2.96
CA MET A 112 -7.74 1.28 1.89
C MET A 112 -8.45 0.57 0.74
N GLU A 113 -8.40 -0.76 0.74
CA GLU A 113 -9.16 -1.54 -0.24
C GLU A 113 -10.65 -1.31 -0.04
N GLN A 114 -11.15 -1.78 1.10
CA GLN A 114 -12.57 -1.69 1.44
C GLN A 114 -13.11 -0.26 1.25
N ASP A 115 -12.25 0.73 1.50
CA ASP A 115 -12.65 2.13 1.44
C ASP A 115 -12.28 2.77 0.10
N SER A 116 -11.00 3.09 -0.07
CA SER A 116 -10.54 3.86 -1.23
C SER A 116 -10.78 3.13 -2.55
N TYR A 117 -10.61 1.80 -2.56
CA TYR A 117 -10.74 1.03 -3.80
C TYR A 117 -12.18 1.06 -4.32
N THR A 118 -13.15 1.00 -3.40
CA THR A 118 -14.56 1.04 -3.80
C THR A 118 -14.92 2.42 -4.35
N ARG A 119 -14.43 3.47 -3.71
CA ARG A 119 -14.62 4.84 -4.19
C ARG A 119 -13.89 5.05 -5.52
N PHE A 120 -12.74 4.39 -5.66
CA PHE A 120 -11.99 4.43 -6.91
C PHE A 120 -12.84 3.84 -8.03
N LEU A 121 -13.51 2.74 -7.74
CA LEU A 121 -14.41 2.10 -8.72
C LEU A 121 -15.53 3.06 -9.11
N LYS A 122 -15.90 3.96 -8.20
CA LYS A 122 -16.95 4.95 -8.47
C LYS A 122 -16.41 6.36 -8.62
N SER A 123 -15.11 6.49 -8.86
CA SER A 123 -14.52 7.78 -9.20
C SER A 123 -14.79 8.10 -10.66
N ASP A 124 -14.94 9.38 -10.98
CA ASP A 124 -15.12 9.82 -12.37
C ASP A 124 -13.98 9.31 -13.24
N ILE A 125 -12.81 9.16 -12.62
CA ILE A 125 -11.62 8.68 -13.30
C ILE A 125 -11.85 7.28 -13.87
N TYR A 126 -12.21 6.34 -12.99
CA TYR A 126 -12.41 4.95 -13.39
C TYR A 126 -13.61 4.83 -14.33
N LEU A 127 -14.67 5.60 -14.05
CA LEU A 127 -15.85 5.60 -14.90
C LEU A 127 -15.52 6.14 -16.30
N ASP A 128 -14.58 7.09 -16.38
CA ASP A 128 -14.13 7.62 -17.66
C ASP A 128 -13.37 6.56 -18.45
N LEU A 129 -12.65 5.71 -17.72
CA LEU A 129 -11.91 4.61 -18.32
C LEU A 129 -12.84 3.47 -18.71
N MET A 130 -14.05 3.49 -18.14
CA MET A 130 -15.07 2.49 -18.43
C MET A 130 -15.97 2.95 -19.58
N GLU A 131 -16.84 3.90 -19.29
CA GLU A 131 -17.83 4.37 -20.27
C GLU A 131 -18.11 5.87 -20.08
N GLY A 132 -17.07 6.61 -19.69
CA GLY A 132 -17.23 8.04 -19.46
C GLY A 132 -17.33 8.82 -20.75
N ARG A 133 -16.26 9.51 -21.13
CA ARG A 133 -16.23 10.30 -22.35
C ARG A 133 -15.56 9.51 -23.48
N PRO A 134 -16.34 9.16 -24.54
CA PRO A 134 -15.80 8.41 -25.69
C PRO A 134 -14.78 9.24 -26.46
N SER A 1 -7.84 6.85 -24.67
CA SER A 1 -8.13 5.48 -24.21
C SER A 1 -7.30 5.14 -22.95
N MET A 2 -6.00 4.90 -23.14
CA MET A 2 -5.11 4.44 -22.07
C MET A 2 -5.54 3.05 -21.60
N VAL A 3 -6.65 2.99 -20.90
CA VAL A 3 -7.23 1.73 -20.46
C VAL A 3 -8.68 1.64 -20.95
N SER A 4 -9.09 0.44 -21.34
CA SER A 4 -10.43 0.19 -21.83
C SER A 4 -11.28 -0.50 -20.76
N PRO A 5 -12.61 -0.29 -20.75
CA PRO A 5 -13.52 -0.91 -19.79
C PRO A 5 -13.27 -2.42 -19.62
N GLU A 6 -12.81 -3.06 -20.69
CA GLU A 6 -12.44 -4.47 -20.64
C GLU A 6 -11.38 -4.70 -19.55
N GLU A 7 -10.32 -3.92 -19.61
CA GLU A 7 -9.25 -4.00 -18.63
C GLU A 7 -9.73 -3.49 -17.28
N ALA A 8 -10.64 -2.52 -17.30
CA ALA A 8 -11.18 -1.93 -16.08
C ALA A 8 -11.94 -2.98 -15.26
N VAL A 9 -12.80 -3.75 -15.92
CA VAL A 9 -13.56 -4.80 -15.23
C VAL A 9 -12.63 -5.91 -14.76
N LYS A 10 -11.52 -6.09 -15.47
CA LYS A 10 -10.47 -7.01 -15.04
C LYS A 10 -9.77 -6.47 -13.79
N TRP A 11 -9.60 -5.15 -13.72
CA TRP A 11 -9.10 -4.51 -12.50
C TRP A 11 -10.07 -4.79 -11.36
N GLY A 12 -11.36 -4.80 -11.69
CA GLY A 12 -12.41 -4.98 -10.72
C GLY A 12 -12.48 -6.39 -10.15
N GLU A 13 -11.56 -7.27 -10.57
CA GLU A 13 -11.52 -8.63 -10.03
C GLU A 13 -10.11 -8.98 -9.53
N SER A 14 -9.16 -8.07 -9.69
CA SER A 14 -7.80 -8.27 -9.21
C SER A 14 -7.11 -6.94 -8.92
N PHE A 15 -6.97 -6.62 -7.62
CA PHE A 15 -6.30 -5.38 -7.20
C PHE A 15 -4.86 -5.36 -7.74
N ASP A 16 -4.24 -6.53 -7.77
CA ASP A 16 -2.89 -6.68 -8.33
C ASP A 16 -2.87 -6.21 -9.78
N LYS A 17 -3.87 -6.63 -10.53
CA LYS A 17 -3.98 -6.30 -11.95
C LYS A 17 -4.19 -4.79 -12.11
N LEU A 18 -4.94 -4.22 -11.18
CA LEU A 18 -5.16 -2.78 -11.12
C LEU A 18 -3.84 -2.03 -10.95
N LEU A 19 -3.07 -2.46 -9.95
CA LEU A 19 -1.86 -1.74 -9.56
C LEU A 19 -0.67 -2.06 -10.47
N SER A 20 -0.71 -3.21 -11.14
CA SER A 20 0.34 -3.60 -12.07
C SER A 20 0.31 -2.72 -13.31
N HIS A 21 -0.89 -2.21 -13.63
CA HIS A 21 -1.05 -1.25 -14.72
C HIS A 21 -0.65 0.13 -14.25
N ARG A 22 0.21 0.81 -15.01
CA ARG A 22 0.55 2.19 -14.70
C ARG A 22 -0.70 3.04 -14.71
N ASP A 23 -1.63 2.68 -15.59
CA ASP A 23 -2.93 3.35 -15.68
C ASP A 23 -3.64 3.28 -14.33
N GLY A 24 -3.70 2.07 -13.78
CA GLY A 24 -4.39 1.83 -12.52
C GLY A 24 -3.64 2.41 -11.35
N LEU A 25 -2.32 2.26 -11.37
CA LEU A 25 -1.45 2.76 -10.32
C LEU A 25 -1.58 4.28 -10.21
N GLU A 26 -1.52 4.95 -11.35
CA GLU A 26 -1.62 6.42 -11.40
C GLU A 26 -3.00 6.85 -10.94
N ALA A 27 -4.04 6.23 -11.49
CA ALA A 27 -5.42 6.56 -11.14
C ALA A 27 -5.68 6.34 -9.65
N PHE A 28 -5.15 5.22 -9.13
CA PHE A 28 -5.39 4.84 -7.74
C PHE A 28 -4.69 5.80 -6.78
N THR A 29 -3.41 6.08 -7.04
CA THR A 29 -2.63 6.95 -6.15
C THR A 29 -3.26 8.34 -6.08
N ARG A 30 -3.82 8.81 -7.19
CA ARG A 30 -4.48 10.12 -7.23
C ARG A 30 -5.68 10.14 -6.29
N PHE A 31 -6.55 9.16 -6.45
CA PHE A 31 -7.75 9.04 -5.61
C PHE A 31 -7.37 8.77 -4.16
N LEU A 32 -6.25 8.07 -3.97
CA LEU A 32 -5.78 7.72 -2.64
C LEU A 32 -5.19 8.95 -1.94
N LYS A 33 -4.70 9.90 -2.74
CA LYS A 33 -4.12 11.14 -2.21
C LYS A 33 -5.22 12.11 -1.77
N THR A 34 -6.34 12.12 -2.49
CA THR A 34 -7.43 13.06 -2.18
C THR A 34 -8.12 12.69 -0.87
N GLU A 35 -7.79 11.51 -0.32
CA GLU A 35 -8.28 11.12 1.00
C GLU A 35 -7.09 10.90 1.94
N PHE A 36 -5.93 11.45 1.55
CA PHE A 36 -4.68 11.36 2.32
C PHE A 36 -4.43 9.96 2.89
N SER A 37 -4.91 8.95 2.18
CA SER A 37 -4.67 7.56 2.56
C SER A 37 -3.48 7.00 1.79
N GLU A 38 -2.77 7.87 1.07
CA GLU A 38 -1.61 7.48 0.27
C GLU A 38 -0.55 6.77 1.13
N GLU A 39 -0.63 7.01 2.44
CA GLU A 39 0.26 6.38 3.40
C GLU A 39 0.33 4.87 3.21
N ASN A 40 -0.82 4.28 2.86
CA ASN A 40 -0.96 2.83 2.75
C ASN A 40 -0.01 2.25 1.70
N ILE A 41 -0.18 2.67 0.46
CA ILE A 41 0.63 2.16 -0.65
C ILE A 41 2.08 2.54 -0.45
N GLU A 42 2.29 3.72 0.13
CA GLU A 42 3.63 4.23 0.37
C GLU A 42 4.29 3.45 1.51
N PHE A 43 3.46 2.91 2.40
CA PHE A 43 3.92 2.12 3.53
C PHE A 43 4.62 0.85 3.06
N TRP A 44 3.87 -0.05 2.43
CA TRP A 44 4.43 -1.34 2.07
C TRP A 44 5.33 -1.27 0.84
N ILE A 45 5.34 -0.13 0.14
CA ILE A 45 6.34 0.07 -0.92
C ILE A 45 7.69 0.39 -0.25
N ALA A 46 7.63 1.04 0.91
CA ALA A 46 8.83 1.26 1.73
C ALA A 46 9.34 -0.09 2.24
N CYS A 47 8.42 -1.03 2.42
CA CYS A 47 8.77 -2.39 2.83
C CYS A 47 9.58 -3.11 1.74
N GLU A 48 9.30 -2.81 0.47
CA GLU A 48 10.07 -3.43 -0.62
C GLU A 48 11.36 -2.64 -0.83
N ASP A 49 11.33 -1.35 -0.51
CA ASP A 49 12.55 -0.55 -0.40
C ASP A 49 13.46 -1.17 0.66
N PHE A 50 12.84 -1.85 1.61
CA PHE A 50 13.54 -2.60 2.65
C PHE A 50 14.03 -3.94 2.12
N LYS A 51 13.32 -4.52 1.15
CA LYS A 51 13.80 -5.77 0.51
C LYS A 51 15.15 -5.49 -0.15
N LYS A 52 15.40 -4.21 -0.45
CA LYS A 52 16.73 -3.75 -0.86
C LYS A 52 17.69 -3.74 0.34
N SER A 53 17.83 -4.88 0.98
CA SER A 53 18.79 -5.04 2.08
C SER A 53 19.43 -6.42 2.01
N LYS A 54 20.59 -6.50 1.36
CA LYS A 54 21.32 -7.76 1.21
C LYS A 54 22.16 -8.05 2.45
N GLY A 55 22.22 -7.09 3.36
CA GLY A 55 23.00 -7.25 4.58
C GLY A 55 22.11 -7.45 5.79
N PRO A 56 22.30 -8.57 6.54
CA PRO A 56 21.50 -8.87 7.74
C PRO A 56 21.56 -7.74 8.78
N GLN A 57 22.65 -6.98 8.77
CA GLN A 57 22.77 -5.81 9.63
C GLN A 57 21.85 -4.70 9.13
N GLN A 58 21.87 -4.48 7.81
CA GLN A 58 21.04 -3.46 7.18
C GLN A 58 19.56 -3.75 7.44
N ILE A 59 19.24 -5.03 7.56
CA ILE A 59 17.88 -5.47 7.90
C ILE A 59 17.38 -4.74 9.14
N HIS A 60 18.15 -4.82 10.22
CA HIS A 60 17.76 -4.19 11.48
C HIS A 60 17.72 -2.67 11.36
N LEU A 61 18.64 -2.11 10.59
CA LEU A 61 18.77 -0.67 10.44
C LEU A 61 17.58 -0.08 9.67
N LYS A 62 17.29 -0.66 8.50
CA LYS A 62 16.22 -0.17 7.63
C LYS A 62 14.86 -0.49 8.24
N ALA A 63 14.79 -1.61 8.97
CA ALA A 63 13.58 -1.97 9.71
C ALA A 63 13.33 -0.97 10.84
N LYS A 64 14.42 -0.60 11.53
CA LYS A 64 14.37 0.41 12.59
C LYS A 64 13.87 1.74 12.02
N ALA A 65 14.23 2.02 10.78
CA ALA A 65 13.78 3.22 10.09
C ALA A 65 12.27 3.18 9.86
N ILE A 66 11.81 2.12 9.19
CA ILE A 66 10.38 1.94 8.92
C ILE A 66 9.59 1.88 10.22
N TYR A 67 10.23 1.34 11.26
CA TYR A 67 9.64 1.26 12.59
C TYR A 67 9.22 2.65 13.07
N GLU A 68 10.20 3.54 13.20
CA GLU A 68 9.97 4.87 13.76
C GLU A 68 9.19 5.75 12.79
N LYS A 69 9.37 5.54 11.50
CA LYS A 69 8.77 6.39 10.48
C LYS A 69 7.32 5.99 10.18
N PHE A 70 6.98 4.72 10.42
CA PHE A 70 5.65 4.20 10.07
C PHE A 70 5.02 3.39 11.21
N ILE A 71 5.74 2.39 11.71
CA ILE A 71 5.18 1.42 12.66
C ILE A 71 4.91 2.05 14.03
N GLN A 72 5.70 3.04 14.37
CA GLN A 72 5.66 3.65 15.70
C GLN A 72 4.31 4.33 15.94
N THR A 73 3.83 4.24 17.18
CA THR A 73 2.58 4.88 17.57
C THR A 73 2.69 6.40 17.43
N ASP A 74 3.85 6.93 17.81
CA ASP A 74 4.17 8.33 17.61
C ASP A 74 5.09 8.47 16.39
N ALA A 75 4.47 8.70 15.24
CA ALA A 75 5.19 8.78 13.97
C ALA A 75 4.89 10.12 13.28
N PRO A 76 5.74 10.53 12.31
CA PRO A 76 5.59 11.82 11.60
C PRO A 76 4.16 12.10 11.15
N LYS A 77 3.45 11.05 10.73
CA LYS A 77 2.04 11.19 10.34
C LYS A 77 1.22 9.99 10.82
N GLU A 78 1.90 9.00 11.43
CA GLU A 78 1.27 7.76 11.87
C GLU A 78 0.65 6.98 10.70
N VAL A 79 0.49 5.68 10.91
CA VAL A 79 -0.15 4.81 9.93
C VAL A 79 -1.39 4.16 10.56
N ASN A 80 -2.43 3.97 9.76
CA ASN A 80 -3.72 3.44 10.24
C ASN A 80 -3.70 1.92 10.36
N LEU A 81 -2.51 1.33 10.43
CA LEU A 81 -2.35 -0.11 10.63
C LEU A 81 -2.87 -0.49 12.02
N ASP A 82 -3.55 -1.63 12.10
CA ASP A 82 -4.25 -2.04 13.33
C ASP A 82 -3.29 -2.28 14.48
N PHE A 83 -3.83 -2.17 15.70
CA PHE A 83 -3.05 -2.33 16.93
C PHE A 83 -2.43 -3.73 16.99
N HIS A 84 -3.20 -4.73 16.58
CA HIS A 84 -2.75 -6.13 16.60
C HIS A 84 -1.42 -6.29 15.86
N THR A 85 -1.39 -5.88 14.60
CA THR A 85 -0.23 -6.09 13.76
C THR A 85 0.93 -5.18 14.16
N LYS A 86 0.64 -3.91 14.45
CA LYS A 86 1.69 -2.97 14.81
C LYS A 86 2.34 -3.38 16.14
N GLU A 87 1.53 -3.99 17.02
CA GLU A 87 2.01 -4.49 18.31
C GLU A 87 3.06 -5.58 18.07
N VAL A 88 2.74 -6.52 17.20
CA VAL A 88 3.65 -7.61 16.86
C VAL A 88 5.00 -7.05 16.41
N ILE A 89 4.96 -6.05 15.55
CA ILE A 89 6.18 -5.48 14.99
C ILE A 89 6.94 -4.64 16.02
N THR A 90 6.21 -3.87 16.83
CA THR A 90 6.83 -3.01 17.83
C THR A 90 7.60 -3.83 18.87
N ASN A 91 7.24 -5.10 19.00
CA ASN A 91 7.95 -6.02 19.90
C ASN A 91 9.00 -6.84 19.14
N SER A 92 8.66 -7.24 17.92
CA SER A 92 9.53 -8.11 17.12
C SER A 92 10.61 -7.29 16.38
N ILE A 93 10.59 -5.98 16.57
CA ILE A 93 11.53 -5.08 15.90
C ILE A 93 12.99 -5.46 16.23
N THR A 94 13.19 -6.08 17.39
CA THR A 94 14.53 -6.49 17.80
C THR A 94 15.07 -7.60 16.89
N GLN A 95 14.15 -8.38 16.31
CA GLN A 95 14.52 -9.50 15.43
C GLN A 95 13.57 -9.55 14.22
N PRO A 96 13.71 -8.59 13.29
CA PRO A 96 12.86 -8.51 12.10
C PRO A 96 13.41 -9.35 10.94
N THR A 97 12.55 -10.14 10.33
CA THR A 97 12.89 -10.90 9.13
C THR A 97 12.74 -10.02 7.88
N LEU A 98 13.19 -10.54 6.73
CA LEU A 98 13.13 -9.80 5.48
C LEU A 98 11.67 -9.47 5.12
N HIS A 99 10.75 -10.29 5.61
CA HIS A 99 9.32 -10.09 5.40
C HIS A 99 8.60 -9.92 6.74
N SER A 100 9.30 -9.30 7.70
CA SER A 100 8.71 -9.03 9.01
C SER A 100 7.49 -8.10 8.87
N PHE A 101 7.55 -7.23 7.87
CA PHE A 101 6.49 -6.26 7.62
C PHE A 101 5.46 -6.82 6.63
N ASP A 102 5.61 -8.09 6.26
CA ASP A 102 4.73 -8.72 5.28
C ASP A 102 3.30 -8.78 5.81
N ALA A 103 3.17 -9.12 7.09
CA ALA A 103 1.87 -9.14 7.75
C ALA A 103 1.23 -7.75 7.69
N ALA A 104 2.04 -6.73 7.94
CA ALA A 104 1.58 -5.34 7.87
C ALA A 104 1.22 -4.97 6.44
N GLN A 105 2.00 -5.49 5.50
CA GLN A 105 1.76 -5.29 4.07
C GLN A 105 0.38 -5.80 3.73
N SER A 106 0.05 -6.98 4.23
CA SER A 106 -1.26 -7.58 4.05
C SER A 106 -2.34 -6.67 4.65
N ARG A 107 -2.22 -6.39 5.95
CA ARG A 107 -3.21 -5.57 6.67
C ARG A 107 -3.51 -4.28 5.91
N VAL A 108 -2.46 -3.52 5.63
CA VAL A 108 -2.58 -2.26 4.91
C VAL A 108 -3.25 -2.47 3.55
N TYR A 109 -2.89 -3.56 2.88
CA TYR A 109 -3.46 -3.92 1.58
C TYR A 109 -4.97 -4.22 1.71
N GLN A 110 -5.36 -4.84 2.82
CA GLN A 110 -6.78 -5.14 3.07
C GLN A 110 -7.54 -3.85 3.30
N LEU A 111 -6.90 -2.96 4.06
CA LEU A 111 -7.48 -1.67 4.41
C LEU A 111 -7.78 -0.86 3.15
N MET A 112 -6.82 -0.83 2.22
CA MET A 112 -7.02 -0.15 0.94
C MET A 112 -8.16 -0.80 0.18
N GLU A 113 -8.21 -2.12 0.22
CA GLU A 113 -9.19 -2.90 -0.53
C GLU A 113 -10.61 -2.56 -0.06
N GLN A 114 -10.96 -3.00 1.14
CA GLN A 114 -12.34 -2.91 1.63
C GLN A 114 -12.88 -1.48 1.64
N ASP A 115 -11.97 -0.49 1.59
CA ASP A 115 -12.37 0.92 1.57
C ASP A 115 -11.93 1.61 0.29
N SER A 116 -10.65 1.92 0.18
CA SER A 116 -10.14 2.74 -0.92
C SER A 116 -10.43 2.12 -2.28
N TYR A 117 -10.53 0.79 -2.34
CA TYR A 117 -10.73 0.08 -3.60
C TYR A 117 -12.19 0.16 -4.02
N THR A 118 -13.12 -0.06 -3.09
CA THR A 118 -14.55 0.04 -3.41
C THR A 118 -14.92 1.50 -3.75
N ARG A 119 -14.35 2.44 -2.98
CA ARG A 119 -14.52 3.86 -3.30
C ARG A 119 -13.93 4.15 -4.68
N PHE A 120 -12.80 3.51 -4.98
CA PHE A 120 -12.16 3.65 -6.29
C PHE A 120 -13.06 3.07 -7.39
N LEU A 121 -13.77 2.00 -7.07
CA LEU A 121 -14.69 1.38 -8.03
C LEU A 121 -15.77 2.39 -8.44
N LYS A 122 -16.10 3.31 -7.54
CA LYS A 122 -17.06 4.38 -7.85
C LYS A 122 -16.41 5.76 -7.83
N SER A 123 -15.08 5.80 -7.90
CA SER A 123 -14.37 7.07 -8.04
C SER A 123 -14.60 7.64 -9.44
N ASP A 124 -14.75 8.96 -9.52
CA ASP A 124 -15.00 9.63 -10.79
C ASP A 124 -13.92 9.30 -11.81
N ILE A 125 -12.67 9.22 -11.35
CA ILE A 125 -11.54 8.93 -12.23
C ILE A 125 -11.66 7.52 -12.83
N TYR A 126 -12.04 6.54 -12.00
CA TYR A 126 -12.17 5.15 -12.47
C TYR A 126 -13.37 5.02 -13.41
N LEU A 127 -14.44 5.74 -13.12
CA LEU A 127 -15.62 5.74 -13.98
C LEU A 127 -15.29 6.38 -15.33
N ASP A 128 -14.34 7.32 -15.31
CA ASP A 128 -13.82 7.93 -16.54
C ASP A 128 -13.08 6.89 -17.37
N LEU A 129 -12.43 5.95 -16.68
CA LEU A 129 -11.72 4.86 -17.34
C LEU A 129 -12.71 3.81 -17.84
N MET A 130 -13.84 3.67 -17.14
CA MET A 130 -14.87 2.70 -17.49
C MET A 130 -15.50 2.99 -18.86
N GLU A 131 -15.39 4.23 -19.32
CA GLU A 131 -15.92 4.60 -20.63
C GLU A 131 -14.83 4.56 -21.69
N GLY A 132 -13.60 4.28 -21.26
CA GLY A 132 -12.46 4.30 -22.16
C GLY A 132 -12.27 5.66 -22.80
N ARG A 133 -12.07 6.67 -21.96
CA ARG A 133 -11.99 8.07 -22.38
C ARG A 133 -11.13 8.23 -23.65
N PRO A 134 -11.75 8.68 -24.76
CA PRO A 134 -11.03 8.96 -26.01
C PRO A 134 -10.12 10.18 -25.85
N SER A 1 0.63 5.50 -20.56
CA SER A 1 -0.56 5.54 -19.70
C SER A 1 -1.83 5.47 -20.55
N MET A 2 -2.98 5.65 -19.90
CA MET A 2 -4.29 5.53 -20.55
C MET A 2 -4.48 4.11 -21.09
N VAL A 3 -5.05 3.25 -20.24
CA VAL A 3 -5.19 1.83 -20.56
C VAL A 3 -6.36 1.58 -21.50
N SER A 4 -6.36 0.42 -22.15
CA SER A 4 -7.48 -0.03 -22.96
C SER A 4 -8.69 -0.29 -22.06
N PRO A 5 -9.88 0.23 -22.45
CA PRO A 5 -11.11 0.12 -21.64
C PRO A 5 -11.39 -1.30 -21.16
N GLU A 6 -11.04 -2.29 -21.97
CA GLU A 6 -11.27 -3.69 -21.61
C GLU A 6 -10.49 -4.06 -20.34
N GLU A 7 -9.23 -3.65 -20.29
CA GLU A 7 -8.40 -3.91 -19.11
C GLU A 7 -8.88 -3.05 -17.95
N ALA A 8 -9.36 -1.86 -18.28
CA ALA A 8 -9.87 -0.93 -17.27
C ALA A 8 -11.04 -1.56 -16.52
N VAL A 9 -11.97 -2.18 -17.24
CA VAL A 9 -13.12 -2.82 -16.62
C VAL A 9 -12.73 -4.14 -15.95
N LYS A 10 -11.58 -4.68 -16.35
CA LYS A 10 -11.01 -5.86 -15.69
C LYS A 10 -10.58 -5.51 -14.27
N TRP A 11 -10.20 -4.26 -14.05
CA TRP A 11 -9.75 -3.81 -12.73
C TRP A 11 -10.86 -3.96 -11.69
N GLY A 12 -12.11 -3.96 -12.16
CA GLY A 12 -13.25 -4.14 -11.28
C GLY A 12 -13.28 -5.53 -10.65
N GLU A 13 -12.43 -6.43 -11.17
CA GLU A 13 -12.33 -7.78 -10.63
C GLU A 13 -11.57 -7.78 -9.31
N SER A 14 -10.41 -7.13 -9.29
CA SER A 14 -9.53 -7.15 -8.13
C SER A 14 -8.64 -5.90 -8.07
N PHE A 15 -8.65 -5.24 -6.92
CA PHE A 15 -7.77 -4.09 -6.67
C PHE A 15 -6.31 -4.50 -6.90
N ASP A 16 -6.05 -5.79 -6.70
CA ASP A 16 -4.72 -6.35 -6.93
C ASP A 16 -4.19 -5.98 -8.32
N LYS A 17 -4.96 -6.31 -9.36
CA LYS A 17 -4.50 -6.06 -10.73
C LYS A 17 -4.53 -4.57 -11.05
N LEU A 18 -5.45 -3.85 -10.41
CA LEU A 18 -5.51 -2.40 -10.52
C LEU A 18 -4.17 -1.78 -10.12
N LEU A 19 -3.69 -2.17 -8.94
CA LEU A 19 -2.45 -1.65 -8.38
C LEU A 19 -1.25 -2.19 -9.15
N SER A 20 -1.34 -3.43 -9.60
CA SER A 20 -0.24 -4.10 -10.28
C SER A 20 -0.07 -3.58 -11.72
N HIS A 21 -1.13 -3.00 -12.29
CA HIS A 21 -1.07 -2.47 -13.66
C HIS A 21 -0.63 -1.01 -13.61
N ARG A 22 0.52 -0.73 -14.22
CA ARG A 22 1.12 0.62 -14.21
C ARG A 22 0.06 1.72 -14.31
N ASP A 23 -0.79 1.63 -15.32
CA ASP A 23 -1.83 2.62 -15.59
C ASP A 23 -2.73 2.80 -14.37
N GLY A 24 -3.14 1.67 -13.78
CA GLY A 24 -4.02 1.69 -12.62
C GLY A 24 -3.34 2.31 -11.42
N LEU A 25 -2.10 1.92 -11.19
CA LEU A 25 -1.29 2.44 -10.11
C LEU A 25 -1.17 3.96 -10.23
N GLU A 26 -0.89 4.43 -11.45
CA GLU A 26 -0.75 5.85 -11.72
C GLU A 26 -2.06 6.59 -11.46
N ALA A 27 -3.15 6.04 -11.98
CA ALA A 27 -4.47 6.63 -11.79
C ALA A 27 -4.86 6.65 -10.32
N PHE A 28 -4.44 5.60 -9.61
CA PHE A 28 -4.80 5.41 -8.21
C PHE A 28 -4.07 6.42 -7.33
N THR A 29 -2.75 6.55 -7.51
CA THR A 29 -1.95 7.47 -6.69
C THR A 29 -2.41 8.92 -6.91
N ARG A 30 -2.78 9.24 -8.16
CA ARG A 30 -3.24 10.59 -8.50
C ARG A 30 -4.54 10.93 -7.78
N PHE A 31 -5.44 9.95 -7.67
CA PHE A 31 -6.71 10.14 -6.98
C PHE A 31 -6.51 10.11 -5.45
N LEU A 32 -5.82 9.08 -4.99
CA LEU A 32 -5.56 8.89 -3.56
C LEU A 32 -4.80 10.08 -2.96
N LYS A 33 -4.09 10.79 -3.83
CA LYS A 33 -3.29 11.94 -3.43
C LYS A 33 -4.16 13.08 -2.88
N THR A 34 -5.38 13.22 -3.41
CA THR A 34 -6.25 14.33 -3.04
C THR A 34 -6.74 14.19 -1.59
N GLU A 35 -6.69 12.98 -1.05
CA GLU A 35 -7.08 12.74 0.33
C GLU A 35 -5.85 12.51 1.21
N PHE A 36 -4.68 12.55 0.58
CA PHE A 36 -3.39 12.45 1.27
C PHE A 36 -3.23 11.12 2.02
N SER A 37 -4.03 10.12 1.64
CA SER A 37 -3.91 8.78 2.22
C SER A 37 -2.82 8.00 1.48
N GLU A 38 -2.16 8.67 0.54
CA GLU A 38 -1.13 8.08 -0.32
C GLU A 38 -0.04 7.37 0.49
N GLU A 39 0.10 7.73 1.76
CA GLU A 39 1.15 7.16 2.62
C GLU A 39 1.05 5.65 2.72
N ASN A 40 -0.11 5.10 2.36
CA ASN A 40 -0.28 3.64 2.33
C ASN A 40 0.58 3.04 1.20
N ILE A 41 0.61 3.74 0.08
CA ILE A 41 1.46 3.35 -1.05
C ILE A 41 2.93 3.47 -0.65
N GLU A 42 3.28 4.60 -0.04
CA GLU A 42 4.63 4.81 0.47
C GLU A 42 4.96 3.83 1.59
N PHE A 43 3.91 3.32 2.25
CA PHE A 43 4.08 2.36 3.34
C PHE A 43 4.75 1.08 2.84
N TRP A 44 4.09 0.38 1.91
CA TRP A 44 4.64 -0.88 1.42
C TRP A 44 5.67 -0.67 0.32
N ILE A 45 5.84 0.56 -0.17
CA ILE A 45 6.94 0.85 -1.08
C ILE A 45 8.23 0.96 -0.29
N ALA A 46 8.10 1.40 0.96
CA ALA A 46 9.22 1.44 1.90
C ALA A 46 9.59 0.02 2.31
N CYS A 47 8.56 -0.83 2.44
CA CYS A 47 8.77 -2.25 2.72
C CYS A 47 9.51 -2.91 1.55
N GLU A 48 9.25 -2.43 0.34
CA GLU A 48 9.99 -2.87 -0.84
C GLU A 48 11.45 -2.45 -0.67
N ASP A 49 11.66 -1.17 -0.36
CA ASP A 49 13.00 -0.63 -0.08
C ASP A 49 13.73 -1.50 0.92
N PHE A 50 12.96 -2.09 1.83
CA PHE A 50 13.51 -2.92 2.89
C PHE A 50 14.04 -4.25 2.33
N LYS A 51 13.28 -4.89 1.43
CA LYS A 51 13.70 -6.19 0.90
C LYS A 51 14.93 -6.03 0.00
N LYS A 52 15.20 -4.81 -0.42
CA LYS A 52 16.36 -4.51 -1.26
C LYS A 52 17.66 -4.52 -0.44
N SER A 53 17.52 -4.50 0.88
CA SER A 53 18.67 -4.41 1.77
C SER A 53 19.64 -5.57 1.55
N LYS A 54 19.08 -6.79 1.50
CA LYS A 54 19.83 -8.04 1.30
C LYS A 54 21.07 -8.14 2.20
N GLY A 55 21.10 -7.33 3.27
CA GLY A 55 22.22 -7.32 4.18
C GLY A 55 21.76 -7.44 5.63
N PRO A 56 22.25 -8.45 6.37
CA PRO A 56 21.79 -8.75 7.74
C PRO A 56 21.73 -7.51 8.64
N GLN A 57 22.84 -6.79 8.71
CA GLN A 57 22.91 -5.59 9.55
C GLN A 57 21.91 -4.52 9.08
N GLN A 58 21.78 -4.38 7.76
CA GLN A 58 20.89 -3.37 7.18
C GLN A 58 19.43 -3.74 7.46
N ILE A 59 19.17 -5.03 7.63
CA ILE A 59 17.84 -5.50 7.99
C ILE A 59 17.36 -4.82 9.28
N HIS A 60 18.23 -4.84 10.29
CA HIS A 60 17.89 -4.28 11.60
C HIS A 60 17.69 -2.77 11.49
N LEU A 61 18.48 -2.13 10.62
CA LEU A 61 18.46 -0.68 10.47
C LEU A 61 17.20 -0.21 9.75
N LYS A 62 16.94 -0.77 8.57
CA LYS A 62 15.76 -0.39 7.78
C LYS A 62 14.48 -0.74 8.52
N ALA A 63 14.50 -1.88 9.23
CA ALA A 63 13.36 -2.28 10.04
C ALA A 63 13.05 -1.23 11.11
N LYS A 64 14.10 -0.81 11.82
CA LYS A 64 13.99 0.24 12.83
C LYS A 64 13.43 1.53 12.22
N ALA A 65 13.88 1.84 11.01
CA ALA A 65 13.43 3.03 10.30
C ALA A 65 11.92 3.00 10.08
N ILE A 66 11.46 2.02 9.30
CA ILE A 66 10.03 1.87 9.00
C ILE A 66 9.22 1.76 10.28
N TYR A 67 9.79 1.07 11.27
CA TYR A 67 9.15 0.86 12.56
C TYR A 67 8.74 2.19 13.19
N GLU A 68 9.70 2.96 13.69
CA GLU A 68 9.40 4.16 14.46
C GLU A 68 8.96 5.32 13.57
N LYS A 69 8.98 5.11 12.25
CA LYS A 69 8.53 6.15 11.33
C LYS A 69 7.06 5.94 10.95
N PHE A 70 6.65 4.67 10.85
CA PHE A 70 5.31 4.34 10.36
C PHE A 70 4.60 3.34 11.28
N ILE A 71 5.26 2.22 11.56
CA ILE A 71 4.63 1.11 12.29
C ILE A 71 4.17 1.54 13.67
N GLN A 72 5.03 2.28 14.37
CA GLN A 72 4.77 2.67 15.74
C GLN A 72 3.62 3.68 15.81
N THR A 73 2.71 3.49 16.76
CA THR A 73 1.62 4.43 16.97
C THR A 73 2.18 5.73 17.55
N ASP A 74 3.23 5.59 18.34
CA ASP A 74 3.94 6.73 18.92
C ASP A 74 4.95 7.32 17.93
N ALA A 75 4.84 6.91 16.67
CA ALA A 75 5.68 7.46 15.60
C ALA A 75 5.40 8.95 15.41
N PRO A 76 6.34 9.71 14.78
CA PRO A 76 6.23 11.17 14.65
C PRO A 76 4.87 11.62 14.10
N LYS A 77 4.25 10.78 13.27
CA LYS A 77 2.93 11.08 12.72
C LYS A 77 2.09 9.80 12.54
N GLU A 78 2.62 8.70 13.08
CA GLU A 78 1.99 7.36 13.03
C GLU A 78 1.43 6.98 11.66
N VAL A 79 0.73 5.83 11.62
CA VAL A 79 0.07 5.31 10.43
C VAL A 79 -1.09 4.43 10.88
N ASN A 80 -2.21 4.52 10.19
CA ASN A 80 -3.40 3.76 10.53
C ASN A 80 -3.19 2.26 10.24
N LEU A 81 -2.65 1.57 11.23
CA LEU A 81 -2.39 0.13 11.16
C LEU A 81 -2.87 -0.52 12.45
N ASP A 82 -3.37 -1.75 12.34
CA ASP A 82 -3.95 -2.47 13.48
C ASP A 82 -2.98 -2.57 14.65
N PHE A 83 -3.54 -2.45 15.85
CA PHE A 83 -2.76 -2.46 17.09
C PHE A 83 -2.10 -3.81 17.34
N HIS A 84 -2.84 -4.89 17.12
CA HIS A 84 -2.34 -6.24 17.42
C HIS A 84 -1.25 -6.63 16.43
N THR A 85 -1.36 -6.10 15.21
CA THR A 85 -0.37 -6.34 14.18
C THR A 85 0.97 -5.73 14.58
N LYS A 86 0.96 -4.45 14.94
CA LYS A 86 2.18 -3.75 15.31
C LYS A 86 2.69 -4.25 16.66
N GLU A 87 1.80 -4.80 17.47
CA GLU A 87 2.17 -5.45 18.73
C GLU A 87 3.23 -6.53 18.47
N VAL A 88 2.88 -7.50 17.62
CA VAL A 88 3.79 -8.56 17.26
C VAL A 88 5.09 -7.97 16.68
N ILE A 89 4.94 -6.96 15.84
CA ILE A 89 6.08 -6.30 15.20
C ILE A 89 7.03 -5.70 16.24
N THR A 90 6.49 -4.97 17.21
CA THR A 90 7.32 -4.31 18.23
C THR A 90 8.15 -5.33 19.00
N ASN A 91 7.60 -6.54 19.14
CA ASN A 91 8.24 -7.60 19.93
C ASN A 91 9.25 -8.41 19.10
N SER A 92 9.15 -8.33 17.78
CA SER A 92 10.07 -9.09 16.91
C SER A 92 10.87 -8.17 15.97
N ILE A 93 10.68 -6.86 16.11
CA ILE A 93 11.31 -5.88 15.23
C ILE A 93 12.84 -5.94 15.30
N THR A 94 13.36 -6.46 16.41
CA THR A 94 14.80 -6.55 16.61
C THR A 94 15.42 -7.57 15.64
N GLN A 95 14.67 -8.62 15.30
CA GLN A 95 15.17 -9.66 14.41
C GLN A 95 14.09 -10.04 13.39
N PRO A 96 13.87 -9.20 12.37
CA PRO A 96 12.89 -9.45 11.33
C PRO A 96 13.49 -10.16 10.11
N THR A 97 12.63 -10.49 9.15
CA THR A 97 13.05 -11.08 7.89
C THR A 97 12.68 -10.13 6.74
N LEU A 98 13.02 -10.51 5.52
CA LEU A 98 12.87 -9.65 4.34
C LEU A 98 11.42 -9.19 4.15
N HIS A 99 10.46 -9.96 4.67
CA HIS A 99 9.04 -9.65 4.48
C HIS A 99 8.22 -9.88 5.75
N SER A 100 8.84 -9.70 6.92
CA SER A 100 8.11 -9.80 8.20
C SER A 100 7.01 -8.74 8.28
N PHE A 101 7.15 -7.68 7.50
CA PHE A 101 6.19 -6.59 7.47
C PHE A 101 4.99 -6.92 6.59
N ASP A 102 4.91 -8.16 6.11
CA ASP A 102 3.83 -8.58 5.22
C ASP A 102 2.48 -8.41 5.89
N ALA A 103 2.43 -8.71 7.19
CA ALA A 103 1.20 -8.54 7.98
C ALA A 103 0.78 -7.08 8.00
N ALA A 104 1.75 -6.18 8.18
CA ALA A 104 1.48 -4.74 8.21
C ALA A 104 0.98 -4.26 6.86
N GLN A 105 1.67 -4.69 5.80
CA GLN A 105 1.30 -4.35 4.43
C GLN A 105 -0.09 -4.88 4.14
N SER A 106 -0.36 -6.11 4.60
CA SER A 106 -1.65 -6.74 4.43
C SER A 106 -2.75 -5.85 5.01
N ARG A 107 -2.63 -5.54 6.31
CA ARG A 107 -3.60 -4.72 7.02
C ARG A 107 -3.97 -3.46 6.23
N VAL A 108 -2.97 -2.64 5.93
CA VAL A 108 -3.19 -1.36 5.25
C VAL A 108 -3.74 -1.57 3.83
N TYR A 109 -3.32 -2.64 3.18
CA TYR A 109 -3.76 -2.95 1.82
C TYR A 109 -5.25 -3.29 1.77
N GLN A 110 -5.71 -4.09 2.73
CA GLN A 110 -7.15 -4.43 2.83
C GLN A 110 -7.94 -3.16 3.07
N LEU A 111 -7.38 -2.32 3.92
CA LEU A 111 -7.97 -1.03 4.24
C LEU A 111 -8.08 -0.17 2.97
N MET A 112 -7.04 -0.21 2.13
CA MET A 112 -7.05 0.52 0.86
C MET A 112 -8.20 0.02 -0.02
N GLU A 113 -8.43 -1.28 -0.01
CA GLU A 113 -9.50 -1.87 -0.79
C GLU A 113 -10.85 -1.32 -0.32
N GLN A 114 -11.22 -1.64 0.91
CA GLN A 114 -12.54 -1.33 1.45
C GLN A 114 -12.70 0.16 1.81
N ASP A 115 -11.80 0.99 1.31
CA ASP A 115 -11.92 2.45 1.48
C ASP A 115 -11.47 3.18 0.23
N SER A 116 -10.19 3.07 -0.09
CA SER A 116 -9.60 3.78 -1.23
C SER A 116 -10.14 3.24 -2.55
N TYR A 117 -10.31 1.92 -2.65
CA TYR A 117 -10.72 1.28 -3.90
C TYR A 117 -12.16 1.62 -4.22
N THR A 118 -13.02 1.60 -3.21
CA THR A 118 -14.42 1.96 -3.39
C THR A 118 -14.55 3.42 -3.84
N ARG A 119 -13.77 4.29 -3.20
CA ARG A 119 -13.70 5.70 -3.60
C ARG A 119 -13.21 5.82 -5.04
N PHE A 120 -12.23 4.99 -5.39
CA PHE A 120 -11.68 4.98 -6.74
C PHE A 120 -12.73 4.48 -7.74
N LEU A 121 -13.58 3.56 -7.31
CA LEU A 121 -14.69 3.08 -8.14
C LEU A 121 -15.69 4.22 -8.39
N LYS A 122 -15.73 5.17 -7.47
CA LYS A 122 -16.62 6.33 -7.58
C LYS A 122 -15.95 7.47 -8.35
N SER A 123 -14.63 7.41 -8.49
CA SER A 123 -13.88 8.47 -9.15
C SER A 123 -14.31 8.63 -10.61
N ASP A 124 -14.41 9.89 -11.05
CA ASP A 124 -14.81 10.21 -12.41
C ASP A 124 -13.81 9.65 -13.42
N ILE A 125 -12.55 9.57 -13.02
CA ILE A 125 -11.49 9.06 -13.88
C ILE A 125 -11.73 7.58 -14.19
N TYR A 126 -12.08 6.80 -13.16
CA TYR A 126 -12.33 5.37 -13.34
C TYR A 126 -13.60 5.15 -14.15
N LEU A 127 -14.65 5.91 -13.81
CA LEU A 127 -15.93 5.82 -14.52
C LEU A 127 -15.75 6.15 -16.00
N ASP A 128 -14.85 7.09 -16.29
CA ASP A 128 -14.54 7.47 -17.67
C ASP A 128 -13.91 6.29 -18.40
N LEU A 129 -13.07 5.54 -17.70
CA LEU A 129 -12.40 4.37 -18.26
C LEU A 129 -13.39 3.23 -18.48
N MET A 130 -14.45 3.21 -17.68
CA MET A 130 -15.48 2.18 -17.81
C MET A 130 -16.19 2.30 -19.14
N GLU A 131 -16.88 3.43 -19.33
CA GLU A 131 -17.57 3.73 -20.59
C GLU A 131 -18.57 2.61 -20.95
N GLY A 132 -18.99 1.85 -19.93
CA GLY A 132 -19.93 0.75 -20.14
C GLY A 132 -19.36 -0.36 -21.01
N ARG A 133 -18.03 -0.40 -21.14
CA ARG A 133 -17.37 -1.41 -21.97
C ARG A 133 -17.42 -2.78 -21.30
N PRO A 134 -17.63 -3.85 -22.09
CA PRO A 134 -17.67 -5.23 -21.58
C PRO A 134 -16.26 -5.83 -21.46
N SER A 1 -0.74 0.34 -25.66
CA SER A 1 0.12 1.24 -24.86
C SER A 1 -0.69 1.85 -23.72
N MET A 2 -0.24 1.57 -22.49
CA MET A 2 -0.93 2.03 -21.28
C MET A 2 -2.30 1.38 -21.13
N VAL A 3 -3.02 1.81 -20.09
CA VAL A 3 -4.34 1.29 -19.75
C VAL A 3 -5.33 1.38 -20.92
N SER A 4 -6.26 0.42 -20.94
CA SER A 4 -7.37 0.41 -21.88
C SER A 4 -8.65 0.11 -21.09
N PRO A 5 -9.82 0.61 -21.54
CA PRO A 5 -11.11 0.37 -20.85
C PRO A 5 -11.28 -1.08 -20.38
N GLU A 6 -10.87 -2.02 -21.23
CA GLU A 6 -10.95 -3.45 -20.90
C GLU A 6 -9.99 -3.79 -19.76
N GLU A 7 -8.81 -3.18 -19.78
CA GLU A 7 -7.83 -3.37 -18.72
C GLU A 7 -8.39 -2.85 -17.40
N ALA A 8 -9.16 -1.77 -17.49
CA ALA A 8 -9.75 -1.12 -16.32
C ALA A 8 -10.73 -2.06 -15.61
N VAL A 9 -11.59 -2.73 -16.38
CA VAL A 9 -12.56 -3.65 -15.80
C VAL A 9 -11.85 -4.87 -15.19
N LYS A 10 -10.67 -5.20 -15.73
CA LYS A 10 -9.85 -6.26 -15.16
C LYS A 10 -9.36 -5.88 -13.77
N TRP A 11 -9.20 -4.58 -13.56
CA TRP A 11 -8.86 -4.05 -12.24
C TRP A 11 -10.11 -4.02 -11.37
N GLY A 12 -11.26 -3.82 -12.03
CA GLY A 12 -12.54 -3.76 -11.34
C GLY A 12 -12.96 -5.10 -10.78
N GLU A 13 -12.26 -6.16 -11.17
CA GLU A 13 -12.50 -7.49 -10.63
C GLU A 13 -11.39 -7.92 -9.68
N SER A 14 -10.15 -7.52 -10.00
CA SER A 14 -8.98 -7.92 -9.22
C SER A 14 -8.20 -6.71 -8.73
N PHE A 15 -8.32 -6.41 -7.44
CA PHE A 15 -7.59 -5.30 -6.83
C PHE A 15 -6.08 -5.55 -6.92
N ASP A 16 -5.70 -6.83 -6.85
CA ASP A 16 -4.30 -7.23 -7.04
C ASP A 16 -3.82 -6.84 -8.43
N LYS A 17 -4.67 -7.03 -9.42
CA LYS A 17 -4.33 -6.73 -10.81
C LYS A 17 -4.21 -5.22 -11.01
N LEU A 18 -5.03 -4.48 -10.28
CA LEU A 18 -4.95 -3.01 -10.25
C LEU A 18 -3.56 -2.57 -9.83
N LEU A 19 -3.07 -3.17 -8.74
CA LEU A 19 -1.76 -2.85 -8.19
C LEU A 19 -0.64 -3.50 -9.02
N SER A 20 -0.98 -4.59 -9.69
CA SER A 20 -0.02 -5.32 -10.51
C SER A 20 0.30 -4.56 -11.80
N HIS A 21 -0.71 -3.87 -12.33
CA HIS A 21 -0.55 -3.11 -13.57
C HIS A 21 -0.03 -1.70 -13.24
N ARG A 22 1.08 -1.33 -13.85
CA ARG A 22 1.73 -0.03 -13.61
C ARG A 22 0.71 1.10 -13.64
N ASP A 23 -0.15 1.10 -14.65
CA ASP A 23 -1.17 2.13 -14.83
C ASP A 23 -2.10 2.19 -13.62
N GLY A 24 -2.47 1.02 -13.11
CA GLY A 24 -3.40 0.93 -12.00
C GLY A 24 -2.80 1.49 -10.73
N LEU A 25 -1.61 1.00 -10.39
CA LEU A 25 -0.86 1.50 -9.23
C LEU A 25 -0.64 3.01 -9.36
N GLU A 26 -0.33 3.45 -10.57
CA GLU A 26 -0.08 4.85 -10.87
C GLU A 26 -1.33 5.68 -10.52
N ALA A 27 -2.46 5.30 -11.10
CA ALA A 27 -3.71 6.01 -10.92
C ALA A 27 -4.21 5.93 -9.47
N PHE A 28 -4.05 4.76 -8.85
CA PHE A 28 -4.57 4.51 -7.52
C PHE A 28 -3.83 5.37 -6.48
N THR A 29 -2.51 5.46 -6.63
CA THR A 29 -1.71 6.29 -5.72
C THR A 29 -2.13 7.75 -5.83
N ARG A 30 -2.30 8.22 -7.06
CA ARG A 30 -2.79 9.58 -7.31
C ARG A 30 -4.11 9.83 -6.58
N PHE A 31 -5.00 8.85 -6.67
CA PHE A 31 -6.30 8.91 -6.00
C PHE A 31 -6.12 9.08 -4.49
N LEU A 32 -5.27 8.26 -3.91
CA LEU A 32 -5.09 8.25 -2.45
C LEU A 32 -4.26 9.45 -1.99
N LYS A 33 -3.65 10.16 -2.95
CA LYS A 33 -2.87 11.37 -2.65
C LYS A 33 -3.73 12.63 -2.74
N THR A 34 -4.95 12.51 -3.26
CA THR A 34 -5.85 13.66 -3.35
C THR A 34 -6.44 13.98 -1.97
N GLU A 35 -6.31 13.01 -1.06
CA GLU A 35 -6.72 13.16 0.32
C GLU A 35 -5.75 12.37 1.21
N PHE A 36 -4.70 13.07 1.64
CA PHE A 36 -3.55 12.49 2.34
C PHE A 36 -3.88 11.23 3.17
N SER A 37 -3.92 10.10 2.47
CA SER A 37 -3.98 8.78 3.08
C SER A 37 -2.97 7.88 2.38
N GLU A 38 -2.17 8.53 1.54
CA GLU A 38 -1.18 7.87 0.68
C GLU A 38 -0.17 7.06 1.49
N GLU A 39 0.11 7.54 2.69
CA GLU A 39 1.12 6.95 3.56
C GLU A 39 0.80 5.48 3.87
N ASN A 40 -0.45 5.09 3.71
CA ASN A 40 -0.88 3.71 3.99
C ASN A 40 -0.44 2.76 2.88
N ILE A 41 -0.83 3.04 1.65
CA ILE A 41 -0.45 2.19 0.52
C ILE A 41 1.06 2.19 0.37
N GLU A 42 1.66 3.39 0.48
CA GLU A 42 3.11 3.54 0.34
C GLU A 42 3.83 2.98 1.56
N PHE A 43 3.09 2.78 2.65
CA PHE A 43 3.62 2.09 3.83
C PHE A 43 4.03 0.67 3.47
N TRP A 44 3.09 -0.12 2.96
CA TRP A 44 3.42 -1.50 2.61
C TRP A 44 4.16 -1.57 1.27
N ILE A 45 4.13 -0.49 0.50
CA ILE A 45 5.00 -0.38 -0.68
C ILE A 45 6.44 -0.21 -0.20
N ALA A 46 6.62 0.47 0.93
CA ALA A 46 7.93 0.58 1.56
C ALA A 46 8.40 -0.80 2.00
N CYS A 47 7.45 -1.66 2.37
CA CYS A 47 7.75 -3.06 2.70
C CYS A 47 8.30 -3.79 1.46
N GLU A 48 7.80 -3.41 0.28
CA GLU A 48 8.32 -3.95 -0.98
C GLU A 48 9.76 -3.49 -1.19
N ASP A 49 9.99 -2.18 -1.01
CA ASP A 49 11.34 -1.62 -1.10
C ASP A 49 12.21 -2.11 0.05
N PHE A 50 11.56 -2.67 1.06
CA PHE A 50 12.24 -3.29 2.19
C PHE A 50 12.75 -4.68 1.79
N LYS A 51 11.90 -5.43 1.10
CA LYS A 51 12.24 -6.79 0.65
C LYS A 51 13.45 -6.78 -0.28
N LYS A 52 13.52 -5.78 -1.15
CA LYS A 52 14.59 -5.68 -2.14
C LYS A 52 15.91 -5.20 -1.50
N SER A 53 15.98 -5.24 -0.18
CA SER A 53 17.20 -4.91 0.54
C SER A 53 17.97 -6.20 0.83
N LYS A 54 18.82 -6.60 -0.11
CA LYS A 54 19.58 -7.85 0.01
C LYS A 54 20.71 -7.71 1.04
N GLY A 55 20.95 -6.48 1.48
CA GLY A 55 21.93 -6.23 2.52
C GLY A 55 21.30 -6.27 3.89
N PRO A 56 21.72 -7.19 4.78
CA PRO A 56 21.13 -7.35 6.12
C PRO A 56 21.20 -6.05 6.92
N GLN A 57 22.22 -5.25 6.67
CA GLN A 57 22.38 -3.96 7.32
C GLN A 57 21.33 -2.98 6.80
N GLN A 58 21.18 -2.96 5.48
CA GLN A 58 20.20 -2.09 4.82
C GLN A 58 18.80 -2.40 5.33
N ILE A 59 18.57 -3.68 5.65
CA ILE A 59 17.33 -4.13 6.27
C ILE A 59 17.04 -3.34 7.55
N HIS A 60 18.00 -3.37 8.49
CA HIS A 60 17.83 -2.73 9.79
C HIS A 60 17.59 -1.23 9.65
N LEU A 61 18.30 -0.62 8.71
CA LEU A 61 18.23 0.83 8.49
C LEU A 61 16.79 1.26 8.16
N LYS A 62 16.24 0.71 7.08
CA LYS A 62 14.91 1.11 6.63
C LYS A 62 13.82 0.57 7.56
N ALA A 63 14.11 -0.53 8.25
CA ALA A 63 13.17 -1.10 9.22
C ALA A 63 12.93 -0.11 10.37
N LYS A 64 14.03 0.41 10.94
CA LYS A 64 13.95 1.34 12.05
C LYS A 64 13.24 2.64 11.61
N ALA A 65 13.51 3.05 10.39
CA ALA A 65 12.89 4.26 9.84
C ALA A 65 11.37 4.15 9.84
N ILE A 66 10.87 3.06 9.25
CA ILE A 66 9.42 2.82 9.18
C ILE A 66 8.85 2.65 10.60
N TYR A 67 9.64 2.04 11.47
CA TYR A 67 9.25 1.85 12.87
C TYR A 67 8.88 3.18 13.51
N GLU A 68 9.85 4.08 13.62
CA GLU A 68 9.68 5.34 14.33
C GLU A 68 8.62 6.22 13.67
N LYS A 69 8.58 6.21 12.34
CA LYS A 69 7.71 7.11 11.59
C LYS A 69 6.27 6.58 11.52
N PHE A 70 6.09 5.27 11.63
CA PHE A 70 4.76 4.66 11.46
C PHE A 70 4.41 3.70 12.61
N ILE A 71 5.23 2.69 12.82
CA ILE A 71 4.90 1.59 13.74
C ILE A 71 4.84 2.07 15.20
N GLN A 72 5.62 3.09 15.50
CA GLN A 72 5.70 3.62 16.87
C GLN A 72 4.33 4.08 17.35
N THR A 73 4.06 3.89 18.63
CA THR A 73 2.82 4.35 19.23
C THR A 73 2.72 5.88 19.12
N ASP A 74 3.69 6.57 19.69
CA ASP A 74 3.82 8.01 19.51
C ASP A 74 4.64 8.29 18.25
N ALA A 75 3.95 8.32 17.12
CA ALA A 75 4.59 8.49 15.81
C ALA A 75 4.14 9.78 15.14
N PRO A 76 4.99 10.36 14.26
CA PRO A 76 4.65 11.59 13.53
C PRO A 76 3.65 11.34 12.39
N LYS A 77 3.08 10.13 12.35
CA LYS A 77 2.07 9.78 11.35
C LYS A 77 0.94 9.00 12.02
N GLU A 78 1.31 7.93 12.73
CA GLU A 78 0.34 7.06 13.41
C GLU A 78 -0.57 6.34 12.42
N VAL A 79 -0.42 5.03 12.34
CA VAL A 79 -1.22 4.21 11.44
C VAL A 79 -2.28 3.45 12.24
N ASN A 80 -3.48 3.32 11.67
CA ASN A 80 -4.59 2.62 12.32
C ASN A 80 -4.42 1.09 12.21
N LEU A 81 -3.19 0.67 11.96
CA LEU A 81 -2.84 -0.74 11.86
C LEU A 81 -3.12 -1.48 13.17
N ASP A 82 -3.54 -2.74 13.05
CA ASP A 82 -3.79 -3.61 14.21
C ASP A 82 -2.63 -3.54 15.21
N PHE A 83 -2.96 -3.28 16.47
CA PHE A 83 -1.95 -3.12 17.52
C PHE A 83 -1.13 -4.38 17.69
N HIS A 84 -1.79 -5.54 17.57
CA HIS A 84 -1.09 -6.81 17.71
C HIS A 84 -0.10 -7.02 16.57
N THR A 85 -0.46 -6.54 15.37
CA THR A 85 0.45 -6.57 14.24
C THR A 85 1.66 -5.68 14.53
N LYS A 86 1.39 -4.48 15.07
CA LYS A 86 2.42 -3.55 15.48
C LYS A 86 3.28 -4.17 16.58
N GLU A 87 2.62 -4.95 17.44
CA GLU A 87 3.29 -5.64 18.55
C GLU A 87 4.32 -6.64 18.04
N VAL A 88 3.95 -7.41 17.03
CA VAL A 88 4.87 -8.36 16.42
C VAL A 88 6.10 -7.63 15.88
N ILE A 89 5.85 -6.49 15.24
CA ILE A 89 6.91 -5.68 14.63
C ILE A 89 7.81 -5.05 15.70
N THR A 90 7.22 -4.55 16.78
CA THR A 90 7.98 -3.89 17.84
C THR A 90 8.95 -4.87 18.50
N ASN A 91 8.59 -6.14 18.51
CA ASN A 91 9.45 -7.18 19.07
C ASN A 91 10.47 -7.68 18.03
N SER A 92 10.03 -7.76 16.78
CA SER A 92 10.87 -8.28 15.71
C SER A 92 11.76 -7.19 15.09
N ILE A 93 11.59 -5.95 15.56
CA ILE A 93 12.33 -4.82 14.99
C ILE A 93 13.84 -5.02 15.06
N THR A 94 14.31 -5.72 16.11
CA THR A 94 15.74 -5.95 16.29
C THR A 94 16.25 -6.98 15.28
N GLN A 95 15.39 -7.91 14.89
CA GLN A 95 15.72 -8.94 13.90
C GLN A 95 14.50 -9.20 13.02
N PRO A 96 14.25 -8.31 12.04
CA PRO A 96 13.09 -8.42 11.15
C PRO A 96 13.30 -9.45 10.05
N THR A 97 12.20 -9.96 9.51
CA THR A 97 12.24 -10.91 8.42
C THR A 97 12.34 -10.18 7.08
N LEU A 98 12.39 -10.95 5.99
CA LEU A 98 12.57 -10.37 4.65
C LEU A 98 11.47 -9.36 4.32
N HIS A 99 10.26 -9.60 4.81
CA HIS A 99 9.15 -8.67 4.60
C HIS A 99 8.82 -7.93 5.90
N SER A 100 9.06 -8.56 7.04
CA SER A 100 8.83 -7.97 8.37
C SER A 100 7.41 -7.41 8.50
N PHE A 101 7.17 -6.26 7.89
CA PHE A 101 5.87 -5.59 7.90
C PHE A 101 4.86 -6.36 7.04
N ASP A 102 5.27 -7.53 6.54
CA ASP A 102 4.39 -8.45 5.80
C ASP A 102 2.97 -8.49 6.37
N ALA A 103 2.87 -8.77 7.68
CA ALA A 103 1.58 -8.85 8.34
C ALA A 103 0.82 -7.53 8.20
N ALA A 104 1.55 -6.43 8.33
CA ALA A 104 0.97 -5.09 8.23
C ALA A 104 0.52 -4.81 6.79
N GLN A 105 1.21 -5.41 5.83
CA GLN A 105 0.87 -5.29 4.42
C GLN A 105 -0.55 -5.77 4.19
N SER A 106 -0.84 -6.97 4.67
CA SER A 106 -2.17 -7.57 4.53
C SER A 106 -3.23 -6.69 5.20
N ARG A 107 -2.91 -6.22 6.41
CA ARG A 107 -3.81 -5.36 7.17
C ARG A 107 -4.21 -4.12 6.35
N VAL A 108 -3.22 -3.30 6.02
CA VAL A 108 -3.47 -2.04 5.32
C VAL A 108 -4.09 -2.28 3.94
N TYR A 109 -3.65 -3.34 3.28
CA TYR A 109 -4.15 -3.70 1.96
C TYR A 109 -5.68 -3.87 1.99
N GLN A 110 -6.18 -4.69 2.91
CA GLN A 110 -7.62 -4.97 2.98
C GLN A 110 -8.39 -3.76 3.49
N LEU A 111 -7.73 -2.94 4.33
CA LEU A 111 -8.33 -1.69 4.81
C LEU A 111 -8.66 -0.77 3.64
N MET A 112 -7.70 -0.60 2.73
CA MET A 112 -7.89 0.23 1.55
C MET A 112 -8.88 -0.43 0.59
N GLU A 113 -8.81 -1.75 0.49
CA GLU A 113 -9.66 -2.49 -0.44
C GLU A 113 -11.13 -2.25 -0.11
N GLN A 114 -11.55 -2.65 1.09
CA GLN A 114 -12.95 -2.64 1.49
C GLN A 114 -13.63 -1.27 1.29
N ASP A 115 -12.84 -0.18 1.38
CA ASP A 115 -13.40 1.17 1.28
C ASP A 115 -12.86 1.93 0.07
N SER A 116 -11.54 2.14 0.06
CA SER A 116 -10.90 2.98 -0.95
C SER A 116 -11.01 2.37 -2.36
N TYR A 117 -10.98 1.04 -2.45
CA TYR A 117 -11.00 0.36 -3.76
C TYR A 117 -12.31 0.62 -4.50
N THR A 118 -13.44 0.32 -3.86
CA THR A 118 -14.73 0.52 -4.49
C THR A 118 -14.95 2.01 -4.82
N ARG A 119 -14.43 2.87 -3.96
CA ARG A 119 -14.54 4.31 -4.15
C ARG A 119 -13.70 4.74 -5.35
N PHE A 120 -12.53 4.11 -5.49
CA PHE A 120 -11.65 4.35 -6.63
C PHE A 120 -12.39 4.01 -7.93
N LEU A 121 -13.13 2.90 -7.89
CA LEU A 121 -13.91 2.48 -9.05
C LEU A 121 -14.96 3.53 -9.41
N LYS A 122 -15.45 4.24 -8.39
CA LYS A 122 -16.51 5.23 -8.59
C LYS A 122 -15.92 6.65 -8.74
N SER A 123 -14.60 6.78 -8.62
CA SER A 123 -13.94 8.08 -8.74
C SER A 123 -13.95 8.58 -10.18
N ASP A 124 -13.78 9.89 -10.34
CA ASP A 124 -13.64 10.50 -11.68
C ASP A 124 -12.51 9.83 -12.45
N ILE A 125 -11.48 9.45 -11.71
CA ILE A 125 -10.29 8.82 -12.29
C ILE A 125 -10.64 7.54 -13.04
N TYR A 126 -11.33 6.62 -12.36
CA TYR A 126 -11.68 5.35 -12.96
C TYR A 126 -12.71 5.55 -14.07
N LEU A 127 -13.66 6.46 -13.85
CA LEU A 127 -14.67 6.78 -14.85
C LEU A 127 -14.01 7.34 -16.12
N ASP A 128 -12.90 8.06 -15.92
CA ASP A 128 -12.11 8.59 -17.04
C ASP A 128 -11.44 7.45 -17.79
N LEU A 129 -11.03 6.42 -17.05
CA LEU A 129 -10.40 5.24 -17.63
C LEU A 129 -11.44 4.31 -18.26
N MET A 130 -12.71 4.57 -17.98
CA MET A 130 -13.80 3.77 -18.53
C MET A 130 -14.09 4.18 -19.97
N GLU A 131 -14.69 5.37 -20.13
CA GLU A 131 -15.13 5.91 -21.43
C GLU A 131 -15.76 4.84 -22.35
N GLY A 132 -16.29 3.77 -21.75
CA GLY A 132 -16.84 2.66 -22.51
C GLY A 132 -17.97 3.10 -23.42
N ARG A 133 -19.03 3.62 -22.81
CA ARG A 133 -20.17 4.13 -23.56
C ARG A 133 -20.68 5.43 -22.95
N PRO A 134 -20.14 6.58 -23.40
CA PRO A 134 -20.57 7.91 -22.95
C PRO A 134 -21.85 8.35 -23.69
N SER A 1 -0.18 4.43 -17.47
CA SER A 1 -0.54 5.28 -18.63
C SER A 1 -1.52 4.56 -19.56
N MET A 2 -1.14 3.36 -20.01
CA MET A 2 -1.94 2.61 -20.98
C MET A 2 -2.79 1.55 -20.29
N VAL A 3 -4.10 1.62 -20.51
CA VAL A 3 -5.03 0.65 -19.92
C VAL A 3 -6.31 0.58 -20.75
N SER A 4 -6.84 -0.61 -20.90
CA SER A 4 -8.11 -0.82 -21.58
C SER A 4 -9.21 -1.08 -20.52
N PRO A 5 -10.47 -0.67 -20.80
CA PRO A 5 -11.60 -0.89 -19.88
C PRO A 5 -11.72 -2.36 -19.44
N GLU A 6 -11.19 -3.26 -20.28
CA GLU A 6 -11.16 -4.69 -19.96
C GLU A 6 -10.25 -4.93 -18.75
N GLU A 7 -9.12 -4.22 -18.73
CA GLU A 7 -8.18 -4.27 -17.62
C GLU A 7 -8.75 -3.50 -16.42
N ALA A 8 -9.56 -2.47 -16.71
CA ALA A 8 -10.19 -1.67 -15.67
C ALA A 8 -11.15 -2.52 -14.83
N VAL A 9 -12.07 -3.22 -15.51
CA VAL A 9 -13.00 -4.12 -14.82
C VAL A 9 -12.24 -5.27 -14.19
N LYS A 10 -11.09 -5.61 -14.76
CA LYS A 10 -10.23 -6.64 -14.20
C LYS A 10 -9.76 -6.22 -12.81
N TRP A 11 -9.33 -4.96 -12.70
CA TRP A 11 -8.91 -4.40 -11.42
C TRP A 11 -10.06 -4.42 -10.42
N GLY A 12 -11.28 -4.37 -10.95
CA GLY A 12 -12.47 -4.43 -10.11
C GLY A 12 -12.56 -5.73 -9.33
N GLU A 13 -11.78 -6.73 -9.76
CA GLU A 13 -11.73 -8.02 -9.07
C GLU A 13 -10.90 -7.92 -7.80
N SER A 14 -9.70 -7.34 -7.92
CA SER A 14 -8.75 -7.34 -6.80
C SER A 14 -7.91 -6.05 -6.76
N PHE A 15 -7.99 -5.36 -5.64
CA PHE A 15 -7.17 -4.17 -5.37
C PHE A 15 -5.68 -4.50 -5.60
N ASP A 16 -5.34 -5.76 -5.40
CA ASP A 16 -3.98 -6.28 -5.66
C ASP A 16 -3.53 -5.97 -7.08
N LYS A 17 -4.30 -6.45 -8.07
CA LYS A 17 -3.89 -6.33 -9.46
C LYS A 17 -4.02 -4.89 -9.95
N LEU A 18 -4.78 -4.08 -9.19
CA LEU A 18 -4.82 -2.64 -9.44
C LEU A 18 -3.46 -2.02 -9.15
N LEU A 19 -2.84 -2.45 -8.06
CA LEU A 19 -1.56 -1.91 -7.59
C LEU A 19 -0.39 -2.48 -8.40
N SER A 20 -0.43 -3.79 -8.66
CA SER A 20 0.65 -4.45 -9.38
C SER A 20 0.73 -3.96 -10.84
N HIS A 21 -0.38 -3.42 -11.34
CA HIS A 21 -0.39 -2.82 -12.67
C HIS A 21 0.14 -1.39 -12.56
N ARG A 22 1.34 -1.16 -13.08
CA ARG A 22 1.96 0.18 -13.11
C ARG A 22 0.94 1.27 -13.46
N ASP A 23 0.02 0.94 -14.37
CA ASP A 23 -1.00 1.87 -14.83
C ASP A 23 -2.11 2.03 -13.81
N GLY A 24 -2.44 0.93 -13.12
CA GLY A 24 -3.48 0.95 -12.11
C GLY A 24 -3.06 1.77 -10.91
N LEU A 25 -1.89 1.45 -10.39
CA LEU A 25 -1.28 2.22 -9.30
C LEU A 25 -1.16 3.69 -9.71
N GLU A 26 -0.85 3.91 -10.98
CA GLU A 26 -0.72 5.25 -11.53
C GLU A 26 -2.05 6.00 -11.45
N ALA A 27 -3.12 5.34 -11.87
CA ALA A 27 -4.45 5.94 -11.82
C ALA A 27 -4.90 6.14 -10.37
N PHE A 28 -4.59 5.15 -9.54
CA PHE A 28 -4.99 5.17 -8.13
C PHE A 28 -4.31 6.31 -7.38
N THR A 29 -3.01 6.52 -7.65
CA THR A 29 -2.27 7.57 -6.96
C THR A 29 -2.80 8.95 -7.35
N ARG A 30 -3.21 9.11 -8.61
CA ARG A 30 -3.79 10.37 -9.07
C ARG A 30 -5.04 10.70 -8.25
N PHE A 31 -5.87 9.69 -8.03
CA PHE A 31 -7.10 9.84 -7.27
C PHE A 31 -6.80 10.02 -5.77
N LEU A 32 -5.93 9.17 -5.25
CA LEU A 32 -5.64 9.11 -3.81
C LEU A 32 -5.09 10.45 -3.29
N LYS A 33 -4.46 11.22 -4.18
CA LYS A 33 -3.89 12.51 -3.82
C LYS A 33 -4.96 13.53 -3.42
N THR A 34 -6.21 13.29 -3.80
CA THR A 34 -7.29 14.23 -3.48
C THR A 34 -7.72 14.09 -2.00
N GLU A 35 -7.40 12.93 -1.41
CA GLU A 35 -7.78 12.65 -0.02
C GLU A 35 -6.54 12.59 0.87
N PHE A 36 -5.36 12.65 0.24
CA PHE A 36 -4.08 12.69 0.96
C PHE A 36 -3.85 11.44 1.81
N SER A 37 -4.60 10.37 1.51
CA SER A 37 -4.45 9.10 2.22
C SER A 37 -3.24 8.34 1.68
N GLU A 38 -2.48 9.01 0.81
CA GLU A 38 -1.33 8.40 0.14
C GLU A 38 -0.23 8.03 1.14
N GLU A 39 -0.28 8.62 2.33
CA GLU A 39 0.70 8.31 3.38
C GLU A 39 0.64 6.81 3.71
N ASN A 40 -0.54 6.23 3.53
CA ASN A 40 -0.78 4.81 3.82
C ASN A 40 -0.14 3.92 2.75
N ILE A 41 -0.41 4.23 1.49
CA ILE A 41 0.15 3.44 0.39
C ILE A 41 1.68 3.58 0.39
N GLU A 42 2.16 4.80 0.61
CA GLU A 42 3.61 5.04 0.67
C GLU A 42 4.22 4.36 1.89
N PHE A 43 3.42 4.13 2.92
CA PHE A 43 3.86 3.40 4.11
C PHE A 43 4.36 2.02 3.71
N TRP A 44 3.49 1.19 3.13
CA TRP A 44 3.91 -0.16 2.77
C TRP A 44 4.73 -0.17 1.48
N ILE A 45 4.63 0.91 0.68
CA ILE A 45 5.54 1.08 -0.45
C ILE A 45 6.97 1.25 0.06
N ALA A 46 7.12 1.94 1.20
CA ALA A 46 8.41 2.07 1.85
C ALA A 46 8.89 0.70 2.32
N CYS A 47 7.95 -0.14 2.74
CA CYS A 47 8.25 -1.51 3.12
C CYS A 47 8.74 -2.31 1.91
N GLU A 48 8.17 -2.03 0.73
CA GLU A 48 8.59 -2.71 -0.48
C GLU A 48 9.90 -2.11 -1.00
N ASP A 49 10.17 -0.85 -0.65
CA ASP A 49 11.47 -0.23 -0.91
C ASP A 49 12.53 -0.96 -0.10
N PHE A 50 12.15 -1.33 1.10
CA PHE A 50 12.95 -2.18 1.98
C PHE A 50 13.11 -3.57 1.35
N LYS A 51 12.04 -4.05 0.72
CA LYS A 51 12.02 -5.35 0.05
C LYS A 51 12.89 -5.33 -1.23
N LYS A 52 13.10 -4.14 -1.79
CA LYS A 52 13.95 -3.99 -2.98
C LYS A 52 15.35 -4.52 -2.71
N SER A 53 15.82 -4.30 -1.49
CA SER A 53 17.17 -4.69 -1.09
C SER A 53 17.18 -6.09 -0.49
N LYS A 54 18.33 -6.75 -0.57
CA LYS A 54 18.48 -8.12 -0.06
C LYS A 54 19.74 -8.24 0.81
N GLY A 55 20.35 -7.09 1.12
CA GLY A 55 21.49 -7.07 2.00
C GLY A 55 21.08 -7.07 3.46
N PRO A 56 21.50 -8.07 4.26
CA PRO A 56 21.05 -8.22 5.66
C PRO A 56 21.29 -6.97 6.50
N GLN A 57 22.36 -6.24 6.18
CA GLN A 57 22.65 -4.99 6.88
C GLN A 57 21.58 -3.95 6.55
N GLN A 58 21.33 -3.78 5.25
CA GLN A 58 20.31 -2.85 4.75
C GLN A 58 18.95 -3.15 5.38
N ILE A 59 18.68 -4.44 5.52
CA ILE A 59 17.42 -4.91 6.10
C ILE A 59 17.16 -4.26 7.46
N HIS A 60 18.10 -4.42 8.39
CA HIS A 60 17.93 -3.90 9.75
C HIS A 60 17.87 -2.37 9.74
N LEU A 61 18.66 -1.75 8.87
CA LEU A 61 18.71 -0.29 8.78
C LEU A 61 17.33 0.28 8.46
N LYS A 62 16.79 -0.11 7.30
CA LYS A 62 15.50 0.39 6.83
C LYS A 62 14.36 -0.05 7.76
N ALA A 63 14.37 -1.33 8.13
CA ALA A 63 13.30 -1.88 8.98
C ALA A 63 13.20 -1.13 10.30
N LYS A 64 14.34 -0.93 10.96
CA LYS A 64 14.38 -0.28 12.26
C LYS A 64 13.96 1.19 12.14
N ALA A 65 14.25 1.79 10.98
CA ALA A 65 13.88 3.18 10.71
C ALA A 65 12.36 3.30 10.55
N ILE A 66 11.80 2.50 9.66
CA ILE A 66 10.35 2.47 9.42
C ILE A 66 9.62 2.12 10.72
N TYR A 67 10.25 1.25 11.51
CA TYR A 67 9.72 0.85 12.80
C TYR A 67 9.47 2.07 13.69
N GLU A 68 10.52 2.84 13.93
CA GLU A 68 10.46 3.99 14.84
C GLU A 68 9.67 5.15 14.25
N LYS A 69 9.60 5.22 12.92
CA LYS A 69 8.94 6.33 12.24
C LYS A 69 7.43 6.06 12.07
N PHE A 70 7.05 4.78 11.97
CA PHE A 70 5.66 4.42 11.68
C PHE A 70 5.11 3.41 12.70
N ILE A 71 5.81 2.29 12.86
CA ILE A 71 5.30 1.16 13.66
C ILE A 71 5.29 1.48 15.16
N GLN A 72 6.08 2.47 15.54
CA GLN A 72 6.17 2.92 16.93
C GLN A 72 4.77 3.20 17.50
N THR A 73 4.53 2.74 18.72
CA THR A 73 3.21 2.85 19.36
C THR A 73 2.68 4.29 19.30
N ASP A 74 3.50 5.25 19.70
CA ASP A 74 3.14 6.66 19.59
C ASP A 74 3.49 7.16 18.20
N ALA A 75 4.79 7.16 17.86
CA ALA A 75 5.28 7.55 16.53
C ALA A 75 4.92 8.99 16.18
N PRO A 76 5.65 9.61 15.24
CA PRO A 76 5.29 10.93 14.70
C PRO A 76 4.03 10.87 13.85
N LYS A 77 3.76 9.68 13.31
CA LYS A 77 2.58 9.45 12.47
C LYS A 77 1.42 8.89 13.29
N GLU A 78 1.73 7.97 14.21
CA GLU A 78 0.72 7.21 14.94
C GLU A 78 -0.20 6.52 13.94
N VAL A 79 0.17 5.31 13.54
CA VAL A 79 -0.52 4.60 12.47
C VAL A 79 -1.64 3.73 13.04
N ASN A 80 -2.84 3.92 12.52
CA ASN A 80 -4.04 3.20 12.99
C ASN A 80 -4.04 1.74 12.52
N LEU A 81 -2.89 1.27 12.06
CA LEU A 81 -2.70 -0.13 11.68
C LEU A 81 -3.04 -1.04 12.86
N ASP A 82 -3.58 -2.22 12.55
CA ASP A 82 -4.04 -3.17 13.54
C ASP A 82 -3.02 -3.38 14.67
N PHE A 83 -3.51 -3.29 15.91
CA PHE A 83 -2.67 -3.40 17.10
C PHE A 83 -1.87 -4.70 17.12
N HIS A 84 -2.54 -5.82 16.79
CA HIS A 84 -1.90 -7.13 16.85
C HIS A 84 -0.83 -7.25 15.77
N THR A 85 -1.05 -6.59 14.64
CA THR A 85 -0.08 -6.55 13.56
C THR A 85 1.17 -5.80 14.02
N LYS A 86 0.98 -4.63 14.63
CA LYS A 86 2.08 -3.84 15.18
C LYS A 86 2.75 -4.59 16.33
N GLU A 87 1.95 -5.40 17.03
CA GLU A 87 2.45 -6.20 18.15
C GLU A 87 3.46 -7.23 17.67
N VAL A 88 3.11 -7.98 16.63
CA VAL A 88 4.01 -8.97 16.06
C VAL A 88 5.33 -8.32 15.65
N ILE A 89 5.22 -7.16 14.99
CA ILE A 89 6.39 -6.44 14.51
C ILE A 89 7.28 -5.99 15.67
N THR A 90 6.66 -5.40 16.70
CA THR A 90 7.40 -4.87 17.84
C THR A 90 8.17 -5.97 18.58
N ASN A 91 7.68 -7.20 18.49
CA ASN A 91 8.34 -8.33 19.12
C ASN A 91 9.29 -9.06 18.16
N SER A 92 9.16 -8.78 16.87
CA SER A 92 9.99 -9.46 15.86
C SER A 92 11.04 -8.51 15.26
N ILE A 93 10.98 -7.23 15.65
CA ILE A 93 11.90 -6.22 15.11
C ILE A 93 13.36 -6.56 15.43
N THR A 94 13.56 -7.43 16.42
CA THR A 94 14.90 -7.88 16.80
C THR A 94 15.58 -8.59 15.61
N GLN A 95 14.78 -9.21 14.75
CA GLN A 95 15.29 -9.89 13.57
C GLN A 95 14.24 -9.83 12.44
N PRO A 96 14.13 -8.67 11.77
CA PRO A 96 13.16 -8.46 10.71
C PRO A 96 13.54 -9.18 9.42
N THR A 97 12.60 -9.93 8.86
CA THR A 97 12.82 -10.64 7.61
C THR A 97 12.52 -9.72 6.43
N LEU A 98 12.78 -10.22 5.21
CA LEU A 98 12.57 -9.43 3.99
C LEU A 98 11.09 -9.03 3.85
N HIS A 99 10.24 -9.73 4.58
CA HIS A 99 8.80 -9.44 4.59
C HIS A 99 8.31 -9.32 6.03
N SER A 100 9.13 -8.68 6.87
CA SER A 100 8.79 -8.48 8.27
C SER A 100 7.49 -7.68 8.43
N PHE A 101 7.24 -6.79 7.47
CA PHE A 101 6.05 -5.92 7.50
C PHE A 101 5.00 -6.42 6.50
N ASP A 102 5.12 -7.69 6.10
CA ASP A 102 4.25 -8.28 5.08
C ASP A 102 2.78 -8.21 5.50
N ALA A 103 2.51 -8.52 6.76
CA ALA A 103 1.16 -8.48 7.30
C ALA A 103 0.67 -7.04 7.38
N ALA A 104 1.56 -6.14 7.80
CA ALA A 104 1.25 -4.71 7.89
C ALA A 104 0.85 -4.18 6.52
N GLN A 105 1.55 -4.66 5.49
CA GLN A 105 1.27 -4.29 4.12
C GLN A 105 -0.18 -4.64 3.77
N SER A 106 -0.55 -5.89 4.05
CA SER A 106 -1.89 -6.39 3.74
C SER A 106 -2.96 -5.62 4.53
N ARG A 107 -2.65 -5.28 5.78
CA ARG A 107 -3.60 -4.57 6.63
C ARG A 107 -3.88 -3.16 6.10
N VAL A 108 -2.84 -2.44 5.76
CA VAL A 108 -3.00 -1.09 5.21
C VAL A 108 -3.62 -1.17 3.81
N TYR A 109 -3.24 -2.22 3.09
CA TYR A 109 -3.80 -2.52 1.78
C TYR A 109 -5.32 -2.63 1.86
N GLN A 110 -5.82 -3.45 2.79
CA GLN A 110 -7.26 -3.67 2.93
C GLN A 110 -7.96 -2.42 3.46
N LEU A 111 -7.24 -1.61 4.26
CA LEU A 111 -7.79 -0.35 4.77
C LEU A 111 -8.10 0.60 3.63
N MET A 112 -7.18 0.69 2.67
CA MET A 112 -7.39 1.53 1.49
C MET A 112 -8.39 0.89 0.55
N GLU A 113 -8.44 -0.45 0.59
CA GLU A 113 -9.37 -1.21 -0.25
C GLU A 113 -10.81 -0.82 0.07
N GLN A 114 -11.24 -1.14 1.29
CA GLN A 114 -12.62 -0.95 1.73
C GLN A 114 -13.11 0.50 1.55
N ASP A 115 -12.19 1.46 1.64
CA ASP A 115 -12.57 2.89 1.57
C ASP A 115 -12.20 3.52 0.23
N SER A 116 -10.91 3.56 -0.09
CA SER A 116 -10.43 4.27 -1.28
C SER A 116 -10.70 3.48 -2.57
N TYR A 117 -10.58 2.16 -2.50
CA TYR A 117 -10.70 1.30 -3.69
C TYR A 117 -12.15 1.21 -4.15
N THR A 118 -13.07 1.09 -3.20
CA THR A 118 -14.50 1.08 -3.51
C THR A 118 -14.88 2.37 -4.25
N ARG A 119 -14.51 3.50 -3.65
CA ARG A 119 -14.74 4.81 -4.25
C ARG A 119 -14.05 4.92 -5.60
N PHE A 120 -12.86 4.35 -5.71
CA PHE A 120 -12.08 4.38 -6.95
C PHE A 120 -12.84 3.67 -8.07
N LEU A 121 -13.50 2.57 -7.74
CA LEU A 121 -14.27 1.82 -8.74
C LEU A 121 -15.51 2.59 -9.15
N LYS A 122 -16.01 3.44 -8.26
CA LYS A 122 -17.22 4.22 -8.53
C LYS A 122 -16.86 5.66 -8.93
N SER A 123 -15.56 5.96 -9.00
CA SER A 123 -15.09 7.30 -9.33
C SER A 123 -15.50 7.69 -10.75
N ASP A 124 -15.76 8.98 -10.95
CA ASP A 124 -16.18 9.48 -12.25
C ASP A 124 -15.10 9.26 -13.30
N ILE A 125 -13.84 9.37 -12.87
CA ILE A 125 -12.69 9.13 -13.75
C ILE A 125 -12.66 7.67 -14.22
N TYR A 126 -12.96 6.75 -13.31
CA TYR A 126 -13.00 5.33 -13.67
C TYR A 126 -14.04 5.09 -14.76
N LEU A 127 -15.20 5.72 -14.60
CA LEU A 127 -16.28 5.59 -15.57
C LEU A 127 -15.88 6.22 -16.91
N ASP A 128 -15.04 7.25 -16.85
CA ASP A 128 -14.52 7.89 -18.07
C ASP A 128 -13.64 6.91 -18.83
N LEU A 129 -12.86 6.12 -18.10
CA LEU A 129 -12.03 5.08 -18.70
C LEU A 129 -12.92 4.06 -19.41
N MET A 130 -14.04 3.72 -18.77
CA MET A 130 -15.00 2.76 -19.32
C MET A 130 -15.62 3.31 -20.61
N GLU A 131 -15.80 4.64 -20.65
CA GLU A 131 -16.30 5.32 -21.84
C GLU A 131 -15.37 5.07 -23.04
N GLY A 132 -14.10 4.82 -22.74
CA GLY A 132 -13.13 4.53 -23.77
C GLY A 132 -13.49 3.28 -24.56
N ARG A 133 -14.06 2.29 -23.85
CA ARG A 133 -14.48 1.01 -24.45
C ARG A 133 -13.27 0.23 -24.97
N PRO A 134 -13.32 -1.12 -24.93
CA PRO A 134 -12.23 -1.97 -25.40
C PRO A 134 -11.95 -1.79 -26.89
N SER A 1 -0.26 3.14 -19.50
CA SER A 1 -0.65 4.57 -19.54
C SER A 1 -2.11 4.71 -19.96
N MET A 2 -2.41 4.48 -21.24
CA MET A 2 -3.79 4.45 -21.71
C MET A 2 -4.32 3.03 -21.61
N VAL A 3 -5.12 2.80 -20.57
CA VAL A 3 -5.67 1.47 -20.30
C VAL A 3 -6.93 1.22 -21.13
N SER A 4 -7.05 0.00 -21.65
CA SER A 4 -8.25 -0.43 -22.37
C SER A 4 -9.29 -0.96 -21.38
N PRO A 5 -10.59 -0.80 -21.67
CA PRO A 5 -11.66 -1.16 -20.73
C PRO A 5 -11.56 -2.61 -20.24
N GLU A 6 -11.03 -3.50 -21.08
CA GLU A 6 -10.83 -4.90 -20.68
C GLU A 6 -9.88 -4.99 -19.49
N GLU A 7 -8.82 -4.19 -19.52
CA GLU A 7 -7.84 -4.16 -18.44
C GLU A 7 -8.39 -3.35 -17.26
N ALA A 8 -9.20 -2.35 -17.57
CA ALA A 8 -9.82 -1.51 -16.54
C ALA A 8 -10.77 -2.33 -15.66
N VAL A 9 -11.67 -3.09 -16.30
CA VAL A 9 -12.59 -3.95 -15.58
C VAL A 9 -11.82 -5.08 -14.89
N LYS A 10 -10.68 -5.44 -15.48
CA LYS A 10 -9.80 -6.45 -14.90
C LYS A 10 -9.38 -6.02 -13.50
N TRP A 11 -8.93 -4.77 -13.39
CA TRP A 11 -8.53 -4.20 -12.11
C TRP A 11 -9.70 -4.21 -11.12
N GLY A 12 -10.90 -4.05 -11.66
CA GLY A 12 -12.11 -4.02 -10.83
C GLY A 12 -12.43 -5.36 -10.21
N GLU A 13 -11.71 -6.40 -10.63
CA GLU A 13 -11.90 -7.73 -10.07
C GLU A 13 -11.20 -7.85 -8.72
N SER A 14 -10.06 -7.17 -8.58
CA SER A 14 -9.26 -7.28 -7.37
C SER A 14 -8.28 -6.11 -7.22
N PHE A 15 -8.31 -5.48 -6.05
CA PHE A 15 -7.39 -4.40 -5.71
C PHE A 15 -5.94 -4.90 -5.83
N ASP A 16 -5.78 -6.20 -5.63
CA ASP A 16 -4.48 -6.85 -5.74
C ASP A 16 -3.90 -6.70 -7.15
N LYS A 17 -4.72 -7.00 -8.16
CA LYS A 17 -4.25 -6.95 -9.55
C LYS A 17 -4.25 -5.51 -10.06
N LEU A 18 -4.87 -4.60 -9.31
CA LEU A 18 -4.76 -3.18 -9.60
C LEU A 18 -3.34 -2.71 -9.28
N LEU A 19 -2.83 -3.14 -8.13
CA LEU A 19 -1.46 -2.86 -7.72
C LEU A 19 -0.46 -3.47 -8.70
N SER A 20 -0.85 -4.59 -9.31
CA SER A 20 -0.01 -5.27 -10.31
C SER A 20 0.34 -4.33 -11.48
N HIS A 21 -0.47 -3.28 -11.66
CA HIS A 21 -0.20 -2.27 -12.69
C HIS A 21 0.38 -1.01 -12.05
N ARG A 22 1.41 -0.45 -12.70
CA ARG A 22 2.03 0.79 -12.22
C ARG A 22 1.10 1.97 -12.48
N ASP A 23 0.57 2.04 -13.69
CA ASP A 23 -0.36 3.09 -14.09
C ASP A 23 -1.69 2.92 -13.36
N GLY A 24 -2.07 1.66 -13.14
CA GLY A 24 -3.25 1.37 -12.33
C GLY A 24 -3.07 1.83 -10.90
N LEU A 25 -1.90 1.52 -10.34
CA LEU A 25 -1.51 1.99 -9.02
C LEU A 25 -1.65 3.50 -8.94
N GLU A 26 -1.03 4.19 -9.91
CA GLU A 26 -1.03 5.64 -9.94
C GLU A 26 -2.45 6.18 -10.04
N ALA A 27 -3.27 5.55 -10.87
CA ALA A 27 -4.68 5.94 -11.01
C ALA A 27 -5.37 5.93 -9.65
N PHE A 28 -5.15 4.84 -8.91
CA PHE A 28 -5.71 4.71 -7.57
C PHE A 28 -5.21 5.82 -6.66
N THR A 29 -3.90 6.05 -6.65
CA THR A 29 -3.33 7.05 -5.77
C THR A 29 -3.80 8.45 -6.17
N ARG A 30 -4.17 8.63 -7.45
CA ARG A 30 -4.77 9.89 -7.89
C ARG A 30 -6.01 10.17 -7.05
N PHE A 31 -6.87 9.16 -6.95
CA PHE A 31 -8.08 9.25 -6.16
C PHE A 31 -7.75 9.31 -4.65
N LEU A 32 -6.69 8.62 -4.27
CA LEU A 32 -6.29 8.56 -2.86
C LEU A 32 -5.67 9.89 -2.41
N LYS A 33 -5.11 10.64 -3.36
CA LYS A 33 -4.49 11.93 -3.07
C LYS A 33 -5.56 13.00 -2.84
N THR A 34 -6.64 12.96 -3.61
CA THR A 34 -7.68 13.97 -3.52
C THR A 34 -8.42 13.89 -2.18
N GLU A 35 -8.25 12.76 -1.49
CA GLU A 35 -8.81 12.58 -0.15
C GLU A 35 -7.70 12.57 0.90
N PHE A 36 -6.57 13.20 0.53
CA PHE A 36 -5.41 13.42 1.42
C PHE A 36 -5.01 12.17 2.22
N SER A 37 -5.32 10.99 1.70
CA SER A 37 -5.00 9.74 2.39
C SER A 37 -3.86 9.01 1.67
N GLU A 38 -3.10 9.77 0.87
CA GLU A 38 -2.02 9.20 0.06
C GLU A 38 -0.92 8.60 0.93
N GLU A 39 -0.83 9.05 2.19
CA GLU A 39 0.19 8.56 3.11
C GLU A 39 0.16 7.04 3.20
N ASN A 40 -1.00 6.44 2.92
CA ASN A 40 -1.15 4.99 2.92
C ASN A 40 -0.35 4.37 1.78
N ILE A 41 -0.54 4.92 0.58
CA ILE A 41 0.10 4.39 -0.62
C ILE A 41 1.61 4.53 -0.49
N GLU A 42 2.04 5.69 0.01
CA GLU A 42 3.46 5.98 0.15
C GLU A 42 4.06 5.16 1.30
N PHE A 43 3.20 4.77 2.25
CA PHE A 43 3.61 3.97 3.39
C PHE A 43 4.17 2.63 2.95
N TRP A 44 3.33 1.76 2.39
CA TRP A 44 3.79 0.42 2.05
C TRP A 44 4.64 0.42 0.78
N ILE A 45 4.48 1.42 -0.09
CA ILE A 45 5.39 1.56 -1.23
C ILE A 45 6.83 1.70 -0.73
N ALA A 46 7.00 2.42 0.37
CA ALA A 46 8.32 2.54 1.01
C ALA A 46 8.76 1.19 1.56
N CYS A 47 7.79 0.44 2.09
CA CYS A 47 8.06 -0.91 2.61
C CYS A 47 8.34 -1.90 1.47
N GLU A 48 7.95 -1.54 0.25
CA GLU A 48 8.35 -2.35 -0.90
C GLU A 48 9.83 -2.11 -1.18
N ASP A 49 10.28 -0.86 -1.01
CA ASP A 49 11.71 -0.54 -1.08
C ASP A 49 12.46 -1.36 -0.04
N PHE A 50 11.78 -1.66 1.06
CA PHE A 50 12.33 -2.55 2.09
C PHE A 50 12.52 -3.95 1.52
N LYS A 51 11.55 -4.41 0.71
CA LYS A 51 11.68 -5.68 -0.01
C LYS A 51 12.91 -5.65 -0.92
N LYS A 52 13.24 -4.46 -1.42
CA LYS A 52 14.39 -4.25 -2.31
C LYS A 52 15.70 -4.41 -1.56
N SER A 53 15.68 -4.20 -0.26
CA SER A 53 16.88 -4.26 0.56
C SER A 53 17.51 -5.64 0.50
N LYS A 54 18.78 -5.66 0.17
CA LYS A 54 19.53 -6.88 -0.01
C LYS A 54 20.55 -7.05 1.12
N GLY A 55 20.54 -8.22 1.74
CA GLY A 55 21.43 -8.48 2.85
C GLY A 55 20.73 -8.35 4.20
N PRO A 56 20.88 -9.33 5.10
CA PRO A 56 20.22 -9.31 6.41
C PRO A 56 20.52 -8.02 7.18
N GLN A 57 21.79 -7.63 7.22
CA GLN A 57 22.22 -6.41 7.90
C GLN A 57 21.41 -5.21 7.40
N GLN A 58 21.30 -5.11 6.08
CA GLN A 58 20.52 -4.07 5.43
C GLN A 58 19.07 -4.11 5.94
N ILE A 59 18.54 -5.32 6.06
CA ILE A 59 17.17 -5.52 6.54
C ILE A 59 17.02 -4.98 7.96
N HIS A 60 18.02 -5.19 8.81
CA HIS A 60 17.98 -4.74 10.20
C HIS A 60 17.86 -3.22 10.28
N LEU A 61 18.79 -2.51 9.63
CA LEU A 61 18.84 -1.06 9.70
C LEU A 61 17.63 -0.43 8.98
N LYS A 62 17.20 -1.05 7.89
CA LYS A 62 16.00 -0.59 7.18
C LYS A 62 14.76 -0.76 8.06
N ALA A 63 14.73 -1.87 8.79
CA ALA A 63 13.62 -2.17 9.68
C ALA A 63 13.49 -1.10 10.75
N LYS A 64 14.60 -0.76 11.40
CA LYS A 64 14.61 0.28 12.43
C LYS A 64 14.03 1.60 11.89
N ALA A 65 14.41 1.96 10.67
CA ALA A 65 13.94 3.19 10.03
C ALA A 65 12.40 3.23 10.01
N ILE A 66 11.80 2.26 9.33
CA ILE A 66 10.34 2.19 9.20
C ILE A 66 9.68 1.99 10.57
N TYR A 67 10.34 1.19 11.39
CA TYR A 67 9.83 0.82 12.72
C TYR A 67 9.58 2.06 13.57
N GLU A 68 10.62 2.86 13.75
CA GLU A 68 10.58 4.01 14.67
C GLU A 68 9.85 5.19 14.05
N LYS A 69 9.79 5.25 12.72
CA LYS A 69 9.21 6.41 12.03
C LYS A 69 7.76 6.14 11.59
N PHE A 70 7.35 4.87 11.56
CA PHE A 70 6.01 4.52 11.06
C PHE A 70 5.29 3.54 12.01
N ILE A 71 5.97 2.46 12.40
CA ILE A 71 5.32 1.35 13.11
C ILE A 71 5.00 1.70 14.57
N GLN A 72 5.85 2.52 15.17
CA GLN A 72 5.65 2.92 16.57
C GLN A 72 4.37 3.75 16.74
N THR A 73 3.70 3.55 17.86
CA THR A 73 2.49 4.30 18.20
C THR A 73 2.83 5.79 18.34
N ASP A 74 4.07 6.06 18.73
CA ASP A 74 4.54 7.43 18.95
C ASP A 74 5.32 7.93 17.74
N ALA A 75 5.04 7.35 16.58
CA ALA A 75 5.70 7.72 15.34
C ALA A 75 4.94 8.86 14.64
N PRO A 76 5.64 9.69 13.84
CA PRO A 76 5.04 10.86 13.16
C PRO A 76 4.03 10.49 12.07
N LYS A 77 3.57 9.24 12.08
CA LYS A 77 2.57 8.78 11.11
C LYS A 77 1.42 8.07 11.81
N GLU A 78 1.71 7.46 12.98
CA GLU A 78 0.69 6.80 13.79
C GLU A 78 -0.14 5.84 12.92
N VAL A 79 0.54 5.11 12.05
CA VAL A 79 -0.10 4.24 11.06
C VAL A 79 -1.18 3.35 11.70
N ASN A 80 -2.34 3.29 11.05
CA ASN A 80 -3.47 2.51 11.56
C ASN A 80 -3.19 1.01 11.43
N LEU A 81 -2.37 0.52 12.34
CA LEU A 81 -2.04 -0.90 12.43
C LEU A 81 -2.59 -1.49 13.73
N ASP A 82 -3.03 -2.74 13.67
CA ASP A 82 -3.56 -3.43 14.86
C ASP A 82 -2.45 -3.67 15.88
N PHE A 83 -2.82 -3.62 17.15
CA PHE A 83 -1.87 -3.74 18.25
C PHE A 83 -1.13 -5.09 18.19
N HIS A 84 -1.88 -6.17 18.07
CA HIS A 84 -1.30 -7.51 18.09
C HIS A 84 -0.30 -7.70 16.94
N THR A 85 -0.58 -7.07 15.80
CA THR A 85 0.30 -7.15 14.66
C THR A 85 1.62 -6.41 14.93
N LYS A 86 1.53 -5.17 15.40
CA LYS A 86 2.72 -4.37 15.71
C LYS A 86 3.40 -4.94 16.96
N GLU A 87 2.64 -5.70 17.75
CA GLU A 87 3.19 -6.41 18.89
C GLU A 87 4.24 -7.41 18.42
N VAL A 88 3.84 -8.28 17.50
CA VAL A 88 4.74 -9.27 16.92
C VAL A 88 5.98 -8.58 16.35
N ILE A 89 5.76 -7.45 15.69
CA ILE A 89 6.84 -6.67 15.09
C ILE A 89 7.85 -6.22 16.15
N THR A 90 7.36 -5.57 17.20
CA THR A 90 8.23 -5.02 18.24
C THR A 90 9.10 -6.10 18.89
N ASN A 91 8.58 -7.33 18.95
CA ASN A 91 9.30 -8.45 19.55
C ASN A 91 10.27 -9.08 18.56
N SER A 92 9.95 -9.01 17.28
CA SER A 92 10.75 -9.67 16.24
C SER A 92 11.64 -8.67 15.51
N ILE A 93 11.55 -7.39 15.90
CA ILE A 93 12.30 -6.32 15.24
C ILE A 93 13.82 -6.53 15.37
N THR A 94 14.21 -7.33 16.37
CA THR A 94 15.63 -7.62 16.59
C THR A 94 16.22 -8.37 15.40
N GLN A 95 15.43 -9.25 14.79
CA GLN A 95 15.85 -10.03 13.62
C GLN A 95 14.70 -10.11 12.62
N PRO A 96 14.47 -9.03 11.87
CA PRO A 96 13.37 -8.97 10.91
C PRO A 96 13.69 -9.73 9.61
N THR A 97 12.66 -10.23 8.96
CA THR A 97 12.81 -10.95 7.70
C THR A 97 12.57 -10.00 6.52
N LEU A 98 12.90 -10.43 5.31
CA LEU A 98 12.82 -9.61 4.10
C LEU A 98 11.52 -8.82 3.99
N HIS A 99 10.41 -9.40 4.43
CA HIS A 99 9.11 -8.73 4.35
C HIS A 99 8.75 -8.09 5.70
N SER A 100 8.80 -8.89 6.77
CA SER A 100 8.59 -8.41 8.14
C SER A 100 7.29 -7.60 8.28
N PHE A 101 7.35 -6.31 7.92
CA PHE A 101 6.23 -5.40 8.10
C PHE A 101 5.13 -5.65 7.08
N ASP A 102 5.35 -6.62 6.20
CA ASP A 102 4.43 -6.94 5.11
C ASP A 102 3.01 -7.15 5.62
N ALA A 103 2.89 -7.87 6.73
CA ALA A 103 1.59 -8.10 7.37
C ALA A 103 0.95 -6.77 7.76
N ALA A 104 1.77 -5.87 8.29
CA ALA A 104 1.32 -4.54 8.68
C ALA A 104 0.84 -3.76 7.45
N GLN A 105 1.53 -3.97 6.33
CA GLN A 105 1.19 -3.31 5.08
C GLN A 105 -0.17 -3.80 4.60
N SER A 106 -0.43 -5.09 4.82
CA SER A 106 -1.71 -5.69 4.46
C SER A 106 -2.85 -5.04 5.25
N ARG A 107 -2.56 -4.66 6.51
CA ARG A 107 -3.55 -4.00 7.35
C ARG A 107 -3.98 -2.68 6.72
N VAL A 108 -3.00 -1.88 6.32
CA VAL A 108 -3.28 -0.61 5.66
C VAL A 108 -3.97 -0.84 4.32
N TYR A 109 -3.44 -1.79 3.56
CA TYR A 109 -3.97 -2.16 2.24
C TYR A 109 -5.46 -2.48 2.31
N GLN A 110 -5.87 -3.29 3.30
CA GLN A 110 -7.28 -3.72 3.39
C GLN A 110 -8.17 -2.55 3.81
N LEU A 111 -7.62 -1.62 4.59
CA LEU A 111 -8.33 -0.38 4.92
C LEU A 111 -8.58 0.42 3.65
N MET A 112 -7.52 0.57 2.86
CA MET A 112 -7.58 1.28 1.60
C MET A 112 -8.57 0.60 0.65
N GLU A 113 -8.58 -0.73 0.69
CA GLU A 113 -9.45 -1.52 -0.17
C GLU A 113 -10.91 -1.20 0.10
N GLN A 114 -11.37 -1.53 1.30
CA GLN A 114 -12.79 -1.41 1.66
C GLN A 114 -13.26 0.05 1.57
N ASP A 115 -12.37 0.99 1.86
CA ASP A 115 -12.72 2.41 1.87
C ASP A 115 -12.50 3.06 0.50
N SER A 116 -11.24 3.23 0.09
CA SER A 116 -10.92 4.04 -1.07
C SER A 116 -10.99 3.25 -2.40
N TYR A 117 -10.80 1.94 -2.35
CA TYR A 117 -10.82 1.15 -3.59
C TYR A 117 -12.24 1.05 -4.15
N THR A 118 -13.21 0.86 -3.26
CA THR A 118 -14.61 0.82 -3.67
C THR A 118 -15.01 2.15 -4.32
N ARG A 119 -14.72 3.24 -3.61
CA ARG A 119 -15.00 4.58 -4.12
C ARG A 119 -14.24 4.81 -5.43
N PHE A 120 -13.03 4.25 -5.53
CA PHE A 120 -12.24 4.35 -6.75
C PHE A 120 -12.95 3.66 -7.92
N LEU A 121 -13.60 2.54 -7.64
CA LEU A 121 -14.33 1.82 -8.68
C LEU A 121 -15.51 2.65 -9.18
N LYS A 122 -16.03 3.53 -8.32
CA LYS A 122 -17.14 4.41 -8.69
C LYS A 122 -16.66 5.84 -8.99
N SER A 123 -15.35 6.07 -8.92
CA SER A 123 -14.79 7.39 -9.17
C SER A 123 -14.83 7.72 -10.66
N ASP A 124 -15.09 8.99 -10.98
CA ASP A 124 -15.14 9.46 -12.36
C ASP A 124 -13.81 9.24 -13.07
N ILE A 125 -12.72 9.19 -12.29
CA ILE A 125 -11.39 8.93 -12.86
C ILE A 125 -11.33 7.49 -13.39
N TYR A 126 -11.99 6.57 -12.69
CA TYR A 126 -12.09 5.19 -13.17
C TYR A 126 -12.90 5.15 -14.47
N LEU A 127 -13.95 5.98 -14.54
CA LEU A 127 -14.76 6.08 -15.75
C LEU A 127 -13.95 6.66 -16.90
N ASP A 128 -12.88 7.38 -16.57
CA ASP A 128 -11.93 7.88 -17.57
C ASP A 128 -11.08 6.73 -18.11
N LEU A 129 -10.80 5.77 -17.22
CA LEU A 129 -10.03 4.57 -17.57
C LEU A 129 -10.86 3.62 -18.42
N MET A 130 -12.19 3.75 -18.32
CA MET A 130 -13.11 2.91 -19.08
C MET A 130 -12.91 3.10 -20.59
N GLU A 131 -13.29 4.28 -21.08
CA GLU A 131 -13.21 4.59 -22.52
C GLU A 131 -13.91 3.49 -23.33
N GLY A 132 -14.99 2.96 -22.75
CA GLY A 132 -15.73 1.88 -23.37
C GLY A 132 -16.75 2.41 -24.36
N ARG A 133 -16.26 3.10 -25.39
CA ARG A 133 -17.11 3.65 -26.43
C ARG A 133 -17.55 2.56 -27.40
N PRO A 134 -18.87 2.29 -27.49
CA PRO A 134 -19.41 1.26 -28.37
C PRO A 134 -19.58 1.74 -29.82
N SER A 1 1.67 2.27 -19.96
CA SER A 1 1.15 2.54 -21.32
C SER A 1 -0.36 2.73 -21.28
N MET A 2 -0.95 3.03 -22.43
CA MET A 2 -2.40 3.19 -22.54
C MET A 2 -3.10 1.86 -22.25
N VAL A 3 -4.05 1.87 -21.33
CA VAL A 3 -4.76 0.67 -20.94
C VAL A 3 -6.04 0.51 -21.75
N SER A 4 -6.38 -0.74 -22.08
CA SER A 4 -7.62 -1.05 -22.77
C SER A 4 -8.78 -1.07 -21.78
N PRO A 5 -9.97 -0.56 -22.18
CA PRO A 5 -11.14 -0.47 -21.30
C PRO A 5 -11.48 -1.80 -20.61
N GLU A 6 -11.25 -2.90 -21.31
CA GLU A 6 -11.53 -4.23 -20.78
C GLU A 6 -10.57 -4.57 -19.64
N GLU A 7 -9.32 -4.12 -19.74
CA GLU A 7 -8.36 -4.28 -18.64
C GLU A 7 -8.74 -3.34 -17.51
N ALA A 8 -9.30 -2.18 -17.87
CA ALA A 8 -9.73 -1.20 -16.89
C ALA A 8 -10.85 -1.76 -16.02
N VAL A 9 -11.81 -2.46 -16.63
CA VAL A 9 -12.88 -3.09 -15.86
C VAL A 9 -12.33 -4.27 -15.05
N LYS A 10 -11.26 -4.87 -15.57
CA LYS A 10 -10.56 -5.94 -14.84
C LYS A 10 -9.91 -5.37 -13.58
N TRP A 11 -9.50 -4.12 -13.63
CA TRP A 11 -8.99 -3.42 -12.45
C TRP A 11 -10.09 -3.34 -11.39
N GLY A 12 -11.34 -3.37 -11.86
CA GLY A 12 -12.49 -3.27 -10.97
C GLY A 12 -12.81 -4.57 -10.28
N GLU A 13 -12.39 -5.69 -10.86
CA GLU A 13 -12.61 -7.00 -10.26
C GLU A 13 -11.35 -7.52 -9.58
N SER A 14 -10.20 -6.95 -9.93
CA SER A 14 -8.93 -7.38 -9.38
C SER A 14 -8.06 -6.19 -8.96
N PHE A 15 -8.11 -5.87 -7.66
CA PHE A 15 -7.27 -4.83 -7.07
C PHE A 15 -5.80 -5.17 -7.32
N ASP A 16 -5.50 -6.46 -7.31
CA ASP A 16 -4.18 -6.98 -7.63
C ASP A 16 -3.72 -6.50 -9.01
N LYS A 17 -4.61 -6.63 -10.00
CA LYS A 17 -4.30 -6.25 -11.38
C LYS A 17 -4.12 -4.74 -11.50
N LEU A 18 -4.91 -4.00 -10.73
CA LEU A 18 -4.81 -2.54 -10.68
C LEU A 18 -3.39 -2.13 -10.27
N LEU A 19 -2.91 -2.74 -9.19
CA LEU A 19 -1.57 -2.47 -8.67
C LEU A 19 -0.50 -3.11 -9.56
N SER A 20 -0.84 -4.22 -10.20
CA SER A 20 0.07 -4.92 -11.09
C SER A 20 0.43 -4.04 -12.28
N HIS A 21 -0.57 -3.33 -12.82
CA HIS A 21 -0.34 -2.39 -13.90
C HIS A 21 0.25 -1.11 -13.33
N ARG A 22 1.49 -0.79 -13.72
CA ARG A 22 2.19 0.39 -13.22
C ARG A 22 1.33 1.64 -13.39
N ASP A 23 0.58 1.68 -14.49
CA ASP A 23 -0.34 2.79 -14.78
C ASP A 23 -1.47 2.81 -13.76
N GLY A 24 -2.00 1.63 -13.46
CA GLY A 24 -3.09 1.50 -12.50
C GLY A 24 -2.66 1.88 -11.10
N LEU A 25 -1.54 1.30 -10.67
CA LEU A 25 -0.91 1.63 -9.39
C LEU A 25 -0.78 3.13 -9.24
N GLU A 26 -0.21 3.77 -10.26
CA GLU A 26 0.04 5.20 -10.24
C GLU A 26 -1.26 5.99 -10.20
N ALA A 27 -2.26 5.53 -10.94
CA ALA A 27 -3.56 6.18 -10.95
C ALA A 27 -4.20 6.12 -9.56
N PHE A 28 -4.07 4.97 -8.91
CA PHE A 28 -4.68 4.75 -7.60
C PHE A 28 -3.98 5.55 -6.51
N THR A 29 -2.64 5.53 -6.50
CA THR A 29 -1.89 6.23 -5.47
C THR A 29 -2.19 7.72 -5.51
N ARG A 30 -2.20 8.32 -6.72
CA ARG A 30 -2.51 9.75 -6.86
C ARG A 30 -3.91 10.03 -6.30
N PHE A 31 -4.84 9.12 -6.57
CA PHE A 31 -6.20 9.24 -6.07
C PHE A 31 -6.21 9.15 -4.53
N LEU A 32 -5.26 8.40 -3.98
CA LEU A 32 -5.17 8.22 -2.53
C LEU A 32 -4.37 9.37 -1.89
N LYS A 33 -3.58 10.06 -2.72
CA LYS A 33 -2.77 11.19 -2.25
C LYS A 33 -3.64 12.44 -2.09
N THR A 34 -4.62 12.62 -2.98
CA THR A 34 -5.49 13.79 -2.94
C THR A 34 -6.30 13.84 -1.65
N GLU A 35 -6.62 12.66 -1.11
CA GLU A 35 -7.36 12.57 0.16
C GLU A 35 -6.39 12.49 1.34
N PHE A 36 -5.10 12.58 1.03
CA PHE A 36 -4.04 12.55 2.04
C PHE A 36 -4.12 11.28 2.89
N SER A 37 -4.29 10.14 2.22
CA SER A 37 -4.30 8.84 2.88
C SER A 37 -3.36 7.89 2.14
N GLU A 38 -2.51 8.47 1.31
CA GLU A 38 -1.53 7.71 0.50
C GLU A 38 -0.62 6.87 1.39
N GLU A 39 -0.49 7.30 2.65
CA GLU A 39 0.30 6.61 3.66
C GLU A 39 0.15 5.10 3.58
N ASN A 40 -1.05 4.64 3.25
CA ASN A 40 -1.36 3.21 3.20
C ASN A 40 -0.60 2.50 2.07
N ILE A 41 -0.87 2.92 0.83
CA ILE A 41 -0.26 2.28 -0.33
C ILE A 41 1.26 2.45 -0.30
N GLU A 42 1.71 3.66 0.03
CA GLU A 42 3.14 3.94 0.16
C GLU A 42 3.76 3.13 1.29
N PHE A 43 2.98 2.84 2.33
CA PHE A 43 3.46 2.06 3.47
C PHE A 43 4.02 0.72 3.02
N TRP A 44 3.16 -0.10 2.41
CA TRP A 44 3.60 -1.43 2.01
C TRP A 44 4.46 -1.41 0.75
N ILE A 45 4.50 -0.27 0.06
CA ILE A 45 5.48 -0.07 -1.01
C ILE A 45 6.87 0.03 -0.39
N ALA A 46 6.96 0.71 0.76
CA ALA A 46 8.20 0.77 1.52
C ALA A 46 8.57 -0.61 2.03
N CYS A 47 7.55 -1.42 2.32
CA CYS A 47 7.75 -2.81 2.73
C CYS A 47 8.33 -3.63 1.58
N GLU A 48 8.03 -3.22 0.35
CA GLU A 48 8.56 -3.87 -0.84
C GLU A 48 10.05 -3.50 -0.98
N ASP A 49 10.35 -2.24 -0.70
CA ASP A 49 11.74 -1.75 -0.67
C ASP A 49 12.50 -2.44 0.46
N PHE A 50 11.78 -2.73 1.56
CA PHE A 50 12.33 -3.44 2.71
C PHE A 50 12.81 -4.83 2.31
N LYS A 51 11.90 -5.66 1.78
CA LYS A 51 12.23 -7.02 1.37
C LYS A 51 13.27 -7.05 0.25
N LYS A 52 13.40 -5.93 -0.46
CA LYS A 52 14.39 -5.81 -1.52
C LYS A 52 15.80 -5.69 -0.93
N SER A 53 15.88 -5.17 0.30
CA SER A 53 17.15 -4.96 0.97
C SER A 53 17.85 -6.28 1.27
N LYS A 54 18.91 -6.57 0.51
CA LYS A 54 19.69 -7.80 0.70
C LYS A 54 20.83 -7.59 1.69
N GLY A 55 20.99 -6.35 2.13
CA GLY A 55 21.98 -6.03 3.15
C GLY A 55 21.48 -6.37 4.54
N PRO A 56 22.13 -7.32 5.26
CA PRO A 56 21.68 -7.76 6.59
C PRO A 56 21.44 -6.59 7.55
N GLN A 57 22.39 -5.66 7.59
CA GLN A 57 22.27 -4.48 8.45
C GLN A 57 21.20 -3.54 7.92
N GLN A 58 21.07 -3.51 6.59
CA GLN A 58 20.12 -2.62 5.92
C GLN A 58 18.70 -2.98 6.32
N ILE A 59 18.45 -4.28 6.50
CA ILE A 59 17.16 -4.78 6.96
C ILE A 59 16.75 -4.09 8.25
N HIS A 60 17.71 -3.95 9.18
CA HIS A 60 17.46 -3.29 10.45
C HIS A 60 17.11 -1.82 10.22
N LEU A 61 17.86 -1.18 9.33
CA LEU A 61 17.71 0.25 9.07
C LEU A 61 16.34 0.56 8.46
N LYS A 62 15.98 -0.21 7.43
CA LYS A 62 14.70 -0.04 6.75
C LYS A 62 13.55 -0.19 7.76
N ALA A 63 13.60 -1.28 8.53
CA ALA A 63 12.58 -1.55 9.53
C ALA A 63 12.53 -0.46 10.59
N LYS A 64 13.72 -0.01 11.01
CA LYS A 64 13.85 1.03 12.03
C LYS A 64 13.15 2.32 11.57
N ALA A 65 13.40 2.69 10.32
CA ALA A 65 12.80 3.88 9.74
C ALA A 65 11.28 3.76 9.70
N ILE A 66 10.79 2.69 9.06
CA ILE A 66 9.36 2.45 8.94
C ILE A 66 8.70 2.37 10.32
N TYR A 67 9.43 1.78 11.26
CA TYR A 67 8.95 1.62 12.63
C TYR A 67 8.61 2.97 13.24
N GLU A 68 9.62 3.84 13.34
CA GLU A 68 9.47 5.10 14.06
C GLU A 68 8.82 6.17 13.20
N LYS A 69 8.50 5.84 11.95
CA LYS A 69 7.84 6.78 11.04
C LYS A 69 6.36 6.41 10.87
N PHE A 70 6.04 5.11 10.93
CA PHE A 70 4.70 4.62 10.60
C PHE A 70 4.13 3.70 11.68
N ILE A 71 4.95 2.78 12.19
CA ILE A 71 4.48 1.76 13.13
C ILE A 71 4.30 2.32 14.54
N GLN A 72 5.15 3.28 14.89
CA GLN A 72 5.21 3.82 16.23
C GLN A 72 4.05 4.79 16.49
N THR A 73 3.54 4.79 17.71
CA THR A 73 2.41 5.63 18.08
C THR A 73 2.81 7.11 18.17
N ASP A 74 4.05 7.37 18.62
CA ASP A 74 4.55 8.76 18.69
C ASP A 74 5.20 9.16 17.36
N ALA A 75 5.02 8.32 16.35
CA ALA A 75 5.56 8.59 15.02
C ALA A 75 4.84 9.77 14.37
N PRO A 76 5.51 10.49 13.44
CA PRO A 76 4.90 11.61 12.72
C PRO A 76 3.60 11.23 12.03
N LYS A 77 3.50 9.97 11.64
CA LYS A 77 2.33 9.46 10.92
C LYS A 77 1.46 8.57 11.81
N GLU A 78 1.98 7.38 12.16
CA GLU A 78 1.19 6.34 12.83
C GLU A 78 0.04 5.89 11.92
N VAL A 79 0.15 4.68 11.40
CA VAL A 79 -0.82 4.13 10.46
C VAL A 79 -1.86 3.30 11.21
N ASN A 80 -3.05 3.16 10.61
CA ASN A 80 -4.14 2.39 11.21
C ASN A 80 -3.92 0.89 11.03
N LEU A 81 -2.72 0.43 11.34
CA LEU A 81 -2.33 -0.97 11.25
C LEU A 81 -2.87 -1.75 12.45
N ASP A 82 -3.13 -3.04 12.23
CA ASP A 82 -3.65 -3.93 13.28
C ASP A 82 -2.78 -3.89 14.54
N PHE A 83 -3.44 -3.85 15.70
CA PHE A 83 -2.77 -3.74 16.99
C PHE A 83 -1.81 -4.92 17.21
N HIS A 84 -2.27 -6.14 16.92
CA HIS A 84 -1.48 -7.33 17.17
C HIS A 84 -0.30 -7.40 16.21
N THR A 85 -0.49 -6.86 15.00
CA THR A 85 0.56 -6.86 13.99
C THR A 85 1.73 -6.00 14.46
N LYS A 86 1.46 -4.78 14.90
CA LYS A 86 2.51 -3.88 15.37
C LYS A 86 3.08 -4.35 16.71
N GLU A 87 2.27 -5.10 17.46
CA GLU A 87 2.74 -5.73 18.70
C GLU A 87 3.97 -6.58 18.40
N VAL A 88 3.82 -7.49 17.43
CA VAL A 88 4.92 -8.36 17.01
C VAL A 88 6.12 -7.52 16.57
N ILE A 89 5.83 -6.49 15.77
CA ILE A 89 6.88 -5.61 15.24
C ILE A 89 7.66 -4.94 16.36
N THR A 90 6.96 -4.37 17.33
CA THR A 90 7.59 -3.67 18.45
C THR A 90 8.48 -4.61 19.26
N ASN A 91 8.14 -5.89 19.26
CA ASN A 91 8.87 -6.90 20.01
C ASN A 91 9.99 -7.52 19.17
N SER A 92 9.94 -7.30 17.86
CA SER A 92 10.91 -7.92 16.95
C SER A 92 11.76 -6.87 16.22
N ILE A 93 11.50 -5.59 16.51
CA ILE A 93 12.20 -4.49 15.85
C ILE A 93 13.72 -4.55 16.10
N THR A 94 14.10 -5.23 17.17
CA THR A 94 15.51 -5.40 17.51
C THR A 94 16.26 -6.13 16.39
N GLN A 95 15.55 -7.04 15.71
CA GLN A 95 16.10 -7.78 14.57
C GLN A 95 14.97 -8.44 13.78
N PRO A 96 14.47 -7.77 12.74
CA PRO A 96 13.37 -8.28 11.91
C PRO A 96 13.85 -9.27 10.84
N THR A 97 12.92 -10.09 10.36
CA THR A 97 13.23 -11.05 9.31
C THR A 97 13.11 -10.40 7.93
N LEU A 98 13.49 -11.15 6.89
CA LEU A 98 13.59 -10.64 5.51
C LEU A 98 12.33 -9.89 5.08
N HIS A 99 11.17 -10.44 5.39
CA HIS A 99 9.91 -9.89 4.91
C HIS A 99 8.94 -9.70 6.07
N SER A 100 9.50 -9.47 7.26
CA SER A 100 8.73 -9.40 8.51
C SER A 100 7.46 -8.54 8.39
N PHE A 101 7.55 -7.47 7.62
CA PHE A 101 6.42 -6.53 7.45
C PHE A 101 5.41 -7.03 6.41
N ASP A 102 5.44 -8.32 6.10
CA ASP A 102 4.49 -8.90 5.14
C ASP A 102 3.10 -8.93 5.74
N ALA A 103 3.03 -9.23 7.03
CA ALA A 103 1.76 -9.21 7.77
C ALA A 103 1.19 -7.80 7.74
N ALA A 104 2.06 -6.82 8.01
CA ALA A 104 1.66 -5.41 8.00
C ALA A 104 1.18 -5.01 6.61
N GLN A 105 1.90 -5.49 5.59
CA GLN A 105 1.53 -5.25 4.20
C GLN A 105 0.12 -5.74 3.91
N SER A 106 -0.18 -6.94 4.37
CA SER A 106 -1.50 -7.54 4.16
C SER A 106 -2.59 -6.72 4.86
N ARG A 107 -2.31 -6.29 6.09
CA ARG A 107 -3.24 -5.49 6.87
C ARG A 107 -3.59 -4.20 6.14
N VAL A 108 -2.56 -3.46 5.75
CA VAL A 108 -2.73 -2.15 5.11
C VAL A 108 -3.33 -2.29 3.71
N TYR A 109 -2.95 -3.35 3.00
CA TYR A 109 -3.46 -3.61 1.66
C TYR A 109 -4.99 -3.62 1.65
N GLN A 110 -5.57 -4.46 2.51
CA GLN A 110 -7.03 -4.55 2.60
C GLN A 110 -7.61 -3.32 3.30
N LEU A 111 -6.76 -2.62 4.05
CA LEU A 111 -7.17 -1.46 4.84
C LEU A 111 -7.73 -0.35 3.95
N MET A 112 -6.98 0.01 2.89
CA MET A 112 -7.48 1.03 1.96
C MET A 112 -8.41 0.41 0.94
N GLU A 113 -8.19 -0.87 0.62
CA GLU A 113 -9.03 -1.57 -0.34
C GLU A 113 -10.52 -1.44 0.04
N GLN A 114 -10.82 -1.81 1.29
CA GLN A 114 -12.20 -1.94 1.77
C GLN A 114 -13.07 -0.70 1.51
N ASP A 115 -12.44 0.46 1.26
CA ASP A 115 -13.21 1.69 1.05
C ASP A 115 -12.58 2.56 -0.03
N SER A 116 -11.29 2.87 0.11
CA SER A 116 -10.59 3.72 -0.86
C SER A 116 -10.63 3.10 -2.27
N TYR A 117 -10.63 1.77 -2.35
CA TYR A 117 -10.66 1.06 -3.63
C TYR A 117 -12.04 1.21 -4.28
N THR A 118 -13.09 1.08 -3.48
CA THR A 118 -14.45 1.22 -3.97
C THR A 118 -14.71 2.68 -4.41
N ARG A 119 -14.12 3.63 -3.69
CA ARG A 119 -14.16 5.03 -4.12
C ARG A 119 -13.62 5.14 -5.54
N PHE A 120 -12.45 4.55 -5.75
CA PHE A 120 -11.81 4.54 -7.06
C PHE A 120 -12.72 3.88 -8.10
N LEU A 121 -13.41 2.83 -7.69
CA LEU A 121 -14.30 2.11 -8.59
C LEU A 121 -15.45 2.99 -9.08
N LYS A 122 -15.78 4.04 -8.31
CA LYS A 122 -16.84 4.97 -8.71
C LYS A 122 -16.28 6.39 -8.90
N SER A 123 -14.96 6.52 -8.93
CA SER A 123 -14.33 7.82 -9.17
C SER A 123 -14.53 8.22 -10.63
N ASP A 124 -14.67 9.52 -10.87
CA ASP A 124 -14.79 10.04 -12.23
C ASP A 124 -13.58 9.60 -13.07
N ILE A 125 -12.45 9.44 -12.39
CA ILE A 125 -11.23 8.93 -12.99
C ILE A 125 -11.49 7.56 -13.63
N TYR A 126 -12.01 6.63 -12.82
CA TYR A 126 -12.28 5.28 -13.28
C TYR A 126 -13.36 5.29 -14.37
N LEU A 127 -14.34 6.16 -14.21
CA LEU A 127 -15.41 6.32 -15.21
C LEU A 127 -14.82 6.79 -16.54
N ASP A 128 -13.79 7.63 -16.46
CA ASP A 128 -13.08 8.11 -17.64
C ASP A 128 -12.25 6.99 -18.24
N LEU A 129 -11.76 6.09 -17.38
CA LEU A 129 -11.02 4.91 -17.84
C LEU A 129 -11.96 3.90 -18.49
N MET A 130 -13.22 3.92 -18.08
CA MET A 130 -14.25 3.07 -18.67
C MET A 130 -14.49 3.50 -20.12
N GLU A 131 -15.01 4.72 -20.27
CA GLU A 131 -15.30 5.31 -21.57
C GLU A 131 -16.08 6.61 -21.34
N GLY A 132 -17.35 6.43 -20.96
CA GLY A 132 -18.24 7.56 -20.73
C GLY A 132 -19.67 7.10 -20.62
N ARG A 133 -20.13 6.37 -21.63
CA ARG A 133 -21.48 5.81 -21.63
C ARG A 133 -21.51 4.47 -22.37
N PRO A 134 -21.32 3.34 -21.64
CA PRO A 134 -21.48 2.00 -22.21
C PRO A 134 -22.90 1.80 -22.73
N SER A 1 0.22 6.18 -16.88
CA SER A 1 1.03 6.33 -18.11
C SER A 1 0.15 6.10 -19.36
N MET A 2 -0.21 4.83 -19.59
CA MET A 2 -1.04 4.45 -20.72
C MET A 2 -1.90 3.23 -20.35
N VAL A 3 -3.18 3.47 -20.09
CA VAL A 3 -4.09 2.41 -19.69
C VAL A 3 -5.32 2.36 -20.61
N SER A 4 -5.83 1.16 -20.83
CA SER A 4 -7.03 0.93 -21.63
C SER A 4 -8.14 0.39 -20.74
N PRO A 5 -9.42 0.58 -21.12
CA PRO A 5 -10.58 0.12 -20.33
C PRO A 5 -10.46 -1.34 -19.90
N GLU A 6 -9.91 -2.16 -20.78
CA GLU A 6 -9.70 -3.59 -20.50
C GLU A 6 -8.71 -3.79 -19.35
N GLU A 7 -7.71 -2.93 -19.29
CA GLU A 7 -6.74 -2.95 -18.19
C GLU A 7 -7.44 -2.52 -16.91
N ALA A 8 -8.36 -1.58 -17.03
CA ALA A 8 -9.12 -1.06 -15.90
C ALA A 8 -10.02 -2.14 -15.30
N VAL A 9 -10.68 -2.93 -16.15
CA VAL A 9 -11.54 -4.00 -15.67
C VAL A 9 -10.71 -5.13 -15.06
N LYS A 10 -9.44 -5.20 -15.46
CA LYS A 10 -8.49 -6.12 -14.82
C LYS A 10 -8.22 -5.66 -13.40
N TRP A 11 -8.12 -4.35 -13.21
CA TRP A 11 -7.97 -3.78 -11.87
C TRP A 11 -9.20 -4.10 -11.03
N GLY A 12 -10.33 -4.29 -11.72
CA GLY A 12 -11.58 -4.63 -11.06
C GLY A 12 -11.61 -6.05 -10.53
N GLU A 13 -10.91 -6.97 -11.22
CA GLU A 13 -10.91 -8.37 -10.82
C GLU A 13 -9.87 -8.61 -9.70
N SER A 14 -8.87 -7.75 -9.61
CA SER A 14 -7.82 -7.90 -8.59
C SER A 14 -7.20 -6.55 -8.20
N PHE A 15 -7.53 -6.08 -6.99
CA PHE A 15 -6.94 -4.86 -6.42
C PHE A 15 -5.41 -4.94 -6.44
N ASP A 16 -4.89 -6.16 -6.39
CA ASP A 16 -3.44 -6.39 -6.45
C ASP A 16 -2.85 -5.84 -7.75
N LYS A 17 -3.41 -6.26 -8.89
CA LYS A 17 -2.85 -5.87 -10.18
C LYS A 17 -3.11 -4.39 -10.47
N LEU A 18 -4.09 -3.83 -9.77
CA LEU A 18 -4.30 -2.37 -9.78
C LEU A 18 -3.03 -1.68 -9.26
N LEU A 19 -2.55 -2.17 -8.12
CA LEU A 19 -1.35 -1.62 -7.48
C LEU A 19 -0.08 -2.09 -8.20
N SER A 20 -0.16 -3.26 -8.82
CA SER A 20 0.97 -3.86 -9.51
C SER A 20 1.25 -3.13 -10.83
N HIS A 21 0.20 -2.50 -11.38
CA HIS A 21 0.34 -1.73 -12.61
C HIS A 21 0.64 -0.28 -12.27
N ARG A 22 1.70 0.27 -12.84
CA ARG A 22 2.08 1.67 -12.59
C ARG A 22 0.89 2.60 -12.82
N ASP A 23 0.12 2.30 -13.87
CA ASP A 23 -1.06 3.08 -14.21
C ASP A 23 -2.09 3.05 -13.09
N GLY A 24 -2.25 1.87 -12.49
CA GLY A 24 -3.21 1.70 -11.42
C GLY A 24 -2.79 2.46 -10.19
N LEU A 25 -1.54 2.27 -9.80
CA LEU A 25 -0.95 3.01 -8.69
C LEU A 25 -1.02 4.51 -8.95
N GLU A 26 -0.80 4.88 -10.21
CA GLU A 26 -0.84 6.27 -10.66
C GLU A 26 -2.23 6.86 -10.42
N ALA A 27 -3.24 6.16 -10.92
CA ALA A 27 -4.63 6.59 -10.77
C ALA A 27 -5.07 6.50 -9.31
N PHE A 28 -4.54 5.52 -8.60
CA PHE A 28 -4.94 5.26 -7.22
C PHE A 28 -4.36 6.32 -6.28
N THR A 29 -3.13 6.77 -6.55
CA THR A 29 -2.49 7.76 -5.69
C THR A 29 -3.15 9.13 -5.88
N ARG A 30 -3.42 9.53 -7.12
CA ARG A 30 -4.07 10.81 -7.37
C ARG A 30 -5.49 10.82 -6.80
N PHE A 31 -6.12 9.65 -6.82
CA PHE A 31 -7.46 9.49 -6.25
C PHE A 31 -7.40 9.59 -4.73
N LEU A 32 -6.58 8.74 -4.13
CA LEU A 32 -6.45 8.66 -2.67
C LEU A 32 -5.84 9.95 -2.10
N LYS A 33 -5.22 10.74 -2.98
CA LYS A 33 -4.61 12.01 -2.58
C LYS A 33 -5.69 13.02 -2.21
N THR A 34 -6.93 12.79 -2.65
CA THR A 34 -8.04 13.70 -2.38
C THR A 34 -8.22 13.93 -0.88
N GLU A 35 -7.80 12.95 -0.08
CA GLU A 35 -7.88 13.00 1.38
C GLU A 35 -6.51 12.80 2.00
N PHE A 36 -5.49 12.77 1.14
CA PHE A 36 -4.09 12.64 1.57
C PHE A 36 -3.89 11.43 2.49
N SER A 37 -4.53 10.31 2.14
CA SER A 37 -4.42 9.09 2.92
C SER A 37 -3.58 8.04 2.19
N GLU A 38 -2.77 8.50 1.23
CA GLU A 38 -1.88 7.61 0.47
C GLU A 38 -0.77 7.05 1.35
N GLU A 39 -0.69 7.57 2.58
CA GLU A 39 0.19 7.03 3.63
C GLU A 39 0.16 5.50 3.64
N ASN A 40 -1.04 4.95 3.41
CA ASN A 40 -1.27 3.52 3.47
C ASN A 40 -0.51 2.78 2.38
N ILE A 41 -0.76 3.16 1.12
CA ILE A 41 -0.12 2.50 -0.01
C ILE A 41 1.39 2.66 0.08
N GLU A 42 1.84 3.85 0.47
CA GLU A 42 3.26 4.14 0.63
C GLU A 42 3.85 3.35 1.81
N PHE A 43 3.00 3.07 2.80
CA PHE A 43 3.42 2.31 3.98
C PHE A 43 4.01 0.97 3.57
N TRP A 44 3.22 0.14 2.88
CA TRP A 44 3.73 -1.17 2.49
C TRP A 44 4.61 -1.08 1.24
N ILE A 45 4.54 0.05 0.54
CA ILE A 45 5.52 0.34 -0.53
C ILE A 45 6.91 0.44 0.08
N ALA A 46 6.99 1.05 1.27
CA ALA A 46 8.23 1.11 2.03
C ALA A 46 8.63 -0.30 2.46
N CYS A 47 7.65 -1.12 2.80
CA CYS A 47 7.88 -2.51 3.16
C CYS A 47 8.52 -3.28 1.99
N GLU A 48 8.19 -2.87 0.76
CA GLU A 48 8.78 -3.47 -0.43
C GLU A 48 10.23 -2.99 -0.60
N ASP A 49 10.45 -1.71 -0.28
CA ASP A 49 11.80 -1.12 -0.27
C ASP A 49 12.70 -1.90 0.71
N PHE A 50 12.08 -2.35 1.80
CA PHE A 50 12.73 -3.21 2.78
C PHE A 50 12.90 -4.62 2.22
N LYS A 51 11.84 -5.13 1.60
CA LYS A 51 11.80 -6.50 1.05
C LYS A 51 12.96 -6.78 0.10
N LYS A 52 13.32 -5.79 -0.72
CA LYS A 52 14.36 -5.96 -1.73
C LYS A 52 15.74 -6.04 -1.08
N SER A 53 15.85 -5.52 0.13
CA SER A 53 17.11 -5.47 0.84
C SER A 53 17.39 -6.81 1.51
N LYS A 54 17.80 -7.79 0.70
CA LYS A 54 18.03 -9.16 1.16
C LYS A 54 19.31 -9.26 2.02
N GLY A 55 20.06 -8.17 2.09
CA GLY A 55 21.26 -8.16 2.91
C GLY A 55 20.96 -8.09 4.39
N PRO A 56 21.51 -9.04 5.19
CA PRO A 56 21.23 -9.12 6.63
C PRO A 56 21.35 -7.77 7.34
N GLN A 57 22.44 -7.05 7.05
CA GLN A 57 22.70 -5.75 7.67
C GLN A 57 21.61 -4.75 7.28
N GLN A 58 21.22 -4.78 6.00
CA GLN A 58 20.22 -3.85 5.48
C GLN A 58 18.87 -4.08 6.14
N ILE A 59 18.56 -5.34 6.43
CA ILE A 59 17.31 -5.72 7.08
C ILE A 59 17.09 -4.91 8.36
N HIS A 60 18.07 -4.98 9.27
CA HIS A 60 17.96 -4.34 10.58
C HIS A 60 17.83 -2.82 10.43
N LEU A 61 18.58 -2.26 9.50
CA LEU A 61 18.59 -0.81 9.27
C LEU A 61 17.25 -0.33 8.69
N LYS A 62 16.86 -0.93 7.57
CA LYS A 62 15.63 -0.56 6.88
C LYS A 62 14.41 -0.74 7.79
N ALA A 63 14.41 -1.83 8.56
CA ALA A 63 13.32 -2.12 9.49
C ALA A 63 13.15 -0.98 10.49
N LYS A 64 14.28 -0.53 11.06
CA LYS A 64 14.26 0.56 12.04
C LYS A 64 13.80 1.87 11.40
N ALA A 65 14.13 2.04 10.12
CA ALA A 65 13.72 3.23 9.37
C ALA A 65 12.19 3.30 9.29
N ILE A 66 11.60 2.26 8.71
CA ILE A 66 10.15 2.14 8.58
C ILE A 66 9.49 2.17 9.96
N TYR A 67 10.19 1.57 10.92
CA TYR A 67 9.70 1.49 12.30
C TYR A 67 9.36 2.88 12.84
N GLU A 68 10.37 3.74 12.93
CA GLU A 68 10.22 5.04 13.58
C GLU A 68 9.55 6.05 12.66
N LYS A 69 9.37 5.71 11.38
CA LYS A 69 8.75 6.63 10.43
C LYS A 69 7.27 6.31 10.23
N PHE A 70 6.91 5.02 10.30
CA PHE A 70 5.55 4.59 9.99
C PHE A 70 4.93 3.74 11.10
N ILE A 71 5.72 2.80 11.65
CA ILE A 71 5.19 1.83 12.62
C ILE A 71 4.82 2.53 13.93
N GLN A 72 5.66 3.47 14.36
CA GLN A 72 5.41 4.24 15.57
C GLN A 72 4.12 5.02 15.45
N THR A 73 3.39 5.08 16.55
CA THR A 73 2.11 5.78 16.60
C THR A 73 2.32 7.28 16.42
N ASP A 74 3.18 7.85 17.25
CA ASP A 74 3.48 9.28 17.22
C ASP A 74 4.62 9.57 16.24
N ALA A 75 4.75 8.71 15.23
CA ALA A 75 5.78 8.87 14.19
C ALA A 75 5.56 10.18 13.41
N PRO A 76 6.62 10.67 12.72
CA PRO A 76 6.52 11.87 11.86
C PRO A 76 5.74 11.61 10.57
N LYS A 77 4.57 10.99 10.72
CA LYS A 77 3.67 10.69 9.61
C LYS A 77 2.43 9.99 10.18
N GLU A 78 2.66 8.86 10.83
CA GLU A 78 1.59 8.02 11.40
C GLU A 78 0.78 7.35 10.29
N VAL A 79 0.67 6.02 10.37
CA VAL A 79 -0.13 5.26 9.42
C VAL A 79 -1.22 4.50 10.15
N ASN A 80 -2.42 4.48 9.57
CA ASN A 80 -3.55 3.78 10.16
C ASN A 80 -3.42 2.27 9.98
N LEU A 81 -2.72 1.65 10.91
CA LEU A 81 -2.51 0.20 10.93
C LEU A 81 -2.94 -0.38 12.28
N ASP A 82 -3.35 -1.63 12.27
CA ASP A 82 -3.78 -2.34 13.48
C ASP A 82 -2.68 -2.36 14.54
N PHE A 83 -3.08 -2.06 15.79
CA PHE A 83 -2.13 -1.96 16.90
C PHE A 83 -1.50 -3.31 17.22
N HIS A 84 -2.32 -4.35 17.23
CA HIS A 84 -1.84 -5.71 17.49
C HIS A 84 -0.78 -6.10 16.46
N THR A 85 -0.92 -5.58 15.25
CA THR A 85 0.04 -5.85 14.20
C THR A 85 1.39 -5.21 14.51
N LYS A 86 1.39 -3.95 14.95
CA LYS A 86 2.64 -3.26 15.27
C LYS A 86 3.25 -3.86 16.53
N GLU A 87 2.42 -4.45 17.38
CA GLU A 87 2.89 -5.16 18.58
C GLU A 87 3.82 -6.29 18.16
N VAL A 88 3.35 -7.13 17.25
CA VAL A 88 4.16 -8.23 16.73
C VAL A 88 5.44 -7.70 16.08
N ILE A 89 5.30 -6.57 15.38
CA ILE A 89 6.44 -5.92 14.72
C ILE A 89 7.46 -5.45 15.74
N THR A 90 7.01 -4.84 16.84
CA THR A 90 7.90 -4.32 17.87
C THR A 90 8.66 -5.46 18.55
N ASN A 91 8.09 -6.67 18.50
CA ASN A 91 8.77 -7.85 19.05
C ASN A 91 9.68 -8.49 18.00
N SER A 92 9.42 -8.21 16.73
CA SER A 92 10.19 -8.79 15.62
C SER A 92 11.25 -7.82 15.11
N ILE A 93 11.20 -6.57 15.57
CA ILE A 93 12.10 -5.52 15.09
C ILE A 93 13.57 -5.89 15.31
N THR A 94 13.82 -6.72 16.30
CA THR A 94 15.19 -7.17 16.62
C THR A 94 15.79 -7.94 15.45
N GLN A 95 15.02 -8.86 14.88
CA GLN A 95 15.47 -9.68 13.75
C GLN A 95 14.29 -10.02 12.85
N PRO A 96 13.89 -9.07 11.97
CA PRO A 96 12.78 -9.27 11.05
C PRO A 96 13.23 -9.97 9.76
N THR A 97 12.29 -10.65 9.11
CA THR A 97 12.55 -11.29 7.82
C THR A 97 12.26 -10.32 6.67
N LEU A 98 12.66 -10.70 5.45
CA LEU A 98 12.53 -9.83 4.27
C LEU A 98 11.11 -9.30 4.08
N HIS A 99 10.12 -10.06 4.55
CA HIS A 99 8.73 -9.61 4.48
C HIS A 99 8.06 -9.77 5.83
N SER A 100 8.77 -9.37 6.89
CA SER A 100 8.23 -9.39 8.25
C SER A 100 6.96 -8.56 8.33
N PHE A 101 6.93 -7.47 7.56
CA PHE A 101 5.79 -6.55 7.56
C PHE A 101 4.66 -7.07 6.65
N ASP A 102 4.72 -8.35 6.29
CA ASP A 102 3.70 -8.95 5.41
C ASP A 102 2.31 -8.81 6.03
N ALA A 103 2.21 -9.09 7.34
CA ALA A 103 0.95 -8.95 8.06
C ALA A 103 0.46 -7.51 8.01
N ALA A 104 1.38 -6.56 8.20
CA ALA A 104 1.05 -5.15 8.15
C ALA A 104 0.57 -4.76 6.75
N GLN A 105 1.20 -5.37 5.75
CA GLN A 105 0.83 -5.13 4.36
C GLN A 105 -0.60 -5.62 4.11
N SER A 106 -0.91 -6.82 4.62
CA SER A 106 -2.26 -7.38 4.49
C SER A 106 -3.28 -6.44 5.12
N ARG A 107 -2.98 -5.96 6.33
CA ARG A 107 -3.85 -5.02 7.05
C ARG A 107 -4.18 -3.81 6.17
N VAL A 108 -3.15 -3.07 5.81
CA VAL A 108 -3.30 -1.83 5.05
C VAL A 108 -3.97 -2.09 3.69
N TYR A 109 -3.54 -3.16 3.03
CA TYR A 109 -4.04 -3.54 1.71
C TYR A 109 -5.56 -3.70 1.73
N GLN A 110 -6.08 -4.49 2.65
CA GLN A 110 -7.52 -4.76 2.71
C GLN A 110 -8.29 -3.56 3.24
N LEU A 111 -7.61 -2.69 4.00
CA LEU A 111 -8.23 -1.44 4.47
C LEU A 111 -8.50 -0.50 3.30
N MET A 112 -7.48 -0.31 2.46
CA MET A 112 -7.63 0.53 1.28
C MET A 112 -8.64 -0.08 0.32
N GLU A 113 -8.63 -1.40 0.25
CA GLU A 113 -9.55 -2.13 -0.63
C GLU A 113 -11.01 -1.75 -0.31
N GLN A 114 -11.46 -2.11 0.89
CA GLN A 114 -12.86 -1.97 1.29
C GLN A 114 -13.35 -0.53 1.28
N ASP A 115 -12.44 0.45 1.25
CA ASP A 115 -12.83 1.85 1.32
C ASP A 115 -12.35 2.65 0.10
N SER A 116 -11.05 2.72 -0.08
CA SER A 116 -10.45 3.49 -1.16
C SER A 116 -10.76 2.85 -2.52
N TYR A 117 -10.72 1.53 -2.57
CA TYR A 117 -10.87 0.80 -3.83
C TYR A 117 -12.33 0.73 -4.27
N THR A 118 -13.22 0.56 -3.30
CA THR A 118 -14.66 0.58 -3.59
C THR A 118 -15.07 1.91 -4.19
N ARG A 119 -14.65 3.00 -3.53
CA ARG A 119 -14.90 4.35 -4.04
C ARG A 119 -14.17 4.57 -5.36
N PHE A 120 -12.99 3.96 -5.49
CA PHE A 120 -12.21 4.04 -6.73
C PHE A 120 -12.98 3.45 -7.91
N LEU A 121 -13.71 2.37 -7.64
CA LEU A 121 -14.54 1.73 -8.67
C LEU A 121 -15.64 2.68 -9.14
N LYS A 122 -16.29 3.32 -8.16
CA LYS A 122 -17.45 4.17 -8.45
C LYS A 122 -17.05 5.62 -8.70
N SER A 123 -15.75 5.89 -8.70
CA SER A 123 -15.25 7.24 -8.95
C SER A 123 -15.50 7.67 -10.40
N ASP A 124 -15.88 8.94 -10.58
CA ASP A 124 -16.09 9.51 -11.91
C ASP A 124 -14.86 9.33 -12.79
N ILE A 125 -13.68 9.38 -12.18
CA ILE A 125 -12.42 9.23 -12.91
C ILE A 125 -12.32 7.81 -13.49
N TYR A 126 -12.81 6.81 -12.75
CA TYR A 126 -12.81 5.44 -13.23
C TYR A 126 -13.91 5.26 -14.29
N LEU A 127 -15.04 5.92 -14.07
CA LEU A 127 -16.13 5.92 -15.03
C LEU A 127 -15.68 6.56 -16.35
N ASP A 128 -14.71 7.46 -16.24
CA ASP A 128 -14.06 8.06 -17.41
C ASP A 128 -13.20 7.02 -18.12
N LEU A 129 -12.48 6.22 -17.33
CA LEU A 129 -11.63 5.15 -17.87
C LEU A 129 -12.49 4.11 -18.58
N MET A 130 -13.75 4.00 -18.19
CA MET A 130 -14.71 3.13 -18.86
C MET A 130 -15.18 3.75 -20.16
N GLU A 131 -15.70 4.99 -20.07
CA GLU A 131 -16.23 5.71 -21.23
C GLU A 131 -17.29 4.85 -21.93
N GLY A 132 -18.07 4.14 -21.12
CA GLY A 132 -19.03 3.19 -21.62
C GLY A 132 -18.52 1.78 -21.49
N ARG A 133 -17.46 1.48 -22.25
CA ARG A 133 -16.74 0.21 -22.19
C ARG A 133 -17.67 -0.97 -22.54
N PRO A 134 -17.41 -1.63 -23.70
CA PRO A 134 -18.22 -2.78 -24.16
C PRO A 134 -18.38 -3.86 -23.09
#